data_7YVE
#
_entry.id   7YVE
#
_cell.length_a   1.00
_cell.length_b   1.00
_cell.length_c   1.00
_cell.angle_alpha   90.00
_cell.angle_beta   90.00
_cell.angle_gamma   90.00
#
_symmetry.space_group_name_H-M   'P 1'
#
loop_
_entity.id
_entity.type
_entity.pdbx_description
1 polymer 'Spike glycoprotein'
2 polymer 'TH027 Fab light chain'
3 polymer 'TH027 Fab heavy chain'
4 non-polymer 2-acetamido-2-deoxy-beta-D-glucopyranose
#
loop_
_entity_poly.entity_id
_entity_poly.type
_entity_poly.pdbx_seq_one_letter_code
_entity_poly.pdbx_strand_id
1 'polypeptide(L)'
;MFVFLVLLPLVSSQCVNLITRTQLPPAYTNSFTRGVYYPDKVFRSSVLHSTQDLFLPFFSNVTWFHAIHVSGTNGTKRFD
NPVLPFNDGVYFASTEKSNIIRGWIFGTTLDSKTQSLLIVNNATNVVIKVCEFQFCNDPFLDVYYHKNNKSWMESEFRVY
SSANNCTFEYVSQPFLMDLEGKQGNFKNLREFVFKNIDGYFKIYSKHTPINLGRDLPQGFSALEPLVDLPIGINITRFQT
LLALHRSYLTPGDSSSGWTAGAAAYYVGYLQPRTFLLKYNENGTITDAVDCALDPLSETKCTLKSFTVEKGIYQTSNFRV
QPTESIVRFPNITNLCPFDEVFNATRFASVYAWNRKRISNCVADYSVLYNFAPFFAFKCYGVSPTKLNDLCFTNVYADSF
VIRGNEVSQIAPGQTGNIADYNYKLPDDFTGCVIAWNSNKLDSKVGGNYNYRYRLFRKSNLKPFERDISTEIYQAGNKPC
NGVAGVNCYFPLQSYGFRPTYGVGHQPYRVVVLSFELLHAPATVCGPKKSTNLVKNKCVNFNFNGLTGTGVLTESNKKFL
PFQQFGRDIADTTDAVRDPQTLEILDITPCSFGGVSVITPGTNTSNQVAVLYQGVNCTEVPVAIHADQLTPTWRVYSTGS
NVFQTRAGCLIGAEYVNSSYECDIPIGAGICASYQTQTKSHGSASSVASQSIIAYTMSLGAENSVAYSNNSIAIPTNFTI
SVTTEILPVSMTKTSVDCTMYICGDSTECSNLLLQYGSFCTQLKRALTGIAVEQDKNTQEVFAQVKQIYKTPPIKYFGGF
NFSQILPDPSKPSKRSPIEDLLFNKVTLADAGFIKQYGDCLGDIAARDLICAQKFNGLTVLPPLLTDEMIAQYTSALLAG
TITSGWTFGAGPALQIPFPMQMAYRFNGIGVTQNVLYENQKLIANQFNSAIGKIQDSLSSTPSALGKLQDVVNHNAQALN
TLVKQLSSKFGAISSVLNDILSRLDPPEAEVQIDRLITGRLQSLQTYVTQQLIRAAEIRASANLAATKMSECVLGQSKRV
DFCGKGYHLMSFPQSAPHGVVFLHVTYVPAQEKNFTTAPAICHDGKAHFPREGVFVSNGTHWFVTQRNFYEPQIITTDNT
FVSGNCDVVIGIVNNTVYDPLQPELDSFKEELDKYFKNHTSPDVDLGDISGINASVVNIQKEIDRLNEVAKNLNESLIDL
QELGKYEQGSGYIPEAPRDGQAYVRKDGEWVFLSTFLSGLEVLFQGPGGWSHPQFEKGGGSGGGSGGSAWSHPQFEKGGS
HHHHHHHH
;
C,B,A
2 'polypeptide(L)'
;QSVLTQSPSASGTPGQRVTISCSGSRSNIGSNFVYWFHQLPGTAPKLLIHSNDQRPSGVPDRFSGSNSGTSASLAISGLR
SEDEADYYCAAWDDSLSSWVFGGGTKLTVL
;
H,K,N
3 'polypeptide(L)'
;QITLKESGLTLVRPTQTLTLTCTFSGFSLINSGVGVGWIRQPPGKALEWLALIYWDDDKRYNPSLRSRLTISKATSKNQV
VLTMTNMDPVDTATYYCTHRGPGHNTPIYFEFWGQGALVTVSS
;
I,L,O
#
loop_
_chem_comp.id
_chem_comp.type
_chem_comp.name
_chem_comp.formula
NAG D-saccharide, beta linking 2-acetamido-2-deoxy-beta-D-glucopyranose 'C8 H15 N O6'
#
# COMPACT_ATOMS: atom_id res chain seq x y z
N ALA A 27 -46.39 34.59 -16.30
CA ALA A 27 -47.29 33.61 -15.72
C ALA A 27 -46.53 32.40 -15.20
N TYR A 28 -47.26 31.35 -14.84
CA TYR A 28 -46.64 30.14 -14.34
C TYR A 28 -47.50 28.94 -14.68
N THR A 29 -46.86 27.78 -14.80
CA THR A 29 -47.58 26.54 -15.03
C THR A 29 -46.63 25.39 -14.72
N ASN A 30 -47.10 24.40 -13.95
CA ASN A 30 -46.25 23.28 -13.62
C ASN A 30 -46.00 22.43 -14.84
N SER A 31 -44.75 22.05 -15.03
CA SER A 31 -44.40 21.16 -16.13
C SER A 31 -44.54 19.75 -15.62
N PHE A 32 -45.32 18.95 -16.32
CA PHE A 32 -45.53 17.58 -15.88
C PHE A 32 -44.31 16.75 -16.22
N THR A 33 -44.50 15.45 -16.37
CA THR A 33 -43.39 14.54 -16.60
C THR A 33 -42.93 14.72 -18.03
N ARG A 34 -42.16 15.79 -18.25
CA ARG A 34 -41.70 16.17 -19.58
C ARG A 34 -40.23 16.53 -19.48
N GLY A 35 -39.61 16.75 -20.62
CA GLY A 35 -38.24 17.18 -20.64
C GLY A 35 -37.18 16.10 -20.60
N VAL A 36 -37.57 14.84 -20.40
CA VAL A 36 -36.58 13.76 -20.36
C VAL A 36 -36.05 13.49 -21.77
N TYR A 37 -34.77 13.14 -21.86
CA TYR A 37 -34.14 12.92 -23.16
C TYR A 37 -33.14 11.78 -23.09
N TYR A 38 -32.80 11.23 -24.25
CA TYR A 38 -31.82 10.16 -24.30
C TYR A 38 -30.45 10.70 -23.94
N PRO A 39 -29.87 10.28 -22.86
CA PRO A 39 -28.64 10.94 -22.40
C PRO A 39 -27.34 10.40 -22.97
N ASP A 40 -27.26 9.17 -23.44
CA ASP A 40 -25.95 8.61 -23.76
C ASP A 40 -25.79 7.98 -25.13
N LYS A 41 -26.80 8.03 -26.00
CA LYS A 41 -26.72 7.48 -27.35
C LYS A 41 -26.10 6.07 -27.42
N VAL A 42 -26.35 5.25 -26.42
CA VAL A 42 -25.94 3.84 -26.39
C VAL A 42 -27.23 3.04 -26.36
N PHE A 43 -27.35 2.04 -27.20
CA PHE A 43 -28.62 1.35 -27.29
C PHE A 43 -28.81 0.43 -26.09
N ARG A 44 -30.01 0.41 -25.53
CA ARG A 44 -30.35 -0.48 -24.44
C ARG A 44 -31.79 -0.94 -24.56
N SER A 45 -32.03 -2.20 -24.24
CA SER A 45 -33.32 -2.83 -24.46
C SER A 45 -33.86 -3.46 -23.19
N SER A 46 -35.11 -3.17 -22.87
CA SER A 46 -35.83 -3.82 -21.77
C SER A 46 -35.02 -3.90 -20.47
N VAL A 47 -34.61 -2.74 -19.97
CA VAL A 47 -33.82 -2.66 -18.75
C VAL A 47 -34.07 -1.32 -18.10
N LEU A 48 -33.82 -1.25 -16.80
CA LEU A 48 -33.95 -0.01 -16.05
C LEU A 48 -32.55 0.52 -15.83
N HIS A 49 -32.38 1.82 -15.97
CA HIS A 49 -31.06 2.41 -15.87
C HIS A 49 -31.13 3.69 -15.06
N SER A 50 -30.16 3.91 -14.17
CA SER A 50 -30.12 5.12 -13.37
C SER A 50 -28.97 6.00 -13.85
N THR A 51 -29.27 7.26 -14.12
CA THR A 51 -28.26 8.18 -14.65
C THR A 51 -28.32 9.51 -13.92
N GLN A 52 -27.16 10.07 -13.62
CA GLN A 52 -27.05 11.40 -13.03
C GLN A 52 -26.67 12.41 -14.10
N ASP A 53 -27.60 13.29 -14.47
CA ASP A 53 -27.36 14.28 -15.50
C ASP A 53 -28.28 15.46 -15.25
N LEU A 54 -28.19 16.49 -16.10
CA LEU A 54 -28.99 17.69 -15.96
C LEU A 54 -30.36 17.49 -16.59
N PHE A 55 -31.36 17.30 -15.75
CA PHE A 55 -32.73 17.10 -16.18
C PHE A 55 -33.63 18.22 -15.67
N LEU A 56 -34.87 18.21 -16.16
CA LEU A 56 -35.89 19.13 -15.71
C LEU A 56 -36.70 18.49 -14.60
N PRO A 57 -36.62 18.97 -13.37
CA PRO A 57 -37.35 18.34 -12.28
C PRO A 57 -38.83 18.25 -12.57
N PHE A 58 -39.43 17.12 -12.22
CA PHE A 58 -40.85 16.96 -12.49
C PHE A 58 -41.69 17.89 -11.66
N PHE A 59 -42.86 18.24 -12.21
CA PHE A 59 -43.83 19.08 -11.53
C PHE A 59 -43.27 20.43 -11.15
N SER A 60 -42.31 20.93 -11.89
CA SER A 60 -41.81 22.24 -11.59
C SER A 60 -42.55 23.25 -12.46
N ASN A 61 -42.75 24.44 -11.93
CA ASN A 61 -43.44 25.49 -12.65
C ASN A 61 -42.49 26.13 -13.65
N VAL A 62 -43.02 26.57 -14.78
CA VAL A 62 -42.22 27.15 -15.84
C VAL A 62 -42.85 28.45 -16.29
N THR A 63 -41.99 29.41 -16.60
CA THR A 63 -42.44 30.71 -17.05
C THR A 63 -43.17 30.61 -18.38
N TRP A 64 -44.18 31.42 -18.53
CA TRP A 64 -45.06 31.40 -19.70
C TRP A 64 -45.03 32.77 -20.31
N PHE A 65 -44.85 32.85 -21.62
CA PHE A 65 -44.82 34.14 -22.29
C PHE A 65 -45.70 34.04 -23.52
N HIS A 66 -46.15 35.19 -24.01
CA HIS A 66 -47.02 35.20 -25.16
C HIS A 66 -46.34 35.85 -26.36
N ALA A 67 -46.77 35.43 -27.54
CA ALA A 67 -46.17 35.83 -28.81
C ALA A 67 -47.11 36.80 -29.52
N ILE A 68 -47.38 37.95 -28.92
CA ILE A 68 -48.19 38.96 -29.61
C ILE A 68 -47.28 40.11 -30.05
N HIS A 69 -46.79 40.89 -29.11
CA HIS A 69 -45.83 41.93 -29.42
C HIS A 69 -45.13 42.31 -28.13
N VAL A 70 -43.87 42.71 -28.27
CA VAL A 70 -43.03 43.25 -27.19
C VAL A 70 -43.52 42.98 -25.78
N ASP A 80 -37.51 44.51 -27.25
CA ASP A 80 -38.89 44.06 -27.48
C ASP A 80 -39.18 42.85 -26.61
N ASN A 81 -38.21 41.94 -26.52
CA ASN A 81 -38.37 40.70 -25.80
C ASN A 81 -37.30 40.69 -24.72
N PRO A 82 -37.63 40.32 -23.49
CA PRO A 82 -36.61 40.34 -22.44
C PRO A 82 -35.61 39.22 -22.52
N VAL A 83 -34.45 39.50 -21.97
CA VAL A 83 -33.35 38.56 -21.97
C VAL A 83 -33.60 37.63 -20.80
N LEU A 84 -33.29 36.37 -20.97
CA LEU A 84 -33.49 35.40 -19.93
C LEU A 84 -32.15 34.75 -19.64
N PRO A 85 -31.75 34.59 -18.40
CA PRO A 85 -30.41 34.04 -18.18
C PRO A 85 -30.42 32.57 -18.55
N PHE A 86 -29.24 32.10 -18.92
CA PHE A 86 -28.96 30.72 -19.27
C PHE A 86 -28.21 30.09 -18.11
N ASN A 87 -28.95 29.73 -17.07
CA ASN A 87 -28.28 29.30 -15.85
C ASN A 87 -27.44 28.08 -16.14
N ASP A 88 -28.08 26.99 -16.55
CA ASP A 88 -27.40 25.73 -16.80
C ASP A 88 -27.93 25.00 -18.01
N GLY A 89 -29.03 25.43 -18.59
CA GLY A 89 -29.64 24.70 -19.66
C GLY A 89 -31.09 25.10 -19.69
N VAL A 90 -31.67 25.22 -20.86
CA VAL A 90 -33.00 25.76 -21.02
C VAL A 90 -33.89 24.73 -21.69
N TYR A 91 -35.09 24.58 -21.20
CA TYR A 91 -36.03 23.68 -21.85
C TYR A 91 -37.08 24.57 -22.47
N PHE A 92 -37.05 24.69 -23.78
CA PHE A 92 -37.90 25.61 -24.53
C PHE A 92 -38.96 24.85 -25.30
N ALA A 93 -40.21 24.96 -24.89
CA ALA A 93 -41.31 24.36 -25.63
C ALA A 93 -42.17 25.44 -26.27
N SER A 94 -42.68 25.16 -27.46
CA SER A 94 -43.47 26.16 -28.17
C SER A 94 -44.58 25.49 -28.95
N THR A 95 -45.78 26.00 -28.79
CA THR A 95 -46.94 25.55 -29.54
C THR A 95 -47.37 26.65 -30.51
N GLU A 96 -47.15 26.43 -31.80
CA GLU A 96 -47.45 27.47 -32.77
C GLU A 96 -47.82 26.78 -34.08
N LYS A 97 -48.49 27.52 -34.95
CA LYS A 97 -48.89 26.98 -36.24
C LYS A 97 -48.70 27.97 -37.37
N SER A 98 -47.80 28.94 -37.22
CA SER A 98 -47.59 29.93 -38.26
C SER A 98 -46.13 30.25 -38.53
N ASN A 99 -45.19 29.46 -38.00
CA ASN A 99 -43.77 29.71 -38.17
C ASN A 99 -43.40 31.11 -37.68
N ILE A 100 -43.95 31.47 -36.52
CA ILE A 100 -43.69 32.77 -35.95
C ILE A 100 -42.39 32.79 -35.18
N ILE A 101 -42.01 31.65 -34.61
CA ILE A 101 -40.75 31.51 -33.88
C ILE A 101 -39.72 30.84 -34.78
N ARG A 102 -38.58 31.50 -34.97
CA ARG A 102 -37.65 31.07 -35.98
C ARG A 102 -36.20 30.91 -35.53
N GLY A 103 -35.85 31.26 -34.31
CA GLY A 103 -34.46 31.08 -33.96
C GLY A 103 -34.18 31.58 -32.55
N TRP A 104 -32.91 31.54 -32.20
CA TRP A 104 -32.47 31.98 -30.90
C TRP A 104 -31.14 32.66 -31.10
N ILE A 105 -30.69 33.36 -30.07
CA ILE A 105 -29.39 33.99 -30.07
C ILE A 105 -28.83 33.85 -28.68
N PHE A 106 -27.58 33.44 -28.58
CA PHE A 106 -26.98 33.22 -27.28
C PHE A 106 -25.69 34.03 -27.18
N GLY A 107 -25.16 34.11 -25.98
CA GLY A 107 -23.92 34.79 -25.76
C GLY A 107 -23.89 35.43 -24.39
N THR A 108 -22.73 35.99 -24.06
CA THR A 108 -22.50 36.68 -22.80
C THR A 108 -22.86 38.16 -22.82
N THR A 109 -23.08 38.75 -23.98
CA THR A 109 -23.43 40.16 -24.06
C THR A 109 -23.92 40.45 -25.46
N LEU A 110 -24.70 41.51 -25.60
CA LEU A 110 -25.23 41.88 -26.89
C LEU A 110 -24.21 42.63 -27.77
N ASP A 111 -23.09 43.06 -27.21
CA ASP A 111 -22.12 43.78 -28.03
C ASP A 111 -21.27 42.81 -28.83
N SER A 112 -20.55 43.35 -29.81
CA SER A 112 -19.70 42.56 -30.66
C SER A 112 -18.34 42.25 -30.03
N LYS A 113 -18.15 42.62 -28.76
CA LYS A 113 -16.88 42.37 -28.10
C LYS A 113 -16.59 40.89 -27.87
N THR A 114 -17.55 39.99 -28.10
CA THR A 114 -17.33 38.57 -27.90
C THR A 114 -18.13 37.80 -28.92
N GLN A 115 -17.67 36.59 -29.21
CA GLN A 115 -18.24 35.75 -30.26
C GLN A 115 -19.57 35.14 -29.81
N SER A 116 -20.63 35.95 -29.86
CA SER A 116 -21.94 35.41 -29.53
C SER A 116 -22.35 34.38 -30.58
N LEU A 117 -23.49 33.73 -30.37
CA LEU A 117 -23.90 32.62 -31.21
C LEU A 117 -25.24 32.96 -31.82
N LEU A 118 -25.53 32.40 -32.99
CA LEU A 118 -26.77 32.64 -33.69
C LEU A 118 -27.32 31.33 -34.21
N ILE A 119 -28.61 31.12 -34.06
CA ILE A 119 -29.27 29.98 -34.66
C ILE A 119 -30.53 30.50 -35.31
N VAL A 120 -30.63 30.37 -36.62
CA VAL A 120 -31.73 30.95 -37.37
C VAL A 120 -32.26 29.90 -38.32
N ASN A 121 -33.53 29.56 -38.18
CA ASN A 121 -34.14 28.60 -39.08
C ASN A 121 -34.68 29.33 -40.29
N ASN A 122 -35.15 28.56 -41.26
CA ASN A 122 -35.70 29.08 -42.49
C ASN A 122 -36.51 27.96 -43.14
N ALA A 123 -37.21 28.29 -44.21
CA ALA A 123 -38.00 27.28 -44.87
C ALA A 123 -37.15 26.20 -45.50
N THR A 124 -35.88 26.50 -45.77
CA THR A 124 -35.01 25.55 -46.44
C THR A 124 -33.99 24.88 -45.52
N ASN A 125 -33.41 25.60 -44.57
CA ASN A 125 -32.32 25.03 -43.78
C ASN A 125 -32.03 25.92 -42.58
N VAL A 126 -31.21 25.42 -41.68
CA VAL A 126 -30.73 26.17 -40.54
C VAL A 126 -29.37 26.77 -40.84
N VAL A 127 -29.14 27.97 -40.34
CA VAL A 127 -27.85 28.64 -40.44
C VAL A 127 -27.36 28.94 -39.03
N ILE A 128 -26.27 28.31 -38.64
CA ILE A 128 -25.69 28.48 -37.31
C ILE A 128 -24.38 29.21 -37.48
N LYS A 129 -24.15 30.23 -36.68
CA LYS A 129 -22.98 31.07 -36.85
C LYS A 129 -22.46 31.49 -35.48
N VAL A 130 -21.15 31.67 -35.38
CA VAL A 130 -20.52 32.27 -34.21
C VAL A 130 -19.55 33.30 -34.74
N CYS A 131 -19.99 34.55 -34.82
CA CYS A 131 -19.23 35.56 -35.53
C CYS A 131 -19.10 36.89 -34.81
N GLU A 132 -19.45 36.97 -33.52
CA GLU A 132 -19.31 38.17 -32.72
C GLU A 132 -20.08 39.36 -33.30
N PHE A 133 -21.22 39.11 -33.90
CA PHE A 133 -22.02 40.18 -34.48
C PHE A 133 -22.73 40.99 -33.39
N GLN A 134 -22.55 42.31 -33.42
CA GLN A 134 -23.20 43.19 -32.46
C GLN A 134 -24.69 43.26 -32.77
N PHE A 135 -25.51 43.20 -31.73
CA PHE A 135 -26.96 43.20 -31.89
C PHE A 135 -27.57 44.56 -31.61
N CYS A 136 -28.84 44.69 -32.00
CA CYS A 136 -29.58 45.92 -31.79
C CYS A 136 -30.09 45.97 -30.35
N ASN A 137 -30.78 47.06 -30.01
CA ASN A 137 -31.36 47.16 -28.68
C ASN A 137 -32.37 46.04 -28.43
N ASP A 138 -33.03 45.57 -29.50
CA ASP A 138 -33.97 44.47 -29.46
C ASP A 138 -33.67 43.56 -30.63
N PRO A 139 -33.93 42.27 -30.51
CA PRO A 139 -33.73 41.40 -31.67
C PRO A 139 -34.68 41.83 -32.77
N PHE A 140 -34.15 41.93 -33.97
CA PHE A 140 -34.94 42.39 -35.10
C PHE A 140 -36.10 41.45 -35.38
N LEU A 141 -37.21 42.04 -35.83
CA LEU A 141 -38.41 41.30 -36.17
C LEU A 141 -38.41 41.18 -37.69
N ASP A 142 -38.21 39.97 -38.17
CA ASP A 142 -38.14 39.69 -39.60
C ASP A 142 -39.41 40.05 -40.37
N PHE A 157 -36.46 42.92 -44.82
CA PHE A 157 -36.54 42.83 -43.37
C PHE A 157 -36.09 41.47 -42.88
N ARG A 158 -35.00 40.96 -43.46
CA ARG A 158 -34.49 39.65 -43.08
C ARG A 158 -33.34 39.68 -42.08
N VAL A 159 -32.59 40.77 -41.95
CA VAL A 159 -31.46 40.77 -41.02
C VAL A 159 -31.22 42.17 -40.47
N TYR A 160 -30.70 42.22 -39.24
CA TYR A 160 -30.33 43.49 -38.59
C TYR A 160 -29.25 43.20 -37.54
N SER A 161 -28.00 43.50 -37.86
CA SER A 161 -26.91 43.25 -36.94
C SER A 161 -25.67 43.99 -37.44
N SER A 162 -24.69 44.15 -36.57
CA SER A 162 -23.46 44.83 -36.93
C SER A 162 -22.48 43.87 -37.61
N ALA A 163 -21.27 44.35 -37.85
CA ALA A 163 -20.21 43.57 -38.49
C ALA A 163 -19.86 42.31 -37.70
N ASN A 164 -19.13 41.43 -38.38
CA ASN A 164 -18.75 40.11 -37.87
C ASN A 164 -17.28 39.82 -38.12
N ASN A 165 -16.75 38.91 -37.31
CA ASN A 165 -15.39 38.37 -37.40
C ASN A 165 -15.46 36.86 -37.30
N CYS A 166 -16.36 36.30 -38.10
CA CYS A 166 -16.83 34.93 -37.98
C CYS A 166 -15.69 33.93 -37.85
N THR A 167 -15.88 32.93 -36.98
CA THR A 167 -14.98 31.80 -36.87
C THR A 167 -15.58 30.44 -37.21
N PHE A 168 -16.90 30.29 -37.22
CA PHE A 168 -17.50 29.00 -37.51
C PHE A 168 -18.85 29.18 -38.18
N GLU A 169 -19.15 28.28 -39.11
CA GLU A 169 -20.41 28.32 -39.81
C GLU A 169 -20.84 26.91 -40.16
N TYR A 170 -22.15 26.70 -40.22
CA TYR A 170 -22.71 25.35 -40.35
C TYR A 170 -24.10 25.47 -40.95
N VAL A 171 -24.53 24.42 -41.65
CA VAL A 171 -25.83 24.40 -42.33
C VAL A 171 -26.34 22.97 -42.38
N SER A 172 -27.66 22.81 -42.29
CA SER A 172 -28.31 21.50 -42.35
C SER A 172 -29.81 21.73 -42.52
N GLN A 173 -30.54 20.62 -42.57
CA GLN A 173 -31.97 20.69 -42.81
C GLN A 173 -32.67 21.52 -41.74
N PRO A 174 -33.84 22.07 -42.05
CA PRO A 174 -34.52 22.98 -41.13
C PRO A 174 -35.19 22.29 -39.95
N PHE A 175 -35.42 23.07 -38.89
CA PHE A 175 -36.18 22.64 -37.73
C PHE A 175 -37.68 22.80 -37.93
N LEU A 176 -38.22 22.25 -39.01
CA LEU A 176 -39.64 22.45 -39.31
C LEU A 176 -40.25 21.11 -39.72
N LYS A 187 -51.47 22.98 -33.20
CA LYS A 187 -51.61 21.62 -32.71
C LYS A 187 -50.25 20.92 -32.61
N ASN A 188 -49.24 21.45 -33.28
CA ASN A 188 -47.92 20.84 -33.24
C ASN A 188 -47.15 21.37 -32.04
N LEU A 189 -46.79 20.47 -31.12
CA LEU A 189 -46.04 20.82 -29.92
C LEU A 189 -44.55 20.58 -30.18
N ARG A 190 -43.78 21.65 -30.38
CA ARG A 190 -42.33 21.52 -30.55
C ARG A 190 -41.62 21.69 -29.21
N GLU A 191 -40.73 20.76 -28.89
CA GLU A 191 -39.96 20.80 -27.65
C GLU A 191 -38.47 20.80 -27.95
N PHE A 192 -37.71 21.53 -27.15
CA PHE A 192 -36.27 21.64 -27.32
C PHE A 192 -35.57 21.70 -25.98
N VAL A 193 -34.39 21.11 -25.91
CA VAL A 193 -33.55 21.18 -24.72
C VAL A 193 -32.18 21.64 -25.18
N PHE A 194 -31.67 22.71 -24.62
CA PHE A 194 -30.38 23.25 -25.01
C PHE A 194 -29.41 23.08 -23.85
N LYS A 195 -28.27 22.50 -24.10
CA LYS A 195 -27.31 22.21 -23.05
C LYS A 195 -25.92 22.55 -23.52
N ASN A 196 -25.11 23.11 -22.61
CA ASN A 196 -23.74 23.48 -22.96
C ASN A 196 -22.85 23.34 -21.73
N ILE A 197 -22.17 22.20 -21.62
CA ILE A 197 -21.36 21.92 -20.45
C ILE A 197 -19.91 21.58 -20.80
N ASP A 198 -19.72 20.59 -21.66
CA ASP A 198 -18.40 20.00 -21.88
C ASP A 198 -17.70 20.59 -23.10
N GLY A 199 -17.83 21.88 -23.34
CA GLY A 199 -17.20 22.43 -24.51
C GLY A 199 -18.03 22.25 -25.76
N TYR A 200 -19.17 21.59 -25.64
CA TYR A 200 -20.08 21.40 -26.75
C TYR A 200 -21.42 21.98 -26.37
N PHE A 201 -22.13 22.44 -27.38
CA PHE A 201 -23.47 22.96 -27.21
C PHE A 201 -24.38 21.97 -27.92
N LYS A 202 -25.34 21.38 -27.21
CA LYS A 202 -26.08 20.25 -27.73
C LYS A 202 -27.56 20.59 -27.81
N ILE A 203 -28.23 20.06 -28.81
CA ILE A 203 -29.64 20.32 -29.04
C ILE A 203 -30.38 19.01 -29.07
N TYR A 204 -31.51 18.95 -28.39
CA TYR A 204 -32.44 17.84 -28.47
C TYR A 204 -33.80 18.35 -28.89
N SER A 205 -34.59 17.51 -29.54
CA SER A 205 -35.87 18.01 -30.03
C SER A 205 -36.84 16.87 -30.25
N LYS A 206 -38.11 17.23 -30.34
CA LYS A 206 -39.17 16.28 -30.61
C LYS A 206 -40.42 17.05 -30.98
N HIS A 207 -41.17 16.54 -31.95
CA HIS A 207 -42.37 17.20 -32.46
C HIS A 207 -43.55 16.29 -32.23
N THR A 208 -44.51 16.73 -31.44
CA THR A 208 -45.58 15.79 -31.13
C THR A 208 -46.94 16.43 -31.33
N PRO A 209 -47.94 15.65 -31.74
CA PRO A 209 -49.31 16.14 -31.80
C PRO A 209 -49.82 16.55 -30.42
N ILE A 210 -50.94 17.25 -30.41
CA ILE A 210 -51.53 17.65 -29.14
C ILE A 210 -53.05 17.65 -29.23
N ASP A 215 -51.74 23.75 -23.84
CA ASP A 215 -51.06 23.47 -22.58
C ASP A 215 -50.19 22.24 -22.73
N LEU A 216 -49.27 22.03 -21.79
CA LEU A 216 -48.43 20.86 -21.86
C LEU A 216 -49.21 19.61 -21.50
N PRO A 217 -49.14 18.57 -22.31
CA PRO A 217 -49.89 17.35 -22.03
C PRO A 217 -49.25 16.55 -20.92
N GLN A 218 -50.04 15.66 -20.32
CA GLN A 218 -49.52 14.79 -19.29
C GLN A 218 -48.76 13.61 -19.88
N GLY A 219 -48.75 13.47 -21.19
CA GLY A 219 -48.10 12.34 -21.80
C GLY A 219 -46.58 12.41 -21.68
N PHE A 220 -45.99 11.23 -21.50
CA PHE A 220 -44.55 11.09 -21.38
C PHE A 220 -43.94 10.92 -22.76
N SER A 221 -42.80 11.58 -23.00
CA SER A 221 -42.14 11.43 -24.30
C SER A 221 -40.72 11.95 -24.20
N ALA A 222 -39.75 11.15 -24.66
CA ALA A 222 -38.35 11.55 -24.55
C ALA A 222 -37.87 12.24 -25.80
N LEU A 223 -36.93 13.18 -25.61
CA LEU A 223 -36.30 13.92 -26.68
C LEU A 223 -35.08 13.22 -27.25
N GLU A 224 -34.88 13.38 -28.55
CA GLU A 224 -33.75 12.72 -29.20
C GLU A 224 -32.65 13.73 -29.52
N PRO A 225 -31.38 13.36 -29.41
CA PRO A 225 -30.28 14.29 -29.73
C PRO A 225 -30.27 14.71 -31.18
N LEU A 226 -30.39 16.01 -31.41
CA LEU A 226 -30.46 16.56 -32.75
C LEU A 226 -29.11 16.99 -33.33
N VAL A 227 -28.37 17.83 -32.62
CA VAL A 227 -27.08 18.35 -33.08
C VAL A 227 -26.13 18.46 -31.92
N ASP A 228 -24.85 18.22 -32.18
CA ASP A 228 -23.80 18.35 -31.18
C ASP A 228 -22.75 19.34 -31.64
N LEU A 229 -22.85 20.54 -31.20
CA LEU A 229 -21.90 21.46 -31.81
C LEU A 229 -20.62 21.55 -30.99
N PRO A 230 -19.49 21.74 -31.69
CA PRO A 230 -18.18 21.82 -31.03
C PRO A 230 -17.80 23.19 -30.50
N ILE A 231 -18.63 24.20 -30.71
CA ILE A 231 -18.33 25.57 -30.31
C ILE A 231 -18.06 25.66 -28.82
N GLY A 232 -16.98 26.35 -28.46
CA GLY A 232 -16.64 26.50 -27.05
C GLY A 232 -16.93 27.86 -26.44
N ILE A 233 -17.92 28.57 -26.98
CA ILE A 233 -18.29 29.91 -26.50
C ILE A 233 -18.82 29.87 -25.07
N ASN A 234 -18.45 30.87 -24.28
CA ASN A 234 -18.95 31.01 -22.92
C ASN A 234 -20.36 31.62 -22.98
N ILE A 235 -21.39 30.79 -22.97
CA ILE A 235 -22.78 31.22 -23.03
C ILE A 235 -23.35 31.49 -21.65
N THR A 236 -23.87 32.70 -21.42
CA THR A 236 -24.53 32.98 -20.15
C THR A 236 -25.91 33.62 -20.26
N ARG A 237 -26.25 34.31 -21.34
CA ARG A 237 -27.56 34.89 -21.53
C ARG A 237 -28.10 34.52 -22.90
N PHE A 238 -29.41 34.56 -23.05
CA PHE A 238 -29.98 34.13 -24.32
C PHE A 238 -31.27 34.89 -24.57
N GLN A 239 -31.63 35.00 -25.84
CA GLN A 239 -32.83 35.70 -26.25
C GLN A 239 -33.43 34.92 -27.40
N THR A 240 -34.62 35.29 -27.81
CA THR A 240 -35.26 34.60 -28.91
C THR A 240 -35.45 35.55 -30.08
N LEU A 241 -35.73 34.98 -31.25
CA LEU A 241 -35.96 35.77 -32.45
C LEU A 241 -37.32 35.43 -33.03
N LEU A 242 -38.10 36.45 -33.34
CA LEU A 242 -39.44 36.26 -33.87
C LEU A 242 -39.49 36.76 -35.30
N ALA A 243 -40.61 36.52 -35.96
CA ALA A 243 -40.77 36.96 -37.34
C ALA A 243 -42.23 37.33 -37.56
N LEU A 244 -42.50 37.99 -38.69
CA LEU A 244 -43.85 38.41 -39.02
C LEU A 244 -43.91 38.84 -40.47
N HIS A 245 -45.09 38.64 -41.06
CA HIS A 245 -45.34 38.92 -42.47
C HIS A 245 -45.62 40.40 -42.73
N ARG A 246 -44.90 40.96 -43.70
CA ARG A 246 -45.08 42.32 -44.19
C ARG A 246 -45.07 43.31 -43.03
N SER A 247 -44.08 43.17 -42.18
CA SER A 247 -43.89 44.03 -41.01
C SER A 247 -42.70 44.94 -41.24
N TYR A 248 -42.82 46.18 -40.75
CA TYR A 248 -41.68 47.08 -40.87
C TYR A 248 -40.61 46.66 -39.88
N LEU A 249 -39.39 47.09 -40.14
CA LEU A 249 -38.26 46.71 -39.30
C LEU A 249 -37.38 47.92 -39.03
N THR A 250 -37.06 48.14 -37.76
CA THR A 250 -36.22 49.25 -37.34
C THR A 250 -35.33 48.82 -36.19
N PRO A 251 -34.16 49.46 -36.04
CA PRO A 251 -33.29 49.14 -34.90
C PRO A 251 -33.94 49.35 -33.54
N GLY A 252 -34.82 50.32 -33.39
CA GLY A 252 -35.49 50.52 -32.12
C GLY A 252 -36.97 50.78 -32.25
N ASP A 253 -37.78 50.14 -31.40
CA ASP A 253 -39.22 50.31 -31.46
C ASP A 253 -39.79 50.26 -30.05
N SER A 254 -41.01 50.80 -29.92
CA SER A 254 -41.72 50.85 -28.65
C SER A 254 -42.39 49.50 -28.41
N SER A 255 -43.27 49.43 -27.42
CA SER A 255 -43.94 48.19 -27.08
C SER A 255 -45.16 47.93 -27.95
N SER A 256 -45.36 48.73 -29.01
CA SER A 256 -46.50 48.53 -29.90
C SER A 256 -46.34 47.26 -30.72
N GLY A 257 -45.17 47.04 -31.30
CA GLY A 257 -44.94 45.84 -32.07
C GLY A 257 -45.84 45.79 -33.31
N TRP A 258 -45.95 44.59 -33.87
CA TRP A 258 -46.77 44.33 -35.04
C TRP A 258 -47.52 43.02 -34.84
N THR A 259 -48.63 42.89 -35.56
CA THR A 259 -49.46 41.70 -35.39
C THR A 259 -48.70 40.45 -35.81
N ALA A 260 -49.08 39.34 -35.19
CA ALA A 260 -48.49 38.04 -35.48
C ALA A 260 -49.49 36.97 -35.06
N GLY A 261 -49.22 35.75 -35.51
CA GLY A 261 -50.11 34.65 -35.18
C GLY A 261 -50.09 34.32 -33.70
N ALA A 262 -51.17 33.66 -33.27
CA ALA A 262 -51.29 33.25 -31.88
C ALA A 262 -50.23 32.20 -31.58
N ALA A 263 -49.39 32.48 -30.59
CA ALA A 263 -48.33 31.55 -30.23
C ALA A 263 -47.84 31.92 -28.84
N ALA A 264 -47.10 30.99 -28.26
CA ALA A 264 -46.57 31.17 -26.92
C ALA A 264 -45.38 30.26 -26.75
N TYR A 265 -44.54 30.60 -25.81
CA TYR A 265 -43.39 29.77 -25.55
C TYR A 265 -43.08 29.75 -24.06
N TYR A 266 -42.77 28.57 -23.56
CA TYR A 266 -42.47 28.33 -22.17
C TYR A 266 -40.98 28.12 -22.00
N VAL A 267 -40.46 28.43 -20.82
CA VAL A 267 -39.05 28.27 -20.54
C VAL A 267 -38.88 27.56 -19.20
N GLY A 268 -37.99 26.57 -19.15
CA GLY A 268 -37.71 25.89 -17.91
C GLY A 268 -36.21 25.71 -17.76
N TYR A 269 -35.78 25.59 -16.52
CA TYR A 269 -34.37 25.47 -16.18
C TYR A 269 -34.00 24.08 -15.71
N LEU A 270 -32.94 23.52 -16.28
CA LEU A 270 -32.45 22.22 -15.91
C LEU A 270 -31.66 22.29 -14.61
N GLN A 271 -31.61 21.17 -13.90
CA GLN A 271 -30.93 21.02 -12.63
C GLN A 271 -30.28 19.65 -12.56
N PRO A 272 -29.20 19.49 -11.80
CA PRO A 272 -28.55 18.18 -11.68
C PRO A 272 -29.43 17.22 -10.91
N ARG A 273 -29.87 16.14 -11.58
CA ARG A 273 -30.74 15.19 -10.93
C ARG A 273 -30.36 13.77 -11.30
N THR A 274 -30.86 12.83 -10.51
CA THR A 274 -30.73 11.40 -10.75
C THR A 274 -32.08 10.84 -11.16
N PHE A 275 -32.15 10.28 -12.35
CA PHE A 275 -33.37 9.76 -12.95
C PHE A 275 -33.27 8.27 -13.18
N LEU A 276 -34.34 7.54 -12.89
CA LEU A 276 -34.39 6.12 -13.19
C LEU A 276 -35.17 5.91 -14.47
N LEU A 277 -34.48 5.57 -15.55
CA LEU A 277 -35.09 5.48 -16.88
C LEU A 277 -35.42 4.05 -17.22
N LYS A 278 -36.58 3.87 -17.83
CA LYS A 278 -37.05 2.56 -18.24
C LYS A 278 -37.05 2.47 -19.75
N TYR A 279 -36.30 1.53 -20.29
CA TYR A 279 -36.27 1.29 -21.72
C TYR A 279 -37.18 0.13 -22.05
N ASN A 280 -37.93 0.24 -23.14
CA ASN A 280 -38.79 -0.87 -23.53
C ASN A 280 -38.04 -1.80 -24.47
N GLU A 281 -38.74 -2.82 -24.96
CA GLU A 281 -38.09 -3.80 -25.83
C GLU A 281 -37.64 -3.22 -27.16
N ASN A 282 -38.11 -2.04 -27.52
CA ASN A 282 -37.73 -1.44 -28.79
C ASN A 282 -36.69 -0.36 -28.60
N GLY A 283 -36.17 -0.22 -27.40
CA GLY A 283 -35.09 0.73 -27.19
C GLY A 283 -35.55 2.13 -26.95
N THR A 284 -36.82 2.33 -26.59
CA THR A 284 -37.38 3.64 -26.33
C THR A 284 -37.76 3.80 -24.87
N ILE A 285 -37.57 4.99 -24.34
CA ILE A 285 -37.90 5.32 -22.97
C ILE A 285 -39.40 5.49 -22.81
N THR A 286 -39.99 4.78 -21.87
CA THR A 286 -41.42 4.92 -21.66
C THR A 286 -41.79 5.57 -20.33
N ASP A 287 -40.97 5.45 -19.30
CA ASP A 287 -41.25 6.04 -17.98
C ASP A 287 -39.97 6.48 -17.33
N ALA A 288 -40.11 7.32 -16.32
CA ALA A 288 -38.98 7.81 -15.58
C ALA A 288 -39.44 8.16 -14.18
N VAL A 289 -38.52 8.09 -13.24
CA VAL A 289 -38.80 8.37 -11.84
C VAL A 289 -37.79 9.37 -11.37
N ASP A 290 -38.26 10.47 -10.79
CA ASP A 290 -37.35 11.44 -10.21
C ASP A 290 -36.89 10.94 -8.87
N CYS A 291 -35.61 10.64 -8.77
CA CYS A 291 -35.11 10.01 -7.56
C CYS A 291 -35.20 10.90 -6.34
N ALA A 292 -35.36 12.21 -6.49
CA ALA A 292 -35.33 13.09 -5.33
C ALA A 292 -36.58 13.95 -5.20
N LEU A 293 -37.71 13.50 -5.71
CA LEU A 293 -38.90 14.33 -5.61
C LEU A 293 -39.57 14.17 -4.26
N ASP A 294 -39.99 12.97 -3.94
CA ASP A 294 -40.70 12.72 -2.70
C ASP A 294 -40.25 11.37 -2.15
N PRO A 295 -40.62 11.00 -0.93
CA PRO A 295 -40.12 9.73 -0.41
C PRO A 295 -40.50 8.51 -1.20
N LEU A 296 -41.69 8.43 -1.78
CA LEU A 296 -42.00 7.24 -2.54
C LEU A 296 -41.12 7.13 -3.78
N SER A 297 -40.87 8.24 -4.46
CA SER A 297 -39.97 8.19 -5.59
C SER A 297 -38.57 7.78 -5.17
N GLU A 298 -38.14 8.25 -4.01
CA GLU A 298 -36.81 7.87 -3.55
C GLU A 298 -36.73 6.39 -3.24
N THR A 299 -37.79 5.80 -2.69
CA THR A 299 -37.79 4.37 -2.44
C THR A 299 -37.79 3.57 -3.73
N LYS A 300 -38.59 3.96 -4.71
CA LYS A 300 -38.52 3.28 -5.99
C LYS A 300 -37.13 3.37 -6.55
N CYS A 301 -36.53 4.55 -6.49
CA CYS A 301 -35.22 4.69 -7.07
C CYS A 301 -34.19 3.87 -6.33
N THR A 302 -34.35 3.66 -5.02
CA THR A 302 -33.31 2.83 -4.37
C THR A 302 -33.50 1.36 -4.70
N LEU A 303 -34.72 0.82 -4.53
CA LEU A 303 -34.90 -0.57 -4.93
C LEU A 303 -34.74 -0.79 -6.42
N LYS A 304 -34.60 0.24 -7.23
CA LYS A 304 -34.50 0.10 -8.68
C LYS A 304 -35.66 -0.72 -9.21
N SER A 305 -36.87 -0.34 -8.80
CA SER A 305 -38.05 -1.08 -9.21
C SER A 305 -39.25 -0.17 -9.13
N PHE A 306 -40.07 -0.18 -10.18
CA PHE A 306 -41.24 0.69 -10.20
C PHE A 306 -42.33 0.31 -9.21
N THR A 307 -42.39 -0.93 -8.76
CA THR A 307 -43.39 -1.37 -7.78
C THR A 307 -42.72 -1.75 -6.47
N VAL A 308 -43.04 -1.02 -5.40
CA VAL A 308 -42.50 -1.31 -4.08
C VAL A 308 -43.57 -2.01 -3.24
N GLU A 309 -43.18 -3.08 -2.57
CA GLU A 309 -44.09 -3.89 -1.78
C GLU A 309 -44.32 -3.29 -0.41
N LYS A 310 -45.33 -3.79 0.28
CA LYS A 310 -45.62 -3.31 1.62
C LYS A 310 -44.47 -3.61 2.56
N GLY A 311 -44.05 -2.61 3.31
CA GLY A 311 -42.98 -2.81 4.26
C GLY A 311 -42.34 -1.49 4.63
N ILE A 312 -41.23 -1.58 5.34
CA ILE A 312 -40.44 -0.44 5.76
C ILE A 312 -39.08 -0.55 5.11
N TYR A 313 -38.62 0.53 4.50
CA TYR A 313 -37.38 0.51 3.75
C TYR A 313 -36.49 1.65 4.20
N GLN A 314 -35.22 1.37 4.41
CA GLN A 314 -34.25 2.41 4.76
C GLN A 314 -33.64 3.03 3.52
N THR A 315 -34.14 4.19 3.12
CA THR A 315 -33.73 4.76 1.84
C THR A 315 -32.42 5.55 1.95
N SER A 316 -32.29 6.43 2.92
CA SER A 316 -31.10 7.28 2.92
C SER A 316 -30.82 7.80 4.31
N ASN A 317 -29.89 8.76 4.40
CA ASN A 317 -29.53 9.38 5.67
C ASN A 317 -29.57 10.89 5.55
N PHE A 318 -29.79 11.56 6.68
CA PHE A 318 -29.84 13.00 6.70
C PHE A 318 -28.78 13.49 7.66
N ARG A 319 -28.28 14.71 7.45
CA ARG A 319 -27.27 15.23 8.36
C ARG A 319 -27.27 16.74 8.24
N VAL A 320 -27.55 17.41 9.36
CA VAL A 320 -27.59 18.87 9.36
C VAL A 320 -26.22 19.42 9.02
N GLN A 321 -26.18 20.37 8.11
CA GLN A 321 -24.94 20.92 7.63
C GLN A 321 -24.39 22.01 8.54
N PRO A 322 -23.08 22.22 8.51
CA PRO A 322 -22.49 23.29 9.31
C PRO A 322 -22.91 24.63 8.77
N THR A 323 -23.26 25.54 9.67
CA THR A 323 -23.71 26.86 9.26
C THR A 323 -22.61 27.91 9.18
N GLU A 324 -21.42 27.64 9.72
CA GLU A 324 -20.37 28.65 9.71
C GLU A 324 -19.01 28.00 9.87
N SER A 325 -17.95 28.76 9.56
CA SER A 325 -16.58 28.30 9.72
C SER A 325 -15.80 29.32 10.53
N ILE A 326 -15.03 28.85 11.52
CA ILE A 326 -14.27 29.70 12.42
C ILE A 326 -12.83 29.22 12.54
N VAL A 327 -11.91 30.16 12.72
CA VAL A 327 -10.49 29.93 12.95
C VAL A 327 -10.09 30.62 14.23
N ARG A 328 -9.26 29.94 15.04
CA ARG A 328 -8.86 30.44 16.36
C ARG A 328 -7.35 30.28 16.53
N PHE A 329 -6.59 31.37 16.51
CA PHE A 329 -5.12 31.32 16.64
C PHE A 329 -4.51 32.30 17.64
N PRO A 330 -3.87 31.78 18.67
CA PRO A 330 -3.50 32.56 19.86
C PRO A 330 -2.85 33.92 19.77
N ASN A 331 -3.42 34.93 20.44
CA ASN A 331 -2.92 36.30 20.49
C ASN A 331 -1.80 36.63 19.51
N ILE A 332 -2.03 36.79 18.21
CA ILE A 332 -0.86 37.11 17.36
C ILE A 332 -0.20 38.39 17.82
N THR A 333 0.86 38.24 18.65
CA THR A 333 1.57 39.38 19.28
C THR A 333 3.04 39.06 19.51
N ASN A 334 3.85 39.14 18.45
CA ASN A 334 5.29 38.98 18.58
C ASN A 334 5.97 39.37 17.29
N LEU A 335 5.93 40.65 16.97
CA LEU A 335 6.50 41.17 15.74
C LEU A 335 8.02 41.23 15.84
N CYS A 336 8.66 41.41 14.69
CA CYS A 336 10.12 41.43 14.63
C CYS A 336 10.61 42.74 14.02
N PRO A 337 11.88 43.10 14.24
CA PRO A 337 12.34 44.44 13.90
C PRO A 337 12.53 44.72 12.42
N PHE A 338 11.45 45.06 11.74
CA PHE A 338 11.57 45.73 10.46
C PHE A 338 11.68 47.24 10.59
N ASP A 339 11.07 47.81 11.62
CA ASP A 339 11.15 49.23 11.92
C ASP A 339 12.50 49.66 12.47
N GLU A 340 13.40 48.73 12.71
CA GLU A 340 14.73 49.06 13.19
C GLU A 340 15.75 49.06 12.07
N VAL A 341 15.55 48.24 11.05
CA VAL A 341 16.49 48.25 9.95
C VAL A 341 16.16 49.38 8.99
N PHE A 342 14.91 49.80 8.94
CA PHE A 342 14.51 50.91 8.09
C PHE A 342 14.61 52.27 8.75
N ASN A 343 14.43 52.38 10.07
CA ASN A 343 14.52 53.67 10.73
C ASN A 343 15.77 53.82 11.60
N ALA A 344 16.88 53.20 11.20
CA ALA A 344 18.11 53.32 11.98
C ALA A 344 18.53 54.78 12.08
N THR A 345 19.26 55.10 13.15
CA THR A 345 19.67 56.48 13.39
C THR A 345 20.69 56.95 12.36
N ARG A 346 21.79 56.20 12.20
CA ARG A 346 22.84 56.58 11.28
C ARG A 346 23.27 55.33 10.52
N PHE A 347 22.92 55.27 9.24
CA PHE A 347 23.29 54.13 8.41
C PHE A 347 24.81 54.05 8.23
N ALA A 348 25.23 52.91 7.69
CA ALA A 348 26.64 52.60 7.48
C ALA A 348 27.03 52.78 6.01
N SER A 349 28.33 52.91 5.78
CA SER A 349 28.85 52.95 4.42
C SER A 349 29.00 51.54 3.83
N VAL A 350 29.01 51.50 2.49
CA VAL A 350 28.87 50.25 1.74
C VAL A 350 30.05 49.32 1.93
N TYR A 351 31.25 49.86 2.15
CA TYR A 351 32.43 49.01 2.30
C TYR A 351 32.47 48.32 3.65
N ALA A 352 31.57 48.67 4.57
CA ALA A 352 31.46 48.07 5.89
C ALA A 352 30.01 47.78 6.20
N TRP A 353 29.31 47.14 5.27
CA TRP A 353 27.88 46.91 5.41
C TRP A 353 27.57 46.13 6.68
N ASN A 354 26.29 46.12 7.06
CA ASN A 354 25.88 45.67 8.39
C ASN A 354 24.88 44.54 8.25
N ARG A 355 25.28 43.34 8.63
CA ARG A 355 24.35 42.22 8.61
C ARG A 355 23.54 42.17 9.90
N LYS A 356 22.35 41.59 9.79
CA LYS A 356 21.50 41.35 10.94
C LYS A 356 20.63 40.14 10.62
N ARG A 357 20.34 39.36 11.65
CA ARG A 357 19.50 38.19 11.53
C ARG A 357 18.10 38.44 12.08
N ILE A 358 17.13 37.78 11.46
CA ILE A 358 15.73 37.91 11.84
C ILE A 358 15.16 36.51 11.87
N SER A 359 14.86 36.02 13.07
CA SER A 359 14.22 34.73 13.25
C SER A 359 13.38 34.78 14.51
N ASN A 360 12.47 33.81 14.63
CA ASN A 360 11.60 33.68 15.79
C ASN A 360 10.71 34.93 15.95
N CYS A 361 9.91 35.19 14.93
CA CYS A 361 8.92 36.24 15.01
C CYS A 361 7.76 35.86 14.10
N VAL A 362 6.69 36.63 14.19
CA VAL A 362 5.59 36.52 13.25
C VAL A 362 5.76 37.65 12.25
N ALA A 363 6.43 37.36 11.14
CA ALA A 363 6.81 38.40 10.20
C ALA A 363 5.55 38.92 9.51
N ASP A 364 5.43 40.24 9.45
CA ASP A 364 4.35 40.90 8.75
C ASP A 364 4.97 41.84 7.73
N TYR A 365 4.76 41.54 6.44
CA TYR A 365 5.34 42.36 5.38
C TYR A 365 4.45 43.50 4.96
N SER A 366 3.41 43.79 5.73
CA SER A 366 2.49 44.85 5.39
C SER A 366 2.89 46.18 5.97
N VAL A 367 4.01 46.22 6.66
CA VAL A 367 4.52 47.48 7.18
C VAL A 367 5.42 48.19 6.17
N LEU A 368 5.97 47.45 5.20
CA LEU A 368 6.96 48.04 4.30
C LEU A 368 6.37 49.15 3.41
N TYR A 369 5.19 48.92 2.84
CA TYR A 369 4.66 49.86 1.86
C TYR A 369 4.52 51.26 2.41
N ASN A 370 4.21 51.36 3.70
CA ASN A 370 4.00 52.62 4.37
C ASN A 370 5.30 53.37 4.71
N PHE A 371 6.49 52.91 4.28
CA PHE A 371 7.70 53.62 4.68
C PHE A 371 7.96 54.81 3.74
N ALA A 372 8.14 54.55 2.45
CA ALA A 372 8.59 55.58 1.51
C ALA A 372 8.07 55.24 0.13
N PRO A 373 8.13 56.18 -0.81
CA PRO A 373 7.78 55.85 -2.21
C PRO A 373 8.69 54.82 -2.81
N PHE A 374 9.77 54.48 -2.12
CA PHE A 374 10.61 53.32 -2.43
C PHE A 374 11.17 53.39 -3.85
N PHE A 375 12.08 54.35 -4.02
CA PHE A 375 12.71 54.58 -5.31
C PHE A 375 13.24 53.29 -5.91
N ALA A 376 13.56 52.30 -5.09
CA ALA A 376 14.05 51.00 -5.53
C ALA A 376 13.46 49.94 -4.62
N PHE A 377 12.71 48.98 -5.18
CA PHE A 377 12.18 47.92 -4.34
C PHE A 377 12.11 46.62 -5.13
N LYS A 378 13.11 45.73 -5.00
CA LYS A 378 13.03 44.52 -5.80
C LYS A 378 13.54 43.27 -5.09
N CYS A 379 12.93 42.15 -5.47
CA CYS A 379 13.10 40.79 -4.98
C CYS A 379 13.17 39.88 -6.20
N TYR A 380 14.06 38.90 -6.16
CA TYR A 380 14.32 37.92 -7.22
C TYR A 380 13.80 36.52 -6.93
N GLY A 381 12.93 35.99 -7.79
CA GLY A 381 12.32 34.68 -7.50
C GLY A 381 11.44 34.76 -6.26
N VAL A 382 11.06 35.96 -5.84
CA VAL A 382 10.16 36.14 -4.66
C VAL A 382 9.10 37.19 -4.99
N SER A 383 7.82 36.78 -5.08
CA SER A 383 6.73 37.72 -5.44
C SER A 383 6.51 38.74 -4.31
N PRO A 384 6.80 40.04 -4.54
CA PRO A 384 6.62 41.06 -3.50
C PRO A 384 5.25 40.93 -2.83
N THR A 385 4.20 40.71 -3.63
CA THR A 385 2.86 40.62 -3.07
C THR A 385 2.55 39.31 -2.37
N LYS A 386 3.11 38.18 -2.81
CA LYS A 386 2.87 36.92 -2.12
C LYS A 386 3.85 36.64 -0.97
N LEU A 387 4.48 37.67 -0.39
CA LEU A 387 5.47 37.39 0.64
C LEU A 387 4.89 37.23 2.03
N ASN A 388 3.78 37.87 2.34
CA ASN A 388 3.33 37.89 3.73
C ASN A 388 2.59 36.62 4.12
N ASP A 389 2.50 35.65 3.22
CA ASP A 389 1.80 34.41 3.53
C ASP A 389 2.71 33.20 3.41
N LEU A 390 3.96 33.35 2.96
CA LEU A 390 4.84 32.21 2.85
C LEU A 390 5.68 32.17 4.12
N CYS A 391 6.25 31.02 4.46
CA CYS A 391 7.05 30.99 5.66
C CYS A 391 8.50 30.55 5.41
N PHE A 392 9.44 31.21 6.09
CA PHE A 392 10.89 31.04 5.94
C PHE A 392 11.57 30.64 7.24
N THR A 393 12.80 30.12 7.10
CA THR A 393 13.61 29.68 8.22
C THR A 393 14.27 30.86 8.92
N ASN A 394 15.18 31.53 8.22
CA ASN A 394 15.93 32.65 8.77
C ASN A 394 16.12 33.73 7.71
N VAL A 395 15.91 34.96 8.14
CA VAL A 395 15.89 36.15 7.29
C VAL A 395 17.03 37.04 7.76
N TYR A 396 17.97 37.30 6.86
CA TYR A 396 19.08 38.21 7.14
C TYR A 396 18.75 39.59 6.58
N ALA A 397 19.31 40.64 7.20
CA ALA A 397 19.09 42.01 6.74
C ALA A 397 20.39 42.80 6.69
N ASP A 398 20.75 43.30 5.51
CA ASP A 398 22.01 44.02 5.31
C ASP A 398 21.70 45.42 4.81
N SER A 399 22.08 46.44 5.57
CA SER A 399 21.74 47.83 5.26
C SER A 399 23.00 48.68 5.08
N PHE A 400 22.98 49.58 4.11
CA PHE A 400 24.11 50.50 3.88
C PHE A 400 23.65 51.62 2.96
N VAL A 401 24.60 52.46 2.53
CA VAL A 401 24.32 53.68 1.78
C VAL A 401 25.29 53.81 0.60
N ILE A 402 24.75 54.08 -0.59
CA ILE A 402 25.51 54.21 -1.84
C ILE A 402 25.01 55.42 -2.61
N ARG A 403 25.56 55.63 -3.81
CA ARG A 403 25.22 56.76 -4.68
C ARG A 403 23.95 56.51 -5.47
N GLY A 404 23.63 57.48 -6.33
CA GLY A 404 22.42 57.40 -7.11
C GLY A 404 22.53 56.50 -8.32
N ASN A 405 23.55 56.71 -9.17
CA ASN A 405 23.65 55.93 -10.40
C ASN A 405 24.30 54.58 -10.20
N GLU A 406 24.41 54.14 -8.95
CA GLU A 406 24.99 52.86 -8.62
C GLU A 406 23.96 51.94 -7.97
N VAL A 407 22.74 52.42 -7.72
CA VAL A 407 21.70 51.57 -7.16
C VAL A 407 21.49 50.42 -8.12
N SER A 408 21.72 50.68 -9.41
CA SER A 408 21.56 49.68 -10.45
C SER A 408 22.56 48.54 -10.33
N GLN A 409 23.64 48.71 -9.57
CA GLN A 409 24.65 47.67 -9.42
C GLN A 409 24.27 46.57 -8.44
N ILE A 410 23.26 46.77 -7.60
CA ILE A 410 22.88 45.76 -6.59
C ILE A 410 21.91 44.78 -7.23
N ALA A 411 22.49 43.78 -7.88
CA ALA A 411 21.73 42.74 -8.59
C ALA A 411 22.71 41.61 -8.90
N PRO A 412 22.23 40.37 -9.02
CA PRO A 412 23.15 39.25 -9.28
C PRO A 412 23.90 39.41 -10.59
N GLY A 413 25.20 39.09 -10.55
CA GLY A 413 25.91 39.02 -11.79
C GLY A 413 26.07 40.33 -12.49
N GLN A 414 25.90 41.44 -11.79
CA GLN A 414 26.08 42.75 -12.41
C GLN A 414 27.44 43.29 -12.08
N THR A 415 28.22 43.59 -13.12
CA THR A 415 29.57 44.09 -12.98
C THR A 415 29.58 45.62 -13.00
N GLY A 416 30.25 46.19 -12.01
CA GLY A 416 30.35 47.64 -11.86
C GLY A 416 31.61 47.96 -11.11
N ASN A 417 31.51 48.89 -10.18
CA ASN A 417 32.62 49.27 -9.33
C ASN A 417 32.37 48.95 -7.87
N ILE A 418 31.14 49.09 -7.41
CA ILE A 418 30.79 48.67 -6.06
C ILE A 418 30.38 47.21 -6.03
N ALA A 419 29.93 46.67 -7.14
CA ALA A 419 29.67 45.24 -7.26
C ALA A 419 30.93 44.46 -7.59
N ASP A 420 32.10 45.08 -7.42
CA ASP A 420 33.35 44.48 -7.85
C ASP A 420 34.36 44.43 -6.71
N TYR A 421 34.31 45.44 -5.84
CA TYR A 421 35.34 45.63 -4.82
C TYR A 421 34.85 45.58 -3.38
N ASN A 422 33.59 45.90 -3.09
CA ASN A 422 33.21 45.88 -1.69
C ASN A 422 31.83 45.35 -1.34
N TYR A 423 31.04 44.88 -2.29
CA TYR A 423 29.84 44.14 -1.91
C TYR A 423 29.36 43.44 -3.16
N LYS A 424 29.35 42.10 -3.15
CA LYS A 424 28.95 41.32 -4.30
C LYS A 424 27.92 40.28 -3.88
N LEU A 425 26.82 40.16 -4.63
CA LEU A 425 25.87 39.13 -4.23
C LEU A 425 25.70 38.08 -5.32
N PRO A 426 25.41 36.84 -4.93
CA PRO A 426 25.57 35.71 -5.86
C PRO A 426 24.60 35.83 -7.00
N ASP A 427 24.81 34.99 -8.01
CA ASP A 427 23.87 34.97 -9.11
C ASP A 427 22.60 34.19 -8.82
N ASP A 428 22.55 33.43 -7.73
CA ASP A 428 21.31 32.74 -7.36
C ASP A 428 20.61 33.45 -6.22
N PHE A 429 20.59 34.77 -6.19
CA PHE A 429 20.09 35.44 -5.00
C PHE A 429 18.58 35.30 -4.87
N THR A 430 18.12 35.26 -3.62
CA THR A 430 16.71 35.29 -3.31
C THR A 430 16.52 36.00 -1.98
N GLY A 431 15.86 37.14 -2.02
CA GLY A 431 15.62 38.09 -0.93
C GLY A 431 15.15 39.39 -1.53
N CYS A 432 15.39 40.51 -0.86
CA CYS A 432 14.86 41.72 -1.46
C CYS A 432 15.77 42.90 -1.13
N VAL A 433 15.71 43.93 -1.97
CA VAL A 433 16.39 45.19 -1.75
C VAL A 433 15.39 46.32 -1.83
N ILE A 434 15.60 47.37 -1.04
CA ILE A 434 14.70 48.50 -0.96
C ILE A 434 15.56 49.75 -0.83
N ALA A 435 15.46 50.64 -1.80
CA ALA A 435 16.28 51.85 -1.83
C ALA A 435 15.40 53.05 -2.13
N TRP A 436 15.58 54.10 -1.35
CA TRP A 436 14.86 55.35 -1.51
C TRP A 436 15.81 56.53 -1.35
N ASN A 437 15.50 57.62 -2.04
CA ASN A 437 16.38 58.79 -2.02
C ASN A 437 16.32 59.47 -0.66
N SER A 438 17.51 59.76 -0.13
CA SER A 438 17.69 60.38 1.17
C SER A 438 18.66 61.53 1.09
N ASN A 439 18.54 62.34 0.04
CA ASN A 439 19.29 63.59 -0.04
C ASN A 439 18.93 64.59 1.06
N LYS A 440 17.82 64.38 1.77
CA LYS A 440 17.38 65.29 2.83
C LYS A 440 18.28 65.26 4.06
N LEU A 441 18.85 64.11 4.41
CA LEU A 441 19.54 63.97 5.69
C LEU A 441 21.03 63.68 5.62
N ASP A 442 21.59 63.42 4.45
CA ASP A 442 23.00 63.06 4.38
C ASP A 442 23.85 64.10 3.65
N SER A 443 23.27 65.14 3.07
CA SER A 443 24.03 66.09 2.27
C SER A 443 24.31 67.36 3.09
N LYS A 444 25.57 67.53 3.51
CA LYS A 444 26.03 68.72 4.22
C LYS A 444 26.51 69.76 3.22
N VAL A 445 26.37 71.03 3.58
CA VAL A 445 26.88 72.07 2.71
C VAL A 445 28.40 72.08 2.79
N GLY A 446 29.05 72.00 1.62
CA GLY A 446 30.49 71.90 1.55
C GLY A 446 31.01 70.49 1.42
N GLY A 447 30.17 69.49 1.65
CA GLY A 447 30.67 68.13 1.45
C GLY A 447 30.59 67.35 2.75
N ASN A 448 29.98 66.17 2.67
CA ASN A 448 29.86 65.25 3.80
C ASN A 448 30.93 64.20 3.52
N TYR A 449 32.10 64.40 4.11
CA TYR A 449 33.24 63.52 3.90
C TYR A 449 33.32 62.47 5.00
N ASN A 450 32.23 61.73 5.15
CA ASN A 450 32.16 60.64 6.10
C ASN A 450 31.75 59.31 5.50
N TYR A 451 31.15 59.30 4.30
CA TYR A 451 30.79 58.06 3.62
C TYR A 451 31.84 57.73 2.57
N ARG A 452 32.60 56.67 2.80
CA ARG A 452 33.66 56.25 1.88
C ARG A 452 33.40 54.84 1.36
N TYR A 453 34.15 54.46 0.32
CA TYR A 453 34.02 53.15 -0.30
C TYR A 453 35.39 52.70 -0.80
N ARG A 454 35.59 51.38 -0.85
CA ARG A 454 36.85 50.83 -1.32
C ARG A 454 36.98 51.01 -2.83
N LEU A 455 38.12 51.55 -3.29
CA LEU A 455 38.38 51.72 -4.71
C LEU A 455 39.41 50.73 -5.25
N PHE A 456 40.27 50.19 -4.40
CA PHE A 456 41.33 49.28 -4.82
C PHE A 456 41.36 48.03 -3.93
N ARG A 457 41.49 46.88 -4.58
CA ARG A 457 41.64 45.60 -3.90
C ARG A 457 42.41 44.69 -4.84
N LYS A 458 42.94 43.60 -4.28
CA LYS A 458 43.76 42.71 -5.09
C LYS A 458 42.92 41.84 -6.03
N SER A 459 41.92 41.14 -5.51
CA SER A 459 41.02 40.31 -6.29
C SER A 459 39.57 40.52 -5.86
N ASN A 460 38.64 40.11 -6.72
CA ASN A 460 37.23 40.23 -6.39
C ASN A 460 36.93 39.41 -5.13
N LEU A 461 35.84 39.78 -4.47
CA LEU A 461 35.50 39.25 -3.16
C LEU A 461 34.37 38.24 -3.26
N LYS A 462 34.32 37.34 -2.29
CA LYS A 462 33.31 36.29 -2.28
C LYS A 462 31.94 36.88 -1.97
N PRO A 463 30.87 36.19 -2.33
CA PRO A 463 29.54 36.75 -2.06
C PRO A 463 29.36 36.98 -0.57
N PHE A 464 28.70 38.09 -0.24
CA PHE A 464 28.40 38.40 1.15
C PHE A 464 29.67 38.52 2.00
N GLU A 465 30.75 38.97 1.37
CA GLU A 465 32.04 39.13 2.03
C GLU A 465 32.27 40.60 2.33
N ARG A 466 32.86 40.87 3.48
CA ARG A 466 33.20 42.21 3.90
C ARG A 466 34.67 42.27 4.25
N ASP A 467 35.33 43.33 3.79
CA ASP A 467 36.71 43.61 4.16
C ASP A 467 36.82 45.07 4.60
N ILE A 468 37.61 45.28 5.66
CA ILE A 468 37.75 46.60 6.25
C ILE A 468 39.17 47.13 6.19
N SER A 469 40.16 46.27 5.95
CA SER A 469 41.56 46.68 5.94
C SER A 469 41.81 47.82 4.97
N THR A 470 42.65 48.76 5.38
CA THR A 470 42.97 49.97 4.62
C THR A 470 44.43 49.97 4.20
N GLU A 471 44.92 48.83 3.72
CA GLU A 471 46.30 48.71 3.30
C GLU A 471 46.54 49.44 1.98
N ILE A 472 47.76 49.94 1.82
CA ILE A 472 48.09 50.71 0.63
C ILE A 472 48.13 49.79 -0.58
N TYR A 473 47.60 50.25 -1.71
CA TYR A 473 47.48 49.30 -2.80
C TYR A 473 48.81 49.11 -3.50
N GLN A 474 48.97 47.94 -4.13
CA GLN A 474 50.20 47.62 -4.82
C GLN A 474 50.29 48.39 -6.13
N ALA A 475 51.52 48.71 -6.51
CA ALA A 475 51.83 49.42 -7.74
C ALA A 475 52.88 48.62 -8.47
N GLY A 476 53.13 49.01 -9.73
CA GLY A 476 54.19 48.43 -10.52
C GLY A 476 55.43 48.15 -9.68
N ASN A 477 55.87 49.17 -8.93
CA ASN A 477 56.96 49.05 -7.97
C ASN A 477 56.42 49.24 -6.56
N LYS A 478 57.23 48.82 -5.57
CA LYS A 478 56.95 48.97 -4.15
C LYS A 478 56.33 50.33 -3.86
N PRO A 479 55.11 50.38 -3.33
CA PRO A 479 54.47 51.67 -3.09
C PRO A 479 55.33 52.58 -2.20
N CYS A 480 54.99 53.86 -2.21
CA CYS A 480 55.69 54.86 -1.42
C CYS A 480 55.46 54.58 0.06
N ASN A 481 54.52 55.32 0.66
CA ASN A 481 54.14 55.16 2.06
C ASN A 481 52.94 56.05 2.39
N GLY A 482 51.73 55.60 2.10
CA GLY A 482 50.54 56.41 2.32
C GLY A 482 50.66 57.83 1.80
N VAL A 483 51.48 58.04 0.77
CA VAL A 483 51.74 59.34 0.19
C VAL A 483 51.76 59.23 -1.33
N ALA A 484 51.78 60.39 -2.00
CA ALA A 484 51.80 60.41 -3.45
C ALA A 484 53.11 59.81 -3.97
N GLY A 485 53.13 59.57 -5.27
CA GLY A 485 54.30 58.99 -5.90
C GLY A 485 53.94 58.56 -7.30
N VAL A 486 54.78 57.68 -7.86
CA VAL A 486 54.55 57.24 -9.24
C VAL A 486 53.19 56.55 -9.36
N ASN A 487 52.93 55.51 -8.56
CA ASN A 487 51.55 55.13 -8.30
C ASN A 487 51.22 55.16 -6.82
N CYS A 488 51.71 54.20 -6.03
CA CYS A 488 51.51 54.11 -4.57
C CYS A 488 50.18 54.69 -4.09
N TYR A 489 49.07 54.20 -4.63
CA TYR A 489 47.78 54.78 -4.31
C TYR A 489 47.28 54.30 -2.94
N PHE A 490 46.15 54.85 -2.51
CA PHE A 490 45.46 54.50 -1.29
C PHE A 490 44.08 53.95 -1.63
N PRO A 491 43.59 52.91 -0.94
CA PRO A 491 42.36 52.23 -1.42
C PRO A 491 41.11 53.07 -1.32
N LEU A 492 40.82 53.63 -0.16
CA LEU A 492 39.52 54.22 0.08
C LEU A 492 39.46 55.63 -0.49
N GLN A 493 38.26 56.04 -0.87
CA GLN A 493 38.01 57.37 -1.39
C GLN A 493 36.71 57.85 -0.77
N SER A 494 36.62 59.14 -0.51
CA SER A 494 35.45 59.64 0.19
C SER A 494 34.38 59.83 -0.87
N TYR A 495 33.27 60.42 -0.49
CA TYR A 495 32.15 60.58 -1.39
C TYR A 495 31.95 62.05 -1.69
N GLY A 496 31.80 62.88 -0.66
CA GLY A 496 31.68 64.31 -0.85
C GLY A 496 30.29 64.79 -1.12
N PHE A 497 29.32 64.21 -0.43
CA PHE A 497 27.94 64.53 -0.69
C PHE A 497 27.68 65.98 -0.32
N ARG A 498 26.97 66.67 -1.19
CA ARG A 498 26.58 68.06 -1.04
C ARG A 498 25.11 68.21 -1.39
N PRO A 499 24.44 69.24 -0.89
CA PRO A 499 23.00 69.36 -1.12
C PRO A 499 22.69 69.66 -2.56
N THR A 500 23.68 70.09 -3.33
CA THR A 500 23.48 70.48 -4.71
C THR A 500 23.75 69.37 -5.71
N TYR A 501 24.24 68.21 -5.27
CA TYR A 501 24.52 67.17 -6.23
C TYR A 501 23.25 66.72 -6.97
N GLY A 502 23.43 66.36 -8.24
CA GLY A 502 22.35 65.83 -9.03
C GLY A 502 21.82 64.54 -8.44
N VAL A 503 20.64 64.15 -8.91
CA VAL A 503 20.01 62.96 -8.35
C VAL A 503 20.90 61.75 -8.56
N GLY A 504 21.75 61.77 -9.59
CA GLY A 504 22.66 60.68 -9.82
C GLY A 504 23.79 60.63 -8.82
N HIS A 505 24.03 61.72 -8.11
CA HIS A 505 25.10 61.82 -7.13
C HIS A 505 24.57 62.07 -5.73
N GLN A 506 23.31 61.93 -5.51
CA GLN A 506 22.67 62.15 -4.23
C GLN A 506 22.73 60.88 -3.38
N PRO A 507 22.73 61.02 -2.06
CA PRO A 507 22.86 59.84 -1.21
C PRO A 507 21.58 59.03 -1.17
N TYR A 508 21.75 57.71 -1.23
CA TYR A 508 20.64 56.76 -1.21
C TYR A 508 20.82 55.76 -0.09
N ARG A 509 19.74 55.47 0.62
CA ARG A 509 19.72 54.45 1.66
C ARG A 509 19.19 53.15 1.06
N VAL A 510 19.86 52.06 1.40
CA VAL A 510 19.63 50.75 0.81
C VAL A 510 19.64 49.71 1.91
N VAL A 511 18.69 48.80 1.86
CA VAL A 511 18.61 47.71 2.83
C VAL A 511 18.41 46.42 2.05
N VAL A 512 19.15 45.37 2.43
CA VAL A 512 19.15 44.14 1.67
C VAL A 512 18.64 43.03 2.58
N LEU A 513 17.66 42.29 2.11
CA LEU A 513 17.07 41.18 2.85
C LEU A 513 17.48 39.86 2.21
N SER A 514 17.93 38.92 3.03
CA SER A 514 18.33 37.61 2.54
C SER A 514 17.44 36.57 3.19
N PHE A 515 16.85 35.66 2.38
CA PHE A 515 15.94 34.69 2.95
C PHE A 515 16.54 33.29 2.87
N GLU A 516 15.82 32.32 3.42
CA GLU A 516 16.14 30.89 3.33
C GLU A 516 14.86 30.07 3.40
N LEU A 517 14.80 28.98 2.63
CA LEU A 517 13.57 28.23 2.48
C LEU A 517 13.74 26.73 2.69
N LEU A 518 14.97 26.23 2.71
CA LEU A 518 15.26 24.80 2.69
C LEU A 518 15.30 24.16 4.08
N HIS A 519 14.62 23.02 4.22
CA HIS A 519 14.58 22.25 5.46
C HIS A 519 14.33 23.09 6.70
N ALA A 520 13.14 23.67 6.78
CA ALA A 520 12.84 24.66 7.80
C ALA A 520 12.10 24.01 8.96
N PRO A 521 12.71 23.84 10.15
CA PRO A 521 11.87 23.68 11.35
C PRO A 521 11.48 25.13 11.64
N ALA A 522 10.44 25.56 10.93
CA ALA A 522 10.13 26.98 10.78
C ALA A 522 10.28 27.74 12.09
N THR A 523 10.98 28.86 12.01
CA THR A 523 11.23 29.74 13.13
C THR A 523 10.56 31.08 12.99
N VAL A 524 10.28 31.51 11.77
CA VAL A 524 9.76 32.83 11.47
C VAL A 524 8.79 32.77 10.31
N CYS A 525 7.55 33.19 10.54
CA CYS A 525 6.60 33.31 9.45
C CYS A 525 5.29 33.96 9.88
N GLY A 526 4.48 34.28 8.86
CA GLY A 526 3.25 35.02 8.97
C GLY A 526 2.23 34.83 10.07
N PRO A 527 1.61 35.96 10.42
CA PRO A 527 0.61 35.99 11.49
C PRO A 527 -0.56 35.09 11.16
N LYS A 528 -1.02 34.37 12.15
CA LYS A 528 -2.18 33.51 11.96
C LYS A 528 -3.45 34.31 12.21
N LYS A 529 -4.08 34.81 11.15
CA LYS A 529 -5.33 35.58 11.26
C LYS A 529 -6.38 34.80 12.02
N SER A 530 -7.21 35.49 12.81
CA SER A 530 -8.20 34.80 13.61
C SER A 530 -9.59 35.38 13.36
N THR A 531 -10.62 34.69 13.87
CA THR A 531 -12.01 35.13 13.76
C THR A 531 -12.76 34.94 15.07
N ASN A 532 -13.74 35.81 15.27
CA ASN A 532 -14.59 35.77 16.45
C ASN A 532 -15.27 34.42 16.64
N LEU A 533 -15.39 34.03 17.90
CA LEU A 533 -15.91 32.72 18.28
C LEU A 533 -17.44 32.66 18.18
N VAL A 534 -17.95 31.51 17.77
CA VAL A 534 -19.38 31.23 17.68
C VAL A 534 -19.73 30.06 18.59
N LYS A 535 -20.82 30.17 19.33
CA LYS A 535 -21.20 29.10 20.24
C LYS A 535 -22.60 28.58 19.97
N ASN A 536 -22.83 27.33 20.34
CA ASN A 536 -24.12 26.64 20.27
C ASN A 536 -24.64 26.36 18.87
N LYS A 537 -23.81 26.38 17.83
CA LYS A 537 -24.32 26.03 16.51
C LYS A 537 -23.28 25.12 15.87
N CYS A 538 -23.71 24.06 15.17
CA CYS A 538 -22.70 23.25 14.51
C CYS A 538 -22.01 24.04 13.40
N VAL A 539 -20.72 24.30 13.60
CA VAL A 539 -19.89 25.19 12.80
C VAL A 539 -18.57 24.49 12.58
N ASN A 540 -17.93 24.75 11.45
CA ASN A 540 -16.60 24.21 11.24
C ASN A 540 -15.56 25.03 11.97
N PHE A 541 -14.77 24.38 12.82
CA PHE A 541 -13.80 25.04 13.67
C PHE A 541 -12.39 24.59 13.35
N ASN A 542 -11.43 25.47 13.63
CA ASN A 542 -10.01 25.19 13.49
C ASN A 542 -9.24 25.75 14.69
N PHE A 543 -9.10 24.96 15.74
CA PHE A 543 -8.44 25.41 16.96
C PHE A 543 -6.98 25.00 16.91
N ASN A 544 -6.10 25.92 16.55
CA ASN A 544 -4.66 25.65 16.55
C ASN A 544 -4.28 24.41 15.76
N GLY A 545 -5.01 24.06 14.72
CA GLY A 545 -4.71 22.90 13.93
C GLY A 545 -5.75 21.80 14.03
N LEU A 546 -6.50 21.77 15.13
CA LEU A 546 -7.53 20.77 15.33
C LEU A 546 -8.75 21.16 14.50
N THR A 547 -9.08 20.37 13.49
CA THR A 547 -10.20 20.66 12.62
C THR A 547 -11.36 19.70 12.88
N GLY A 548 -12.56 20.23 12.95
CA GLY A 548 -13.71 19.37 13.15
C GLY A 548 -15.00 20.14 12.99
N THR A 549 -16.10 19.45 13.27
CA THR A 549 -17.43 20.03 13.18
C THR A 549 -18.22 19.66 14.42
N GLY A 550 -19.11 20.54 14.85
CA GLY A 550 -19.91 20.24 16.01
C GLY A 550 -20.41 21.51 16.68
N VAL A 551 -21.20 21.30 17.72
CA VAL A 551 -21.74 22.38 18.52
C VAL A 551 -20.87 22.57 19.75
N LEU A 552 -20.53 23.81 20.04
CA LEU A 552 -19.69 24.14 21.19
C LEU A 552 -20.54 24.63 22.35
N THR A 553 -20.29 24.11 23.54
CA THR A 553 -21.05 24.44 24.73
C THR A 553 -20.07 24.67 25.87
N GLU A 554 -20.45 25.52 26.82
CA GLU A 554 -19.58 25.73 27.96
C GLU A 554 -19.36 24.43 28.73
N SER A 555 -18.09 24.12 28.97
CA SER A 555 -17.56 22.92 29.60
C SER A 555 -17.64 22.99 31.12
N ASN A 556 -17.60 21.82 31.74
CA ASN A 556 -17.57 21.70 33.18
C ASN A 556 -16.40 20.87 33.68
N LYS A 557 -15.44 20.53 32.82
CA LYS A 557 -14.29 19.72 33.22
C LYS A 557 -13.02 20.55 33.42
N LYS A 558 -12.24 20.17 34.42
CA LYS A 558 -11.06 20.91 34.89
C LYS A 558 -9.82 20.49 34.10
N PHE A 559 -9.48 21.25 33.08
CA PHE A 559 -8.22 21.07 32.37
C PHE A 559 -7.02 21.53 33.19
N LEU A 560 -5.96 20.72 33.21
CA LEU A 560 -4.75 21.17 33.86
C LEU A 560 -4.07 22.22 32.97
N PRO A 561 -3.33 23.15 33.55
CA PRO A 561 -2.85 24.30 32.79
C PRO A 561 -1.97 24.01 31.59
N PHE A 562 -1.35 22.86 31.47
CA PHE A 562 -0.51 22.61 30.32
C PHE A 562 -1.20 21.83 29.20
N GLN A 563 -2.46 21.47 29.38
CA GLN A 563 -3.20 20.67 28.42
C GLN A 563 -4.04 21.52 27.49
N GLN A 564 -4.17 21.05 26.26
CA GLN A 564 -4.88 21.72 25.20
C GLN A 564 -5.99 20.91 24.55
N PHE A 565 -6.06 19.60 24.76
CA PHE A 565 -7.04 18.78 24.08
C PHE A 565 -7.66 17.85 25.10
N GLY A 566 -8.82 17.32 24.78
CA GLY A 566 -9.45 16.35 25.64
C GLY A 566 -9.95 15.19 24.82
N ARG A 567 -9.88 14.00 25.39
CA ARG A 567 -10.21 12.82 24.62
C ARG A 567 -11.06 11.89 25.46
N ASP A 568 -12.07 11.29 24.85
CA ASP A 568 -12.79 10.21 25.49
C ASP A 568 -12.15 8.90 25.07
N ILE A 569 -12.82 7.79 25.39
CA ILE A 569 -12.31 6.50 24.97
C ILE A 569 -12.35 6.49 23.43
N ALA A 570 -11.39 5.80 22.83
CA ALA A 570 -11.32 5.62 21.39
C ALA A 570 -10.98 6.91 20.65
N ASP A 571 -10.12 7.73 21.25
CA ASP A 571 -9.54 8.92 20.62
C ASP A 571 -10.56 9.91 20.08
N THR A 572 -11.80 9.92 20.52
CA THR A 572 -12.75 10.91 20.01
C THR A 572 -12.47 12.22 20.70
N THR A 573 -12.09 13.26 19.95
CA THR A 573 -11.81 14.53 20.60
C THR A 573 -13.05 15.11 21.25
N ASP A 574 -13.11 15.08 22.57
CA ASP A 574 -14.26 15.54 23.32
C ASP A 574 -14.24 16.99 23.79
N ALA A 575 -13.09 17.62 23.97
CA ALA A 575 -13.11 18.98 24.51
C ALA A 575 -11.90 19.74 24.04
N VAL A 576 -11.97 21.07 24.15
CA VAL A 576 -10.89 21.95 23.73
C VAL A 576 -10.94 23.24 24.53
N ARG A 577 -9.77 23.81 24.80
CA ARG A 577 -9.66 25.10 25.47
C ARG A 577 -9.35 26.17 24.44
N ASP A 578 -9.97 27.33 24.57
CA ASP A 578 -9.76 28.35 23.56
C ASP A 578 -8.32 28.81 23.61
N PRO A 579 -7.64 28.90 22.48
CA PRO A 579 -6.28 29.40 22.49
C PRO A 579 -6.17 30.89 22.71
N GLN A 580 -7.28 31.60 22.80
CA GLN A 580 -7.28 33.05 23.01
C GLN A 580 -7.68 33.42 24.43
N THR A 581 -8.81 32.93 24.89
CA THR A 581 -9.32 33.22 26.22
C THR A 581 -9.15 32.08 27.22
N LEU A 582 -8.60 30.95 26.80
CA LEU A 582 -8.30 29.83 27.70
C LEU A 582 -9.53 29.20 28.33
N GLU A 583 -10.70 29.46 27.76
CA GLU A 583 -11.94 28.84 28.19
C GLU A 583 -12.07 27.42 27.63
N ILE A 584 -12.61 26.50 28.43
CA ILE A 584 -12.80 25.12 28.00
C ILE A 584 -14.10 24.99 27.21
N LEU A 585 -14.06 24.28 26.07
CA LEU A 585 -15.25 24.11 25.25
C LEU A 585 -15.46 22.64 24.94
N ASP A 586 -16.72 22.23 24.99
CA ASP A 586 -17.14 20.87 24.65
C ASP A 586 -17.58 20.76 23.20
N ILE A 587 -17.25 19.64 22.58
CA ILE A 587 -17.61 19.36 21.19
C ILE A 587 -18.60 18.22 21.12
N THR A 588 -19.73 18.45 20.47
CA THR A 588 -20.71 17.41 20.24
C THR A 588 -21.07 17.42 18.77
N PRO A 589 -21.07 16.28 18.08
CA PRO A 589 -21.41 16.26 16.65
C PRO A 589 -22.88 16.61 16.44
N CYS A 590 -23.15 17.49 15.47
CA CYS A 590 -24.54 17.84 15.23
C CYS A 590 -25.34 16.61 14.81
N SER A 591 -26.63 16.68 15.08
CA SER A 591 -27.56 15.56 14.93
C SER A 591 -27.55 14.96 13.52
N PHE A 592 -27.58 13.65 13.47
CA PHE A 592 -27.60 12.92 12.22
C PHE A 592 -28.25 11.57 12.45
N GLY A 593 -28.65 10.91 11.37
CA GLY A 593 -29.28 9.62 11.49
C GLY A 593 -29.83 9.14 10.16
N GLY A 594 -30.33 7.91 10.20
CA GLY A 594 -30.94 7.29 9.04
C GLY A 594 -32.43 7.57 8.95
N VAL A 595 -32.95 7.50 7.72
CA VAL A 595 -34.37 7.78 7.48
C VAL A 595 -35.00 6.60 6.76
N SER A 596 -36.19 6.23 7.19
CA SER A 596 -36.92 5.11 6.60
C SER A 596 -38.29 5.54 6.12
N VAL A 597 -38.77 4.85 5.08
CA VAL A 597 -40.04 5.15 4.43
C VAL A 597 -41.00 4.01 4.73
N ILE A 598 -42.20 4.34 5.19
CA ILE A 598 -43.24 3.34 5.44
C ILE A 598 -44.24 3.35 4.30
N THR A 599 -44.47 2.22 3.65
CA THR A 599 -45.39 2.20 2.51
C THR A 599 -46.33 1.00 2.57
N PRO A 600 -47.63 1.19 2.35
CA PRO A 600 -48.56 0.06 2.32
C PRO A 600 -48.63 -0.69 1.00
N GLY A 601 -47.75 -0.40 0.08
CA GLY A 601 -47.72 -1.04 -1.24
C GLY A 601 -48.10 -0.06 -2.32
N THR A 602 -47.32 -0.05 -3.39
CA THR A 602 -47.63 0.83 -4.51
C THR A 602 -48.99 0.51 -5.11
N ASN A 603 -49.35 -0.76 -5.13
CA ASN A 603 -50.59 -1.15 -5.78
C ASN A 603 -51.79 -0.93 -4.89
N THR A 604 -51.59 -0.69 -3.60
CA THR A 604 -52.71 -0.29 -2.76
C THR A 604 -52.93 1.22 -2.76
N SER A 605 -51.88 2.01 -2.53
CA SER A 605 -52.01 3.46 -2.53
C SER A 605 -50.64 4.10 -2.44
N ASN A 606 -50.56 5.34 -2.86
CA ASN A 606 -49.33 6.11 -2.83
C ASN A 606 -49.00 6.84 -1.53
N GLN A 607 -49.87 6.82 -0.53
CA GLN A 607 -49.55 7.48 0.72
C GLN A 607 -48.29 6.89 1.35
N VAL A 608 -47.60 7.69 2.16
CA VAL A 608 -46.32 7.30 2.75
C VAL A 608 -46.11 8.01 4.08
N ALA A 609 -45.49 7.33 5.04
CA ALA A 609 -45.07 7.90 6.31
C ALA A 609 -43.57 7.74 6.47
N VAL A 610 -42.92 8.70 7.11
CA VAL A 610 -41.46 8.74 7.20
C VAL A 610 -41.00 8.66 8.64
N LEU A 611 -39.98 7.83 8.90
CA LEU A 611 -39.38 7.64 10.22
C LEU A 611 -37.94 8.08 10.26
N TYR A 612 -37.65 9.17 10.96
CA TYR A 612 -36.28 9.65 11.24
C TYR A 612 -35.81 8.95 12.50
N GLN A 613 -34.82 8.08 12.39
CA GLN A 613 -34.55 7.18 13.51
C GLN A 613 -33.87 7.83 14.72
N GLY A 614 -32.64 8.30 14.55
CA GLY A 614 -31.99 8.81 15.74
C GLY A 614 -32.12 10.29 15.98
N VAL A 615 -33.32 10.84 16.07
CA VAL A 615 -33.48 12.26 16.28
C VAL A 615 -34.86 12.52 16.84
N ASN A 616 -35.01 13.65 17.50
CA ASN A 616 -36.34 14.13 17.83
C ASN A 616 -36.65 15.32 16.94
N CYS A 617 -37.89 15.35 16.42
CA CYS A 617 -38.31 16.38 15.47
C CYS A 617 -38.17 17.79 16.02
N THR A 618 -37.95 17.96 17.31
CA THR A 618 -37.78 19.31 17.80
C THR A 618 -36.52 19.87 17.20
N GLU A 619 -35.69 19.02 16.61
CA GLU A 619 -34.45 19.36 15.97
C GLU A 619 -34.36 18.65 14.62
N VAL A 620 -35.49 18.49 13.95
CA VAL A 620 -35.49 17.83 12.65
C VAL A 620 -34.71 18.64 11.63
N ASN A 641 -49.31 14.61 10.52
CA ASN A 641 -49.20 14.73 11.96
C ASN A 641 -47.83 14.27 12.42
N VAL A 642 -47.45 14.57 13.64
CA VAL A 642 -46.13 14.23 14.16
C VAL A 642 -46.29 13.45 15.45
N PHE A 643 -45.44 12.45 15.63
CA PHE A 643 -45.47 11.59 16.80
C PHE A 643 -44.06 11.21 17.19
N GLN A 644 -43.81 11.12 18.48
CA GLN A 644 -42.50 10.78 19.02
C GLN A 644 -42.51 9.36 19.56
N THR A 645 -41.48 8.60 19.28
CA THR A 645 -41.37 7.23 19.77
C THR A 645 -39.95 7.01 20.27
N ARG A 646 -39.78 5.92 21.03
CA ARG A 646 -38.44 5.59 21.48
C ARG A 646 -37.53 5.24 20.31
N ALA A 647 -38.08 4.89 19.15
CA ALA A 647 -37.26 4.59 17.99
C ALA A 647 -36.91 5.81 17.16
N GLY A 648 -37.55 6.91 17.40
CA GLY A 648 -37.32 8.17 16.73
C GLY A 648 -38.64 8.85 16.51
N CYS A 649 -38.64 9.96 15.77
CA CYS A 649 -39.87 10.67 15.52
C CYS A 649 -40.46 10.31 14.17
N LEU A 650 -41.74 9.95 14.18
CA LEU A 650 -42.51 9.46 13.05
C LEU A 650 -43.45 10.52 12.52
N ILE A 651 -43.41 10.76 11.21
CA ILE A 651 -44.22 11.79 10.58
C ILE A 651 -45.14 11.18 9.54
N GLY A 652 -46.37 11.64 9.50
CA GLY A 652 -47.33 11.16 8.55
C GLY A 652 -48.31 10.13 9.04
N ALA A 653 -48.28 9.76 10.31
CA ALA A 653 -49.23 8.80 10.82
C ALA A 653 -49.73 9.23 12.19
N GLU A 654 -51.01 9.01 12.47
CA GLU A 654 -51.60 9.43 13.72
C GLU A 654 -51.73 8.27 14.69
N TYR A 655 -51.43 8.52 15.94
CA TYR A 655 -51.47 7.48 16.96
C TYR A 655 -52.90 7.25 17.45
N VAL A 656 -53.34 6.01 17.40
CA VAL A 656 -54.67 5.61 17.83
C VAL A 656 -54.57 4.71 19.04
N ASN A 657 -55.55 4.79 19.94
CA ASN A 657 -55.50 3.99 21.15
C ASN A 657 -55.86 2.53 20.94
N SER A 658 -56.45 2.16 19.83
CA SER A 658 -56.81 0.77 19.64
C SER A 658 -55.58 -0.07 19.33
N SER A 659 -55.56 -1.29 19.85
CA SER A 659 -54.47 -2.21 19.63
C SER A 659 -54.87 -3.32 18.68
N TYR A 660 -54.01 -3.65 17.73
CA TYR A 660 -54.32 -4.66 16.74
C TYR A 660 -53.10 -5.55 16.60
N GLU A 661 -53.29 -6.70 15.94
CA GLU A 661 -52.14 -7.52 15.58
C GLU A 661 -51.37 -6.78 14.50
N CYS A 662 -50.15 -6.40 14.78
CA CYS A 662 -49.48 -5.45 13.90
C CYS A 662 -48.74 -6.12 12.75
N ASP A 663 -48.69 -5.41 11.62
CA ASP A 663 -48.09 -5.94 10.41
C ASP A 663 -46.90 -5.16 9.90
N ILE A 664 -46.80 -3.86 10.11
CA ILE A 664 -45.56 -3.19 9.70
C ILE A 664 -44.87 -2.80 10.99
N PRO A 665 -43.83 -3.53 11.40
CA PRO A 665 -43.17 -3.28 12.68
C PRO A 665 -42.26 -2.06 12.60
N ILE A 666 -42.51 -1.09 13.47
CA ILE A 666 -41.66 0.09 13.55
C ILE A 666 -40.60 -0.06 14.61
N GLY A 667 -40.95 -0.49 15.80
CA GLY A 667 -39.98 -0.69 16.86
C GLY A 667 -40.50 -0.20 18.18
N ALA A 668 -39.96 -0.76 19.24
CA ALA A 668 -40.34 -0.36 20.58
C ALA A 668 -41.82 -0.54 20.82
N GLY A 669 -42.37 -1.64 20.33
CA GLY A 669 -43.76 -1.97 20.52
C GLY A 669 -44.75 -1.25 19.63
N ILE A 670 -44.32 -0.40 18.72
CA ILE A 670 -45.21 0.35 17.86
C ILE A 670 -45.23 -0.28 16.47
N CYS A 671 -46.39 -0.27 15.82
CA CYS A 671 -46.52 -0.81 14.48
C CYS A 671 -47.33 0.17 13.65
N ALA A 672 -47.61 -0.18 12.40
CA ALA A 672 -48.41 0.69 11.53
C ALA A 672 -49.21 -0.13 10.54
N SER A 673 -50.30 0.44 10.04
CA SER A 673 -51.12 -0.26 9.06
C SER A 673 -52.02 0.73 8.34
N TYR A 674 -52.60 0.26 7.24
CA TYR A 674 -53.50 1.07 6.41
C TYR A 674 -54.88 1.08 7.04
N GLN A 675 -55.39 2.26 7.38
CA GLN A 675 -56.69 2.36 8.06
C GLN A 675 -57.84 1.80 7.25
N THR A 676 -58.14 2.41 6.10
CA THR A 676 -59.25 2.01 5.23
C THR A 676 -60.58 2.12 5.95
N GLN A 690 -57.80 4.71 4.35
CA GLN A 690 -57.54 6.01 3.76
C GLN A 690 -56.44 6.76 4.50
N SER A 691 -55.83 6.13 5.48
CA SER A 691 -54.79 6.78 6.26
C SER A 691 -53.91 5.71 6.88
N ILE A 692 -52.71 6.11 7.28
CA ILE A 692 -51.77 5.23 7.97
C ILE A 692 -51.81 5.50 9.46
N ILE A 693 -52.13 4.48 10.25
CA ILE A 693 -52.28 4.61 11.69
C ILE A 693 -51.17 3.84 12.39
N ALA A 694 -50.56 4.46 13.39
CA ALA A 694 -49.60 3.80 14.26
C ALA A 694 -50.25 3.47 15.59
N TYR A 695 -49.92 2.33 16.17
CA TYR A 695 -50.60 1.88 17.39
C TYR A 695 -49.68 0.93 18.11
N THR A 696 -49.97 0.68 19.38
CA THR A 696 -49.21 -0.29 20.14
C THR A 696 -49.69 -1.70 19.87
N MET A 697 -48.76 -2.65 19.85
CA MET A 697 -49.12 -4.02 19.51
C MET A 697 -50.05 -4.61 20.55
N SER A 698 -50.91 -5.51 20.11
CA SER A 698 -51.77 -6.29 20.98
C SER A 698 -51.31 -7.73 21.05
N LEU A 699 -51.08 -8.22 22.26
CA LEU A 699 -50.61 -9.58 22.45
C LEU A 699 -51.73 -10.60 22.53
N GLY A 700 -52.92 -10.31 22.03
CA GLY A 700 -53.99 -11.27 22.10
C GLY A 700 -55.00 -10.95 23.19
N ALA A 701 -56.06 -11.74 23.21
CA ALA A 701 -57.14 -11.58 24.16
C ALA A 701 -56.78 -12.13 25.53
N GLU A 702 -57.43 -11.60 26.55
CA GLU A 702 -57.20 -12.04 27.92
C GLU A 702 -58.23 -13.09 28.33
N ASN A 703 -57.74 -14.23 28.78
CA ASN A 703 -58.58 -15.35 29.17
C ASN A 703 -58.25 -15.68 30.62
N SER A 704 -59.12 -15.32 31.54
CA SER A 704 -58.90 -15.60 32.96
C SER A 704 -59.51 -16.95 33.35
N VAL A 705 -58.76 -18.02 33.12
CA VAL A 705 -59.25 -19.36 33.46
C VAL A 705 -59.58 -19.43 34.94
N ALA A 706 -60.74 -20.00 35.25
CA ALA A 706 -61.27 -20.10 36.59
C ALA A 706 -60.60 -21.20 37.41
N TYR A 707 -59.60 -20.84 38.20
CA TYR A 707 -58.98 -21.84 39.05
C TYR A 707 -59.82 -22.05 40.27
N SER A 708 -59.74 -23.25 40.82
CA SER A 708 -60.48 -23.56 42.04
C SER A 708 -59.88 -24.81 42.62
N ASN A 709 -59.94 -24.95 43.94
CA ASN A 709 -59.31 -26.14 44.46
C ASN A 709 -60.10 -27.42 44.24
N ASN A 710 -61.31 -27.39 43.70
CA ASN A 710 -61.98 -28.68 43.55
C ASN A 710 -62.74 -28.85 42.24
N SER A 711 -62.51 -28.02 41.23
CA SER A 711 -63.21 -28.10 39.96
C SER A 711 -62.31 -28.57 38.82
N ILE A 712 -62.89 -29.35 37.89
CA ILE A 712 -62.23 -29.93 36.71
C ILE A 712 -63.10 -29.73 35.49
N ALA A 713 -62.46 -29.37 34.37
CA ALA A 713 -63.12 -29.27 33.07
C ALA A 713 -62.67 -30.39 32.14
N ILE A 714 -63.60 -31.18 31.63
CA ILE A 714 -63.22 -32.29 30.77
C ILE A 714 -63.91 -32.14 29.42
N PRO A 715 -63.25 -32.41 28.31
CA PRO A 715 -63.86 -32.24 27.00
C PRO A 715 -64.79 -33.38 26.66
N THR A 716 -65.91 -33.05 26.02
CA THR A 716 -66.82 -34.07 25.56
C THR A 716 -66.78 -34.33 24.07
N ASN A 717 -66.04 -33.57 23.28
CA ASN A 717 -65.97 -33.82 21.86
C ASN A 717 -64.59 -33.41 21.37
N PHE A 718 -64.31 -33.66 20.11
CA PHE A 718 -63.00 -33.40 19.54
C PHE A 718 -63.09 -32.90 18.13
N THR A 719 -61.93 -32.53 17.57
CA THR A 719 -61.83 -32.11 16.18
C THR A 719 -60.41 -32.38 15.78
N ILE A 720 -60.21 -33.08 14.67
CA ILE A 720 -58.89 -33.41 14.18
C ILE A 720 -58.57 -32.50 13.02
N SER A 721 -57.42 -31.84 13.07
CA SER A 721 -57.06 -30.88 12.06
C SER A 721 -55.78 -31.25 11.35
N VAL A 722 -55.48 -30.54 10.27
CA VAL A 722 -54.28 -30.74 9.47
C VAL A 722 -53.57 -29.41 9.33
N THR A 723 -52.31 -29.36 9.70
CA THR A 723 -51.51 -28.15 9.60
C THR A 723 -50.32 -28.38 8.69
N THR A 724 -50.00 -27.43 7.83
CA THR A 724 -48.91 -27.55 6.89
C THR A 724 -47.67 -26.82 7.38
N GLU A 725 -46.55 -27.53 7.42
CA GLU A 725 -45.27 -27.00 7.81
C GLU A 725 -44.28 -27.12 6.68
N ILE A 726 -43.58 -26.04 6.34
CA ILE A 726 -42.65 -25.99 5.22
C ILE A 726 -41.24 -25.86 5.75
N LEU A 727 -40.29 -26.54 5.10
CA LEU A 727 -38.90 -26.53 5.48
C LEU A 727 -38.01 -26.61 4.26
N PRO A 728 -37.05 -25.72 4.09
CA PRO A 728 -36.12 -25.84 2.98
C PRO A 728 -35.08 -26.92 3.22
N VAL A 729 -34.68 -27.58 2.13
CA VAL A 729 -33.74 -28.70 2.19
C VAL A 729 -32.43 -28.48 1.45
N SER A 730 -32.43 -27.68 0.39
CA SER A 730 -31.18 -27.58 -0.35
C SER A 730 -31.17 -26.29 -1.15
N MET A 731 -30.03 -25.99 -1.74
CA MET A 731 -29.92 -24.78 -2.54
C MET A 731 -29.28 -25.10 -3.87
N THR A 732 -29.24 -24.10 -4.74
CA THR A 732 -28.73 -24.34 -6.09
C THR A 732 -27.25 -24.63 -6.03
N LYS A 733 -26.82 -25.69 -6.72
CA LYS A 733 -25.39 -25.97 -6.77
C LYS A 733 -24.77 -25.02 -7.76
N THR A 734 -23.72 -24.35 -7.36
CA THR A 734 -23.09 -23.35 -8.21
C THR A 734 -21.64 -23.67 -8.42
N SER A 735 -21.17 -23.46 -9.63
CA SER A 735 -19.76 -23.58 -9.93
C SER A 735 -19.28 -22.30 -10.58
N VAL A 736 -18.05 -21.91 -10.27
CA VAL A 736 -17.50 -20.65 -10.75
C VAL A 736 -16.15 -20.95 -11.38
N ASP A 737 -15.87 -20.30 -12.50
CA ASP A 737 -14.58 -20.38 -13.15
C ASP A 737 -13.71 -19.21 -12.74
N CYS A 738 -12.65 -19.48 -11.99
CA CYS A 738 -11.86 -18.42 -11.41
C CYS A 738 -11.26 -17.51 -12.48
N THR A 739 -10.41 -18.05 -13.34
CA THR A 739 -9.72 -17.19 -14.31
C THR A 739 -10.67 -16.45 -15.23
N MET A 740 -11.74 -17.09 -15.70
CA MET A 740 -12.65 -16.36 -16.58
C MET A 740 -13.29 -15.20 -15.85
N TYR A 741 -13.88 -15.43 -14.69
CA TYR A 741 -14.45 -14.31 -13.98
C TYR A 741 -13.42 -13.24 -13.70
N ILE A 742 -12.18 -13.63 -13.43
CA ILE A 742 -11.21 -12.61 -13.07
C ILE A 742 -10.86 -11.78 -14.29
N CYS A 743 -10.34 -12.40 -15.35
CA CYS A 743 -9.91 -11.62 -16.49
C CYS A 743 -10.17 -12.24 -17.85
N GLY A 744 -11.36 -12.78 -18.07
CA GLY A 744 -11.86 -13.08 -19.40
C GLY A 744 -10.92 -13.53 -20.50
N ASP A 745 -10.15 -14.58 -20.28
CA ASP A 745 -9.32 -15.17 -21.31
C ASP A 745 -8.34 -14.17 -21.91
N SER A 746 -7.46 -13.66 -21.07
CA SER A 746 -6.36 -12.80 -21.46
C SER A 746 -5.09 -13.50 -21.01
N THR A 747 -4.14 -13.69 -21.92
CA THR A 747 -2.94 -14.40 -21.51
C THR A 747 -2.13 -13.61 -20.49
N GLU A 748 -1.94 -12.30 -20.74
CA GLU A 748 -1.16 -11.49 -19.81
C GLU A 748 -1.77 -11.47 -18.43
N CYS A 749 -3.08 -11.54 -18.34
CA CYS A 749 -3.64 -11.53 -17.01
C CYS A 749 -3.47 -12.85 -16.32
N SER A 750 -3.53 -13.98 -17.03
CA SER A 750 -3.30 -15.21 -16.29
C SER A 750 -1.86 -15.29 -15.83
N ASN A 751 -0.94 -14.86 -16.68
CA ASN A 751 0.46 -14.82 -16.31
C ASN A 751 0.68 -13.96 -15.09
N LEU A 752 -0.14 -12.95 -14.91
CA LEU A 752 0.01 -12.08 -13.75
C LEU A 752 -0.75 -12.58 -12.54
N LEU A 753 -1.81 -13.33 -12.75
CA LEU A 753 -2.60 -13.85 -11.65
C LEU A 753 -1.88 -14.98 -10.98
N LEU A 754 -1.03 -15.68 -11.71
CA LEU A 754 -0.25 -16.75 -11.09
C LEU A 754 0.57 -16.31 -9.90
N GLN A 755 0.78 -15.02 -9.68
CA GLN A 755 1.62 -14.60 -8.56
C GLN A 755 0.87 -14.49 -7.26
N TYR A 756 -0.43 -14.69 -7.24
CA TYR A 756 -1.15 -14.45 -6.01
C TYR A 756 -1.26 -15.68 -5.13
N GLY A 757 -1.03 -16.87 -5.67
CA GLY A 757 -1.01 -18.07 -4.85
C GLY A 757 -2.09 -19.04 -5.28
N SER A 758 -2.68 -19.69 -4.30
CA SER A 758 -3.63 -20.77 -4.54
C SER A 758 -5.04 -20.33 -4.19
N PHE A 759 -5.34 -19.05 -4.36
CA PHE A 759 -6.69 -18.60 -4.12
C PHE A 759 -7.71 -19.31 -5.01
N CYS A 760 -7.42 -19.46 -6.29
CA CYS A 760 -8.38 -20.14 -7.15
C CYS A 760 -8.57 -21.60 -6.78
N THR A 761 -7.50 -22.30 -6.45
CA THR A 761 -7.65 -23.69 -6.04
C THR A 761 -8.54 -23.82 -4.82
N GLN A 762 -8.29 -23.02 -3.80
CA GLN A 762 -9.11 -23.08 -2.60
C GLN A 762 -10.55 -22.78 -2.91
N LEU A 763 -10.78 -21.79 -3.76
CA LEU A 763 -12.15 -21.41 -4.06
C LEU A 763 -12.88 -22.55 -4.75
N LYS A 764 -12.23 -23.19 -5.73
CA LYS A 764 -12.88 -24.30 -6.41
C LYS A 764 -13.17 -25.43 -5.45
N ARG A 765 -12.24 -25.72 -4.55
CA ARG A 765 -12.47 -26.77 -3.57
C ARG A 765 -13.66 -26.46 -2.68
N ALA A 766 -13.77 -25.24 -2.19
CA ALA A 766 -14.88 -24.92 -1.30
C ALA A 766 -16.22 -25.05 -2.00
N LEU A 767 -16.30 -24.58 -3.24
CA LEU A 767 -17.59 -24.65 -3.90
C LEU A 767 -17.98 -26.08 -4.22
N THR A 768 -17.02 -26.90 -4.64
CA THR A 768 -17.36 -28.30 -4.88
C THR A 768 -17.83 -28.98 -3.61
N GLY A 769 -17.23 -28.65 -2.47
CA GLY A 769 -17.73 -29.22 -1.23
C GLY A 769 -19.17 -28.86 -0.96
N ILE A 770 -19.53 -27.60 -1.23
CA ILE A 770 -20.92 -27.20 -1.04
C ILE A 770 -21.86 -28.00 -1.93
N ALA A 771 -21.48 -28.21 -3.19
CA ALA A 771 -22.36 -28.94 -4.10
C ALA A 771 -22.59 -30.36 -3.63
N VAL A 772 -21.51 -31.07 -3.30
CA VAL A 772 -21.71 -32.44 -2.85
C VAL A 772 -22.55 -32.50 -1.59
N GLU A 773 -22.44 -31.48 -0.76
CA GLU A 773 -23.26 -31.49 0.44
C GLU A 773 -24.72 -31.35 0.10
N GLN A 774 -25.06 -30.51 -0.88
CA GLN A 774 -26.47 -30.37 -1.24
C GLN A 774 -27.06 -31.71 -1.66
N ASP A 775 -26.33 -32.45 -2.46
CA ASP A 775 -26.84 -33.76 -2.85
C ASP A 775 -27.03 -34.66 -1.65
N LYS A 776 -26.07 -34.64 -0.73
CA LYS A 776 -26.22 -35.49 0.44
C LYS A 776 -27.41 -35.09 1.28
N ASN A 777 -27.75 -33.80 1.35
CA ASN A 777 -28.93 -33.41 2.12
C ASN A 777 -30.18 -34.02 1.54
N THR A 778 -30.37 -33.91 0.23
CA THR A 778 -31.55 -34.56 -0.34
C THR A 778 -31.58 -36.04 -0.05
N GLN A 779 -30.44 -36.72 -0.18
CA GLN A 779 -30.41 -38.16 0.08
C GLN A 779 -30.82 -38.46 1.50
N GLU A 780 -30.20 -37.80 2.48
CA GLU A 780 -30.52 -38.07 3.88
C GLU A 780 -31.97 -37.81 4.20
N VAL A 781 -32.59 -36.83 3.57
CA VAL A 781 -33.98 -36.55 3.93
C VAL A 781 -34.91 -37.57 3.34
N PHE A 782 -34.82 -37.79 2.03
CA PHE A 782 -35.87 -38.55 1.34
C PHE A 782 -35.61 -40.03 1.24
N ALA A 783 -34.36 -40.44 1.01
CA ALA A 783 -34.03 -41.85 0.79
C ALA A 783 -33.90 -42.64 2.08
N GLN A 784 -34.95 -42.62 2.88
CA GLN A 784 -34.91 -43.40 4.10
C GLN A 784 -35.44 -44.81 3.92
N VAL A 785 -36.44 -44.97 3.12
CA VAL A 785 -37.02 -46.27 2.86
C VAL A 785 -36.16 -47.01 1.85
N LYS A 786 -36.05 -48.32 2.01
CA LYS A 786 -35.18 -49.07 1.10
C LYS A 786 -35.92 -49.61 -0.11
N GLN A 787 -37.17 -50.04 0.05
CA GLN A 787 -37.96 -50.62 -1.02
C GLN A 787 -39.13 -49.73 -1.40
N ILE A 788 -39.39 -49.60 -2.69
CA ILE A 788 -40.47 -48.74 -3.16
C ILE A 788 -41.78 -49.50 -3.02
N TYR A 789 -42.56 -49.18 -1.99
CA TYR A 789 -43.83 -49.82 -1.75
C TYR A 789 -44.93 -49.31 -2.66
N LYS A 790 -45.68 -50.22 -3.26
CA LYS A 790 -46.75 -49.85 -4.17
C LYS A 790 -48.07 -49.79 -3.45
N THR A 791 -48.94 -48.92 -3.91
CA THR A 791 -50.30 -48.70 -3.42
C THR A 791 -51.23 -49.78 -3.98
N PRO A 792 -52.11 -50.36 -3.18
CA PRO A 792 -53.03 -51.38 -3.72
C PRO A 792 -53.97 -50.75 -4.72
N PRO A 793 -54.55 -51.55 -5.64
CA PRO A 793 -55.44 -50.93 -6.63
C PRO A 793 -56.79 -50.53 -6.09
N ILE A 794 -57.43 -51.36 -5.27
CA ILE A 794 -58.71 -51.02 -4.66
C ILE A 794 -58.40 -50.05 -3.52
N LYS A 795 -58.60 -48.76 -3.78
CA LYS A 795 -58.24 -47.70 -2.84
C LYS A 795 -59.34 -47.36 -1.83
N TYR A 796 -59.79 -48.35 -1.08
CA TYR A 796 -60.77 -48.12 -0.03
C TYR A 796 -60.13 -48.41 1.31
N PHE A 797 -60.05 -47.39 2.17
CA PHE A 797 -59.38 -47.48 3.46
C PHE A 797 -60.29 -47.14 4.62
N GLY A 798 -61.52 -47.60 4.58
CA GLY A 798 -62.43 -47.36 5.67
C GLY A 798 -62.93 -45.95 5.76
N GLY A 799 -63.36 -45.36 4.65
CA GLY A 799 -63.89 -44.03 4.62
C GLY A 799 -62.88 -42.90 4.46
N PHE A 800 -61.63 -43.12 4.78
CA PHE A 800 -60.66 -42.06 4.63
C PHE A 800 -60.40 -41.85 3.14
N ASN A 801 -60.25 -40.61 2.72
CA ASN A 801 -60.07 -40.28 1.30
C ASN A 801 -58.72 -39.65 1.02
N PHE A 802 -57.76 -40.48 0.61
CA PHE A 802 -56.41 -40.05 0.28
C PHE A 802 -56.23 -39.62 -1.16
N SER A 803 -57.29 -39.36 -1.91
CA SER A 803 -57.10 -39.01 -3.31
C SER A 803 -56.27 -37.77 -3.49
N GLN A 804 -56.34 -36.84 -2.56
CA GLN A 804 -55.60 -35.60 -2.70
C GLN A 804 -54.12 -35.74 -2.49
N ILE A 805 -53.65 -36.82 -1.88
CA ILE A 805 -52.22 -36.98 -1.64
C ILE A 805 -51.58 -38.12 -2.41
N LEU A 806 -52.33 -39.12 -2.82
CA LEU A 806 -51.72 -40.20 -3.56
C LEU A 806 -51.42 -39.72 -4.98
N PRO A 807 -50.43 -40.32 -5.64
CA PRO A 807 -50.09 -39.84 -6.98
C PRO A 807 -51.21 -40.05 -7.97
N ASP A 808 -51.32 -39.08 -8.90
CA ASP A 808 -52.35 -39.08 -9.92
C ASP A 808 -51.84 -39.76 -11.18
N PRO A 809 -52.38 -40.92 -11.55
CA PRO A 809 -51.91 -41.60 -12.77
C PRO A 809 -52.25 -40.87 -14.04
N SER A 810 -53.19 -39.92 -14.02
CA SER A 810 -53.56 -39.22 -15.23
C SER A 810 -52.43 -38.36 -15.77
N LYS A 811 -51.95 -37.41 -14.97
CA LYS A 811 -50.91 -36.53 -15.45
C LYS A 811 -49.61 -37.30 -15.64
N PRO A 812 -48.79 -36.89 -16.61
CA PRO A 812 -47.54 -37.63 -16.87
C PRO A 812 -46.51 -37.49 -15.76
N SER A 813 -46.46 -36.35 -15.08
CA SER A 813 -45.47 -36.21 -14.02
C SER A 813 -45.77 -37.09 -12.82
N LYS A 814 -47.00 -37.58 -12.71
CA LYS A 814 -47.37 -38.49 -11.63
C LYS A 814 -47.20 -37.87 -10.25
N ARG A 815 -47.49 -36.59 -10.14
CA ARG A 815 -47.45 -35.89 -8.87
C ARG A 815 -48.87 -35.77 -8.35
N SER A 816 -49.04 -35.84 -7.05
CA SER A 816 -50.36 -35.65 -6.47
C SER A 816 -50.89 -34.27 -6.79
N PRO A 817 -52.18 -34.03 -6.62
CA PRO A 817 -52.68 -32.68 -6.85
C PRO A 817 -52.08 -31.63 -5.94
N ILE A 818 -51.88 -31.93 -4.66
CA ILE A 818 -51.24 -30.95 -3.79
C ILE A 818 -49.82 -30.66 -4.25
N GLU A 819 -49.13 -31.69 -4.69
CA GLU A 819 -47.78 -31.50 -5.18
C GLU A 819 -47.78 -30.62 -6.41
N ASP A 820 -48.78 -30.77 -7.28
CA ASP A 820 -48.90 -29.88 -8.44
C ASP A 820 -49.11 -28.45 -8.00
N LEU A 821 -49.98 -28.25 -7.03
CA LEU A 821 -50.22 -26.90 -6.54
C LEU A 821 -48.94 -26.28 -6.00
N LEU A 822 -48.16 -27.07 -5.27
CA LEU A 822 -46.89 -26.58 -4.76
C LEU A 822 -45.92 -26.24 -5.86
N PHE A 823 -45.85 -27.07 -6.89
CA PHE A 823 -44.89 -26.78 -7.94
C PHE A 823 -45.28 -25.53 -8.70
N ASN A 824 -46.55 -25.24 -8.79
CA ASN A 824 -46.92 -24.04 -9.53
C ASN A 824 -46.80 -22.79 -8.67
N LYS A 825 -46.94 -22.92 -7.34
CA LYS A 825 -46.93 -21.72 -6.50
C LYS A 825 -45.55 -21.09 -6.42
N VAL A 826 -44.50 -21.89 -6.51
CA VAL A 826 -43.12 -21.41 -6.40
C VAL A 826 -42.40 -21.68 -7.70
N THR A 827 -41.63 -20.71 -8.18
CA THR A 827 -40.91 -20.93 -9.42
C THR A 827 -39.50 -20.40 -9.29
N LEU A 828 -38.68 -20.73 -10.28
CA LEU A 828 -37.30 -20.31 -10.30
C LEU A 828 -37.23 -18.81 -10.53
N PHE A 855 -21.74 -16.21 -21.06
CA PHE A 855 -21.56 -15.96 -19.64
C PHE A 855 -20.28 -15.36 -19.27
N ASN A 856 -20.11 -15.20 -17.97
CA ASN A 856 -18.88 -14.71 -17.42
C ASN A 856 -18.31 -15.71 -16.42
N GLY A 857 -18.42 -17.00 -16.70
CA GLY A 857 -17.85 -17.97 -15.81
C GLY A 857 -18.73 -18.55 -14.73
N LEU A 858 -20.02 -18.23 -14.70
CA LEU A 858 -20.90 -18.73 -13.65
C LEU A 858 -21.87 -19.75 -14.20
N THR A 859 -21.91 -20.92 -13.59
CA THR A 859 -22.77 -22.00 -14.04
C THR A 859 -23.49 -22.67 -12.89
N VAL A 860 -24.71 -23.10 -13.13
CA VAL A 860 -25.54 -23.80 -12.16
C VAL A 860 -25.57 -25.27 -12.54
N LEU A 861 -25.18 -26.08 -11.70
CA LEU A 861 -25.17 -27.50 -11.99
C LEU A 861 -26.52 -28.12 -11.63
N PRO A 862 -26.95 -29.19 -12.27
CA PRO A 862 -28.24 -29.76 -11.95
C PRO A 862 -28.16 -30.66 -10.73
N PRO A 863 -29.28 -30.93 -10.07
CA PRO A 863 -29.28 -31.85 -8.95
C PRO A 863 -29.24 -33.29 -9.43
N LEU A 864 -28.80 -34.17 -8.54
CA LEU A 864 -28.70 -35.58 -8.91
C LEU A 864 -30.06 -36.27 -9.01
N LEU A 865 -30.92 -36.10 -8.03
CA LEU A 865 -32.24 -36.69 -8.07
C LEU A 865 -33.22 -35.77 -8.80
N THR A 866 -33.77 -36.23 -9.91
CA THR A 866 -34.69 -35.35 -10.58
C THR A 866 -35.99 -35.29 -9.80
N ASP A 867 -36.84 -34.35 -10.19
CA ASP A 867 -38.12 -34.17 -9.50
C ASP A 867 -38.99 -35.42 -9.54
N GLU A 868 -39.00 -36.13 -10.66
CA GLU A 868 -39.83 -37.31 -10.73
C GLU A 868 -39.37 -38.35 -9.71
N MET A 869 -38.06 -38.55 -9.58
CA MET A 869 -37.59 -39.57 -8.65
C MET A 869 -37.87 -39.18 -7.22
N ILE A 870 -37.80 -37.91 -6.89
CA ILE A 870 -38.15 -37.49 -5.54
C ILE A 870 -39.62 -37.76 -5.29
N ALA A 871 -40.46 -37.51 -6.28
CA ALA A 871 -41.86 -37.81 -6.08
C ALA A 871 -42.09 -39.30 -5.90
N GLN A 872 -41.30 -40.12 -6.56
CA GLN A 872 -41.43 -41.56 -6.35
C GLN A 872 -41.05 -41.97 -4.94
N TYR A 873 -39.98 -41.39 -4.40
CA TYR A 873 -39.63 -41.70 -3.02
C TYR A 873 -40.75 -41.30 -2.07
N THR A 874 -41.32 -40.12 -2.28
CA THR A 874 -42.41 -39.68 -1.43
C THR A 874 -43.60 -40.61 -1.51
N SER A 875 -43.94 -41.06 -2.71
CA SER A 875 -45.07 -41.98 -2.81
C SER A 875 -44.77 -43.29 -2.11
N ALA A 876 -43.52 -43.72 -2.12
CA ALA A 876 -43.18 -44.93 -1.38
C ALA A 876 -43.46 -44.75 0.10
N LEU A 877 -43.06 -43.63 0.65
CA LEU A 877 -43.34 -43.40 2.06
C LEU A 877 -44.83 -43.38 2.35
N LEU A 878 -45.62 -42.75 1.48
CA LEU A 878 -47.05 -42.74 1.71
C LEU A 878 -47.67 -44.12 1.68
N ALA A 879 -47.34 -44.93 0.67
CA ALA A 879 -47.93 -46.26 0.63
C ALA A 879 -47.53 -47.08 1.83
N GLY A 880 -46.27 -47.00 2.23
CA GLY A 880 -45.85 -47.74 3.40
C GLY A 880 -46.62 -47.34 4.63
N THR A 881 -46.73 -46.04 4.89
CA THR A 881 -47.42 -45.60 6.11
C THR A 881 -48.90 -45.89 6.06
N ILE A 882 -49.48 -45.97 4.87
CA ILE A 882 -50.92 -46.20 4.82
C ILE A 882 -51.24 -47.65 5.04
N THR A 883 -50.37 -48.56 4.62
CA THR A 883 -50.75 -49.97 4.71
C THR A 883 -50.12 -50.70 5.88
N SER A 884 -49.05 -50.17 6.47
CA SER A 884 -48.32 -50.92 7.48
C SER A 884 -47.98 -50.13 8.74
N GLY A 885 -48.38 -48.88 8.83
CA GLY A 885 -48.14 -48.04 9.99
C GLY A 885 -46.68 -47.76 10.26
N TRP A 886 -46.28 -47.82 11.53
CA TRP A 886 -44.88 -47.54 11.84
C TRP A 886 -43.96 -48.67 11.47
N THR A 887 -44.47 -49.87 11.31
CA THR A 887 -43.62 -51.04 11.26
C THR A 887 -42.66 -51.00 10.10
N PHE A 888 -43.05 -50.41 9.00
CA PHE A 888 -42.14 -50.44 7.86
C PHE A 888 -40.86 -49.68 8.13
N GLY A 889 -40.78 -48.94 9.22
CA GLY A 889 -39.57 -48.21 9.53
C GLY A 889 -38.64 -48.95 10.46
N ALA A 890 -39.16 -50.01 11.09
CA ALA A 890 -38.40 -50.81 12.03
C ALA A 890 -37.96 -52.15 11.48
N GLY A 891 -38.40 -52.53 10.28
CA GLY A 891 -38.02 -53.78 9.70
C GLY A 891 -38.98 -54.21 8.60
N PRO A 892 -39.43 -55.46 8.62
CA PRO A 892 -40.34 -55.93 7.58
C PRO A 892 -41.71 -55.27 7.70
N ALA A 893 -42.22 -54.74 6.60
CA ALA A 893 -43.51 -54.08 6.60
C ALA A 893 -44.63 -55.08 6.79
N LEU A 894 -45.41 -54.92 7.86
CA LEU A 894 -46.55 -55.79 8.18
C LEU A 894 -47.86 -55.08 7.91
N GLN A 895 -48.69 -55.64 7.02
CA GLN A 895 -49.97 -55.00 6.70
C GLN A 895 -50.97 -55.09 7.85
N ILE A 896 -51.73 -54.02 8.02
CA ILE A 896 -52.76 -53.89 9.06
C ILE A 896 -53.89 -53.03 8.52
N PRO A 897 -55.15 -53.38 8.75
CA PRO A 897 -56.27 -52.55 8.29
C PRO A 897 -56.16 -51.13 8.80
N PHE A 898 -56.48 -50.16 7.94
CA PHE A 898 -56.30 -48.77 8.35
C PHE A 898 -57.14 -48.31 9.55
N PRO A 899 -58.39 -48.69 9.73
CA PRO A 899 -59.05 -48.30 10.97
C PRO A 899 -58.35 -48.84 12.18
N MET A 900 -57.83 -50.05 12.15
CA MET A 900 -57.10 -50.52 13.32
C MET A 900 -55.82 -49.74 13.52
N GLN A 901 -55.20 -49.28 12.47
CA GLN A 901 -54.01 -48.49 12.71
C GLN A 901 -54.37 -47.21 13.41
N MET A 902 -55.41 -46.53 12.96
CA MET A 902 -55.78 -45.33 13.69
C MET A 902 -56.26 -45.62 15.10
N ALA A 903 -56.84 -46.79 15.35
CA ALA A 903 -57.18 -47.10 16.72
C ALA A 903 -55.93 -47.24 17.57
N TYR A 904 -54.91 -47.90 17.05
CA TYR A 904 -53.61 -47.91 17.73
C TYR A 904 -53.16 -46.51 18.09
N ARG A 905 -53.19 -45.58 17.15
CA ARG A 905 -52.67 -44.24 17.46
C ARG A 905 -53.54 -43.51 18.48
N PHE A 906 -54.85 -43.66 18.40
CA PHE A 906 -55.74 -43.10 19.41
C PHE A 906 -55.35 -43.62 20.78
N ASN A 907 -55.19 -44.93 20.89
CA ASN A 907 -54.67 -45.49 22.11
C ASN A 907 -53.36 -44.85 22.50
N GLY A 908 -52.54 -44.54 21.52
CA GLY A 908 -51.27 -43.90 21.80
C GLY A 908 -51.35 -42.57 22.51
N ILE A 909 -52.41 -41.79 22.27
CA ILE A 909 -52.54 -40.50 22.96
C ILE A 909 -53.43 -40.62 24.19
N GLY A 910 -53.61 -41.80 24.74
CA GLY A 910 -54.34 -41.92 25.97
C GLY A 910 -55.85 -41.94 25.89
N VAL A 911 -56.42 -42.17 24.72
CA VAL A 911 -57.86 -42.30 24.55
C VAL A 911 -58.16 -43.73 24.14
N THR A 912 -59.09 -44.38 24.84
CA THR A 912 -59.38 -45.77 24.54
C THR A 912 -59.97 -45.90 23.15
N GLN A 913 -59.64 -47.00 22.48
CA GLN A 913 -60.01 -47.25 21.09
C GLN A 913 -61.49 -47.40 20.82
N ASN A 914 -62.27 -47.72 21.82
CA ASN A 914 -63.70 -47.77 21.58
C ASN A 914 -64.20 -46.44 21.12
N VAL A 915 -63.52 -45.37 21.51
CA VAL A 915 -63.87 -44.05 21.00
C VAL A 915 -63.72 -43.96 19.50
N LEU A 916 -62.76 -44.68 18.91
CA LEU A 916 -62.65 -44.60 17.45
C LEU A 916 -63.67 -45.49 16.75
N TYR A 917 -63.90 -46.69 17.25
CA TYR A 917 -64.83 -47.53 16.50
C TYR A 917 -66.25 -47.03 16.56
N GLU A 918 -66.57 -46.19 17.52
CA GLU A 918 -67.91 -45.66 17.65
C GLU A 918 -68.09 -44.36 16.91
N ASN A 919 -67.03 -43.78 16.39
CA ASN A 919 -67.13 -42.52 15.69
C ASN A 919 -66.34 -42.58 14.42
N GLN A 920 -66.19 -43.78 13.86
CA GLN A 920 -65.47 -43.92 12.62
C GLN A 920 -66.03 -43.02 11.52
N LYS A 921 -67.36 -42.99 11.37
CA LYS A 921 -67.94 -42.19 10.29
C LYS A 921 -67.63 -40.71 10.47
N LEU A 922 -67.90 -40.20 11.66
CA LEU A 922 -67.66 -38.79 11.92
C LEU A 922 -66.19 -38.43 11.78
N ILE A 923 -65.32 -39.30 12.27
CA ILE A 923 -63.89 -39.01 12.20
C ILE A 923 -63.43 -38.98 10.75
N ALA A 924 -63.91 -39.93 9.95
CA ALA A 924 -63.50 -39.95 8.56
C ALA A 924 -63.96 -38.71 7.85
N ASN A 925 -65.18 -38.24 8.13
CA ASN A 925 -65.64 -37.01 7.51
C ASN A 925 -64.80 -35.82 7.92
N GLN A 926 -64.44 -35.72 9.19
CA GLN A 926 -63.61 -34.58 9.58
C GLN A 926 -62.26 -34.64 8.89
N PHE A 927 -61.67 -35.82 8.80
CA PHE A 927 -60.39 -35.91 8.12
C PHE A 927 -60.50 -35.53 6.65
N ASN A 928 -61.55 -36.00 5.97
CA ASN A 928 -61.71 -35.63 4.57
C ASN A 928 -61.89 -34.14 4.40
N SER A 929 -62.71 -33.52 5.25
CA SER A 929 -62.91 -32.08 5.15
C SER A 929 -61.63 -31.31 5.38
N ALA A 930 -60.82 -31.73 6.36
CA ALA A 930 -59.58 -30.99 6.61
C ALA A 930 -58.65 -31.09 5.43
N ILE A 931 -58.52 -32.29 4.86
CA ILE A 931 -57.64 -32.41 3.71
C ILE A 931 -58.17 -31.58 2.57
N GLY A 932 -59.48 -31.48 2.45
CA GLY A 932 -60.01 -30.67 1.36
C GLY A 932 -59.75 -29.20 1.55
N LYS A 933 -59.85 -28.70 2.77
CA LYS A 933 -59.59 -27.28 2.95
C LYS A 933 -58.13 -26.92 2.84
N ILE A 934 -57.23 -27.89 3.02
CA ILE A 934 -55.80 -27.57 2.88
C ILE A 934 -55.46 -27.03 1.51
N GLN A 935 -55.96 -27.66 0.48
CA GLN A 935 -55.63 -27.23 -0.88
C GLN A 935 -56.16 -25.84 -1.16
N ASP A 936 -57.41 -25.56 -0.77
CA ASP A 936 -57.97 -24.24 -0.97
C ASP A 936 -57.16 -23.19 -0.23
N SER A 937 -56.74 -23.50 0.99
CA SER A 937 -55.94 -22.55 1.74
C SER A 937 -54.62 -22.28 1.05
N LEU A 938 -53.95 -23.32 0.58
CA LEU A 938 -52.68 -23.09 -0.11
C LEU A 938 -52.87 -22.26 -1.37
N SER A 939 -53.99 -22.45 -2.08
CA SER A 939 -54.15 -21.70 -3.32
C SER A 939 -54.55 -20.25 -3.06
N SER A 940 -55.36 -19.99 -2.04
CA SER A 940 -55.77 -18.62 -1.80
C SER A 940 -54.71 -17.83 -1.05
N THR A 941 -53.90 -18.50 -0.26
CA THR A 941 -52.87 -17.80 0.49
C THR A 941 -51.82 -17.28 -0.49
N PRO A 942 -51.45 -16.02 -0.40
CA PRO A 942 -50.49 -15.47 -1.36
C PRO A 942 -49.03 -15.81 -1.11
N SER A 943 -48.64 -15.99 0.16
CA SER A 943 -47.25 -16.19 0.53
C SER A 943 -47.09 -17.36 1.49
N ALA A 944 -47.71 -18.48 1.17
CA ALA A 944 -47.57 -19.66 2.01
C ALA A 944 -46.19 -20.30 1.89
N LEU A 945 -45.58 -20.23 0.71
CA LEU A 945 -44.26 -20.80 0.42
C LEU A 945 -43.15 -19.78 0.52
N GLY A 946 -43.25 -18.86 1.47
CA GLY A 946 -42.24 -17.82 1.57
C GLY A 946 -40.82 -18.31 1.75
N LYS A 947 -40.62 -19.38 2.52
CA LYS A 947 -39.26 -19.81 2.81
C LYS A 947 -38.50 -20.31 1.59
N LEU A 948 -39.10 -21.21 0.82
CA LEU A 948 -38.41 -21.72 -0.35
C LEU A 948 -38.13 -20.61 -1.34
N GLN A 949 -39.10 -19.74 -1.55
CA GLN A 949 -38.90 -18.62 -2.45
C GLN A 949 -37.77 -17.74 -1.95
N ASP A 950 -37.63 -17.61 -0.64
CA ASP A 950 -36.58 -16.76 -0.10
C ASP A 950 -35.22 -17.35 -0.37
N VAL A 951 -35.09 -18.66 -0.27
CA VAL A 951 -33.81 -19.28 -0.61
C VAL A 951 -33.44 -18.98 -2.05
N VAL A 952 -34.41 -19.17 -2.94
CA VAL A 952 -34.13 -18.94 -4.36
C VAL A 952 -33.72 -17.50 -4.61
N ASN A 953 -34.44 -16.55 -4.02
CA ASN A 953 -34.12 -15.16 -4.27
C ASN A 953 -32.76 -14.78 -3.73
N HIS A 954 -32.37 -15.31 -2.57
CA HIS A 954 -31.05 -14.97 -2.06
C HIS A 954 -29.95 -15.44 -2.99
N ASN A 955 -30.05 -16.68 -3.46
CA ASN A 955 -29.00 -17.13 -4.36
C ASN A 955 -28.96 -16.28 -5.62
N ALA A 956 -30.13 -15.99 -6.20
CA ALA A 956 -30.16 -15.19 -7.41
C ALA A 956 -29.56 -13.82 -7.19
N GLN A 957 -29.89 -13.19 -6.08
CA GLN A 957 -29.36 -11.87 -5.79
C GLN A 957 -27.86 -11.89 -5.61
N ALA A 958 -27.33 -12.93 -4.97
CA ALA A 958 -25.88 -13.02 -4.82
C ALA A 958 -25.21 -13.08 -6.17
N LEU A 959 -25.68 -13.95 -7.06
CA LEU A 959 -25.05 -13.99 -8.37
C LEU A 959 -25.20 -12.68 -9.11
N ASN A 960 -26.35 -12.03 -8.99
CA ASN A 960 -26.54 -10.78 -9.69
C ASN A 960 -25.53 -9.74 -9.25
N THR A 961 -25.34 -9.58 -7.95
CA THR A 961 -24.39 -8.57 -7.53
C THR A 961 -22.98 -8.95 -7.93
N LEU A 962 -22.68 -10.24 -7.93
CA LEU A 962 -21.35 -10.64 -8.37
C LEU A 962 -21.11 -10.28 -9.82
N VAL A 963 -22.13 -10.41 -10.65
CA VAL A 963 -21.96 -10.04 -12.06
C VAL A 963 -21.87 -8.54 -12.22
N LYS A 964 -22.64 -7.80 -11.44
CA LYS A 964 -22.62 -6.34 -11.59
C LYS A 964 -21.30 -5.75 -11.16
N GLN A 965 -20.66 -6.35 -10.18
CA GLN A 965 -19.41 -5.80 -9.72
C GLN A 965 -18.31 -5.86 -10.75
N LEU A 966 -18.53 -6.42 -11.93
CA LEU A 966 -17.49 -6.37 -12.94
C LEU A 966 -17.36 -4.98 -13.52
N SER A 967 -18.39 -4.17 -13.45
CA SER A 967 -18.32 -2.86 -14.05
C SER A 967 -17.49 -1.86 -13.26
N SER A 968 -17.30 -2.05 -11.96
CA SER A 968 -16.55 -1.09 -11.18
C SER A 968 -15.11 -1.04 -11.66
N LYS A 969 -14.51 0.15 -11.61
CA LYS A 969 -13.13 0.31 -12.04
C LYS A 969 -12.05 0.06 -11.00
N PHE A 970 -12.34 0.21 -9.72
CA PHE A 970 -11.36 0.00 -8.66
C PHE A 970 -10.14 0.90 -8.80
N GLY A 971 -10.25 2.01 -9.49
CA GLY A 971 -9.12 2.89 -9.65
C GLY A 971 -8.39 2.78 -10.97
N ALA A 972 -8.61 1.73 -11.73
CA ALA A 972 -7.95 1.63 -13.02
C ALA A 972 -8.60 2.59 -14.00
N ILE A 973 -7.87 2.92 -15.06
CA ILE A 973 -8.39 3.86 -16.05
C ILE A 973 -9.58 3.31 -16.81
N SER A 974 -9.82 2.01 -16.77
CA SER A 974 -10.98 1.48 -17.46
C SER A 974 -11.27 0.09 -16.93
N SER A 975 -12.51 -0.34 -17.10
CA SER A 975 -12.91 -1.59 -16.51
C SER A 975 -12.69 -2.78 -17.42
N VAL A 976 -12.74 -2.61 -18.71
CA VAL A 976 -12.57 -3.75 -19.60
C VAL A 976 -11.09 -4.02 -19.84
N LEU A 977 -10.70 -5.28 -19.81
CA LEU A 977 -9.29 -5.62 -19.94
C LEU A 977 -8.75 -5.31 -21.31
N ASN A 978 -9.58 -5.41 -22.34
CA ASN A 978 -9.09 -5.25 -23.69
C ASN A 978 -8.52 -3.86 -23.94
N ASP A 979 -9.24 -2.82 -23.51
CA ASP A 979 -8.69 -1.49 -23.68
C ASP A 979 -7.41 -1.31 -22.90
N ILE A 980 -7.38 -1.80 -21.66
CA ILE A 980 -6.16 -1.67 -20.88
C ILE A 980 -5.00 -2.27 -21.63
N LEU A 981 -5.21 -3.44 -22.22
CA LEU A 981 -4.14 -4.12 -22.94
C LEU A 981 -3.93 -3.56 -24.33
N SER A 982 -4.83 -2.72 -24.81
CA SER A 982 -4.71 -2.15 -26.14
C SER A 982 -3.93 -0.86 -26.11
N ARG A 983 -4.38 0.10 -25.31
CA ARG A 983 -3.81 1.44 -25.32
C ARG A 983 -2.74 1.63 -24.28
N LEU A 984 -1.96 0.61 -23.94
CA LEU A 984 -0.89 0.85 -22.99
C LEU A 984 0.21 -0.19 -23.14
N ASP A 985 1.43 0.25 -22.88
CA ASP A 985 2.57 -0.63 -22.95
C ASP A 985 2.55 -1.59 -21.78
N PRO A 986 3.26 -2.71 -21.87
CA PRO A 986 3.21 -3.71 -20.80
C PRO A 986 3.69 -3.20 -19.45
N PRO A 987 4.76 -2.41 -19.38
CA PRO A 987 5.20 -1.95 -18.04
C PRO A 987 4.16 -1.17 -17.26
N GLU A 988 3.43 -0.27 -17.91
CA GLU A 988 2.39 0.45 -17.18
C GLU A 988 1.11 -0.36 -17.08
N ALA A 989 0.84 -1.22 -18.06
CA ALA A 989 -0.32 -2.09 -17.97
C ALA A 989 -0.24 -3.02 -16.78
N GLU A 990 0.95 -3.38 -16.33
CA GLU A 990 1.04 -4.23 -15.14
C GLU A 990 0.41 -3.57 -13.93
N VAL A 991 0.80 -2.34 -13.64
CA VAL A 991 0.24 -1.70 -12.46
C VAL A 991 -1.19 -1.29 -12.70
N GLN A 992 -1.62 -1.14 -13.96
CA GLN A 992 -3.03 -0.90 -14.16
C GLN A 992 -3.89 -2.17 -14.08
N ILE A 993 -3.30 -3.35 -14.22
CA ILE A 993 -4.07 -4.58 -14.13
C ILE A 993 -4.07 -5.13 -12.71
N ASP A 994 -3.06 -4.80 -11.91
CA ASP A 994 -3.08 -5.15 -10.52
C ASP A 994 -4.34 -4.71 -9.81
N ARG A 995 -4.79 -3.50 -10.07
CA ARG A 995 -5.97 -3.02 -9.36
C ARG A 995 -7.19 -3.87 -9.68
N LEU A 996 -7.41 -4.16 -10.96
CA LEU A 996 -8.57 -4.99 -11.30
C LEU A 996 -8.47 -6.35 -10.66
N ILE A 997 -7.30 -6.97 -10.72
CA ILE A 997 -7.17 -8.28 -10.11
C ILE A 997 -7.52 -8.23 -8.64
N THR A 998 -6.91 -7.33 -7.88
CA THR A 998 -7.16 -7.36 -6.45
C THR A 998 -8.62 -7.09 -6.14
N GLY A 999 -9.25 -6.18 -6.86
CA GLY A 999 -10.63 -5.88 -6.56
C GLY A 999 -11.55 -7.05 -6.87
N ARG A 1000 -11.39 -7.66 -8.03
CA ARG A 1000 -12.27 -8.75 -8.39
C ARG A 1000 -12.01 -9.97 -7.52
N LEU A 1001 -10.77 -10.18 -7.12
CA LEU A 1001 -10.48 -11.28 -6.24
C LEU A 1001 -11.12 -11.10 -4.88
N GLN A 1002 -11.11 -9.88 -4.35
CA GLN A 1002 -11.79 -9.67 -3.07
C GLN A 1002 -13.30 -9.86 -3.19
N SER A 1003 -13.90 -9.41 -4.28
CA SER A 1003 -15.34 -9.61 -4.44
C SER A 1003 -15.69 -11.09 -4.48
N LEU A 1004 -14.91 -11.85 -5.23
CA LEU A 1004 -15.18 -13.27 -5.33
C LEU A 1004 -14.99 -13.95 -3.98
N GLN A 1005 -14.03 -13.46 -3.19
CA GLN A 1005 -13.81 -14.01 -1.86
C GLN A 1005 -15.00 -13.77 -0.95
N THR A 1006 -15.57 -12.58 -1.02
CA THR A 1006 -16.76 -12.30 -0.23
C THR A 1006 -17.90 -13.22 -0.61
N TYR A 1007 -18.10 -13.43 -1.89
CA TYR A 1007 -19.17 -14.31 -2.31
C TYR A 1007 -19.00 -15.71 -1.73
N VAL A 1008 -17.79 -16.25 -1.78
CA VAL A 1008 -17.61 -17.61 -1.28
C VAL A 1008 -17.85 -17.68 0.22
N THR A 1009 -17.45 -16.66 0.96
CA THR A 1009 -17.72 -16.73 2.39
C THR A 1009 -19.20 -16.68 2.70
N GLN A 1010 -19.93 -15.81 2.02
CA GLN A 1010 -21.37 -15.75 2.22
C GLN A 1010 -22.02 -17.10 1.92
N GLN A 1011 -21.56 -17.76 0.85
CA GLN A 1011 -22.15 -19.05 0.53
C GLN A 1011 -21.83 -20.12 1.55
N LEU A 1012 -20.65 -20.08 2.15
CA LEU A 1012 -20.38 -21.08 3.17
C LEU A 1012 -21.30 -20.91 4.36
N ILE A 1013 -21.52 -19.68 4.79
CA ILE A 1013 -22.43 -19.49 5.92
C ILE A 1013 -23.85 -19.95 5.57
N ARG A 1014 -24.35 -19.55 4.40
CA ARG A 1014 -25.71 -19.98 4.06
C ARG A 1014 -25.81 -21.48 3.95
N ALA A 1015 -24.77 -22.15 3.47
CA ALA A 1015 -24.85 -23.59 3.36
C ALA A 1015 -24.91 -24.24 4.73
N ALA A 1016 -24.20 -23.68 5.70
CA ALA A 1016 -24.34 -24.21 7.05
C ALA A 1016 -25.77 -24.07 7.55
N GLU A 1017 -26.39 -22.93 7.30
CA GLU A 1017 -27.78 -22.74 7.71
C GLU A 1017 -28.70 -23.78 7.06
N ILE A 1018 -28.55 -24.00 5.76
CA ILE A 1018 -29.43 -24.96 5.10
C ILE A 1018 -29.15 -26.38 5.58
N ARG A 1019 -27.90 -26.69 5.92
CA ARG A 1019 -27.63 -28.02 6.44
C ARG A 1019 -28.34 -28.23 7.76
N ALA A 1020 -28.34 -27.23 8.62
CA ALA A 1020 -29.11 -27.36 9.85
C ALA A 1020 -30.56 -27.65 9.55
N SER A 1021 -31.14 -26.90 8.61
CA SER A 1021 -32.53 -27.13 8.25
C SER A 1021 -32.76 -28.54 7.71
N ALA A 1022 -31.83 -29.06 6.92
CA ALA A 1022 -32.02 -30.38 6.36
C ALA A 1022 -31.97 -31.45 7.42
N ASN A 1023 -31.09 -31.28 8.41
CA ASN A 1023 -31.06 -32.21 9.53
C ASN A 1023 -32.37 -32.19 10.27
N LEU A 1024 -32.93 -31.01 10.50
CA LEU A 1024 -34.23 -30.97 11.14
C LEU A 1024 -35.29 -31.69 10.32
N ALA A 1025 -35.25 -31.52 9.00
CA ALA A 1025 -36.24 -32.18 8.17
C ALA A 1025 -36.11 -33.69 8.24
N ALA A 1026 -34.89 -34.20 8.26
CA ALA A 1026 -34.71 -35.65 8.36
C ALA A 1026 -35.23 -36.15 9.69
N THR A 1027 -34.95 -35.43 10.76
CA THR A 1027 -35.50 -35.82 12.05
C THR A 1027 -37.02 -35.84 12.03
N LYS A 1028 -37.65 -34.85 11.41
CA LYS A 1028 -39.10 -34.84 11.39
C LYS A 1028 -39.62 -36.00 10.59
N MET A 1029 -39.04 -36.28 9.44
CA MET A 1029 -39.41 -37.48 8.70
C MET A 1029 -39.37 -38.70 9.58
N SER A 1030 -38.22 -39.00 10.16
CA SER A 1030 -38.10 -40.21 10.97
C SER A 1030 -39.13 -40.26 12.08
N GLU A 1031 -39.29 -39.19 12.85
CA GLU A 1031 -40.11 -39.32 14.05
C GLU A 1031 -41.59 -39.17 13.78
N CYS A 1032 -42.00 -38.27 12.88
CA CYS A 1032 -43.42 -38.06 12.68
C CYS A 1032 -43.98 -38.96 11.59
N VAL A 1033 -43.25 -39.21 10.51
CA VAL A 1033 -43.83 -40.02 9.46
C VAL A 1033 -43.70 -41.49 9.78
N LEU A 1034 -42.50 -41.94 10.11
CA LEU A 1034 -42.24 -43.34 10.41
C LEU A 1034 -42.64 -43.74 11.80
N GLY A 1035 -43.35 -42.91 12.53
CA GLY A 1035 -43.76 -43.27 13.86
C GLY A 1035 -44.70 -42.24 14.40
N GLN A 1036 -44.83 -42.20 15.71
CA GLN A 1036 -45.71 -41.25 16.39
C GLN A 1036 -44.91 -40.63 17.50
N SER A 1037 -44.92 -39.30 17.60
CA SER A 1037 -44.05 -38.66 18.58
C SER A 1037 -44.84 -38.14 19.76
N LYS A 1038 -44.32 -38.37 20.95
CA LYS A 1038 -44.88 -37.80 22.16
C LYS A 1038 -44.26 -36.46 22.50
N ARG A 1039 -43.31 -35.98 21.72
CA ARG A 1039 -42.72 -34.68 22.00
C ARG A 1039 -43.77 -33.61 21.76
N VAL A 1040 -43.91 -32.70 22.71
CA VAL A 1040 -44.97 -31.72 22.65
C VAL A 1040 -44.67 -30.67 21.59
N ASP A 1041 -45.63 -30.48 20.69
CA ASP A 1041 -45.55 -29.40 19.72
C ASP A 1041 -44.32 -29.54 18.83
N PHE A 1042 -44.00 -30.75 18.45
CA PHE A 1042 -42.98 -31.02 17.45
C PHE A 1042 -43.60 -31.30 16.11
N CYS A 1043 -44.47 -32.28 16.04
CA CYS A 1043 -45.19 -32.59 14.81
C CYS A 1043 -46.56 -31.90 14.80
N GLY A 1044 -46.57 -30.58 14.87
CA GLY A 1044 -47.80 -29.82 14.84
C GLY A 1044 -48.37 -29.55 16.22
N LYS A 1045 -49.26 -28.57 16.29
CA LYS A 1045 -49.87 -28.16 17.55
C LYS A 1045 -51.03 -29.06 17.92
N GLY A 1046 -50.94 -29.72 19.06
CA GLY A 1046 -51.96 -30.65 19.50
C GLY A 1046 -51.39 -32.04 19.65
N TYR A 1047 -52.24 -32.94 20.11
CA TYR A 1047 -51.87 -34.34 20.27
C TYR A 1047 -51.65 -34.97 18.91
N HIS A 1048 -50.44 -35.39 18.62
CA HIS A 1048 -50.07 -35.84 17.29
C HIS A 1048 -50.59 -37.22 16.95
N LEU A 1049 -51.21 -37.36 15.76
CA LEU A 1049 -51.62 -38.66 15.23
C LEU A 1049 -50.68 -39.21 14.15
N MET A 1050 -50.46 -38.48 13.07
CA MET A 1050 -49.56 -38.95 12.02
C MET A 1050 -49.16 -37.79 11.12
N SER A 1051 -48.33 -38.04 10.13
CA SER A 1051 -47.92 -36.97 9.25
C SER A 1051 -47.63 -37.52 7.87
N PHE A 1052 -47.91 -36.73 6.84
CA PHE A 1052 -47.70 -37.12 5.45
C PHE A 1052 -46.73 -36.16 4.78
N PRO A 1053 -45.71 -36.64 4.10
CA PRO A 1053 -44.80 -35.72 3.43
C PRO A 1053 -45.23 -35.40 2.02
N GLN A 1054 -44.90 -34.19 1.58
CA GLN A 1054 -45.18 -33.83 0.20
C GLN A 1054 -43.98 -33.10 -0.35
N SER A 1055 -43.55 -33.47 -1.54
CA SER A 1055 -42.37 -32.84 -2.11
C SER A 1055 -42.66 -31.41 -2.51
N ALA A 1056 -41.65 -30.58 -2.50
CA ALA A 1056 -41.68 -29.20 -2.93
C ALA A 1056 -40.38 -28.98 -3.66
N PRO A 1057 -40.27 -27.92 -4.46
CA PRO A 1057 -39.04 -27.74 -5.24
C PRO A 1057 -37.75 -27.78 -4.45
N HIS A 1058 -37.71 -27.27 -3.24
CA HIS A 1058 -36.46 -27.31 -2.51
C HIS A 1058 -36.70 -27.69 -1.07
N GLY A 1059 -37.76 -28.39 -0.76
CA GLY A 1059 -38.00 -28.71 0.61
C GLY A 1059 -39.12 -29.69 0.74
N VAL A 1060 -39.62 -29.83 1.93
CA VAL A 1060 -40.70 -30.74 2.20
C VAL A 1060 -41.85 -29.98 2.82
N VAL A 1061 -43.04 -30.51 2.65
CA VAL A 1061 -44.25 -29.96 3.21
C VAL A 1061 -44.95 -31.05 3.98
N PHE A 1062 -44.93 -30.97 5.30
CA PHE A 1062 -45.54 -31.98 6.15
C PHE A 1062 -46.97 -31.64 6.48
N LEU A 1063 -47.88 -32.59 6.28
CA LEU A 1063 -49.29 -32.42 6.62
C LEU A 1063 -49.56 -33.10 7.95
N HIS A 1064 -49.22 -32.44 9.05
CA HIS A 1064 -49.40 -33.04 10.35
C HIS A 1064 -50.86 -33.22 10.71
N VAL A 1065 -51.27 -34.42 11.08
CA VAL A 1065 -52.64 -34.66 11.56
C VAL A 1065 -52.65 -34.71 13.07
N THR A 1066 -53.36 -33.78 13.70
CA THR A 1066 -53.39 -33.60 15.13
C THR A 1066 -54.79 -33.76 15.68
N TYR A 1067 -54.92 -34.23 16.90
CA TYR A 1067 -56.19 -34.39 17.59
C TYR A 1067 -56.32 -33.28 18.63
N VAL A 1068 -57.40 -32.50 18.55
CA VAL A 1068 -57.58 -31.35 19.43
C VAL A 1068 -58.92 -31.47 20.15
N PRO A 1069 -58.96 -31.44 21.47
CA PRO A 1069 -60.23 -31.48 22.19
C PRO A 1069 -61.04 -30.21 22.05
N ALA A 1070 -62.32 -30.30 22.40
CA ALA A 1070 -63.22 -29.16 22.32
C ALA A 1070 -64.49 -29.46 23.12
N GLN A 1071 -65.31 -28.43 23.32
CA GLN A 1071 -66.57 -28.54 24.04
C GLN A 1071 -66.43 -29.05 25.48
N GLU A 1072 -65.62 -28.34 26.29
CA GLU A 1072 -65.41 -28.77 27.66
C GLU A 1072 -66.60 -28.45 28.54
N LYS A 1073 -66.60 -29.04 29.74
CA LYS A 1073 -67.69 -28.88 30.68
C LYS A 1073 -67.15 -28.95 32.09
N ASN A 1074 -67.79 -28.24 33.02
CA ASN A 1074 -67.36 -28.22 34.41
C ASN A 1074 -67.77 -29.45 35.18
N PHE A 1075 -66.94 -29.82 36.14
CA PHE A 1075 -67.21 -30.97 36.98
C PHE A 1075 -66.58 -30.76 38.34
N THR A 1076 -67.09 -31.45 39.33
CA THR A 1076 -66.54 -31.45 40.67
C THR A 1076 -65.78 -32.74 40.93
N THR A 1077 -64.60 -32.64 41.57
CA THR A 1077 -63.74 -33.81 41.75
C THR A 1077 -63.15 -33.87 43.14
N ALA A 1078 -62.65 -35.05 43.48
CA ALA A 1078 -61.97 -35.30 44.73
C ALA A 1078 -60.80 -36.24 44.49
N PRO A 1079 -59.74 -36.13 45.29
CA PRO A 1079 -58.57 -36.96 45.03
C PRO A 1079 -58.74 -38.40 45.39
N ALA A 1080 -59.68 -38.75 46.24
CA ALA A 1080 -59.80 -40.15 46.61
C ALA A 1080 -61.18 -40.37 47.18
N ILE A 1081 -61.61 -41.62 47.20
CA ILE A 1081 -62.88 -41.97 47.79
C ILE A 1081 -62.61 -42.80 49.04
N CYS A 1082 -63.33 -42.54 50.10
CA CYS A 1082 -63.16 -43.29 51.33
C CYS A 1082 -64.38 -44.17 51.50
N HIS A 1083 -64.14 -45.47 51.52
CA HIS A 1083 -65.20 -46.44 51.71
C HIS A 1083 -64.62 -47.49 52.62
N ASP A 1084 -65.38 -47.87 53.64
CA ASP A 1084 -64.91 -48.85 54.62
C ASP A 1084 -63.65 -48.40 55.32
N GLY A 1085 -63.41 -47.10 55.38
CA GLY A 1085 -62.26 -46.59 56.10
C GLY A 1085 -60.95 -46.60 55.34
N LYS A 1086 -60.92 -47.10 54.12
CA LYS A 1086 -59.70 -47.11 53.33
C LYS A 1086 -59.86 -46.23 52.10
N ALA A 1087 -58.77 -45.65 51.65
CA ALA A 1087 -58.81 -44.72 50.54
C ALA A 1087 -58.69 -45.45 49.22
N HIS A 1088 -59.47 -45.03 48.24
CA HIS A 1088 -59.43 -45.60 46.90
C HIS A 1088 -58.95 -44.55 45.91
N PHE A 1089 -58.11 -44.95 44.99
CA PHE A 1089 -57.62 -44.07 43.96
C PHE A 1089 -57.90 -44.68 42.59
N PRO A 1090 -58.04 -43.87 41.55
CA PRO A 1090 -58.39 -44.43 40.25
C PRO A 1090 -57.19 -44.96 39.52
N ARG A 1091 -57.33 -46.13 38.90
CA ARG A 1091 -56.23 -46.65 38.08
C ARG A 1091 -55.97 -45.75 36.89
N GLU A 1092 -57.02 -45.37 36.19
CA GLU A 1092 -56.85 -44.45 35.09
C GLU A 1092 -58.06 -43.56 35.07
N GLY A 1093 -57.84 -42.26 35.00
CA GLY A 1093 -58.92 -41.33 34.96
C GLY A 1093 -59.04 -40.47 36.19
N VAL A 1094 -60.22 -39.89 36.35
CA VAL A 1094 -60.46 -38.94 37.42
C VAL A 1094 -61.81 -39.23 38.03
N PHE A 1095 -61.93 -39.00 39.33
CA PHE A 1095 -63.24 -39.07 39.98
C PHE A 1095 -64.02 -37.81 39.68
N VAL A 1096 -65.10 -37.93 38.94
CA VAL A 1096 -65.89 -36.78 38.52
C VAL A 1096 -67.26 -36.94 39.10
N SER A 1097 -67.78 -35.89 39.72
CA SER A 1097 -69.13 -35.85 40.25
C SER A 1097 -69.98 -34.87 39.48
N ASN A 1098 -71.20 -35.26 39.15
CA ASN A 1098 -72.08 -34.38 38.40
C ASN A 1098 -73.15 -33.77 39.29
N GLY A 1099 -72.84 -33.61 40.57
CA GLY A 1099 -73.79 -32.96 41.46
C GLY A 1099 -74.33 -33.90 42.51
N THR A 1100 -74.64 -35.13 42.12
CA THR A 1100 -75.20 -36.10 43.04
C THR A 1100 -74.55 -37.46 42.98
N HIS A 1101 -73.85 -37.79 41.91
CA HIS A 1101 -73.22 -39.09 41.76
C HIS A 1101 -71.78 -38.91 41.37
N TRP A 1102 -70.95 -39.86 41.80
CA TRP A 1102 -69.53 -39.84 41.52
C TRP A 1102 -69.21 -40.87 40.44
N PHE A 1103 -68.27 -40.54 39.56
CA PHE A 1103 -67.90 -41.45 38.50
C PHE A 1103 -66.41 -41.38 38.26
N VAL A 1104 -65.92 -42.36 37.52
CA VAL A 1104 -64.55 -42.40 37.03
C VAL A 1104 -64.60 -42.19 35.54
N THR A 1105 -63.68 -41.39 35.02
CA THR A 1105 -63.69 -41.13 33.60
C THR A 1105 -62.28 -40.87 33.12
N GLN A 1106 -61.95 -41.36 31.95
CA GLN A 1106 -60.63 -41.10 31.39
C GLN A 1106 -60.43 -39.60 31.20
N ARG A 1107 -59.19 -39.17 31.22
CA ARG A 1107 -58.93 -37.74 31.31
C ARG A 1107 -59.31 -36.98 30.04
N ASN A 1108 -59.05 -37.50 28.86
CA ASN A 1108 -59.22 -36.74 27.63
C ASN A 1108 -60.56 -36.88 26.94
N PHE A 1109 -61.54 -37.52 27.54
CA PHE A 1109 -62.82 -37.59 26.86
C PHE A 1109 -63.86 -38.03 27.85
N TYR A 1110 -64.96 -37.33 27.92
CA TYR A 1110 -65.96 -37.63 28.93
C TYR A 1110 -66.65 -38.95 28.65
N GLU A 1111 -66.45 -39.93 29.52
CA GLU A 1111 -67.13 -41.23 29.41
C GLU A 1111 -67.30 -41.77 30.82
N PRO A 1112 -68.30 -41.29 31.54
CA PRO A 1112 -68.44 -41.65 32.95
C PRO A 1112 -68.77 -43.11 33.13
N GLN A 1113 -68.21 -43.71 34.18
CA GLN A 1113 -68.50 -45.09 34.52
C GLN A 1113 -68.81 -45.19 36.00
N ILE A 1114 -69.56 -46.21 36.37
CA ILE A 1114 -69.80 -46.45 37.79
C ILE A 1114 -68.52 -46.93 38.45
N ILE A 1115 -68.27 -46.41 39.64
CA ILE A 1115 -67.10 -46.74 40.43
C ILE A 1115 -67.20 -48.13 41.01
N THR A 1116 -66.28 -49.01 40.65
CA THR A 1116 -66.31 -50.39 41.10
C THR A 1116 -64.92 -50.75 41.59
N THR A 1117 -64.81 -51.91 42.22
CA THR A 1117 -63.50 -52.35 42.68
C THR A 1117 -62.51 -52.66 41.57
N ASP A 1118 -62.96 -52.75 40.31
CA ASP A 1118 -62.04 -53.10 39.24
C ASP A 1118 -61.20 -51.93 38.78
N ASN A 1119 -61.76 -50.73 38.79
CA ASN A 1119 -61.06 -49.57 38.29
C ASN A 1119 -60.51 -48.67 39.40
N THR A 1120 -60.34 -49.19 40.61
CA THR A 1120 -59.77 -48.42 41.70
C THR A 1120 -58.90 -49.33 42.54
N PHE A 1121 -57.92 -48.74 43.22
CA PHE A 1121 -57.06 -49.51 44.10
C PHE A 1121 -56.94 -48.82 45.44
N VAL A 1122 -56.63 -49.58 46.46
CA VAL A 1122 -56.68 -49.09 47.83
C VAL A 1122 -55.28 -48.82 48.33
N SER A 1123 -55.16 -47.85 49.24
CA SER A 1123 -53.88 -47.56 49.86
C SER A 1123 -54.12 -46.92 51.24
N GLY A 1124 -53.94 -47.71 52.29
CA GLY A 1124 -53.97 -47.19 53.65
C GLY A 1124 -55.32 -46.66 54.09
N ASN A 1125 -55.42 -46.28 55.37
CA ASN A 1125 -56.67 -45.74 55.88
C ASN A 1125 -56.93 -44.35 55.32
N CYS A 1126 -58.16 -43.89 55.47
CA CYS A 1126 -58.65 -42.73 54.76
C CYS A 1126 -58.67 -41.45 55.58
N ASP A 1127 -57.74 -41.28 56.50
CA ASP A 1127 -57.67 -40.02 57.22
C ASP A 1127 -56.43 -39.17 56.91
N VAL A 1128 -55.48 -39.69 56.15
CA VAL A 1128 -54.27 -38.95 55.84
C VAL A 1128 -54.39 -38.09 54.59
N VAL A 1129 -55.18 -38.50 53.62
CA VAL A 1129 -55.34 -37.77 52.38
C VAL A 1129 -56.20 -36.54 52.61
N ILE A 1130 -55.85 -35.43 51.97
CA ILE A 1130 -56.60 -34.20 52.09
C ILE A 1130 -57.61 -34.08 50.95
N GLY A 1131 -58.81 -33.64 51.27
CA GLY A 1131 -59.88 -33.55 50.30
C GLY A 1131 -60.60 -34.83 49.97
N ILE A 1132 -60.49 -35.85 50.81
CA ILE A 1132 -61.15 -37.12 50.55
C ILE A 1132 -62.65 -36.99 50.78
N VAL A 1133 -63.44 -37.74 50.01
CA VAL A 1133 -64.89 -37.71 50.10
C VAL A 1133 -65.40 -39.13 50.28
N ASN A 1134 -66.70 -39.28 50.49
CA ASN A 1134 -67.30 -40.58 50.75
C ASN A 1134 -68.26 -41.00 49.65
N ASN A 1135 -68.23 -42.27 49.31
CA ASN A 1135 -69.20 -42.83 48.38
C ASN A 1135 -69.05 -44.33 48.33
N THR A 1136 -70.08 -44.99 47.83
CA THR A 1136 -70.12 -46.44 47.76
C THR A 1136 -69.29 -46.93 46.59
N VAL A 1137 -68.40 -47.88 46.84
CA VAL A 1137 -67.62 -48.52 45.77
C VAL A 1137 -68.06 -49.97 45.62
N TYR A 1138 -68.98 -50.23 44.70
CA TYR A 1138 -69.55 -51.56 44.55
C TYR A 1138 -68.51 -52.57 44.07
N ASP A 1139 -68.65 -53.80 44.56
CA ASP A 1139 -67.82 -54.92 44.12
C ASP A 1139 -68.70 -55.89 43.35
N PRO A 1140 -68.41 -56.14 42.08
CA PRO A 1140 -69.32 -56.96 41.27
C PRO A 1140 -69.50 -58.39 41.74
N LEU A 1141 -68.63 -58.90 42.62
CA LEU A 1141 -68.83 -60.28 43.04
C LEU A 1141 -70.00 -60.43 44.01
N GLN A 1142 -70.35 -59.38 44.76
CA GLN A 1142 -71.45 -59.53 45.70
C GLN A 1142 -72.80 -59.72 45.01
N PRO A 1143 -73.24 -58.85 44.08
CA PRO A 1143 -74.52 -59.10 43.42
C PRO A 1143 -74.59 -60.44 42.72
N GLU A 1144 -73.47 -60.95 42.22
CA GLU A 1144 -73.52 -62.24 41.56
C GLU A 1144 -73.73 -63.33 42.60
N LEU A 1145 -73.06 -63.24 43.74
CA LEU A 1145 -73.20 -64.20 44.82
C LEU A 1145 -72.86 -65.60 44.32
N ASP A 1146 -71.68 -65.75 43.74
CA ASP A 1146 -71.25 -67.05 43.22
C ASP A 1146 -70.84 -67.96 44.37
N ALA B 27 12.27 -38.96 -42.51
CA ALA B 27 11.46 -40.02 -41.96
C ALA B 27 10.75 -39.55 -40.70
N TYR B 28 10.16 -40.49 -39.97
CA TYR B 28 9.47 -40.16 -38.74
C TYR B 28 9.50 -41.34 -37.78
N THR B 29 9.42 -41.03 -36.49
CA THR B 29 9.35 -42.05 -35.47
C THR B 29 8.87 -41.37 -34.19
N ASN B 30 7.89 -41.96 -33.54
CA ASN B 30 7.37 -41.34 -32.32
C ASN B 30 8.41 -41.44 -31.23
N SER B 31 8.59 -40.35 -30.51
CA SER B 31 9.48 -40.37 -29.37
C SER B 31 8.63 -40.79 -28.18
N PHE B 32 9.05 -41.82 -27.50
CA PHE B 32 8.28 -42.29 -26.37
C PHE B 32 8.53 -41.31 -25.24
N THR B 33 8.38 -41.77 -24.01
CA THR B 33 8.54 -40.90 -22.85
C THR B 33 10.01 -40.60 -22.61
N ARG B 34 10.55 -39.66 -23.38
CA ARG B 34 11.97 -39.34 -23.33
C ARG B 34 12.11 -37.83 -23.32
N GLY B 35 13.34 -37.36 -23.13
CA GLY B 35 13.63 -35.94 -23.20
C GLY B 35 13.47 -35.12 -21.93
N VAL B 36 12.96 -35.68 -20.84
CA VAL B 36 12.83 -34.91 -19.61
C VAL B 36 14.20 -34.70 -18.95
N TYR B 37 14.39 -33.56 -18.32
CA TYR B 37 15.68 -33.21 -17.72
C TYR B 37 15.48 -32.45 -16.41
N TYR B 38 16.52 -32.44 -15.60
CA TYR B 38 16.48 -31.70 -14.34
C TYR B 38 16.44 -30.21 -14.54
N PRO B 39 15.38 -29.55 -14.21
CA PRO B 39 15.27 -28.13 -14.55
C PRO B 39 15.83 -27.16 -13.52
N ASP B 40 15.96 -27.52 -12.25
CA ASP B 40 16.27 -26.49 -11.26
C ASP B 40 17.43 -26.77 -10.30
N LYS B 41 18.17 -27.86 -10.46
CA LYS B 41 19.30 -28.18 -9.57
C LYS B 41 18.99 -28.00 -8.09
N VAL B 42 17.77 -28.30 -7.66
CA VAL B 42 17.40 -28.27 -6.26
C VAL B 42 17.00 -29.67 -5.84
N PHE B 43 17.53 -30.14 -4.73
CA PHE B 43 17.28 -31.49 -4.28
C PHE B 43 15.90 -31.61 -3.69
N ARG B 44 15.21 -32.68 -4.00
CA ARG B 44 13.92 -32.98 -3.40
C ARG B 44 13.80 -34.48 -3.24
N SER B 45 13.20 -34.94 -2.16
CA SER B 45 13.19 -36.35 -1.84
C SER B 45 11.76 -36.82 -1.66
N SER B 46 11.41 -37.90 -2.34
CA SER B 46 10.11 -38.57 -2.20
C SER B 46 8.96 -37.56 -2.21
N VAL B 47 8.88 -36.81 -3.30
CA VAL B 47 7.84 -35.79 -3.46
C VAL B 47 7.58 -35.59 -4.94
N LEU B 48 6.39 -35.09 -5.25
CA LEU B 48 5.99 -34.76 -6.61
C LEU B 48 6.03 -33.26 -6.81
N HIS B 49 6.50 -32.83 -7.96
CA HIS B 49 6.65 -31.42 -8.24
C HIS B 49 6.16 -31.12 -9.65
N SER B 50 5.41 -30.04 -9.81
CA SER B 50 4.90 -29.62 -11.10
C SER B 50 5.63 -28.36 -11.55
N THR B 51 6.16 -28.37 -12.78
CA THR B 51 6.95 -27.25 -13.29
C THR B 51 6.55 -26.93 -14.71
N GLN B 52 6.49 -25.64 -15.03
CA GLN B 52 6.22 -25.19 -16.39
C GLN B 52 7.52 -24.74 -17.06
N ASP B 53 7.99 -25.50 -18.04
CA ASP B 53 9.25 -25.20 -18.72
C ASP B 53 9.19 -25.80 -20.12
N LEU B 54 10.25 -25.62 -20.89
CA LEU B 54 10.30 -26.10 -22.28
C LEU B 54 10.67 -27.56 -22.30
N PHE B 55 9.69 -28.43 -22.54
CA PHE B 55 9.93 -29.85 -22.59
C PHE B 55 9.62 -30.40 -23.97
N LEU B 56 9.98 -31.66 -24.16
CA LEU B 56 9.67 -32.39 -25.38
C LEU B 56 8.38 -33.15 -25.16
N PRO B 57 7.29 -32.79 -25.82
CA PRO B 57 6.01 -33.46 -25.59
C PRO B 57 6.10 -34.95 -25.81
N PHE B 58 5.46 -35.73 -24.93
CA PHE B 58 5.52 -37.17 -25.07
C PHE B 58 4.80 -37.67 -26.30
N PHE B 59 5.27 -38.80 -26.81
CA PHE B 59 4.68 -39.45 -27.96
C PHE B 59 4.68 -38.56 -29.19
N SER B 60 5.63 -37.64 -29.28
CA SER B 60 5.72 -36.83 -30.46
C SER B 60 6.71 -37.45 -31.44
N ASN B 61 6.44 -37.27 -32.72
CA ASN B 61 7.27 -37.83 -33.77
C ASN B 61 8.48 -36.93 -33.98
N VAL B 62 9.61 -37.54 -34.34
CA VAL B 62 10.84 -36.80 -34.55
C VAL B 62 11.46 -37.20 -35.87
N THR B 63 12.05 -36.22 -36.56
CA THR B 63 12.67 -36.47 -37.84
C THR B 63 13.88 -37.36 -37.66
N TRP B 64 14.11 -38.22 -38.62
CA TRP B 64 15.13 -39.24 -38.54
C TRP B 64 16.06 -39.04 -39.72
N PHE B 65 17.36 -39.03 -39.46
CA PHE B 65 18.34 -38.87 -40.52
C PHE B 65 19.41 -39.92 -40.34
N HIS B 66 20.11 -40.25 -41.42
CA HIS B 66 21.15 -41.27 -41.34
C HIS B 66 22.52 -40.68 -41.59
N ALA B 67 23.52 -41.35 -41.01
CA ALA B 67 24.89 -40.88 -41.05
C ALA B 67 25.67 -41.79 -41.99
N ILE B 68 25.28 -41.84 -43.26
CA ILE B 68 26.06 -42.59 -44.23
C ILE B 68 26.77 -41.61 -45.15
N HIS B 69 26.01 -40.92 -45.99
CA HIS B 69 26.57 -39.88 -46.83
C HIS B 69 25.44 -38.99 -47.31
N VAL B 70 25.77 -37.72 -47.50
CA VAL B 70 24.91 -36.69 -48.06
C VAL B 70 23.41 -36.98 -48.06
N ASP B 80 26.55 -31.94 -47.77
CA ASP B 80 26.27 -33.31 -47.36
C ASP B 80 25.17 -33.35 -46.30
N ASN B 81 25.20 -32.42 -45.36
CA ASN B 81 24.24 -32.47 -44.27
C ASN B 81 23.41 -31.20 -44.27
N PRO B 82 22.10 -31.31 -44.17
CA PRO B 82 21.24 -30.12 -44.18
C PRO B 82 21.20 -29.34 -42.88
N VAL B 83 20.89 -28.06 -43.03
CA VAL B 83 20.77 -27.16 -41.90
C VAL B 83 19.37 -27.31 -41.35
N LEU B 84 19.23 -27.27 -40.04
CA LEU B 84 17.96 -27.41 -39.35
C LEU B 84 17.72 -26.20 -38.46
N PRO B 85 16.53 -25.62 -38.45
CA PRO B 85 16.36 -24.43 -37.63
C PRO B 85 16.38 -24.79 -36.17
N PHE B 86 16.75 -23.80 -35.37
CA PHE B 86 16.79 -23.88 -33.91
C PHE B 86 15.59 -23.12 -33.39
N ASN B 87 14.43 -23.77 -33.44
CA ASN B 87 13.20 -23.06 -33.14
C ASN B 87 13.25 -22.54 -31.72
N ASP B 88 13.32 -23.45 -30.76
CA ASP B 88 13.30 -23.03 -29.37
C ASP B 88 14.23 -23.83 -28.48
N GLY B 89 14.79 -24.92 -28.97
CA GLY B 89 15.61 -25.82 -28.19
C GLY B 89 15.53 -27.14 -28.91
N VAL B 90 16.60 -27.89 -28.98
CA VAL B 90 16.63 -29.10 -29.80
C VAL B 90 16.99 -30.29 -28.95
N TYR B 91 16.33 -31.41 -29.18
CA TYR B 91 16.63 -32.64 -28.47
C TYR B 91 17.29 -33.56 -29.48
N PHE B 92 18.59 -33.77 -29.33
CA PHE B 92 19.44 -34.50 -30.26
C PHE B 92 19.82 -35.85 -29.70
N ALA B 93 19.30 -36.93 -30.26
CA ALA B 93 19.70 -38.27 -29.86
C ALA B 93 20.44 -38.99 -30.96
N SER B 94 21.43 -39.79 -30.60
CA SER B 94 22.19 -40.52 -31.60
C SER B 94 22.65 -41.87 -31.08
N THR B 95 22.41 -42.91 -31.84
CA THR B 95 22.92 -44.25 -31.52
C THR B 95 23.98 -44.63 -32.54
N GLU B 96 25.24 -44.62 -32.13
CA GLU B 96 26.32 -44.87 -33.05
C GLU B 96 27.46 -45.51 -32.27
N LYS B 97 28.39 -46.11 -33.00
CA LYS B 97 29.52 -46.79 -32.36
C LYS B 97 30.84 -46.52 -33.05
N SER B 98 30.98 -45.41 -33.77
CA SER B 98 32.24 -45.14 -34.46
C SER B 98 32.74 -43.70 -34.34
N ASN B 99 32.14 -42.89 -33.47
CA ASN B 99 32.53 -41.49 -33.30
C ASN B 99 32.47 -40.73 -34.62
N ILE B 100 31.39 -40.93 -35.36
CA ILE B 100 31.22 -40.28 -36.65
C ILE B 100 30.70 -38.86 -36.49
N ILE B 101 29.91 -38.60 -35.45
CA ILE B 101 29.41 -37.26 -35.15
C ILE B 101 30.25 -36.62 -34.06
N ARG B 102 30.78 -35.43 -34.34
CA ARG B 102 31.80 -34.86 -33.50
C ARG B 102 31.54 -33.43 -33.07
N GLY B 103 30.47 -32.79 -33.53
CA GLY B 103 30.26 -31.42 -33.09
C GLY B 103 29.05 -30.81 -33.75
N TRP B 104 28.85 -29.53 -33.47
CA TRP B 104 27.75 -28.76 -34.00
C TRP B 104 28.24 -27.35 -34.27
N ILE B 105 27.43 -26.56 -34.97
CA ILE B 105 27.73 -25.15 -35.19
C ILE B 105 26.41 -24.40 -35.12
N PHE B 106 26.37 -23.29 -34.39
CA PHE B 106 25.13 -22.56 -34.25
C PHE B 106 25.35 -21.12 -34.67
N GLY B 107 24.28 -20.39 -34.83
CA GLY B 107 24.38 -18.99 -35.22
C GLY B 107 23.22 -18.60 -36.09
N THR B 108 23.18 -17.32 -36.44
CA THR B 108 22.15 -16.83 -37.34
C THR B 108 22.52 -16.98 -38.81
N THR B 109 23.77 -17.26 -39.12
CA THR B 109 24.21 -17.45 -40.49
C THR B 109 25.59 -18.07 -40.47
N LEU B 110 25.90 -18.79 -41.53
CA LEU B 110 27.20 -19.42 -41.62
C LEU B 110 28.29 -18.46 -42.06
N ASP B 111 27.93 -17.27 -42.51
CA ASP B 111 28.95 -16.35 -42.93
C ASP B 111 29.55 -15.67 -41.72
N SER B 112 30.66 -15.00 -41.92
CA SER B 112 31.31 -14.35 -40.82
C SER B 112 30.66 -13.02 -40.48
N LYS B 113 29.53 -12.70 -41.11
CA LYS B 113 28.85 -11.45 -40.82
C LYS B 113 28.26 -11.43 -39.42
N THR B 114 28.26 -12.57 -38.71
CA THR B 114 27.72 -12.66 -37.37
C THR B 114 28.52 -13.67 -36.56
N GLN B 115 28.52 -13.49 -35.25
CA GLN B 115 29.34 -14.31 -34.35
C GLN B 115 28.75 -15.70 -34.15
N SER B 116 28.96 -16.58 -35.12
CA SER B 116 28.51 -17.96 -34.95
C SER B 116 29.26 -18.68 -33.84
N LEU B 117 28.85 -19.91 -33.54
CA LEU B 117 29.35 -20.70 -32.42
C LEU B 117 29.95 -21.99 -32.97
N LEU B 118 30.91 -22.56 -32.25
CA LEU B 118 31.52 -23.81 -32.65
C LEU B 118 31.62 -24.71 -31.45
N ILE B 119 31.26 -25.97 -31.61
CA ILE B 119 31.44 -26.97 -30.56
C ILE B 119 32.06 -28.18 -31.22
N VAL B 120 33.26 -28.53 -30.80
CA VAL B 120 34.00 -29.59 -31.46
C VAL B 120 34.52 -30.55 -30.41
N ASN B 121 34.10 -31.79 -30.50
CA ASN B 121 34.60 -32.79 -29.58
C ASN B 121 35.85 -33.38 -30.20
N ASN B 122 36.54 -34.21 -29.43
CA ASN B 122 37.77 -34.83 -29.88
C ASN B 122 38.06 -35.99 -28.96
N ALA B 123 39.08 -36.76 -29.31
CA ALA B 123 39.42 -37.90 -28.48
C ALA B 123 39.97 -37.47 -27.14
N THR B 124 40.47 -36.24 -27.02
CA THR B 124 41.09 -35.80 -25.78
C THR B 124 40.24 -34.85 -24.96
N ASN B 125 39.53 -33.92 -25.59
CA ASN B 125 38.83 -32.89 -24.86
C ASN B 125 37.89 -32.15 -25.81
N VAL B 126 37.03 -31.31 -25.24
CA VAL B 126 36.12 -30.47 -26.02
C VAL B 126 36.70 -29.10 -26.23
N VAL B 127 36.44 -28.53 -27.39
CA VAL B 127 36.81 -27.17 -27.73
C VAL B 127 35.57 -26.39 -28.11
N ILE B 128 35.20 -25.39 -27.32
CA ILE B 128 34.05 -24.55 -27.59
C ILE B 128 34.57 -23.18 -27.93
N LYS B 129 34.03 -22.58 -28.98
CA LYS B 129 34.57 -21.33 -29.46
C LYS B 129 33.45 -20.42 -29.93
N VAL B 130 33.65 -19.13 -29.79
CA VAL B 130 32.72 -18.12 -30.32
C VAL B 130 33.57 -17.11 -31.06
N CYS B 131 33.73 -17.28 -32.36
CA CYS B 131 34.72 -16.46 -33.04
C CYS B 131 34.29 -15.87 -34.37
N GLU B 132 33.01 -15.90 -34.72
CA GLU B 132 32.51 -15.30 -35.96
C GLU B 132 33.23 -15.86 -37.19
N PHE B 133 33.58 -17.14 -37.12
CA PHE B 133 34.29 -17.79 -38.20
C PHE B 133 33.41 -18.10 -39.41
N GLN B 134 33.81 -17.62 -40.57
CA GLN B 134 33.08 -17.90 -41.80
C GLN B 134 33.28 -19.36 -42.18
N PHE B 135 32.20 -20.02 -42.56
CA PHE B 135 32.21 -21.42 -42.92
C PHE B 135 32.21 -21.59 -44.43
N CYS B 136 32.45 -22.83 -44.86
CA CYS B 136 32.45 -23.13 -46.27
C CYS B 136 31.00 -23.26 -46.74
N ASN B 137 30.80 -23.56 -48.03
CA ASN B 137 29.42 -23.74 -48.48
C ASN B 137 28.74 -24.85 -47.70
N ASP B 138 29.51 -25.83 -47.26
CA ASP B 138 29.04 -26.91 -46.41
C ASP B 138 30.08 -27.09 -45.33
N PRO B 139 29.68 -27.50 -44.14
CA PRO B 139 30.66 -27.75 -43.09
C PRO B 139 31.61 -28.86 -43.46
N PHE B 140 32.88 -28.61 -43.20
CA PHE B 140 33.94 -29.54 -43.53
C PHE B 140 33.79 -30.86 -42.80
N LEU B 141 34.21 -31.91 -43.47
CA LEU B 141 34.17 -33.26 -42.97
C LEU B 141 35.60 -33.52 -42.49
N ASP B 142 35.77 -33.63 -41.19
CA ASP B 142 37.07 -33.82 -40.58
C ASP B 142 37.82 -35.08 -41.01
N PHE B 157 42.76 -32.60 -43.46
CA PHE B 157 41.31 -32.41 -43.46
C PHE B 157 40.76 -32.23 -42.06
N ARG B 158 41.44 -31.44 -41.23
CA ARG B 158 40.98 -31.24 -39.86
C ARG B 158 40.19 -29.96 -39.65
N VAL B 159 40.37 -28.94 -40.50
CA VAL B 159 39.66 -27.67 -40.32
C VAL B 159 39.44 -27.02 -41.68
N TYR B 160 38.35 -26.26 -41.80
CA TYR B 160 38.06 -25.50 -43.02
C TYR B 160 37.18 -24.32 -42.64
N SER B 161 37.79 -23.14 -42.54
CA SER B 161 37.02 -21.96 -42.15
C SER B 161 37.86 -20.72 -42.41
N SER B 162 37.18 -19.58 -42.44
CA SER B 162 37.81 -18.29 -42.68
C SER B 162 38.35 -17.71 -41.37
N ALA B 163 38.78 -16.46 -41.44
CA ALA B 163 39.32 -15.76 -40.28
C ALA B 163 38.30 -15.66 -39.14
N ASN B 164 38.82 -15.31 -37.97
CA ASN B 164 38.04 -15.27 -36.75
C ASN B 164 38.34 -13.98 -36.00
N ASN B 165 37.40 -13.57 -35.17
CA ASN B 165 37.52 -12.41 -34.29
C ASN B 165 37.10 -12.82 -32.90
N CYS B 166 37.69 -13.95 -32.49
CA CYS B 166 37.23 -14.72 -31.34
C CYS B 166 36.96 -13.85 -30.14
N THR B 167 35.87 -14.15 -29.44
CA THR B 167 35.59 -13.53 -28.15
C THR B 167 35.50 -14.46 -26.95
N PHE B 168 35.31 -15.76 -27.14
CA PHE B 168 35.21 -16.63 -25.98
C PHE B 168 35.73 -18.01 -26.34
N GLU B 169 36.40 -18.66 -25.39
CA GLU B 169 36.91 -19.99 -25.64
C GLU B 169 36.96 -20.77 -24.34
N TYR B 170 36.78 -22.09 -24.45
CA TYR B 170 36.62 -22.95 -23.30
C TYR B 170 37.01 -24.36 -23.71
N VAL B 171 37.49 -25.15 -22.75
CA VAL B 171 37.94 -26.50 -23.01
C VAL B 171 37.72 -27.35 -21.77
N SER B 172 37.41 -28.63 -21.98
CA SER B 172 37.18 -29.56 -20.89
C SER B 172 37.11 -30.97 -21.44
N GLN B 173 36.89 -31.93 -20.55
CA GLN B 173 36.87 -33.33 -20.89
C GLN B 173 35.79 -33.61 -21.95
N PRO B 174 35.90 -34.69 -22.70
CA PRO B 174 34.97 -34.93 -23.80
C PRO B 174 33.59 -35.37 -23.33
N PHE B 175 32.61 -35.18 -24.20
CA PHE B 175 31.25 -35.65 -23.95
C PHE B 175 31.03 -37.12 -24.33
N LEU B 176 31.88 -38.05 -23.91
CA LEU B 176 31.71 -39.44 -24.35
C LEU B 176 31.88 -40.42 -23.20
N LYS B 187 25.28 -49.33 -29.46
CA LYS B 187 24.54 -49.67 -28.26
C LYS B 187 24.46 -48.48 -27.31
N ASN B 188 25.33 -47.50 -27.51
CA ASN B 188 25.33 -46.32 -26.65
C ASN B 188 24.36 -45.30 -27.21
N LEU B 189 23.35 -44.95 -26.42
CA LEU B 189 22.37 -43.95 -26.83
C LEU B 189 22.82 -42.61 -26.23
N ARG B 190 23.35 -41.72 -27.05
CA ARG B 190 23.74 -40.40 -26.57
C ARG B 190 22.58 -39.43 -26.77
N GLU B 191 22.23 -38.72 -25.71
CA GLU B 191 21.12 -37.78 -25.73
C GLU B 191 21.58 -36.40 -25.34
N PHE B 192 21.03 -35.37 -25.96
CA PHE B 192 21.41 -34.00 -25.66
C PHE B 192 20.20 -33.09 -25.77
N VAL B 193 20.15 -32.09 -24.92
CA VAL B 193 19.13 -31.08 -24.98
C VAL B 193 19.84 -29.74 -24.97
N PHE B 194 19.61 -28.92 -25.98
CA PHE B 194 20.28 -27.64 -26.07
C PHE B 194 19.26 -26.56 -25.87
N LYS B 195 19.55 -25.64 -24.97
CA LYS B 195 18.59 -24.62 -24.64
C LYS B 195 19.38 -23.32 -24.56
N ASN B 196 18.77 -22.24 -25.03
CA ASN B 196 19.44 -20.93 -25.05
C ASN B 196 18.40 -19.85 -24.82
N ILE B 197 18.28 -19.38 -23.58
CA ILE B 197 17.21 -18.43 -23.33
C ILE B 197 17.68 -17.11 -22.74
N ASP B 198 18.38 -17.12 -21.62
CA ASP B 198 18.64 -15.89 -20.88
C ASP B 198 20.02 -15.35 -21.18
N GLY B 199 20.50 -15.42 -22.40
CA GLY B 199 21.85 -14.96 -22.58
C GLY B 199 22.86 -16.01 -22.25
N TYR B 200 22.42 -17.20 -21.84
CA TYR B 200 23.30 -18.31 -21.55
C TYR B 200 22.88 -19.43 -22.48
N PHE B 201 23.81 -20.27 -22.86
CA PHE B 201 23.49 -21.41 -23.70
C PHE B 201 23.73 -22.66 -22.86
N LYS B 202 22.71 -23.51 -22.71
CA LYS B 202 22.79 -24.59 -21.74
C LYS B 202 22.66 -25.96 -22.39
N ILE B 203 23.40 -26.92 -21.86
CA ILE B 203 23.44 -28.29 -22.37
C ILE B 203 23.12 -29.29 -21.28
N TYR B 204 22.29 -30.27 -21.58
CA TYR B 204 22.03 -31.42 -20.72
C TYR B 204 22.35 -32.69 -21.49
N SER B 205 22.71 -33.76 -20.80
CA SER B 205 23.14 -34.95 -21.53
C SER B 205 23.01 -36.19 -20.69
N LYS B 206 23.05 -37.35 -21.35
CA LYS B 206 22.99 -38.65 -20.70
C LYS B 206 23.41 -39.72 -21.68
N HIS B 207 24.16 -40.71 -21.20
CA HIS B 207 24.68 -41.79 -22.04
C HIS B 207 24.15 -43.11 -21.52
N THR B 208 23.37 -43.81 -22.32
CA THR B 208 22.79 -45.01 -21.74
C THR B 208 22.97 -46.22 -22.63
N PRO B 209 23.11 -47.40 -22.03
CA PRO B 209 23.11 -48.65 -22.80
C PRO B 209 21.77 -48.84 -23.48
N ILE B 210 21.72 -49.79 -24.41
CA ILE B 210 20.45 -50.07 -25.06
C ILE B 210 20.34 -51.54 -25.39
N ASP B 215 16.72 -48.17 -32.49
CA ASP B 215 15.55 -47.34 -32.26
C ASP B 215 15.53 -46.86 -30.82
N LEU B 216 14.69 -45.87 -30.53
CA LEU B 216 14.60 -45.35 -29.18
C LEU B 216 13.89 -46.32 -28.24
N PRO B 217 14.46 -46.61 -27.10
CA PRO B 217 13.84 -47.54 -26.16
C PRO B 217 12.66 -46.88 -25.45
N GLN B 218 11.79 -47.71 -24.91
CA GLN B 218 10.67 -47.18 -24.14
C GLN B 218 11.04 -46.78 -22.73
N GLY B 219 12.27 -47.04 -22.30
CA GLY B 219 12.65 -46.75 -20.94
C GLY B 219 12.78 -45.27 -20.63
N PHE B 220 12.43 -44.92 -19.41
CA PHE B 220 12.50 -43.56 -18.91
C PHE B 220 13.89 -43.25 -18.33
N SER B 221 14.41 -42.05 -18.64
CA SER B 221 15.71 -41.63 -18.13
C SER B 221 15.88 -40.13 -18.28
N ALA B 222 16.29 -39.45 -17.21
CA ALA B 222 16.41 -38.00 -17.21
C ALA B 222 17.82 -37.55 -17.54
N LEU B 223 17.92 -36.41 -18.21
CA LEU B 223 19.18 -35.77 -18.58
C LEU B 223 19.71 -34.87 -17.48
N GLU B 224 21.04 -34.83 -17.31
CA GLU B 224 21.68 -34.01 -16.26
C GLU B 224 22.38 -32.77 -16.81
N PRO B 225 22.34 -31.67 -16.09
CA PRO B 225 22.98 -30.43 -16.55
C PRO B 225 24.49 -30.53 -16.71
N LEU B 226 24.96 -30.32 -17.94
CA LEU B 226 26.38 -30.47 -18.22
C LEU B 226 27.19 -29.17 -18.15
N VAL B 227 26.82 -28.15 -18.91
CA VAL B 227 27.56 -26.88 -18.92
C VAL B 227 26.62 -25.69 -19.11
N ASP B 228 26.94 -24.57 -18.47
CA ASP B 228 26.18 -23.32 -18.63
C ASP B 228 27.07 -22.16 -19.08
N LEU B 229 27.08 -21.84 -20.40
CA LEU B 229 28.03 -20.84 -20.90
C LEU B 229 27.44 -19.44 -20.89
N PRO B 230 28.27 -18.42 -20.69
CA PRO B 230 27.81 -17.03 -20.63
C PRO B 230 27.68 -16.29 -21.96
N ILE B 231 28.03 -16.89 -23.08
CA ILE B 231 27.97 -16.19 -24.37
C ILE B 231 26.57 -15.68 -24.65
N GLY B 232 26.47 -14.44 -25.09
CA GLY B 232 25.14 -13.92 -25.37
C GLY B 232 24.76 -13.86 -26.84
N ILE B 233 25.33 -14.74 -27.65
CA ILE B 233 25.05 -14.78 -29.07
C ILE B 233 23.60 -15.18 -29.34
N ASN B 234 22.98 -14.54 -30.32
CA ASN B 234 21.63 -14.81 -30.78
C ASN B 234 21.65 -16.01 -31.74
N ILE B 235 21.33 -17.20 -31.23
CA ILE B 235 21.32 -18.44 -32.03
C ILE B 235 19.99 -18.67 -32.74
N THR B 236 20.02 -18.87 -34.06
CA THR B 236 18.80 -19.17 -34.81
C THR B 236 18.85 -20.40 -35.72
N ARG B 237 20.01 -20.83 -36.20
CA ARG B 237 20.12 -22.04 -37.01
C ARG B 237 21.26 -22.93 -36.52
N PHE B 238 21.18 -24.22 -36.84
CA PHE B 238 22.21 -25.11 -36.35
C PHE B 238 22.41 -26.26 -37.32
N GLN B 239 23.61 -26.82 -37.30
CA GLN B 239 24.00 -27.92 -38.15
C GLN B 239 24.92 -28.82 -37.36
N THR B 240 25.25 -29.96 -37.93
CA THR B 240 26.11 -30.90 -37.25
C THR B 240 27.42 -31.05 -38.02
N LEU B 241 28.42 -31.62 -37.37
CA LEU B 241 29.73 -31.84 -37.97
C LEU B 241 30.09 -33.31 -37.93
N LEU B 242 30.54 -33.81 -39.07
CA LEU B 242 30.91 -35.22 -39.23
C LEU B 242 32.40 -35.33 -39.47
N ALA B 243 32.88 -36.57 -39.48
CA ALA B 243 34.29 -36.84 -39.71
C ALA B 243 34.40 -38.17 -40.45
N LEU B 244 35.60 -38.46 -40.94
CA LEU B 244 35.81 -39.72 -41.66
C LEU B 244 37.30 -39.93 -41.85
N HIS B 245 37.69 -41.20 -41.88
CA HIS B 245 39.08 -41.59 -42.03
C HIS B 245 39.54 -41.57 -43.47
N ARG B 246 40.66 -40.87 -43.70
CA ARG B 246 41.32 -40.82 -45.00
C ARG B 246 40.34 -40.45 -46.09
N SER B 247 39.56 -39.42 -45.82
CA SER B 247 38.57 -38.92 -46.75
C SER B 247 39.07 -37.59 -47.30
N TYR B 248 38.83 -37.35 -48.58
CA TYR B 248 39.24 -36.06 -49.10
C TYR B 248 38.30 -34.99 -48.58
N LEU B 249 38.77 -33.76 -48.59
CA LEU B 249 37.98 -32.65 -48.06
C LEU B 249 38.12 -31.47 -49.01
N THR B 250 36.99 -30.91 -49.38
CA THR B 250 36.92 -29.77 -50.27
C THR B 250 35.80 -28.84 -49.83
N PRO B 251 35.90 -27.55 -50.14
CA PRO B 251 34.80 -26.64 -49.81
C PRO B 251 33.48 -27.05 -50.42
N GLY B 252 33.49 -27.64 -51.61
CA GLY B 252 32.24 -28.08 -52.19
C GLY B 252 32.33 -29.45 -52.79
N ASP B 253 31.34 -30.31 -52.53
CA ASP B 253 31.34 -31.67 -53.03
C ASP B 253 29.91 -32.08 -53.35
N SER B 254 29.80 -33.13 -54.17
CA SER B 254 28.52 -33.67 -54.59
C SER B 254 27.94 -34.59 -53.53
N SER B 255 26.89 -35.32 -53.89
CA SER B 255 26.21 -36.23 -52.98
C SER B 255 26.90 -37.57 -52.86
N SER B 256 28.10 -37.70 -53.42
CA SER B 256 28.84 -38.95 -53.34
C SER B 256 29.30 -39.21 -51.91
N GLY B 257 29.84 -38.18 -51.26
CA GLY B 257 30.27 -38.36 -49.90
C GLY B 257 31.41 -39.35 -49.82
N TRP B 258 31.62 -39.86 -48.61
CA TRP B 258 32.66 -40.83 -48.33
C TRP B 258 32.05 -41.90 -47.44
N THR B 259 32.63 -43.09 -47.47
CA THR B 259 32.06 -44.16 -46.67
C THR B 259 32.16 -43.80 -45.20
N ALA B 260 31.24 -44.34 -44.42
CA ALA B 260 31.25 -44.08 -42.99
C ALA B 260 30.47 -45.19 -42.29
N GLY B 261 30.64 -45.26 -40.97
CA GLY B 261 29.94 -46.26 -40.20
C GLY B 261 28.45 -46.03 -40.17
N ALA B 262 27.73 -47.09 -39.88
CA ALA B 262 26.27 -47.03 -39.77
C ALA B 262 25.90 -46.18 -38.57
N ALA B 263 25.13 -45.12 -38.79
CA ALA B 263 24.73 -44.25 -37.68
C ALA B 263 23.55 -43.41 -38.12
N ALA B 264 22.90 -42.81 -37.15
CA ALA B 264 21.73 -41.98 -37.40
C ALA B 264 21.55 -41.03 -36.23
N TYR B 265 20.87 -39.94 -36.48
CA TYR B 265 20.63 -38.97 -35.44
C TYR B 265 19.24 -38.37 -35.63
N TYR B 266 18.54 -38.22 -34.52
CA TYR B 266 17.18 -37.71 -34.49
C TYR B 266 17.16 -36.29 -33.97
N VAL B 267 16.17 -35.52 -34.36
CA VAL B 267 16.04 -34.15 -33.88
C VAL B 267 14.61 -33.88 -33.45
N GLY B 268 14.42 -33.25 -32.30
CA GLY B 268 13.10 -32.90 -31.86
C GLY B 268 13.12 -31.48 -31.34
N TYR B 269 11.96 -30.84 -31.38
CA TYR B 269 11.82 -29.44 -30.99
C TYR B 269 11.08 -29.29 -29.67
N LEU B 270 11.66 -28.53 -28.75
CA LEU B 270 11.03 -28.31 -27.46
C LEU B 270 9.89 -27.30 -27.53
N GLN B 271 8.94 -27.42 -26.62
CA GLN B 271 7.77 -26.56 -26.52
C GLN B 271 7.42 -26.31 -25.07
N PRO B 272 6.80 -25.18 -24.75
CA PRO B 272 6.39 -24.88 -23.37
C PRO B 272 5.26 -25.79 -22.89
N ARG B 273 5.54 -26.59 -21.88
CA ARG B 273 4.58 -27.55 -21.34
C ARG B 273 4.64 -27.56 -19.82
N THR B 274 3.62 -28.13 -19.21
CA THR B 274 3.56 -28.34 -17.76
C THR B 274 3.75 -29.82 -17.46
N PHE B 275 4.80 -30.14 -16.73
CA PHE B 275 5.17 -31.52 -16.43
C PHE B 275 5.10 -31.79 -14.95
N LEU B 276 4.57 -32.94 -14.57
CA LEU B 276 4.57 -33.36 -13.17
C LEU B 276 5.68 -34.37 -12.97
N LEU B 277 6.73 -33.97 -12.28
CA LEU B 277 7.93 -34.78 -12.12
C LEU B 277 7.92 -35.47 -10.78
N LYS B 278 8.36 -36.73 -10.77
CA LYS B 278 8.40 -37.52 -9.56
C LYS B 278 9.82 -37.76 -9.12
N TYR B 279 10.15 -37.30 -7.93
CA TYR B 279 11.47 -37.52 -7.35
C TYR B 279 11.44 -38.69 -6.40
N ASN B 280 12.46 -39.53 -6.44
CA ASN B 280 12.49 -40.63 -5.51
C ASN B 280 13.21 -40.17 -4.24
N GLU B 281 13.38 -41.09 -3.30
CA GLU B 281 14.00 -40.70 -2.05
C GLU B 281 15.44 -40.28 -2.18
N ASN B 282 16.09 -40.56 -3.29
CA ASN B 282 17.49 -40.19 -3.48
C ASN B 282 17.66 -38.99 -4.37
N GLY B 283 16.58 -38.32 -4.73
CA GLY B 283 16.70 -37.11 -5.47
C GLY B 283 16.81 -37.27 -6.97
N THR B 284 16.42 -38.42 -7.51
CA THR B 284 16.48 -38.66 -8.95
C THR B 284 15.07 -38.81 -9.49
N ILE B 285 14.85 -38.30 -10.69
CA ILE B 285 13.55 -38.40 -11.34
C ILE B 285 13.32 -39.80 -11.89
N THR B 286 12.20 -40.42 -11.53
CA THR B 286 11.89 -41.74 -12.02
C THR B 286 10.73 -41.77 -12.99
N ASP B 287 9.77 -40.84 -12.88
CA ASP B 287 8.62 -40.78 -13.77
C ASP B 287 8.21 -39.33 -13.96
N ALA B 288 7.42 -39.12 -15.00
CA ALA B 288 6.91 -37.81 -15.33
C ALA B 288 5.59 -37.99 -16.05
N VAL B 289 4.73 -36.99 -15.94
CA VAL B 289 3.41 -37.02 -16.55
C VAL B 289 3.23 -35.76 -17.37
N ASP B 290 2.87 -35.92 -18.63
CA ASP B 290 2.60 -34.76 -19.45
C ASP B 290 1.20 -34.28 -19.10
N CYS B 291 1.13 -33.11 -18.51
CA CYS B 291 -0.12 -32.61 -17.98
C CYS B 291 -1.15 -32.35 -19.07
N ALA B 292 -0.75 -32.25 -20.33
CA ALA B 292 -1.68 -31.90 -21.40
C ALA B 292 -1.72 -32.93 -22.52
N LEU B 293 -1.45 -34.18 -22.23
CA LEU B 293 -1.47 -35.19 -23.27
C LEU B 293 -2.88 -35.70 -23.53
N ASP B 294 -3.52 -36.28 -22.52
CA ASP B 294 -4.84 -36.88 -22.65
C ASP B 294 -5.65 -36.61 -21.38
N PRO B 295 -6.95 -36.91 -21.35
CA PRO B 295 -7.73 -36.58 -20.14
C PRO B 295 -7.25 -37.24 -18.87
N LEU B 296 -6.82 -38.48 -18.92
CA LEU B 296 -6.34 -39.12 -17.71
C LEU B 296 -5.09 -38.48 -17.18
N SER B 297 -4.18 -38.12 -18.06
CA SER B 297 -2.98 -37.42 -17.62
C SER B 297 -3.32 -36.07 -17.01
N GLU B 298 -4.29 -35.37 -17.58
CA GLU B 298 -4.65 -34.09 -17.01
C GLU B 298 -5.25 -34.26 -15.62
N THR B 299 -6.02 -35.32 -15.42
CA THR B 299 -6.56 -35.55 -14.08
C THR B 299 -5.48 -35.88 -13.07
N LYS B 300 -4.52 -36.72 -13.44
CA LYS B 300 -3.43 -36.99 -12.53
C LYS B 300 -2.70 -35.71 -12.19
N CYS B 301 -2.42 -34.91 -13.19
CA CYS B 301 -1.67 -33.69 -12.92
C CYS B 301 -2.48 -32.72 -12.09
N THR B 302 -3.80 -32.72 -12.20
CA THR B 302 -4.53 -31.77 -11.36
C THR B 302 -4.62 -32.24 -9.92
N LEU B 303 -4.60 -33.55 -9.67
CA LEU B 303 -4.57 -34.03 -8.30
C LEU B 303 -3.19 -34.19 -7.70
N LYS B 304 -2.15 -34.02 -8.50
CA LYS B 304 -0.78 -34.22 -8.02
C LYS B 304 -0.61 -35.59 -7.42
N SER B 305 -1.05 -36.61 -8.16
CA SER B 305 -0.93 -37.97 -7.69
C SER B 305 -0.96 -38.91 -8.87
N PHE B 306 -0.03 -39.86 -8.89
CA PHE B 306 0.00 -40.78 -10.00
C PHE B 306 -1.15 -41.76 -10.01
N THR B 307 -1.80 -41.99 -8.87
CA THR B 307 -2.95 -42.89 -8.76
C THR B 307 -4.24 -42.14 -8.43
N VAL B 308 -5.21 -42.17 -9.34
CA VAL B 308 -6.51 -41.52 -9.11
C VAL B 308 -7.58 -42.56 -8.80
N GLU B 309 -8.39 -42.31 -7.78
CA GLU B 309 -9.43 -43.24 -7.37
C GLU B 309 -10.68 -43.07 -8.22
N LYS B 310 -11.58 -44.04 -8.10
CA LYS B 310 -12.83 -44.01 -8.83
C LYS B 310 -13.66 -42.79 -8.49
N GLY B 311 -14.14 -42.10 -9.50
CA GLY B 311 -14.98 -40.94 -9.28
C GLY B 311 -15.00 -40.05 -10.50
N ILE B 312 -15.59 -38.88 -10.31
CA ILE B 312 -15.69 -37.87 -11.36
C ILE B 312 -14.92 -36.63 -10.88
N TYR B 313 -14.08 -36.08 -11.75
CA TYR B 313 -13.22 -34.96 -11.39
C TYR B 313 -13.38 -33.85 -12.41
N GLN B 314 -13.50 -32.62 -11.94
CA GLN B 314 -13.58 -31.44 -12.80
C GLN B 314 -12.20 -30.91 -13.15
N THR B 315 -11.71 -31.26 -14.33
CA THR B 315 -10.33 -30.92 -14.63
C THR B 315 -10.14 -29.53 -15.20
N SER B 316 -10.89 -29.14 -16.21
CA SER B 316 -10.58 -27.88 -16.88
C SER B 316 -11.78 -27.35 -17.63
N ASN B 317 -11.52 -26.37 -18.51
CA ASN B 317 -12.51 -25.76 -19.37
C ASN B 317 -12.02 -25.78 -20.80
N PHE B 318 -12.96 -25.74 -21.74
CA PHE B 318 -12.60 -25.76 -23.16
C PHE B 318 -13.16 -24.51 -23.79
N ARG B 319 -12.52 -24.04 -24.86
CA ARG B 319 -13.01 -22.84 -25.52
C ARG B 319 -12.48 -22.80 -26.94
N VAL B 320 -13.38 -22.79 -27.92
CA VAL B 320 -12.97 -22.76 -29.32
C VAL B 320 -12.18 -21.50 -29.60
N GLN B 321 -11.05 -21.65 -30.27
CA GLN B 321 -10.18 -20.52 -30.51
C GLN B 321 -10.61 -19.72 -31.72
N PRO B 322 -10.26 -18.44 -31.78
CA PRO B 322 -10.63 -17.63 -32.93
C PRO B 322 -9.87 -18.07 -34.17
N THR B 323 -10.60 -18.17 -35.27
CA THR B 323 -10.03 -18.60 -36.54
C THR B 323 -9.58 -17.46 -37.44
N GLU B 324 -9.95 -16.21 -37.16
CA GLU B 324 -9.60 -15.13 -38.07
C GLU B 324 -9.60 -13.79 -37.35
N SER B 325 -8.96 -12.80 -37.97
CA SER B 325 -8.92 -11.45 -37.43
C SER B 325 -9.32 -10.42 -38.47
N ILE B 326 -10.18 -9.47 -38.10
CA ILE B 326 -10.68 -8.45 -39.02
C ILE B 326 -10.57 -7.09 -38.37
N VAL B 327 -10.30 -6.08 -39.19
CA VAL B 327 -10.27 -4.69 -38.77
C VAL B 327 -11.20 -3.90 -39.66
N ARG B 328 -11.96 -3.00 -39.07
CA ARG B 328 -12.95 -2.27 -39.82
C ARG B 328 -12.87 -0.80 -39.44
N PHE B 329 -12.41 0.03 -40.35
CA PHE B 329 -12.25 1.47 -40.18
C PHE B 329 -12.87 2.27 -41.31
N PRO B 330 -13.21 3.53 -41.06
CA PRO B 330 -13.83 4.36 -42.09
C PRO B 330 -12.89 4.60 -43.25
N ASN B 331 -13.45 5.19 -44.28
CA ASN B 331 -12.68 5.50 -45.49
C ASN B 331 -11.70 6.68 -45.30
N ILE B 332 -12.21 7.84 -44.87
CA ILE B 332 -11.49 9.10 -44.64
C ILE B 332 -10.23 9.23 -45.48
N THR B 333 -9.20 8.46 -45.15
CA THR B 333 -7.92 8.41 -45.87
C THR B 333 -7.28 9.71 -46.38
N ASN B 334 -7.53 10.84 -45.73
CA ASN B 334 -6.84 12.07 -46.08
C ASN B 334 -6.04 12.52 -44.87
N LEU B 335 -4.81 12.94 -45.09
CA LEU B 335 -3.93 13.31 -43.99
C LEU B 335 -4.33 14.63 -43.37
N CYS B 336 -3.80 14.89 -42.17
CA CYS B 336 -4.12 16.09 -41.43
C CYS B 336 -2.87 16.85 -41.06
N PRO B 337 -2.98 18.13 -40.75
CA PRO B 337 -1.79 18.95 -40.60
C PRO B 337 -1.03 18.70 -39.32
N PHE B 338 -0.21 17.69 -39.25
CA PHE B 338 0.81 17.69 -38.23
C PHE B 338 2.04 18.42 -38.71
N ASP B 339 2.28 18.41 -40.00
CA ASP B 339 3.41 19.17 -40.50
C ASP B 339 3.12 20.65 -40.45
N GLU B 340 1.91 21.04 -40.06
CA GLU B 340 1.61 22.45 -39.92
C GLU B 340 1.65 22.90 -38.47
N VAL B 341 1.29 22.05 -37.52
CA VAL B 341 1.37 22.47 -36.14
C VAL B 341 2.77 22.29 -35.59
N PHE B 342 3.53 21.35 -36.11
CA PHE B 342 4.90 21.13 -35.70
C PHE B 342 5.93 21.94 -36.48
N ASN B 343 5.69 22.24 -37.73
CA ASN B 343 6.63 23.03 -38.51
C ASN B 343 6.09 24.41 -38.72
N ALA B 344 5.33 24.90 -37.76
CA ALA B 344 4.75 26.21 -37.88
C ALA B 344 5.84 27.24 -38.07
N THR B 345 5.47 28.33 -38.71
CA THR B 345 6.42 29.38 -39.01
C THR B 345 6.85 30.11 -37.74
N ARG B 346 5.90 30.57 -36.95
CA ARG B 346 6.23 31.32 -35.75
C ARG B 346 5.40 30.85 -34.56
N PHE B 347 6.02 30.19 -33.59
CA PHE B 347 5.26 29.77 -32.43
C PHE B 347 4.79 30.98 -31.64
N ALA B 348 3.91 30.75 -30.69
CA ALA B 348 3.32 31.81 -29.91
C ALA B 348 3.95 31.86 -28.52
N SER B 349 3.82 32.98 -27.85
CA SER B 349 4.30 33.05 -26.47
C SER B 349 3.27 32.46 -25.54
N VAL B 350 3.73 32.03 -24.37
CA VAL B 350 2.92 31.15 -23.53
C VAL B 350 1.67 31.81 -22.98
N TYR B 351 1.67 33.10 -22.70
CA TYR B 351 0.48 33.70 -22.13
C TYR B 351 -0.64 33.89 -23.13
N ALA B 352 -0.38 33.68 -24.41
CA ALA B 352 -1.32 33.79 -25.50
C ALA B 352 -1.17 32.60 -26.41
N TRP B 353 -1.15 31.42 -25.80
CA TRP B 353 -0.91 30.20 -26.52
C TRP B 353 -1.92 30.00 -27.62
N ASN B 354 -1.63 29.05 -28.49
CA ASN B 354 -2.31 28.92 -29.76
C ASN B 354 -2.92 27.54 -29.88
N ARG B 355 -4.25 27.47 -29.81
CA ARG B 355 -5.01 26.25 -29.97
C ARG B 355 -5.32 25.93 -31.42
N LYS B 356 -5.52 24.65 -31.71
CA LYS B 356 -5.95 24.22 -33.02
C LYS B 356 -6.72 22.92 -32.89
N ARG B 357 -7.72 22.75 -33.76
CA ARG B 357 -8.51 21.53 -33.80
C ARG B 357 -8.13 20.67 -34.98
N ILE B 358 -8.21 19.37 -34.77
CA ILE B 358 -7.85 18.39 -35.77
C ILE B 358 -8.92 17.31 -35.81
N SER B 359 -9.68 17.26 -36.89
CA SER B 359 -10.65 16.18 -37.03
C SER B 359 -10.80 15.85 -38.50
N ASN B 360 -11.36 14.67 -38.77
CA ASN B 360 -11.60 14.18 -40.12
C ASN B 360 -10.29 14.09 -40.89
N CYS B 361 -9.39 13.27 -40.37
CA CYS B 361 -8.15 12.97 -41.05
C CYS B 361 -7.73 11.57 -40.65
N VAL B 362 -6.70 11.07 -41.31
CA VAL B 362 -6.07 9.81 -40.90
C VAL B 362 -4.79 10.16 -40.16
N ALA B 363 -4.88 10.27 -38.84
CA ALA B 363 -3.74 10.75 -38.09
C ALA B 363 -2.64 9.72 -38.14
N ASP B 364 -1.42 10.14 -38.46
CA ASP B 364 -0.27 9.25 -38.45
C ASP B 364 0.79 9.84 -37.53
N TYR B 365 1.07 9.16 -36.44
CA TYR B 365 2.03 9.63 -35.45
C TYR B 365 3.44 9.18 -35.72
N SER B 366 3.73 8.65 -36.88
CA SER B 366 5.08 8.18 -37.13
C SER B 366 5.95 9.24 -37.77
N VAL B 367 5.41 10.44 -37.97
CA VAL B 367 6.24 11.52 -38.48
C VAL B 367 6.90 12.30 -37.36
N LEU B 368 6.35 12.24 -36.15
CA LEU B 368 6.89 13.06 -35.07
C LEU B 368 8.31 12.65 -34.72
N TYR B 369 8.59 11.36 -34.66
CA TYR B 369 9.90 10.90 -34.22
C TYR B 369 11.01 11.46 -35.07
N ASN B 370 10.77 11.68 -36.36
CA ASN B 370 11.83 12.20 -37.22
C ASN B 370 12.08 13.67 -37.01
N PHE B 371 11.47 14.28 -36.01
CA PHE B 371 11.66 15.71 -35.87
C PHE B 371 12.95 16.02 -35.14
N ALA B 372 13.07 15.57 -33.91
CA ALA B 372 14.16 15.99 -33.04
C ALA B 372 14.44 14.89 -32.03
N PRO B 373 15.56 14.99 -31.30
CA PRO B 373 15.81 14.04 -30.21
C PRO B 373 14.77 14.13 -29.09
N PHE B 374 13.89 15.12 -29.10
CA PHE B 374 12.71 15.17 -28.24
C PHE B 374 13.04 15.11 -26.75
N PHE B 375 13.60 16.23 -26.28
CA PHE B 375 13.99 16.34 -24.88
C PHE B 375 12.89 15.92 -23.91
N ALA B 376 11.63 16.01 -24.31
CA ALA B 376 10.52 15.59 -23.47
C ALA B 376 9.47 14.94 -24.34
N PHE B 377 9.15 13.67 -24.11
CA PHE B 377 8.09 13.04 -24.87
C PHE B 377 7.42 12.06 -23.93
N LYS B 378 6.30 12.44 -23.37
CA LYS B 378 5.65 11.59 -22.41
C LYS B 378 4.15 11.66 -22.63
N CYS B 379 3.47 10.59 -22.29
CA CYS B 379 2.06 10.47 -22.58
C CYS B 379 1.33 10.02 -21.33
N TYR B 380 0.18 10.62 -21.09
CA TYR B 380 -0.64 10.28 -19.95
C TYR B 380 -1.86 9.53 -20.45
N GLY B 381 -2.06 8.32 -19.97
CA GLY B 381 -3.21 7.55 -20.36
C GLY B 381 -3.08 6.74 -21.62
N VAL B 382 -1.93 6.77 -22.29
CA VAL B 382 -1.77 6.05 -23.54
C VAL B 382 -0.29 5.83 -23.76
N SER B 383 0.04 4.89 -24.48
CA SER B 383 1.46 4.78 -24.71
C SER B 383 1.80 5.31 -26.08
N PRO B 384 3.01 5.85 -26.30
CA PRO B 384 3.30 6.43 -27.61
C PRO B 384 3.45 5.43 -28.73
N THR B 385 3.91 4.24 -28.44
CA THR B 385 4.08 3.29 -29.53
C THR B 385 2.74 2.69 -29.95
N LYS B 386 1.82 2.50 -29.02
CA LYS B 386 0.49 2.00 -29.30
C LYS B 386 -0.47 3.10 -29.70
N LEU B 387 0.06 4.20 -30.19
CA LEU B 387 -0.72 5.37 -30.55
C LEU B 387 -1.26 5.27 -31.95
N ASN B 388 -0.55 4.54 -32.78
CA ASN B 388 -0.79 4.51 -34.20
C ASN B 388 -1.93 3.58 -34.61
N ASP B 389 -2.62 2.94 -33.67
CA ASP B 389 -3.70 2.02 -33.98
C ASP B 389 -5.06 2.37 -33.39
N LEU B 390 -5.17 3.43 -32.60
CA LEU B 390 -6.38 3.86 -31.92
C LEU B 390 -7.17 4.92 -32.68
N CYS B 391 -8.43 5.06 -32.29
CA CYS B 391 -9.35 6.06 -32.84
C CYS B 391 -9.76 7.00 -31.72
N PHE B 392 -9.82 8.29 -32.01
CA PHE B 392 -10.08 9.29 -31.00
C PHE B 392 -11.30 10.10 -31.37
N THR B 393 -11.85 10.77 -30.37
CA THR B 393 -13.04 11.59 -30.62
C THR B 393 -12.67 12.93 -31.23
N ASN B 394 -11.97 13.77 -30.48
CA ASN B 394 -11.57 15.10 -30.92
C ASN B 394 -10.18 15.42 -30.41
N VAL B 395 -9.33 15.96 -31.28
CA VAL B 395 -7.93 16.15 -30.99
C VAL B 395 -7.57 17.62 -31.06
N TYR B 396 -7.15 18.19 -29.95
CA TYR B 396 -6.63 19.55 -29.89
C TYR B 396 -5.11 19.56 -29.91
N ALA B 397 -4.54 20.64 -30.42
CA ALA B 397 -3.09 20.78 -30.45
C ALA B 397 -2.77 22.18 -29.97
N ASP B 398 -1.99 22.28 -28.91
CA ASP B 398 -1.68 23.55 -28.25
C ASP B 398 -0.19 23.78 -28.28
N SER B 399 0.23 24.85 -28.92
CA SER B 399 1.64 25.09 -29.14
C SER B 399 2.07 26.42 -28.53
N PHE B 400 3.23 26.44 -27.90
CA PHE B 400 3.78 27.66 -27.33
C PHE B 400 5.25 27.46 -27.00
N VAL B 401 5.87 28.43 -26.34
CA VAL B 401 7.30 28.43 -26.06
C VAL B 401 7.57 28.86 -24.64
N ILE B 402 8.38 28.09 -23.92
CA ILE B 402 8.70 28.39 -22.52
C ILE B 402 10.18 28.20 -22.29
N ARG B 403 10.60 28.37 -21.05
CA ARG B 403 11.99 28.24 -20.69
C ARG B 403 12.33 26.78 -20.52
N GLY B 404 13.54 26.49 -20.13
CA GLY B 404 13.95 25.12 -20.02
C GLY B 404 13.51 24.40 -18.77
N ASN B 405 13.79 25.00 -17.62
CA ASN B 405 13.51 24.35 -16.36
C ASN B 405 12.08 24.46 -15.94
N GLU B 406 11.18 24.81 -16.85
CA GLU B 406 9.77 24.91 -16.51
C GLU B 406 8.96 23.88 -17.25
N VAL B 407 9.60 23.10 -18.12
CA VAL B 407 8.88 22.06 -18.83
C VAL B 407 8.29 21.07 -17.85
N SER B 408 8.91 20.92 -16.69
CA SER B 408 8.36 20.01 -15.72
C SER B 408 7.01 20.47 -15.21
N GLN B 409 6.67 21.74 -15.38
CA GLN B 409 5.40 22.23 -14.87
C GLN B 409 4.22 21.89 -15.76
N ILE B 410 4.46 21.47 -17.00
CA ILE B 410 3.38 21.14 -17.92
C ILE B 410 3.03 19.68 -17.65
N ALA B 411 2.20 19.47 -16.67
CA ALA B 411 1.82 18.14 -16.27
C ALA B 411 0.63 18.25 -15.35
N PRO B 412 -0.22 17.25 -15.25
CA PRO B 412 -1.40 17.37 -14.40
C PRO B 412 -1.03 17.60 -12.96
N GLY B 413 -1.76 18.50 -12.31
CA GLY B 413 -1.64 18.65 -10.88
C GLY B 413 -0.32 19.19 -10.39
N GLN B 414 0.46 19.81 -11.25
CA GLN B 414 1.72 20.40 -10.85
C GLN B 414 1.56 21.91 -10.66
N THR B 415 1.85 22.38 -9.45
CA THR B 415 1.74 23.81 -9.14
C THR B 415 3.08 24.49 -9.32
N GLY B 416 3.07 25.58 -10.03
CA GLY B 416 4.30 26.32 -10.32
C GLY B 416 3.97 27.76 -10.56
N ASN B 417 4.59 28.32 -11.56
CA ASN B 417 4.34 29.69 -11.97
C ASN B 417 3.72 29.81 -13.33
N ILE B 418 4.09 28.98 -14.29
CA ILE B 418 3.36 29.01 -15.54
C ILE B 418 2.18 28.06 -15.49
N ALA B 419 2.24 27.04 -14.67
CA ALA B 419 1.08 26.19 -14.49
C ALA B 419 0.12 26.75 -13.52
N ASP B 420 0.25 28.03 -13.20
CA ASP B 420 -0.58 28.60 -12.16
C ASP B 420 -1.24 29.86 -12.70
N TYR B 421 -0.56 30.56 -13.58
CA TYR B 421 -0.99 31.87 -14.00
C TYR B 421 -1.28 31.96 -15.48
N ASN B 422 -0.68 31.13 -16.32
CA ASN B 422 -0.91 31.28 -17.74
C ASN B 422 -1.06 30.00 -18.55
N TYR B 423 -1.03 28.82 -17.96
CA TYR B 423 -1.44 27.63 -18.69
C TYR B 423 -1.68 26.53 -17.68
N LYS B 424 -2.92 26.04 -17.58
CA LYS B 424 -3.22 25.00 -16.61
C LYS B 424 -3.98 23.88 -17.29
N LEU B 425 -3.56 22.64 -17.07
CA LEU B 425 -4.27 21.52 -17.66
C LEU B 425 -4.81 20.60 -16.58
N PRO B 426 -5.93 19.93 -16.83
CA PRO B 426 -6.69 19.32 -15.74
C PRO B 426 -5.92 18.19 -15.09
N ASP B 427 -6.43 17.76 -13.94
CA ASP B 427 -5.85 16.60 -13.28
C ASP B 427 -6.31 15.27 -13.86
N ASP B 428 -7.33 15.27 -14.71
CA ASP B 428 -7.80 14.06 -15.38
C ASP B 428 -7.35 14.02 -16.84
N PHE B 429 -6.13 14.46 -17.11
CA PHE B 429 -5.67 14.66 -18.46
C PHE B 429 -5.43 13.33 -19.16
N THR B 430 -5.58 13.35 -20.48
CA THR B 430 -5.25 12.19 -21.31
C THR B 430 -4.72 12.68 -22.65
N GLY B 431 -3.46 12.41 -22.91
CA GLY B 431 -2.82 12.93 -24.11
C GLY B 431 -1.32 12.81 -24.00
N CYS B 432 -0.62 13.73 -24.65
CA CYS B 432 0.83 13.66 -24.68
C CYS B 432 1.39 15.07 -24.70
N VAL B 433 2.63 15.21 -24.25
CA VAL B 433 3.34 16.47 -24.36
C VAL B 433 4.64 16.18 -25.08
N ILE B 434 5.10 17.15 -25.84
CA ILE B 434 6.29 16.98 -26.66
C ILE B 434 7.07 18.27 -26.60
N ALA B 435 8.29 18.22 -26.11
CA ALA B 435 9.08 19.42 -25.96
C ALA B 435 10.46 19.18 -26.50
N TRP B 436 10.95 20.09 -27.30
CA TRP B 436 12.30 19.92 -27.81
C TRP B 436 13.01 21.25 -27.74
N ASN B 437 14.30 21.18 -27.54
CA ASN B 437 15.08 22.39 -27.36
C ASN B 437 15.19 23.10 -28.70
N SER B 438 14.94 24.39 -28.70
CA SER B 438 14.99 25.15 -29.93
C SER B 438 15.78 26.40 -29.72
N ASN B 439 16.89 26.30 -29.01
CA ASN B 439 17.83 27.40 -28.90
C ASN B 439 18.39 27.83 -30.23
N LYS B 440 18.25 27.02 -31.27
CA LYS B 440 18.77 27.39 -32.57
C LYS B 440 18.04 28.56 -33.18
N LEU B 441 16.74 28.67 -32.94
CA LEU B 441 15.92 29.62 -33.64
C LEU B 441 15.27 30.69 -32.80
N ASP B 442 15.32 30.62 -31.49
CA ASP B 442 14.63 31.62 -30.69
C ASP B 442 15.55 32.51 -29.91
N SER B 443 16.82 32.22 -29.89
CA SER B 443 17.73 32.95 -29.08
C SER B 443 18.49 33.92 -29.97
N LYS B 444 18.20 35.18 -29.83
CA LYS B 444 18.93 36.21 -30.56
C LYS B 444 20.13 36.61 -29.75
N VAL B 445 21.20 37.01 -30.41
CA VAL B 445 22.33 37.51 -29.66
C VAL B 445 21.98 38.88 -29.10
N GLY B 446 22.14 39.04 -27.80
CA GLY B 446 21.73 40.25 -27.11
C GLY B 446 20.38 40.19 -26.45
N GLY B 447 19.56 39.19 -26.75
CA GLY B 447 18.28 39.06 -26.07
C GLY B 447 17.09 39.16 -27.00
N ASN B 448 16.22 38.16 -26.88
CA ASN B 448 14.98 38.10 -27.66
C ASN B 448 13.82 38.48 -26.74
N TYR B 449 13.43 39.74 -26.76
CA TYR B 449 12.33 40.20 -25.89
C TYR B 449 10.99 40.18 -26.61
N ASN B 450 10.63 39.02 -27.11
CA ASN B 450 9.36 38.81 -27.77
C ASN B 450 8.56 37.70 -27.18
N TYR B 451 9.16 36.83 -26.42
CA TYR B 451 8.43 35.77 -25.74
C TYR B 451 8.25 36.23 -24.33
N ARG B 452 7.00 36.54 -23.95
CA ARG B 452 6.69 37.03 -22.62
C ARG B 452 5.74 36.10 -21.89
N TYR B 453 5.60 36.32 -20.59
CA TYR B 453 4.73 35.47 -19.80
C TYR B 453 4.08 36.28 -18.70
N ARG B 454 2.90 35.85 -18.29
CA ARG B 454 2.18 36.55 -17.23
C ARG B 454 2.85 36.28 -15.92
N LEU B 455 3.14 37.34 -15.18
CA LEU B 455 3.77 37.19 -13.88
C LEU B 455 2.86 37.46 -12.70
N PHE B 456 1.79 38.24 -12.87
CA PHE B 456 0.93 38.63 -11.77
C PHE B 456 -0.51 38.41 -12.17
N ARG B 457 -1.29 37.83 -11.27
CA ARG B 457 -2.71 37.66 -11.51
C ARG B 457 -3.41 37.62 -10.18
N LYS B 458 -4.73 37.82 -10.22
CA LYS B 458 -5.47 37.86 -8.97
C LYS B 458 -5.64 36.46 -8.41
N SER B 459 -6.14 35.54 -9.23
CA SER B 459 -6.28 34.17 -8.78
C SER B 459 -5.80 33.22 -9.87
N ASN B 460 -5.49 32.00 -9.46
CA ASN B 460 -5.09 31.00 -10.44
C ASN B 460 -6.24 30.75 -11.39
N LEU B 461 -5.92 30.24 -12.56
CA LEU B 461 -6.90 30.13 -13.63
C LEU B 461 -7.36 28.69 -13.82
N LYS B 462 -8.56 28.56 -14.35
CA LYS B 462 -9.21 27.27 -14.57
C LYS B 462 -8.51 26.52 -15.70
N PRO B 463 -8.66 25.20 -15.75
CA PRO B 463 -7.97 24.44 -16.81
C PRO B 463 -8.35 24.89 -18.20
N PHE B 464 -7.35 24.91 -19.09
CA PHE B 464 -7.53 25.24 -20.49
C PHE B 464 -8.10 26.62 -20.68
N GLU B 465 -7.82 27.53 -19.77
CA GLU B 465 -8.35 28.88 -19.85
C GLU B 465 -7.24 29.81 -20.32
N ARG B 466 -7.59 30.76 -21.14
CA ARG B 466 -6.65 31.75 -21.64
C ARG B 466 -7.12 33.17 -21.37
N ASP B 467 -6.21 34.02 -20.92
CA ASP B 467 -6.47 35.44 -20.77
C ASP B 467 -5.34 36.24 -21.41
N ILE B 468 -5.72 37.33 -22.07
CA ILE B 468 -4.77 38.14 -22.81
C ILE B 468 -4.66 39.56 -22.27
N SER B 469 -5.62 40.02 -21.48
CA SER B 469 -5.65 41.39 -21.00
C SER B 469 -4.36 41.78 -20.30
N THR B 470 -3.93 43.01 -20.55
CA THR B 470 -2.70 43.55 -20.02
C THR B 470 -2.96 44.72 -19.08
N GLU B 471 -3.97 44.57 -18.23
CA GLU B 471 -4.32 45.63 -17.29
C GLU B 471 -3.29 45.68 -16.17
N ILE B 472 -3.09 46.87 -15.62
CA ILE B 472 -2.07 47.06 -14.60
C ILE B 472 -2.47 46.39 -13.29
N TYR B 473 -1.51 45.78 -12.62
CA TYR B 473 -1.80 44.97 -11.46
C TYR B 473 -2.03 45.82 -10.22
N GLN B 474 -2.79 45.25 -9.29
CA GLN B 474 -3.15 45.90 -8.05
C GLN B 474 -2.00 45.96 -7.06
N ALA B 475 -2.02 47.01 -6.26
CA ALA B 475 -1.06 47.27 -5.20
C ALA B 475 -1.86 47.53 -3.92
N GLY B 476 -1.15 47.59 -2.80
CA GLY B 476 -1.75 47.95 -1.52
C GLY B 476 -2.83 49.01 -1.64
N ASN B 477 -2.48 50.09 -2.33
CA ASN B 477 -3.37 51.19 -2.67
C ASN B 477 -3.56 51.18 -4.19
N LYS B 478 -4.60 51.92 -4.65
CA LYS B 478 -4.88 52.07 -6.07
C LYS B 478 -3.60 52.23 -6.85
N PRO B 479 -3.33 51.35 -7.82
CA PRO B 479 -2.05 51.40 -8.53
C PRO B 479 -1.84 52.77 -9.14
N CYS B 480 -0.58 53.02 -9.50
CA CYS B 480 -0.18 54.28 -10.09
C CYS B 480 -0.85 54.41 -11.46
N ASN B 481 -0.08 54.13 -12.51
CA ASN B 481 -0.59 54.17 -13.87
C ASN B 481 0.48 53.67 -14.81
N GLY B 482 0.59 52.38 -15.00
CA GLY B 482 1.65 51.82 -15.82
C GLY B 482 3.04 52.33 -15.50
N VAL B 483 3.26 52.71 -14.24
CA VAL B 483 4.55 53.24 -13.83
C VAL B 483 4.88 52.64 -12.47
N ALA B 484 6.12 52.86 -12.05
CA ALA B 484 6.60 52.35 -10.77
C ALA B 484 5.86 53.03 -9.64
N GLY B 485 6.07 52.52 -8.44
CA GLY B 485 5.38 53.04 -7.28
C GLY B 485 5.57 52.07 -6.15
N VAL B 486 4.70 52.19 -5.15
CA VAL B 486 4.87 51.31 -4.00
C VAL B 486 4.76 49.87 -4.47
N ASN B 487 3.67 49.51 -5.15
CA ASN B 487 3.73 48.33 -6.00
C ASN B 487 3.38 48.68 -7.45
N CYS B 488 2.11 48.95 -7.76
CA CYS B 488 1.59 49.33 -9.08
C CYS B 488 2.39 48.74 -10.25
N TYR B 489 2.54 47.43 -10.25
CA TYR B 489 3.35 46.71 -11.24
C TYR B 489 2.60 46.54 -12.55
N PHE B 490 3.28 45.94 -13.52
CA PHE B 490 2.74 45.61 -14.83
C PHE B 490 2.78 44.10 -14.97
N PRO B 491 1.77 43.52 -15.56
CA PRO B 491 1.62 42.06 -15.52
C PRO B 491 2.69 41.30 -16.27
N LEU B 492 2.94 41.64 -17.51
CA LEU B 492 3.76 40.81 -18.37
C LEU B 492 5.24 41.05 -18.11
N GLN B 493 6.03 40.01 -18.34
CA GLN B 493 7.47 40.05 -18.21
C GLN B 493 8.11 39.32 -19.38
N SER B 494 9.26 39.81 -19.82
CA SER B 494 9.85 39.23 -21.00
C SER B 494 10.65 38.02 -20.57
N TYR B 495 11.38 37.43 -21.51
CA TYR B 495 12.16 36.22 -21.26
C TYR B 495 13.64 36.51 -21.39
N GLY B 496 14.07 37.05 -22.51
CA GLY B 496 15.46 37.42 -22.65
C GLY B 496 16.39 36.33 -23.09
N PHE B 497 15.95 35.50 -24.02
CA PHE B 497 16.73 34.36 -24.44
C PHE B 497 18.00 34.81 -25.15
N ARG B 498 19.13 34.18 -24.81
CA ARG B 498 20.40 34.45 -25.45
C ARG B 498 21.09 33.14 -25.77
N PRO B 499 22.01 33.13 -26.74
CA PRO B 499 22.59 31.86 -27.17
C PRO B 499 23.50 31.23 -26.15
N THR B 500 23.97 31.95 -25.15
CA THR B 500 24.93 31.39 -24.20
C THR B 500 24.29 30.86 -22.94
N TYR B 501 23.01 31.04 -22.74
CA TYR B 501 22.40 30.58 -21.52
C TYR B 501 22.55 29.09 -21.34
N GLY B 502 22.67 28.69 -20.09
CA GLY B 502 22.73 27.28 -19.76
C GLY B 502 21.47 26.57 -20.19
N VAL B 503 21.55 25.25 -20.20
CA VAL B 503 20.44 24.43 -20.68
C VAL B 503 19.20 24.69 -19.86
N GLY B 504 19.35 25.12 -18.62
CA GLY B 504 18.18 25.40 -17.83
C GLY B 504 17.43 26.64 -18.27
N HIS B 505 18.06 27.50 -19.04
CA HIS B 505 17.44 28.73 -19.49
C HIS B 505 17.28 28.81 -21.00
N GLN B 506 17.45 27.81 -21.66
CA GLN B 506 17.28 27.93 -23.09
C GLN B 506 15.82 27.74 -23.50
N PRO B 507 15.42 28.35 -24.60
CA PRO B 507 14.02 28.29 -25.00
C PRO B 507 13.64 26.95 -25.54
N TYR B 508 12.46 26.49 -25.16
CA TYR B 508 11.95 25.21 -25.60
C TYR B 508 10.61 25.39 -26.27
N ARG B 509 10.42 24.71 -27.40
CA ARG B 509 9.14 24.71 -28.07
C ARG B 509 8.39 23.49 -27.62
N VAL B 510 7.14 23.64 -27.30
CA VAL B 510 6.37 22.56 -26.70
C VAL B 510 4.99 22.55 -27.32
N VAL B 511 4.50 21.37 -27.66
CA VAL B 511 3.18 21.21 -28.25
C VAL B 511 2.46 20.09 -27.51
N VAL B 512 1.20 20.31 -27.17
CA VAL B 512 0.44 19.41 -26.34
C VAL B 512 -0.77 18.91 -27.09
N LEU B 513 -0.96 17.60 -27.11
CA LEU B 513 -2.10 16.98 -27.77
C LEU B 513 -3.07 16.45 -26.75
N SER B 514 -4.35 16.76 -26.90
CA SER B 514 -5.36 16.31 -25.97
C SER B 514 -6.38 15.44 -26.69
N PHE B 515 -6.66 14.27 -26.15
CA PHE B 515 -7.58 13.35 -26.79
C PHE B 515 -8.83 13.20 -25.96
N GLU B 516 -9.75 12.42 -26.50
CA GLU B 516 -10.95 11.99 -25.81
C GLU B 516 -11.29 10.64 -26.39
N LEU B 517 -11.74 9.71 -25.55
CA LEU B 517 -11.90 8.33 -25.99
C LEU B 517 -13.26 7.73 -25.69
N LEU B 518 -14.09 8.39 -24.89
CA LEU B 518 -15.34 7.82 -24.39
C LEU B 518 -16.45 8.06 -25.40
N HIS B 519 -17.20 7.00 -25.72
CA HIS B 519 -18.31 7.05 -26.67
C HIS B 519 -17.99 7.83 -27.93
N ALA B 520 -17.04 7.30 -28.68
CA ALA B 520 -16.50 8.03 -29.80
C ALA B 520 -17.16 7.56 -31.09
N PRO B 521 -18.01 8.36 -31.73
CA PRO B 521 -18.21 8.05 -33.15
C PRO B 521 -17.00 8.64 -33.88
N ALA B 522 -15.93 7.86 -33.87
CA ALA B 522 -14.58 8.29 -34.22
C ALA B 522 -14.55 9.18 -35.44
N THR B 523 -13.79 10.27 -35.33
CA THR B 523 -13.63 11.23 -36.40
C THR B 523 -12.24 11.24 -36.99
N VAL B 524 -11.25 10.80 -36.22
CA VAL B 524 -9.84 10.83 -36.61
C VAL B 524 -9.15 9.59 -36.08
N CYS B 525 -8.76 8.69 -36.97
CA CYS B 525 -8.17 7.43 -36.57
C CYS B 525 -6.76 7.28 -37.15
N GLY B 526 -6.20 6.11 -36.97
CA GLY B 526 -4.87 5.84 -37.47
C GLY B 526 -4.92 5.16 -38.82
N PRO B 527 -3.89 4.43 -39.16
CA PRO B 527 -3.71 4.03 -40.54
C PRO B 527 -3.94 2.55 -40.79
N LYS B 528 -4.40 1.80 -39.79
CA LYS B 528 -4.65 0.38 -39.99
C LYS B 528 -5.57 0.17 -41.18
N LYS B 529 -5.19 -0.72 -42.08
CA LYS B 529 -5.99 -0.93 -43.28
C LYS B 529 -7.17 -1.84 -42.98
N SER B 530 -8.27 -1.59 -43.65
CA SER B 530 -9.48 -2.38 -43.40
C SER B 530 -9.39 -3.74 -44.07
N THR B 531 -10.27 -4.65 -43.65
CA THR B 531 -10.34 -5.98 -44.23
C THR B 531 -11.79 -6.36 -44.44
N ASN B 532 -12.00 -7.29 -45.35
CA ASN B 532 -13.34 -7.78 -45.63
C ASN B 532 -13.98 -8.37 -44.38
N LEU B 533 -15.28 -8.16 -44.25
CA LEU B 533 -15.98 -8.58 -43.05
C LEU B 533 -16.24 -10.08 -43.13
N VAL B 534 -16.15 -10.76 -42.00
CA VAL B 534 -16.43 -12.19 -41.88
C VAL B 534 -17.55 -12.41 -40.89
N LYS B 535 -18.49 -13.27 -41.21
CA LYS B 535 -19.62 -13.50 -40.33
C LYS B 535 -19.75 -14.97 -39.94
N ASN B 536 -20.36 -15.20 -38.79
CA ASN B 536 -20.67 -16.54 -38.28
C ASN B 536 -19.47 -17.40 -37.86
N LYS B 537 -18.31 -16.82 -37.56
CA LYS B 537 -17.18 -17.63 -37.12
C LYS B 537 -16.50 -16.92 -35.95
N CYS B 538 -16.01 -17.70 -34.98
CA CYS B 538 -15.28 -17.05 -33.89
C CYS B 538 -14.05 -16.36 -34.44
N VAL B 539 -14.04 -15.03 -34.41
CA VAL B 539 -13.05 -14.21 -35.07
C VAL B 539 -12.66 -13.06 -34.15
N ASN B 540 -11.40 -12.66 -34.23
CA ASN B 540 -10.98 -11.46 -33.52
C ASN B 540 -11.33 -10.22 -34.31
N PHE B 541 -12.05 -9.30 -33.69
CA PHE B 541 -12.55 -8.14 -34.42
C PHE B 541 -11.99 -6.87 -33.82
N ASN B 542 -11.90 -5.85 -34.64
CA ASN B 542 -11.49 -4.51 -34.24
C ASN B 542 -12.39 -3.48 -34.92
N PHE B 543 -13.50 -3.13 -34.29
CA PHE B 543 -14.43 -2.21 -34.92
C PHE B 543 -14.15 -0.79 -34.45
N ASN B 544 -13.45 -0.04 -35.28
CA ASN B 544 -13.21 1.37 -35.02
C ASN B 544 -12.58 1.63 -33.66
N GLY B 545 -11.79 0.70 -33.16
CA GLY B 545 -11.11 0.84 -31.89
C GLY B 545 -11.60 -0.13 -30.83
N LEU B 546 -12.84 -0.58 -30.92
CA LEU B 546 -13.39 -1.55 -29.98
C LEU B 546 -12.89 -2.94 -30.34
N THR B 547 -12.06 -3.53 -29.50
CA THR B 547 -11.48 -4.83 -29.78
C THR B 547 -12.05 -5.93 -28.88
N GLY B 548 -12.34 -7.07 -29.48
CA GLY B 548 -12.87 -8.21 -28.74
C GLY B 548 -12.90 -9.43 -29.62
N THR B 549 -13.50 -10.50 -29.13
CA THR B 549 -13.61 -11.76 -29.87
C THR B 549 -15.02 -12.30 -29.79
N GLY B 550 -15.46 -12.98 -30.84
CA GLY B 550 -16.78 -13.56 -30.85
C GLY B 550 -17.26 -13.76 -32.28
N VAL B 551 -18.45 -14.34 -32.38
CA VAL B 551 -19.09 -14.58 -33.67
C VAL B 551 -20.08 -13.47 -34.00
N LEU B 552 -20.03 -12.97 -35.23
CA LEU B 552 -20.86 -11.89 -35.71
C LEU B 552 -22.04 -12.37 -36.55
N THR B 553 -23.23 -11.86 -36.26
CA THR B 553 -24.44 -12.25 -36.97
C THR B 553 -25.24 -11.00 -37.30
N GLU B 554 -26.00 -11.04 -38.40
CA GLU B 554 -26.86 -9.92 -38.75
C GLU B 554 -27.89 -9.68 -37.66
N SER B 555 -28.02 -8.42 -37.24
CA SER B 555 -28.88 -8.01 -36.14
C SER B 555 -30.33 -7.86 -36.57
N ASN B 556 -31.20 -7.93 -35.57
CA ASN B 556 -32.63 -7.72 -35.76
C ASN B 556 -33.19 -6.64 -34.86
N LYS B 557 -32.35 -5.89 -34.16
CA LYS B 557 -32.79 -4.82 -33.28
C LYS B 557 -32.60 -3.48 -33.94
N LYS B 558 -33.54 -2.57 -33.69
CA LYS B 558 -33.63 -1.28 -34.37
C LYS B 558 -32.76 -0.23 -33.70
N PHE B 559 -31.55 -0.03 -34.23
CA PHE B 559 -30.74 1.09 -33.78
C PHE B 559 -31.31 2.39 -34.30
N LEU B 560 -31.42 3.35 -33.45
CA LEU B 560 -31.83 4.65 -33.95
C LEU B 560 -30.65 5.30 -34.66
N PRO B 561 -30.88 6.17 -35.63
CA PRO B 561 -29.77 6.66 -36.46
C PRO B 561 -28.66 7.37 -35.71
N PHE B 562 -28.89 7.81 -34.48
CA PHE B 562 -27.85 8.50 -33.75
C PHE B 562 -27.06 7.60 -32.82
N GLN B 563 -27.39 6.30 -32.75
CA GLN B 563 -26.72 5.39 -31.85
C GLN B 563 -25.63 4.63 -32.59
N GLN B 564 -24.54 4.35 -31.89
CA GLN B 564 -23.39 3.67 -32.48
C GLN B 564 -22.96 2.40 -31.79
N PHE B 565 -23.37 2.14 -30.56
CA PHE B 565 -22.94 0.96 -29.84
C PHE B 565 -24.15 0.36 -29.16
N GLY B 566 -24.08 -0.89 -28.79
CA GLY B 566 -25.16 -1.51 -28.06
C GLY B 566 -24.62 -2.27 -26.88
N ARG B 567 -25.39 -2.26 -25.79
CA ARG B 567 -24.90 -2.86 -24.56
C ARG B 567 -25.96 -3.71 -23.92
N ASP B 568 -25.54 -4.84 -23.40
CA ASP B 568 -26.39 -5.66 -22.55
C ASP B 568 -26.12 -5.27 -21.10
N ILE B 569 -26.63 -6.07 -20.17
CA ILE B 569 -26.38 -5.81 -18.76
C ILE B 569 -24.90 -5.94 -18.47
N ALA B 570 -24.42 -5.13 -17.53
CA ALA B 570 -23.04 -5.17 -17.06
C ALA B 570 -22.06 -4.71 -18.14
N ASP B 571 -22.44 -3.71 -18.92
CA ASP B 571 -21.57 -3.06 -19.89
C ASP B 571 -20.97 -4.04 -20.89
N THR B 572 -21.56 -5.21 -21.08
CA THR B 572 -21.03 -6.13 -22.06
C THR B 572 -21.48 -5.64 -23.43
N THR B 573 -20.53 -5.28 -24.29
CA THR B 573 -20.93 -4.78 -25.60
C THR B 573 -21.62 -5.87 -26.38
N ASP B 574 -22.92 -5.73 -26.57
CA ASP B 574 -23.71 -6.73 -27.25
C ASP B 574 -23.87 -6.52 -28.74
N ALA B 575 -23.77 -5.29 -29.24
CA ALA B 575 -23.97 -5.10 -30.66
C ALA B 575 -23.18 -3.90 -31.11
N VAL B 576 -22.95 -3.80 -32.41
CA VAL B 576 -22.20 -2.68 -32.96
C VAL B 576 -22.58 -2.54 -34.42
N ARG B 577 -22.56 -1.31 -34.91
CA ARG B 577 -22.85 -1.04 -36.30
C ARG B 577 -21.55 -0.84 -37.05
N ASP B 578 -21.49 -1.39 -38.24
CA ASP B 578 -20.28 -1.37 -39.03
C ASP B 578 -19.97 0.06 -39.42
N PRO B 579 -18.73 0.53 -39.24
CA PRO B 579 -18.41 1.89 -39.66
C PRO B 579 -18.30 2.09 -41.15
N GLN B 580 -18.43 1.04 -41.96
CA GLN B 580 -18.34 1.18 -43.41
C GLN B 580 -19.68 1.09 -44.09
N THR B 581 -20.44 0.03 -43.84
CA THR B 581 -21.74 -0.18 -44.45
C THR B 581 -22.92 0.10 -43.53
N LEU B 582 -22.66 0.44 -42.27
CA LEU B 582 -23.70 0.84 -41.32
C LEU B 582 -24.70 -0.27 -41.01
N GLU B 583 -24.36 -1.51 -41.31
CA GLU B 583 -25.21 -2.63 -40.93
C GLU B 583 -25.02 -2.97 -39.46
N ILE B 584 -26.10 -3.32 -38.78
CA ILE B 584 -26.05 -3.66 -37.35
C ILE B 584 -25.58 -5.09 -37.19
N LEU B 585 -24.67 -5.34 -36.25
CA LEU B 585 -24.11 -6.67 -36.03
C LEU B 585 -24.24 -7.10 -34.58
N ASP B 586 -24.57 -8.36 -34.34
CA ASP B 586 -24.62 -8.92 -33.00
C ASP B 586 -23.33 -9.63 -32.63
N ILE B 587 -22.90 -9.48 -31.38
CA ILE B 587 -21.70 -10.13 -30.89
C ILE B 587 -22.06 -11.14 -29.82
N THR B 588 -21.67 -12.40 -30.01
CA THR B 588 -21.87 -13.43 -29.01
C THR B 588 -20.54 -14.16 -28.82
N PRO B 589 -20.08 -14.38 -27.61
CA PRO B 589 -18.80 -15.09 -27.42
C PRO B 589 -18.90 -16.52 -27.88
N CYS B 590 -17.89 -16.98 -28.62
CA CYS B 590 -17.89 -18.34 -29.11
C CYS B 590 -17.96 -19.34 -27.97
N SER B 591 -18.47 -20.52 -28.30
CA SER B 591 -18.81 -21.57 -27.33
C SER B 591 -17.68 -21.97 -26.41
N PHE B 592 -18.02 -22.12 -25.13
CA PHE B 592 -17.11 -22.53 -24.08
C PHE B 592 -17.91 -23.16 -22.95
N GLY B 593 -17.21 -23.87 -22.08
CA GLY B 593 -17.85 -24.53 -20.97
C GLY B 593 -16.87 -25.41 -20.22
N GLY B 594 -17.35 -25.98 -19.12
CA GLY B 594 -16.53 -26.86 -18.29
C GLY B 594 -16.57 -28.32 -18.69
N VAL B 595 -15.47 -29.02 -18.39
CA VAL B 595 -15.32 -30.43 -18.73
C VAL B 595 -14.92 -31.25 -17.51
N SER B 596 -15.54 -32.42 -17.34
CA SER B 596 -15.26 -33.31 -16.24
C SER B 596 -14.87 -34.68 -16.78
N VAL B 597 -14.06 -35.40 -16.02
CA VAL B 597 -13.51 -36.69 -16.42
C VAL B 597 -14.13 -37.79 -15.57
N ILE B 598 -14.62 -38.85 -16.20
CA ILE B 598 -15.16 -40.01 -15.50
C ILE B 598 -14.13 -41.13 -15.54
N THR B 599 -13.71 -41.63 -14.39
CA THR B 599 -12.70 -42.68 -14.36
C THR B 599 -13.02 -43.78 -13.36
N PRO B 600 -12.88 -45.05 -13.72
CA PRO B 600 -13.11 -46.13 -12.76
C PRO B 600 -11.93 -46.43 -11.85
N GLY B 601 -10.90 -45.63 -11.85
CA GLY B 601 -9.76 -45.89 -11.00
C GLY B 601 -8.53 -46.28 -11.80
N THR B 602 -7.40 -45.70 -11.45
CA THR B 602 -6.16 -46.05 -12.13
C THR B 602 -5.86 -47.51 -11.94
N ASN B 603 -6.18 -48.05 -10.79
CA ASN B 603 -5.83 -49.41 -10.47
C ASN B 603 -6.81 -50.42 -11.05
N THR B 604 -7.98 -50.01 -11.51
CA THR B 604 -8.79 -50.95 -12.24
C THR B 604 -8.47 -50.95 -13.72
N SER B 605 -8.43 -49.78 -14.35
CA SER B 605 -8.14 -49.70 -15.77
C SER B 605 -7.95 -48.25 -16.18
N ASN B 606 -7.29 -48.07 -17.31
CA ASN B 606 -7.04 -46.74 -17.84
C ASN B 606 -8.15 -46.16 -18.68
N GLN B 607 -9.22 -46.89 -19.00
CA GLN B 607 -10.27 -46.28 -19.78
C GLN B 607 -10.87 -45.08 -19.05
N VAL B 608 -11.41 -44.14 -19.82
CA VAL B 608 -11.92 -42.90 -19.27
C VAL B 608 -13.05 -42.39 -20.15
N ALA B 609 -14.05 -41.77 -19.53
CA ALA B 609 -15.13 -41.10 -20.24
C ALA B 609 -15.17 -39.63 -19.88
N VAL B 610 -15.52 -38.79 -20.84
CA VAL B 610 -15.44 -37.34 -20.69
C VAL B 610 -16.82 -36.73 -20.81
N LEU B 611 -17.13 -35.79 -19.92
CA LEU B 611 -18.42 -35.09 -19.89
C LEU B 611 -18.25 -33.60 -20.15
N TYR B 612 -18.73 -33.12 -21.29
CA TYR B 612 -18.79 -31.69 -21.59
C TYR B 612 -20.08 -31.17 -21.00
N GLN B 613 -19.99 -30.35 -19.96
CA GLN B 613 -21.17 -30.05 -19.16
C GLN B 613 -22.17 -29.12 -19.81
N GLY B 614 -21.81 -27.87 -20.03
CA GLY B 614 -22.86 -27.01 -20.54
C GLY B 614 -22.89 -26.92 -22.04
N VAL B 615 -23.00 -28.05 -22.74
CA VAL B 615 -23.01 -28.05 -24.20
C VAL B 615 -23.67 -29.32 -24.65
N ASN B 616 -24.23 -29.30 -25.85
CA ASN B 616 -24.62 -30.53 -26.51
C ASN B 616 -23.68 -30.76 -27.68
N CYS B 617 -23.30 -32.01 -27.90
CA CYS B 617 -22.31 -32.35 -28.93
C CYS B 617 -22.65 -31.87 -30.31
N THR B 618 -23.86 -31.42 -30.58
CA THR B 618 -24.09 -30.95 -31.94
C THR B 618 -23.26 -29.71 -32.21
N GLU B 619 -22.72 -29.09 -31.17
CA GLU B 619 -21.90 -27.89 -31.33
C GLU B 619 -20.63 -27.93 -30.48
N VAL B 620 -20.03 -29.11 -30.30
CA VAL B 620 -18.77 -29.19 -29.54
C VAL B 620 -17.65 -28.45 -30.22
N ASN B 641 -18.06 -43.48 -28.03
CA ASN B 641 -19.48 -43.49 -28.34
C ASN B 641 -20.04 -42.17 -27.81
N VAL B 642 -21.23 -41.75 -28.22
CA VAL B 642 -21.80 -40.48 -27.81
C VAL B 642 -23.18 -40.67 -27.21
N PHE B 643 -23.48 -39.90 -26.17
CA PHE B 643 -24.75 -39.94 -25.47
C PHE B 643 -25.13 -38.56 -24.99
N GLN B 644 -26.42 -38.26 -24.99
CA GLN B 644 -26.94 -36.97 -24.57
C GLN B 644 -27.62 -37.05 -23.22
N THR B 645 -27.35 -36.08 -22.35
CA THR B 645 -27.96 -35.99 -21.04
C THR B 645 -28.36 -34.56 -20.76
N ARG B 646 -29.22 -34.39 -19.76
CA ARG B 646 -29.59 -33.05 -19.34
C ARG B 646 -28.42 -32.30 -18.74
N ALA B 647 -27.38 -32.99 -18.30
CA ALA B 647 -26.21 -32.33 -17.74
C ALA B 647 -25.18 -31.96 -18.79
N GLY B 648 -25.32 -32.48 -19.99
CA GLY B 648 -24.51 -32.26 -21.15
C GLY B 648 -24.37 -33.57 -21.87
N CYS B 649 -23.56 -33.60 -22.91
CA CYS B 649 -23.33 -34.84 -23.63
C CYS B 649 -22.07 -35.53 -23.17
N LEU B 650 -22.20 -36.82 -22.90
CA LEU B 650 -21.16 -37.68 -22.35
C LEU B 650 -20.58 -38.50 -23.48
N ILE B 651 -19.25 -38.50 -23.59
CA ILE B 651 -18.58 -39.20 -24.66
C ILE B 651 -17.70 -40.29 -24.08
N GLY B 652 -17.73 -41.44 -24.71
CA GLY B 652 -16.95 -42.55 -24.22
C GLY B 652 -17.72 -43.58 -23.43
N ALA B 653 -19.03 -43.43 -23.27
CA ALA B 653 -19.79 -44.40 -22.53
C ALA B 653 -21.10 -44.71 -23.25
N GLU B 654 -21.52 -45.97 -23.22
CA GLU B 654 -22.73 -46.38 -23.93
C GLU B 654 -23.90 -46.47 -22.96
N TYR B 655 -25.05 -45.98 -23.39
CA TYR B 655 -26.23 -46.00 -22.55
C TYR B 655 -26.93 -47.35 -22.61
N VAL B 656 -27.19 -47.94 -21.46
CA VAL B 656 -27.87 -49.22 -21.39
C VAL B 656 -29.22 -49.04 -20.72
N ASN B 657 -30.20 -49.83 -21.14
CA ASN B 657 -31.53 -49.69 -20.56
C ASN B 657 -31.64 -50.29 -19.16
N SER B 658 -30.69 -51.10 -18.72
CA SER B 658 -30.80 -51.68 -17.39
C SER B 658 -30.52 -50.64 -16.34
N SER B 659 -31.23 -50.72 -15.22
CA SER B 659 -31.07 -49.82 -14.10
C SER B 659 -30.38 -50.52 -12.95
N TYR B 660 -29.41 -49.86 -12.34
CA TYR B 660 -28.67 -50.46 -11.25
C TYR B 660 -28.52 -49.42 -10.15
N GLU B 661 -28.09 -49.85 -8.97
CA GLU B 661 -27.72 -48.90 -7.92
C GLU B 661 -26.44 -48.21 -8.36
N CYS B 662 -26.49 -46.90 -8.57
CA CYS B 662 -25.39 -46.23 -9.23
C CYS B 662 -24.30 -45.77 -8.28
N ASP B 663 -23.07 -45.77 -8.78
CA ASP B 663 -21.91 -45.42 -7.98
C ASP B 663 -21.14 -44.20 -8.48
N ILE B 664 -21.12 -43.90 -9.76
CA ILE B 664 -20.47 -42.65 -10.14
C ILE B 664 -21.58 -41.73 -10.60
N PRO B 665 -21.99 -40.77 -9.76
CA PRO B 665 -23.11 -39.89 -10.10
C PRO B 665 -22.70 -38.82 -11.10
N ILE B 666 -23.41 -38.78 -12.22
CA ILE B 666 -23.18 -37.76 -13.24
C ILE B 666 -24.10 -36.57 -13.08
N GLY B 667 -25.38 -36.80 -12.90
CA GLY B 667 -26.33 -35.74 -12.69
C GLY B 667 -27.59 -35.99 -13.46
N ALA B 668 -28.68 -35.41 -12.98
CA ALA B 668 -29.97 -35.54 -13.63
C ALA B 668 -30.38 -37.00 -13.73
N GLY B 669 -30.13 -37.76 -12.67
CA GLY B 669 -30.51 -39.15 -12.62
C GLY B 669 -29.66 -40.15 -13.38
N ILE B 670 -28.58 -39.74 -14.01
CA ILE B 670 -27.73 -40.64 -14.76
C ILE B 670 -26.49 -40.98 -13.94
N CYS B 671 -26.01 -42.20 -14.03
CA CYS B 671 -24.80 -42.60 -13.33
C CYS B 671 -23.92 -43.39 -14.28
N ALA B 672 -22.78 -43.89 -13.81
CA ALA B 672 -21.92 -44.68 -14.68
C ALA B 672 -21.15 -45.71 -13.88
N SER B 673 -20.73 -46.79 -14.55
CA SER B 673 -19.94 -47.80 -13.87
C SER B 673 -19.21 -48.65 -14.90
N TYR B 674 -18.22 -49.40 -14.42
CA TYR B 674 -17.41 -50.30 -15.25
C TYR B 674 -18.19 -51.59 -15.47
N GLN B 675 -18.43 -51.94 -16.73
CA GLN B 675 -19.26 -53.11 -17.04
C GLN B 675 -18.69 -54.41 -16.49
N THR B 676 -17.50 -54.81 -16.96
CA THR B 676 -16.85 -56.05 -16.52
C THR B 676 -17.71 -57.27 -16.82
N GLN B 690 -15.38 -54.56 -18.88
CA GLN B 690 -14.54 -54.28 -20.01
C GLN B 690 -14.95 -53.00 -20.72
N SER B 691 -15.93 -52.27 -20.18
CA SER B 691 -16.39 -51.04 -20.81
C SER B 691 -17.05 -50.16 -19.77
N ILE B 692 -17.17 -48.87 -20.07
CA ILE B 692 -17.85 -47.93 -19.19
C ILE B 692 -19.25 -47.67 -19.70
N ILE B 693 -20.25 -47.98 -18.86
CA ILE B 693 -21.67 -47.87 -19.19
C ILE B 693 -22.33 -46.80 -18.34
N ALA B 694 -23.15 -45.97 -18.96
CA ALA B 694 -24.00 -44.99 -18.29
C ALA B 694 -25.43 -45.50 -18.29
N TYR B 695 -26.15 -45.28 -17.19
CA TYR B 695 -27.49 -45.84 -17.06
C TYR B 695 -28.29 -44.99 -16.08
N THR B 696 -29.60 -45.17 -16.08
CA THR B 696 -30.44 -44.48 -15.11
C THR B 696 -30.48 -45.20 -13.77
N MET B 697 -30.53 -44.43 -12.69
CA MET B 697 -30.50 -44.98 -11.35
C MET B 697 -31.73 -45.81 -11.05
N SER B 698 -31.55 -46.82 -10.21
CA SER B 698 -32.65 -47.62 -9.69
C SER B 698 -32.86 -47.30 -8.22
N LEU B 699 -34.08 -46.94 -7.85
CA LEU B 699 -34.39 -46.57 -6.49
C LEU B 699 -34.74 -47.77 -5.62
N GLY B 700 -34.32 -48.97 -5.99
CA GLY B 700 -34.63 -50.14 -5.19
C GLY B 700 -35.75 -50.98 -5.77
N ALA B 701 -35.96 -52.13 -5.14
CA ALA B 701 -36.98 -53.07 -5.58
C ALA B 701 -38.37 -52.63 -5.16
N GLU B 702 -39.36 -53.09 -5.91
CA GLU B 702 -40.75 -52.77 -5.60
C GLU B 702 -41.37 -53.87 -4.76
N ASN B 703 -41.92 -53.49 -3.63
CA ASN B 703 -42.53 -54.41 -2.68
C ASN B 703 -43.97 -53.99 -2.52
N SER B 704 -44.88 -54.75 -3.12
CA SER B 704 -46.30 -54.45 -3.04
C SER B 704 -46.96 -55.19 -1.87
N VAL B 705 -46.86 -54.59 -0.68
CA VAL B 705 -47.47 -55.23 0.48
C VAL B 705 -48.97 -55.39 0.24
N ALA B 706 -49.48 -56.58 0.54
CA ALA B 706 -50.87 -56.95 0.31
C ALA B 706 -51.81 -56.34 1.35
N TYR B 707 -52.40 -55.21 1.04
CA TYR B 707 -53.36 -54.63 1.95
C TYR B 707 -54.72 -55.30 1.81
N SER B 708 -55.47 -55.32 2.89
CA SER B 708 -56.81 -55.89 2.88
C SER B 708 -57.50 -55.40 4.13
N ASN B 709 -58.82 -55.27 4.07
CA ASN B 709 -59.52 -54.74 5.22
C ASN B 709 -59.63 -55.71 6.41
N ASN B 710 -59.20 -56.95 6.31
CA ASN B 710 -59.37 -57.80 7.48
C ASN B 710 -58.16 -58.69 7.75
N SER B 711 -57.00 -58.42 7.16
CA SER B 711 -55.83 -59.26 7.33
C SER B 711 -54.77 -58.57 8.18
N ILE B 712 -54.06 -59.36 8.99
CA ILE B 712 -52.97 -58.89 9.88
C ILE B 712 -51.79 -59.83 9.77
N ALA B 713 -50.59 -59.27 9.70
CA ALA B 713 -49.33 -60.00 9.73
C ALA B 713 -48.59 -59.76 11.03
N ILE B 714 -48.30 -60.81 11.79
CA ILE B 714 -47.62 -60.61 13.07
C ILE B 714 -46.33 -61.42 13.08
N PRO B 715 -45.23 -60.89 13.60
CA PRO B 715 -43.98 -61.64 13.59
C PRO B 715 -43.93 -62.68 14.69
N THR B 716 -43.37 -63.83 14.37
CA THR B 716 -43.17 -64.86 15.37
C THR B 716 -41.75 -65.01 15.89
N ASN B 717 -40.78 -64.29 15.35
CA ASN B 717 -39.42 -64.41 15.86
C ASN B 717 -38.74 -63.05 15.72
N PHE B 718 -37.54 -62.95 16.24
CA PHE B 718 -36.84 -61.68 16.25
C PHE B 718 -35.37 -61.89 16.03
N THR B 719 -34.65 -60.79 15.93
CA THR B 719 -33.22 -60.86 15.82
C THR B 719 -32.70 -59.53 16.30
N ILE B 720 -31.75 -59.56 17.23
CA ILE B 720 -31.20 -58.32 17.77
C ILE B 720 -29.85 -58.08 17.14
N SER B 721 -29.65 -56.89 16.61
CA SER B 721 -28.43 -56.56 15.90
C SER B 721 -27.73 -55.40 16.54
N VAL B 722 -26.51 -55.15 16.12
CA VAL B 722 -25.68 -54.07 16.61
C VAL B 722 -25.20 -53.23 15.46
N THR B 723 -25.43 -51.94 15.51
CA THR B 723 -25.01 -51.01 14.47
C THR B 723 -24.05 -49.98 15.04
N THR B 724 -23.00 -49.67 14.31
CA THR B 724 -21.97 -48.73 14.75
C THR B 724 -22.17 -47.36 14.14
N GLU B 725 -22.22 -46.32 14.98
CA GLU B 725 -22.33 -44.94 14.54
C GLU B 725 -21.15 -44.10 15.01
N ILE B 726 -20.53 -43.35 14.10
CA ILE B 726 -19.34 -42.56 14.37
C ILE B 726 -19.66 -41.08 14.31
N LEU B 727 -19.05 -40.29 15.21
CA LEU B 727 -19.23 -38.84 15.32
C LEU B 727 -17.97 -38.09 15.73
N PRO B 728 -17.54 -37.07 15.02
CA PRO B 728 -16.40 -36.29 15.46
C PRO B 728 -16.76 -35.33 16.57
N VAL B 729 -15.83 -35.11 17.50
CA VAL B 729 -16.08 -34.28 18.67
C VAL B 729 -15.21 -33.04 18.76
N SER B 730 -14.00 -33.06 18.22
CA SER B 730 -13.15 -31.89 18.41
C SER B 730 -12.09 -31.86 17.33
N MET B 731 -11.35 -30.76 17.27
CA MET B 731 -10.28 -30.61 16.29
C MET B 731 -9.02 -30.09 16.95
N THR B 732 -7.95 -30.00 16.18
CA THR B 732 -6.66 -29.59 16.72
C THR B 732 -6.67 -28.13 17.13
N LYS B 733 -6.19 -27.85 18.35
CA LYS B 733 -6.09 -26.48 18.81
C LYS B 733 -4.83 -25.82 18.24
N THR B 734 -4.98 -24.65 17.62
CA THR B 734 -3.88 -23.96 16.98
C THR B 734 -3.69 -22.56 17.50
N SER B 735 -2.44 -22.13 17.67
CA SER B 735 -2.13 -20.75 17.99
C SER B 735 -1.11 -20.21 17.01
N VAL B 736 -1.23 -18.92 16.67
CA VAL B 736 -0.40 -18.29 15.66
C VAL B 736 0.21 -17.00 16.19
N ASP B 737 1.48 -16.76 15.83
CA ASP B 737 2.20 -15.51 16.12
C ASP B 737 2.18 -14.59 14.90
N CYS B 738 1.50 -13.46 15.01
CA CYS B 738 1.33 -12.60 13.86
C CYS B 738 2.65 -12.14 13.28
N THR B 739 3.43 -11.40 14.06
CA THR B 739 4.64 -10.80 13.50
C THR B 739 5.59 -11.83 12.92
N MET B 740 5.75 -12.97 13.57
CA MET B 740 6.64 -13.97 13.00
C MET B 740 6.14 -14.42 11.64
N TYR B 741 4.89 -14.84 11.57
CA TYR B 741 4.37 -15.25 10.26
C TYR B 741 4.42 -14.14 9.24
N ILE B 742 4.21 -12.90 9.65
CA ILE B 742 4.15 -11.84 8.67
C ILE B 742 5.53 -11.58 8.10
N CYS B 743 6.49 -11.21 8.95
CA CYS B 743 7.79 -10.86 8.41
C CYS B 743 8.96 -11.30 9.27
N GLY B 744 8.94 -12.54 9.75
CA GLY B 744 10.12 -13.21 10.25
C GLY B 744 11.17 -12.38 10.97
N ASP B 745 10.77 -11.64 11.99
CA ASP B 745 11.71 -10.90 12.84
C ASP B 745 12.57 -9.94 12.01
N SER B 746 11.89 -8.97 11.40
CA SER B 746 12.50 -7.88 10.66
C SER B 746 12.07 -6.58 11.33
N THR B 747 13.03 -5.74 11.69
CA THR B 747 12.68 -4.52 12.41
C THR B 747 11.85 -3.57 11.55
N GLU B 748 12.27 -3.34 10.32
CA GLU B 748 11.52 -2.40 9.47
C GLU B 748 10.10 -2.88 9.24
N CYS B 749 9.89 -4.18 9.19
CA CYS B 749 8.54 -4.64 8.99
C CYS B 749 7.71 -4.54 10.25
N SER B 750 8.29 -4.74 11.42
CA SER B 750 7.44 -4.55 12.58
C SER B 750 7.08 -3.08 12.71
N ASN B 751 8.05 -2.21 12.43
CA ASN B 751 7.78 -0.79 12.45
C ASN B 751 6.68 -0.41 11.48
N LEU B 752 6.56 -1.13 10.37
CA LEU B 752 5.50 -0.79 9.44
C LEU B 752 4.19 -1.49 9.73
N LEU B 753 4.23 -2.67 10.33
CA LEU B 753 3.01 -3.38 10.64
C LEU B 753 2.31 -2.77 11.83
N LEU B 754 3.07 -2.14 12.71
CA LEU B 754 2.45 -1.47 13.84
C LEU B 754 1.46 -0.39 13.40
N GLN B 755 1.49 0.02 12.14
CA GLN B 755 0.58 1.07 11.70
C GLN B 755 -0.77 0.54 11.31
N TYR B 756 -0.98 -0.76 11.31
CA TYR B 756 -2.23 -1.24 10.75
C TYR B 756 -3.34 -1.32 11.75
N GLY B 757 -3.05 -1.34 13.04
CA GLY B 757 -4.10 -1.34 14.02
C GLY B 757 -4.08 -2.60 14.83
N SER B 758 -5.26 -3.08 15.16
CA SER B 758 -5.43 -4.21 16.05
C SER B 758 -5.88 -5.46 15.32
N PHE B 759 -5.49 -5.63 14.07
CA PHE B 759 -5.85 -6.87 13.39
C PHE B 759 -5.28 -8.09 14.10
N CYS B 760 -4.02 -8.03 14.51
CA CYS B 760 -3.45 -9.17 15.21
C CYS B 760 -4.10 -9.44 16.54
N THR B 761 -4.46 -8.42 17.29
CA THR B 761 -5.15 -8.70 18.53
C THR B 761 -6.41 -9.50 18.26
N GLN B 762 -7.18 -9.09 17.27
CA GLN B 762 -8.40 -9.81 16.94
C GLN B 762 -8.10 -11.25 16.54
N LEU B 763 -7.07 -11.45 15.73
CA LEU B 763 -6.78 -12.81 15.30
C LEU B 763 -6.39 -13.70 16.47
N LYS B 764 -5.55 -13.19 17.35
CA LYS B 764 -5.15 -13.97 18.50
C LYS B 764 -6.34 -14.30 19.37
N ARG B 765 -7.21 -13.34 19.57
CA ARG B 765 -8.41 -13.59 20.35
C ARG B 765 -9.29 -14.65 19.72
N ALA B 766 -9.49 -14.60 18.41
CA ALA B 766 -10.35 -15.59 17.76
C ALA B 766 -9.80 -16.99 17.92
N LEU B 767 -8.50 -17.16 17.74
CA LEU B 767 -7.95 -18.50 17.84
C LEU B 767 -8.01 -19.01 19.27
N THR B 768 -7.76 -18.14 20.24
CA THR B 768 -7.89 -18.57 21.62
C THR B 768 -9.31 -19.02 21.93
N GLY B 769 -10.29 -18.31 21.40
CA GLY B 769 -11.66 -18.76 21.61
C GLY B 769 -11.93 -20.14 21.04
N ILE B 770 -11.41 -20.41 19.85
CA ILE B 770 -11.59 -21.74 19.28
C ILE B 770 -10.96 -22.81 20.16
N ALA B 771 -9.75 -22.57 20.65
CA ALA B 771 -9.11 -23.60 21.46
C ALA B 771 -9.90 -23.91 22.72
N VAL B 772 -10.32 -22.87 23.45
CA VAL B 772 -11.07 -23.15 24.66
C VAL B 772 -12.37 -23.87 24.33
N GLU B 773 -12.93 -23.60 23.17
CA GLU B 773 -14.15 -24.28 22.79
C GLU B 773 -13.93 -25.76 22.59
N GLN B 774 -12.80 -26.13 21.98
CA GLN B 774 -12.52 -27.55 21.79
C GLN B 774 -12.45 -28.27 23.12
N ASP B 775 -11.80 -27.65 24.08
CA ASP B 775 -11.73 -28.27 25.40
C ASP B 775 -13.12 -28.46 25.99
N LYS B 776 -13.96 -27.45 25.85
CA LYS B 776 -15.31 -27.59 26.40
C LYS B 776 -16.09 -28.70 25.72
N ASN B 777 -15.89 -28.90 24.43
CA ASN B 777 -16.61 -29.99 23.77
C ASN B 777 -16.24 -31.33 24.35
N THR B 778 -14.97 -31.62 24.49
CA THR B 778 -14.61 -32.89 25.11
C THR B 778 -15.21 -33.03 26.50
N GLN B 779 -15.13 -31.97 27.30
CA GLN B 779 -15.65 -32.05 28.66
C GLN B 779 -17.13 -32.37 28.65
N GLU B 780 -17.89 -31.60 27.89
CA GLU B 780 -19.34 -31.77 27.83
C GLU B 780 -19.75 -33.14 27.34
N VAL B 781 -19.00 -33.72 26.41
CA VAL B 781 -19.44 -35.02 25.90
C VAL B 781 -19.15 -36.12 26.89
N PHE B 782 -17.92 -36.20 27.36
CA PHE B 782 -17.52 -37.40 28.09
C PHE B 782 -17.71 -37.31 29.59
N ALA B 783 -17.44 -36.16 30.20
CA ALA B 783 -17.49 -35.99 31.64
C ALA B 783 -18.90 -35.78 32.18
N GLN B 784 -19.78 -36.71 31.88
CA GLN B 784 -21.13 -36.62 32.39
C GLN B 784 -21.29 -37.29 33.74
N VAL B 785 -20.61 -38.39 33.93
CA VAL B 785 -20.65 -39.14 35.18
C VAL B 785 -19.76 -38.46 36.19
N LYS B 786 -20.16 -38.51 37.45
CA LYS B 786 -19.40 -37.82 38.48
C LYS B 786 -18.34 -38.71 39.14
N GLN B 787 -18.66 -39.98 39.34
CA GLN B 787 -17.79 -40.93 40.01
C GLN B 787 -17.29 -42.01 39.07
N ILE B 788 -16.02 -42.37 39.16
CA ILE B 788 -15.46 -43.38 38.29
C ILE B 788 -15.87 -44.75 38.83
N TYR B 789 -16.89 -45.36 38.24
CA TYR B 789 -17.36 -46.68 38.66
C TYR B 789 -16.48 -47.82 38.16
N LYS B 790 -16.12 -48.73 39.05
CA LYS B 790 -15.30 -49.87 38.70
C LYS B 790 -16.16 -51.09 38.43
N THR B 791 -15.70 -51.94 37.54
CA THR B 791 -16.31 -53.21 37.13
C THR B 791 -16.02 -54.29 38.17
N PRO B 792 -16.99 -55.12 38.54
CA PRO B 792 -16.71 -56.18 39.52
C PRO B 792 -15.70 -57.18 38.99
N PRO B 793 -15.02 -57.92 39.85
CA PRO B 793 -14.01 -58.86 39.35
C PRO B 793 -14.59 -60.10 38.70
N ILE B 794 -15.63 -60.71 39.27
CA ILE B 794 -16.26 -61.87 38.64
C ILE B 794 -17.12 -61.32 37.51
N LYS B 795 -16.61 -61.38 36.29
CA LYS B 795 -17.26 -60.80 35.13
C LYS B 795 -18.24 -61.75 34.45
N TYR B 796 -19.21 -62.23 35.22
CA TYR B 796 -20.28 -63.06 34.68
C TYR B 796 -21.60 -62.33 34.81
N PHE B 797 -22.24 -62.04 33.68
CA PHE B 797 -23.46 -61.27 33.61
C PHE B 797 -24.59 -62.02 32.93
N GLY B 798 -24.69 -63.30 33.21
CA GLY B 798 -25.76 -64.10 32.64
C GLY B 798 -25.61 -64.44 31.18
N GLY B 799 -24.43 -64.89 30.77
CA GLY B 799 -24.17 -65.27 29.41
C GLY B 799 -23.72 -64.18 28.47
N PHE B 800 -23.99 -62.93 28.77
CA PHE B 800 -23.55 -61.88 27.88
C PHE B 800 -22.04 -61.76 27.99
N ASN B 801 -21.38 -61.54 26.88
CA ASN B 801 -19.92 -61.47 26.84
C ASN B 801 -19.46 -60.10 26.41
N PHE B 802 -19.14 -59.25 27.37
CA PHE B 802 -18.65 -57.91 27.13
C PHE B 802 -17.15 -57.81 26.97
N SER B 803 -16.47 -58.93 26.73
CA SER B 803 -15.02 -58.87 26.64
C SER B 803 -14.54 -57.95 25.54
N GLN B 804 -15.29 -57.81 24.47
CA GLN B 804 -14.82 -56.98 23.37
C GLN B 804 -14.88 -55.50 23.68
N ILE B 805 -15.60 -55.07 24.69
CA ILE B 805 -15.70 -53.64 24.98
C ILE B 805 -15.11 -53.25 26.32
N LEU B 806 -14.98 -54.14 27.28
CA LEU B 806 -14.41 -53.76 28.57
C LEU B 806 -12.90 -53.59 28.44
N PRO B 807 -12.28 -52.77 29.28
CA PRO B 807 -10.84 -52.54 29.13
C PRO B 807 -10.04 -53.81 29.37
N ASP B 808 -8.96 -53.94 28.60
CA ASP B 808 -8.07 -55.09 28.66
C ASP B 808 -6.93 -54.83 29.62
N PRO B 809 -6.86 -55.52 30.76
CA PRO B 809 -5.76 -55.26 31.70
C PRO B 809 -4.39 -55.68 31.20
N SER B 810 -4.32 -56.51 30.17
CA SER B 810 -3.02 -56.97 29.70
C SER B 810 -2.21 -55.81 29.12
N LYS B 811 -2.74 -55.14 28.12
CA LYS B 811 -2.02 -54.04 27.50
C LYS B 811 -1.87 -52.89 28.49
N PRO B 812 -0.77 -52.14 28.40
CA PRO B 812 -0.57 -51.04 29.34
C PRO B 812 -1.52 -49.88 29.13
N SER B 813 -1.94 -49.63 27.89
CA SER B 813 -2.85 -48.52 27.60
C SER B 813 -4.25 -48.73 28.14
N LYS B 814 -4.61 -49.96 28.51
CA LYS B 814 -5.90 -50.27 29.12
C LYS B 814 -7.09 -49.92 28.23
N ARG B 815 -6.96 -50.09 26.92
CA ARG B 815 -8.08 -49.87 26.02
C ARG B 815 -8.65 -51.22 25.63
N SER B 816 -9.95 -51.25 25.44
CA SER B 816 -10.59 -52.48 24.98
C SER B 816 -10.07 -52.85 23.61
N PRO B 817 -10.31 -54.07 23.14
CA PRO B 817 -9.88 -54.41 21.80
C PRO B 817 -10.50 -53.59 20.70
N ILE B 818 -11.78 -53.27 20.77
CA ILE B 818 -12.36 -52.43 19.72
C ILE B 818 -11.70 -51.07 19.73
N GLU B 819 -11.42 -50.53 20.91
CA GLU B 819 -10.76 -49.25 20.98
C GLU B 819 -9.38 -49.33 20.38
N ASP B 820 -8.67 -50.44 20.58
CA ASP B 820 -7.36 -50.60 19.97
C ASP B 820 -7.46 -50.60 18.46
N LEU B 821 -8.43 -51.31 17.93
CA LEU B 821 -8.61 -51.33 16.49
C LEU B 821 -8.90 -49.94 15.96
N LEU B 822 -9.72 -49.18 16.68
CA LEU B 822 -10.02 -47.82 16.26
C LEU B 822 -8.78 -46.95 16.25
N PHE B 823 -7.94 -47.07 17.28
CA PHE B 823 -6.76 -46.22 17.29
C PHE B 823 -5.79 -46.58 16.19
N ASN B 824 -5.75 -47.83 15.78
CA ASN B 824 -4.82 -48.19 14.71
C ASN B 824 -5.39 -47.89 13.34
N LYS B 825 -6.72 -47.89 13.19
CA LYS B 825 -7.29 -47.69 11.86
C LYS B 825 -7.06 -46.28 11.36
N VAL B 826 -6.97 -45.31 12.24
CA VAL B 826 -6.78 -43.93 11.84
C VAL B 826 -5.44 -43.45 12.36
N THR B 827 -4.70 -42.76 11.50
CA THR B 827 -3.40 -42.24 11.85
C THR B 827 -3.26 -40.85 11.28
N LEU B 828 -2.20 -40.16 11.69
CA LEU B 828 -1.93 -38.81 11.23
C LEU B 828 -1.54 -38.82 9.76
N PHE B 855 8.36 -24.85 11.67
CA PHE B 855 7.30 -23.94 11.26
C PHE B 855 7.71 -22.48 11.29
N ASN B 856 6.75 -21.59 11.10
CA ASN B 856 7.07 -20.14 11.14
C ASN B 856 6.07 -19.41 12.03
N GLY B 857 5.94 -19.85 13.28
CA GLY B 857 5.05 -19.14 14.22
C GLY B 857 3.78 -19.92 14.47
N LEU B 858 3.62 -21.06 13.81
CA LEU B 858 2.37 -21.84 13.94
C LEU B 858 2.58 -22.99 14.91
N THR B 859 2.06 -22.85 16.13
CA THR B 859 2.17 -23.95 17.11
C THR B 859 0.89 -24.77 17.08
N VAL B 860 0.90 -25.95 17.70
CA VAL B 860 -0.34 -26.76 17.79
C VAL B 860 -0.48 -27.19 19.25
N LEU B 861 -1.08 -26.36 20.09
CA LEU B 861 -1.17 -26.66 21.54
C LEU B 861 -1.76 -28.06 21.72
N PRO B 862 -1.46 -28.75 22.84
CA PRO B 862 -1.95 -30.10 23.05
C PRO B 862 -3.28 -30.18 23.82
N PRO B 863 -4.07 -31.25 23.66
CA PRO B 863 -5.34 -31.38 24.35
C PRO B 863 -5.14 -31.29 25.86
N LEU B 864 -6.23 -31.11 26.62
CA LEU B 864 -6.13 -31.04 28.11
C LEU B 864 -6.37 -32.42 28.69
N LEU B 865 -7.46 -33.08 28.31
CA LEU B 865 -7.67 -34.47 28.79
C LEU B 865 -6.83 -35.41 27.92
N THR B 866 -6.05 -36.29 28.54
CA THR B 866 -5.15 -37.20 27.79
C THR B 866 -5.92 -38.46 27.41
N ASP B 867 -5.52 -39.12 26.34
CA ASP B 867 -6.30 -40.29 25.87
C ASP B 867 -6.46 -41.34 26.95
N GLU B 868 -5.60 -41.37 27.96
CA GLU B 868 -5.84 -42.31 29.04
C GLU B 868 -7.04 -41.88 29.88
N MET B 869 -7.14 -40.59 30.17
CA MET B 869 -8.25 -40.15 30.98
C MET B 869 -9.56 -40.27 30.23
N ILE B 870 -9.56 -40.05 28.92
CA ILE B 870 -10.80 -40.24 28.17
C ILE B 870 -11.22 -41.70 28.20
N ALA B 871 -10.26 -42.61 28.06
CA ALA B 871 -10.61 -44.02 28.15
C ALA B 871 -11.13 -44.36 29.53
N GLN B 872 -10.60 -43.72 30.56
CA GLN B 872 -11.12 -43.97 31.90
C GLN B 872 -12.55 -43.49 32.04
N TYR B 873 -12.89 -42.33 31.47
CA TYR B 873 -14.27 -41.89 31.52
C TYR B 873 -15.19 -42.87 30.82
N THR B 874 -14.78 -43.34 29.64
CA THR B 874 -15.60 -44.29 28.91
C THR B 874 -15.79 -45.57 29.70
N SER B 875 -14.73 -46.05 30.34
CA SER B 875 -14.87 -47.25 31.14
C SER B 875 -15.83 -47.03 32.29
N ALA B 876 -15.83 -45.83 32.85
CA ALA B 876 -16.78 -45.54 33.92
C ALA B 876 -18.21 -45.63 33.42
N LEU B 877 -18.48 -45.05 32.25
CA LEU B 877 -19.83 -45.17 31.73
C LEU B 877 -20.22 -46.61 31.44
N LEU B 878 -19.33 -47.40 30.88
CA LEU B 878 -19.67 -48.79 30.63
C LEU B 878 -19.95 -49.56 31.91
N ALA B 879 -19.09 -49.43 32.91
CA ALA B 879 -19.33 -50.15 34.15
C ALA B 879 -20.63 -49.72 34.81
N GLY B 880 -20.90 -48.43 34.80
CA GLY B 880 -22.13 -47.95 35.38
C GLY B 880 -23.34 -48.54 34.69
N THR B 881 -23.38 -48.48 33.37
CA THR B 881 -24.53 -48.97 32.64
C THR B 881 -24.66 -50.47 32.73
N ILE B 882 -23.57 -51.20 32.94
CA ILE B 882 -23.68 -52.65 32.98
C ILE B 882 -24.21 -53.10 34.31
N THR B 883 -23.89 -52.38 35.37
CA THR B 883 -24.26 -52.88 36.69
C THR B 883 -25.47 -52.19 37.27
N SER B 884 -25.86 -51.03 36.76
CA SER B 884 -26.92 -50.23 37.36
C SER B 884 -27.96 -49.72 36.39
N GLY B 885 -27.84 -50.00 35.10
CA GLY B 885 -28.79 -49.59 34.09
C GLY B 885 -28.92 -48.09 33.91
N TRP B 886 -30.14 -47.60 33.79
CA TRP B 886 -30.32 -46.17 33.60
C TRP B 886 -30.13 -45.37 34.87
N THR B 887 -30.27 -46.00 36.03
CA THR B 887 -30.41 -45.27 37.28
C THR B 887 -29.20 -44.41 37.56
N PHE B 888 -28.03 -44.84 37.17
CA PHE B 888 -26.84 -44.07 37.52
C PHE B 888 -26.83 -42.70 36.88
N GLY B 889 -27.72 -42.42 35.96
CA GLY B 889 -27.76 -41.12 35.33
C GLY B 889 -28.73 -40.17 36.00
N ALA B 890 -29.60 -40.69 36.85
CA ALA B 890 -30.60 -39.91 37.55
C ALA B 890 -30.27 -39.67 39.02
N GLY B 891 -29.23 -40.29 39.55
CA GLY B 891 -28.83 -40.12 40.92
C GLY B 891 -27.94 -41.23 41.42
N PRO B 892 -28.21 -41.77 42.59
CA PRO B 892 -27.35 -42.82 43.13
C PRO B 892 -27.48 -44.10 42.32
N ALA B 893 -26.34 -44.68 41.95
CA ALA B 893 -26.34 -45.89 41.15
C ALA B 893 -26.87 -47.07 41.96
N LEU B 894 -27.95 -47.67 41.51
CA LEU B 894 -28.56 -48.82 42.16
C LEU B 894 -28.29 -50.09 41.36
N GLN B 895 -27.64 -51.07 41.97
CA GLN B 895 -27.31 -52.32 41.30
C GLN B 895 -28.53 -53.19 41.02
N ILE B 896 -28.53 -53.84 39.86
CA ILE B 896 -29.60 -54.72 39.42
C ILE B 896 -29.02 -55.86 38.56
N PRO B 897 -29.47 -57.09 38.73
CA PRO B 897 -29.00 -58.18 37.89
C PRO B 897 -29.17 -57.87 36.41
N PHE B 898 -28.19 -58.22 35.60
CA PHE B 898 -28.29 -57.85 34.19
C PHE B 898 -29.48 -58.46 33.46
N PRO B 899 -29.87 -59.71 33.68
CA PRO B 899 -31.10 -60.17 33.05
C PRO B 899 -32.32 -59.37 33.44
N MET B 900 -32.46 -58.93 34.69
CA MET B 900 -33.61 -58.09 34.97
C MET B 900 -33.51 -56.75 34.28
N GLN B 901 -32.32 -56.26 34.07
CA GLN B 901 -32.25 -55.01 33.34
C GLN B 901 -32.73 -55.19 31.93
N MET B 902 -32.30 -56.26 31.27
CA MET B 902 -32.84 -56.44 29.93
C MET B 902 -34.32 -56.76 29.92
N ALA B 903 -34.87 -57.38 30.95
CA ALA B 903 -36.31 -57.57 30.95
C ALA B 903 -37.03 -56.25 31.04
N TYR B 904 -36.57 -55.35 31.90
CA TYR B 904 -37.07 -53.98 31.91
C TYR B 904 -37.08 -53.37 30.52
N ARG B 905 -35.95 -53.47 29.80
CA ARG B 905 -35.91 -52.83 28.49
C ARG B 905 -36.89 -53.49 27.52
N PHE B 906 -37.04 -54.79 27.59
CA PHE B 906 -38.03 -55.45 26.76
C PHE B 906 -39.41 -54.86 27.03
N ASN B 907 -39.82 -54.75 28.29
CA ASN B 907 -41.07 -54.02 28.54
C ASN B 907 -41.06 -52.66 27.91
N GLY B 908 -39.91 -52.00 27.93
CA GLY B 908 -39.87 -50.69 27.33
C GLY B 908 -40.25 -50.65 25.87
N ILE B 909 -39.99 -51.71 25.12
CA ILE B 909 -40.42 -51.70 23.70
C ILE B 909 -41.73 -52.45 23.50
N GLY B 910 -42.52 -52.64 24.54
CA GLY B 910 -43.83 -53.23 24.32
C GLY B 910 -43.88 -54.73 24.18
N VAL B 911 -42.83 -55.46 24.58
CA VAL B 911 -42.81 -56.92 24.55
C VAL B 911 -42.77 -57.39 25.98
N THR B 912 -43.66 -58.29 26.35
CA THR B 912 -43.71 -58.73 27.73
C THR B 912 -42.44 -59.49 28.07
N GLN B 913 -42.01 -59.35 29.32
CA GLN B 913 -40.74 -59.89 29.79
C GLN B 913 -40.66 -61.41 29.78
N ASN B 914 -41.78 -62.10 29.81
CA ASN B 914 -41.69 -63.54 29.74
C ASN B 914 -41.00 -63.94 28.45
N VAL B 915 -41.10 -63.12 27.43
CA VAL B 915 -40.37 -63.38 26.21
C VAL B 915 -38.87 -63.39 26.46
N LEU B 916 -38.37 -62.58 27.38
CA LEU B 916 -36.93 -62.64 27.62
C LEU B 916 -36.53 -63.80 28.52
N TYR B 917 -37.31 -64.10 29.55
CA TYR B 917 -36.83 -65.17 30.41
C TYR B 917 -36.85 -66.52 29.75
N GLU B 918 -37.63 -66.69 28.71
CA GLU B 918 -37.71 -67.97 28.05
C GLU B 918 -36.72 -68.10 26.91
N ASN B 919 -36.02 -67.05 26.56
CA ASN B 919 -35.08 -67.10 25.46
C ASN B 919 -33.78 -66.44 25.86
N GLN B 920 -33.46 -66.47 27.14
CA GLN B 920 -32.21 -65.89 27.62
C GLN B 920 -31.00 -66.47 26.90
N LYS B 921 -30.95 -67.79 26.76
CA LYS B 921 -29.79 -68.42 26.13
C LYS B 921 -29.66 -67.97 24.68
N LEU B 922 -30.75 -68.06 23.93
CA LEU B 922 -30.74 -67.67 22.54
C LEU B 922 -30.39 -66.21 22.35
N ILE B 923 -30.92 -65.35 23.21
CA ILE B 923 -30.67 -63.93 23.11
C ILE B 923 -29.21 -63.64 23.37
N ALA B 924 -28.64 -64.29 24.38
CA ALA B 924 -27.25 -64.06 24.67
C ALA B 924 -26.36 -64.51 23.53
N ASN B 925 -26.67 -65.64 22.90
CA ASN B 925 -25.88 -66.07 21.75
C ASN B 925 -25.96 -65.08 20.61
N GLN B 926 -27.14 -64.57 20.33
CA GLN B 926 -27.26 -63.63 19.24
C GLN B 926 -26.48 -62.36 19.53
N PHE B 927 -26.54 -61.88 20.76
CA PHE B 927 -25.79 -60.70 21.13
C PHE B 927 -24.30 -60.91 21.03
N ASN B 928 -23.80 -62.05 21.51
CA ASN B 928 -22.36 -62.30 21.41
C ASN B 928 -21.90 -62.36 19.96
N SER B 929 -22.64 -63.04 19.10
CA SER B 929 -22.24 -63.12 17.70
C SER B 929 -22.21 -61.75 17.06
N ALA B 930 -23.20 -60.91 17.35
CA ALA B 930 -23.20 -59.57 16.75
C ALA B 930 -22.01 -58.76 17.22
N ILE B 931 -21.72 -58.82 18.52
CA ILE B 931 -20.59 -58.05 19.04
C ILE B 931 -19.32 -58.55 18.41
N GLY B 932 -19.23 -59.85 18.14
CA GLY B 932 -18.04 -60.36 17.50
C GLY B 932 -17.88 -59.92 16.07
N LYS B 933 -18.98 -59.85 15.32
CA LYS B 933 -18.85 -59.42 13.93
C LYS B 933 -18.58 -57.94 13.78
N ILE B 934 -18.85 -57.14 14.79
CA ILE B 934 -18.56 -55.71 14.67
C ILE B 934 -17.10 -55.42 14.40
N GLN B 935 -16.20 -56.08 15.11
CA GLN B 935 -14.78 -55.77 14.89
C GLN B 935 -14.34 -56.13 13.49
N ASP B 936 -14.77 -57.29 13.00
CA ASP B 936 -14.43 -57.68 11.64
C ASP B 936 -14.97 -56.68 10.64
N SER B 937 -16.20 -56.20 10.87
CA SER B 937 -16.76 -55.22 9.94
C SER B 937 -15.95 -53.94 9.94
N LEU B 938 -15.56 -53.45 11.12
CA LEU B 938 -14.77 -52.23 11.14
C LEU B 938 -13.45 -52.40 10.43
N SER B 939 -12.87 -53.60 10.53
CA SER B 939 -11.57 -53.79 9.91
C SER B 939 -11.66 -53.95 8.41
N SER B 940 -12.71 -54.61 7.93
CA SER B 940 -12.81 -54.86 6.52
C SER B 940 -13.32 -53.67 5.74
N THR B 941 -14.09 -52.82 6.34
CA THR B 941 -14.59 -51.66 5.63
C THR B 941 -13.42 -50.74 5.34
N PRO B 942 -13.28 -50.25 4.11
CA PRO B 942 -12.13 -49.41 3.78
C PRO B 942 -12.25 -47.99 4.29
N SER B 943 -13.48 -47.49 4.39
CA SER B 943 -13.73 -46.11 4.77
C SER B 943 -14.79 -46.04 5.86
N ALA B 944 -14.62 -46.86 6.88
CA ALA B 944 -15.56 -46.83 8.00
C ALA B 944 -15.34 -45.60 8.87
N LEU B 945 -14.09 -45.15 9.00
CA LEU B 945 -13.74 -43.99 9.79
C LEU B 945 -13.57 -42.75 8.95
N GLY B 946 -14.36 -42.61 7.90
CA GLY B 946 -14.18 -41.49 7.01
C GLY B 946 -14.27 -40.13 7.66
N LYS B 947 -15.16 -39.97 8.63
CA LYS B 947 -15.36 -38.65 9.23
C LYS B 947 -14.18 -38.15 10.03
N LEU B 948 -13.65 -38.96 10.94
CA LEU B 948 -12.52 -38.51 11.74
C LEU B 948 -11.31 -38.25 10.87
N GLN B 949 -11.05 -39.14 9.92
CA GLN B 949 -9.94 -38.94 9.02
C GLN B 949 -10.11 -37.66 8.24
N ASP B 950 -11.35 -37.32 7.88
CA ASP B 950 -11.55 -36.10 7.13
C ASP B 950 -11.24 -34.88 7.95
N VAL B 951 -11.58 -34.90 9.23
CA VAL B 951 -11.22 -33.77 10.08
C VAL B 951 -9.71 -33.58 10.11
N VAL B 952 -8.98 -34.67 10.31
CA VAL B 952 -7.52 -34.54 10.38
C VAL B 952 -6.97 -34.01 9.07
N ASN B 953 -7.43 -34.54 7.95
CA ASN B 953 -6.90 -34.11 6.68
C ASN B 953 -7.20 -32.66 6.39
N HIS B 954 -8.39 -32.18 6.78
CA HIS B 954 -8.70 -30.79 6.54
C HIS B 954 -7.75 -29.88 7.30
N ASN B 955 -7.52 -30.18 8.56
CA ASN B 955 -6.60 -29.33 9.31
C ASN B 955 -5.20 -29.35 8.73
N ALA B 956 -4.69 -30.53 8.38
CA ALA B 956 -3.35 -30.60 7.84
C ALA B 956 -3.23 -29.81 6.55
N GLN B 957 -4.21 -29.94 5.67
CA GLN B 957 -4.15 -29.22 4.41
C GLN B 957 -4.24 -27.73 4.61
N ALA B 958 -5.06 -27.27 5.55
CA ALA B 958 -5.13 -25.84 5.81
C ALA B 958 -3.79 -25.29 6.23
N LEU B 959 -3.14 -25.94 7.19
CA LEU B 959 -1.82 -25.46 7.59
C LEU B 959 -0.83 -25.51 6.45
N ASN B 960 -0.89 -26.57 5.63
CA ASN B 960 0.05 -26.68 4.53
C ASN B 960 -0.08 -25.51 3.58
N THR B 961 -1.30 -25.18 3.19
CA THR B 961 -1.43 -24.06 2.28
C THR B 961 -1.05 -22.75 2.95
N LEU B 962 -1.30 -22.60 4.24
CA LEU B 962 -0.90 -21.36 4.88
C LEU B 962 0.61 -21.19 4.86
N VAL B 963 1.35 -22.26 5.08
CA VAL B 963 2.80 -22.13 5.03
C VAL B 963 3.27 -21.92 3.61
N LYS B 964 2.62 -22.56 2.66
CA LYS B 964 3.07 -22.44 1.29
C LYS B 964 2.84 -21.05 0.75
N GLN B 965 1.80 -20.39 1.20
CA GLN B 965 1.53 -19.07 0.66
C GLN B 965 2.58 -18.04 1.00
N LEU B 966 3.61 -18.35 1.78
CA LEU B 966 4.65 -17.34 1.98
C LEU B 966 5.52 -17.15 0.75
N SER B 967 5.62 -18.13 -0.12
CA SER B 967 6.48 -17.98 -1.27
C SER B 967 5.91 -17.07 -2.34
N SER B 968 4.59 -16.90 -2.39
CA SER B 968 3.99 -16.07 -3.42
C SER B 968 4.45 -14.63 -3.28
N LYS B 969 4.57 -13.94 -4.41
CA LYS B 969 5.03 -12.57 -4.40
C LYS B 969 3.98 -11.49 -4.19
N PHE B 970 2.71 -11.75 -4.50
CA PHE B 970 1.66 -10.76 -4.31
C PHE B 970 1.90 -9.48 -5.07
N GLY B 971 2.70 -9.51 -6.12
CA GLY B 971 2.97 -8.32 -6.87
C GLY B 971 4.29 -7.65 -6.54
N ALA B 972 4.92 -8.02 -5.44
CA ALA B 972 6.21 -7.42 -5.15
C ALA B 972 7.27 -8.01 -6.07
N ILE B 973 8.37 -7.29 -6.22
CA ILE B 973 9.43 -7.76 -7.11
C ILE B 973 10.11 -9.01 -6.60
N SER B 974 9.93 -9.37 -5.34
CA SER B 974 10.52 -10.59 -4.81
C SER B 974 9.84 -10.96 -3.51
N SER B 975 9.95 -12.23 -3.15
CA SER B 975 9.23 -12.72 -1.99
C SER B 975 10.02 -12.62 -0.71
N VAL B 976 11.33 -12.70 -0.74
CA VAL B 976 12.10 -12.64 0.50
C VAL B 976 12.34 -11.19 0.88
N LEU B 977 12.22 -10.88 2.16
CA LEU B 977 12.32 -9.49 2.60
C LEU B 977 13.72 -8.90 2.42
N ASN B 978 14.75 -9.72 2.54
CA ASN B 978 16.12 -9.21 2.49
C ASN B 978 16.44 -8.60 1.14
N ASP B 979 16.07 -9.26 0.05
CA ASP B 979 16.35 -8.66 -1.25
C ASP B 979 15.66 -7.33 -1.36
N ILE B 980 14.41 -7.26 -0.92
CA ILE B 980 13.69 -6.00 -1.00
C ILE B 980 14.46 -4.93 -0.26
N LEU B 981 14.98 -5.24 0.92
CA LEU B 981 15.72 -4.25 1.69
C LEU B 981 17.15 -4.03 1.24
N SER B 982 17.70 -4.88 0.40
CA SER B 982 19.09 -4.71 -0.02
C SER B 982 19.21 -3.89 -1.29
N ARG B 983 18.53 -4.32 -2.35
CA ARG B 983 18.69 -3.73 -3.67
C ARG B 983 17.68 -2.65 -3.98
N LEU B 984 17.24 -1.91 -2.95
CA LEU B 984 16.33 -0.81 -3.22
C LEU B 984 16.40 0.18 -2.08
N ASP B 985 16.20 1.45 -2.40
CA ASP B 985 16.23 2.50 -1.41
C ASP B 985 15.01 2.44 -0.50
N PRO B 986 15.09 3.03 0.69
CA PRO B 986 13.97 2.95 1.63
C PRO B 986 12.68 3.55 1.09
N PRO B 987 12.71 4.67 0.37
CA PRO B 987 11.43 5.22 -0.12
C PRO B 987 10.67 4.25 -0.99
N GLU B 988 11.35 3.54 -1.89
CA GLU B 988 10.66 2.55 -2.70
C GLU B 988 10.46 1.24 -1.94
N ALA B 989 11.37 0.91 -1.02
CA ALA B 989 11.17 -0.29 -0.22
C ALA B 989 9.90 -0.22 0.61
N GLU B 990 9.46 0.98 0.99
CA GLU B 990 8.20 1.05 1.72
C GLU B 990 7.05 0.50 0.90
N VAL B 991 6.89 1.00 -0.33
CA VAL B 991 5.78 0.52 -1.13
C VAL B 991 5.99 -0.88 -1.64
N GLN B 992 7.23 -1.36 -1.69
CA GLN B 992 7.42 -2.76 -2.04
C GLN B 992 7.18 -3.69 -0.86
N ILE B 993 7.23 -3.19 0.36
CA ILE B 993 6.96 -4.04 1.51
C ILE B 993 5.50 -3.98 1.91
N ASP B 994 4.85 -2.87 1.61
CA ASP B 994 3.41 -2.79 1.82
C ASP B 994 2.67 -3.92 1.16
N ARG B 995 3.03 -4.27 -0.07
CA ARG B 995 2.30 -5.33 -0.75
C ARG B 995 2.44 -6.65 -0.01
N LEU B 996 3.66 -7.02 0.37
CA LEU B 996 3.81 -8.27 1.09
C LEU B 996 3.03 -8.26 2.39
N ILE B 997 3.10 -7.16 3.13
CA ILE B 997 2.35 -7.12 4.37
C ILE B 997 0.87 -7.36 4.12
N THR B 998 0.28 -6.61 3.20
CA THR B 998 -1.15 -6.76 3.00
C THR B 998 -1.50 -8.16 2.51
N GLY B 999 -0.68 -8.72 1.64
CA GLY B 999 -1.01 -10.04 1.11
C GLY B 999 -0.94 -11.11 2.18
N ARG B 1000 0.11 -11.09 2.99
CA ARG B 1000 0.22 -12.11 4.02
C ARG B 1000 -0.83 -11.92 5.09
N LEU B 1001 -1.19 -10.68 5.38
CA LEU B 1001 -2.25 -10.47 6.34
C LEU B 1001 -3.58 -10.98 5.83
N GLN B 1002 -3.86 -10.78 4.56
CA GLN B 1002 -5.10 -11.31 4.01
C GLN B 1002 -5.12 -12.83 4.03
N SER B 1003 -3.98 -13.46 3.74
CA SER B 1003 -3.94 -14.91 3.79
C SER B 1003 -4.24 -15.41 5.20
N LEU B 1004 -3.61 -14.79 6.19
CA LEU B 1004 -3.84 -15.21 7.56
C LEU B 1004 -5.29 -14.97 7.96
N GLN B 1005 -5.88 -13.89 7.47
CA GLN B 1005 -7.26 -13.59 7.79
C GLN B 1005 -8.20 -14.66 7.23
N THR B 1006 -7.94 -15.09 6.01
CA THR B 1006 -8.73 -16.17 5.42
C THR B 1006 -8.61 -17.44 6.23
N TYR B 1007 -7.40 -17.78 6.66
CA TYR B 1007 -7.27 -18.99 7.45
C TYR B 1007 -8.10 -18.91 8.71
N VAL B 1008 -8.07 -17.78 9.39
CA VAL B 1008 -8.82 -17.72 10.65
C VAL B 1008 -10.32 -17.81 10.40
N THR B 1009 -10.80 -17.22 9.31
CA THR B 1009 -12.23 -17.31 9.05
C THR B 1009 -12.65 -18.72 8.74
N GLN B 1010 -11.89 -19.42 7.91
CA GLN B 1010 -12.22 -20.80 7.63
C GLN B 1010 -12.24 -21.61 8.90
N GLN B 1011 -11.31 -21.35 9.81
CA GLN B 1011 -11.32 -22.11 11.04
C GLN B 1011 -12.54 -21.81 11.88
N LEU B 1012 -13.04 -20.58 11.87
CA LEU B 1012 -14.25 -20.33 12.63
C LEU B 1012 -15.43 -21.10 12.08
N ILE B 1013 -15.59 -21.13 10.76
CA ILE B 1013 -16.70 -21.89 10.20
C ILE B 1013 -16.57 -23.37 10.53
N ARG B 1014 -15.38 -23.96 10.34
CA ARG B 1014 -15.27 -25.37 10.67
C ARG B 1014 -15.50 -25.64 12.14
N ALA B 1015 -15.08 -24.72 13.01
CA ALA B 1015 -15.29 -24.97 14.42
C ALA B 1015 -16.75 -24.93 14.77
N ALA B 1016 -17.52 -24.06 14.12
CA ALA B 1016 -18.96 -24.08 14.35
C ALA B 1016 -19.56 -25.40 13.94
N GLU B 1017 -19.15 -25.93 12.78
CA GLU B 1017 -19.66 -27.23 12.38
C GLU B 1017 -19.33 -28.31 13.39
N ILE B 1018 -18.10 -28.34 13.87
CA ILE B 1018 -17.74 -29.40 14.82
C ILE B 1018 -18.47 -29.22 16.13
N ARG B 1019 -18.75 -28.00 16.53
CA ARG B 1019 -19.54 -27.81 17.75
C ARG B 1019 -20.94 -28.33 17.59
N ALA B 1020 -21.56 -28.13 16.45
CA ALA B 1020 -22.87 -28.74 16.24
C ALA B 1020 -22.77 -30.24 16.39
N SER B 1021 -21.76 -30.85 15.77
CA SER B 1021 -21.61 -32.30 15.89
C SER B 1021 -21.40 -32.74 17.34
N ALA B 1022 -20.63 -31.98 18.10
CA ALA B 1022 -20.36 -32.37 19.48
C ALA B 1022 -21.61 -32.28 20.34
N ASN B 1023 -22.44 -31.26 20.09
CA ASN B 1023 -23.71 -31.18 20.78
C ASN B 1023 -24.57 -32.39 20.47
N LEU B 1024 -24.61 -32.78 19.20
CA LEU B 1024 -25.36 -33.99 18.88
C LEU B 1024 -24.81 -35.20 19.59
N ALA B 1025 -23.49 -35.33 19.66
CA ALA B 1025 -22.92 -36.49 20.33
C ALA B 1025 -23.28 -36.51 21.80
N ALA B 1026 -23.27 -35.35 22.43
CA ALA B 1026 -23.62 -35.31 23.85
C ALA B 1026 -25.07 -35.69 24.06
N THR B 1027 -25.95 -35.20 23.19
CA THR B 1027 -27.35 -35.60 23.28
C THR B 1027 -27.50 -37.10 23.14
N LYS B 1028 -26.79 -37.71 22.20
CA LYS B 1028 -26.92 -39.14 22.04
C LYS B 1028 -26.42 -39.87 23.26
N MET B 1029 -25.28 -39.44 23.81
CA MET B 1029 -24.84 -40.01 25.07
C MET B 1029 -25.92 -39.99 26.11
N SER B 1030 -26.43 -38.81 26.44
CA SER B 1030 -27.44 -38.71 27.49
C SER B 1030 -28.62 -39.61 27.22
N GLU B 1031 -29.16 -39.57 26.01
CA GLU B 1031 -30.44 -40.22 25.78
C GLU B 1031 -30.31 -41.71 25.51
N CYS B 1032 -29.29 -42.14 24.76
CA CYS B 1032 -29.18 -43.54 24.41
C CYS B 1032 -28.34 -44.33 25.41
N VAL B 1033 -27.27 -43.77 25.94
CA VAL B 1033 -26.45 -44.57 26.85
C VAL B 1033 -27.06 -44.59 28.23
N LEU B 1034 -27.36 -43.42 28.78
CA LEU B 1034 -27.91 -43.26 30.11
C LEU B 1034 -29.38 -43.54 30.21
N GLY B 1035 -30.00 -44.08 29.18
CA GLY B 1035 -31.40 -44.39 29.24
C GLY B 1035 -31.80 -45.16 28.00
N GLN B 1036 -33.09 -45.16 27.72
CA GLN B 1036 -33.62 -45.85 26.55
C GLN B 1036 -34.53 -44.88 25.86
N SER B 1037 -34.36 -44.70 24.56
CA SER B 1037 -35.11 -43.65 23.88
C SER B 1037 -36.19 -44.26 23.04
N LYS B 1038 -37.37 -43.65 23.07
CA LYS B 1038 -38.45 -44.02 22.21
C LYS B 1038 -38.44 -43.23 20.92
N ARG B 1039 -37.52 -42.30 20.73
CA ARG B 1039 -37.49 -41.56 19.49
C ARG B 1039 -37.13 -42.51 18.37
N VAL B 1040 -37.91 -42.48 17.30
CA VAL B 1040 -37.74 -43.44 16.22
C VAL B 1040 -36.51 -43.15 15.40
N ASP B 1041 -35.66 -44.16 15.25
CA ASP B 1041 -34.50 -44.11 14.38
C ASP B 1041 -33.55 -42.99 14.81
N PHE B 1042 -33.41 -42.85 16.11
CA PHE B 1042 -32.40 -41.97 16.70
C PHE B 1042 -31.21 -42.77 17.18
N CYS B 1043 -31.46 -43.73 18.06
CA CYS B 1043 -30.42 -44.62 18.54
C CYS B 1043 -30.40 -45.93 17.74
N GLY B 1044 -30.18 -45.83 16.44
CA GLY B 1044 -30.10 -46.99 15.57
C GLY B 1044 -31.43 -47.38 14.94
N LYS B 1045 -31.34 -48.18 13.89
CA LYS B 1045 -32.52 -48.63 13.16
C LYS B 1045 -33.14 -49.81 13.85
N GLY B 1046 -34.39 -49.67 14.28
CA GLY B 1046 -35.11 -50.70 14.99
C GLY B 1046 -35.50 -50.23 16.36
N TYR B 1047 -36.21 -51.09 17.06
CA TYR B 1047 -36.61 -50.77 18.43
C TYR B 1047 -35.39 -50.76 19.33
N HIS B 1048 -35.05 -49.62 19.89
CA HIS B 1048 -33.80 -49.47 20.62
C HIS B 1048 -33.79 -50.15 21.97
N LEU B 1049 -32.73 -50.92 22.25
CA LEU B 1049 -32.52 -51.51 23.57
C LEU B 1049 -31.48 -50.78 24.42
N MET B 1050 -30.25 -50.62 23.95
CA MET B 1050 -29.24 -49.91 24.75
C MET B 1050 -28.09 -49.51 23.85
N SER B 1051 -27.11 -48.80 24.40
CA SER B 1051 -25.99 -48.38 23.57
C SER B 1051 -24.74 -48.30 24.42
N PHE B 1052 -23.60 -48.61 23.83
CA PHE B 1052 -22.32 -48.59 24.53
C PHE B 1052 -21.37 -47.61 23.84
N PRO B 1053 -20.73 -46.71 24.55
CA PRO B 1053 -19.81 -45.80 23.90
C PRO B 1053 -18.40 -46.35 23.82
N GLN B 1054 -17.69 -45.97 22.77
CA GLN B 1054 -16.29 -46.36 22.67
C GLN B 1054 -15.49 -45.16 22.19
N SER B 1055 -14.37 -44.88 22.81
CA SER B 1055 -13.59 -43.72 22.45
C SER B 1055 -12.92 -43.92 21.09
N ALA B 1056 -12.66 -42.84 20.41
CA ALA B 1056 -11.95 -42.79 19.13
C ALA B 1056 -11.02 -41.59 19.22
N PRO B 1057 -10.03 -41.49 18.35
CA PRO B 1057 -9.09 -40.38 18.46
C PRO B 1057 -9.73 -39.00 18.52
N HIS B 1058 -10.79 -38.75 17.82
CA HIS B 1058 -11.38 -37.43 17.88
C HIS B 1058 -12.88 -37.49 17.97
N GLY B 1059 -13.44 -38.59 18.46
CA GLY B 1059 -14.87 -38.68 18.49
C GLY B 1059 -15.31 -39.87 19.28
N VAL B 1060 -16.56 -40.23 19.13
CA VAL B 1060 -17.12 -41.37 19.81
C VAL B 1060 -17.70 -42.32 18.80
N VAL B 1061 -17.77 -43.58 19.18
CA VAL B 1061 -18.34 -44.62 18.37
C VAL B 1061 -19.39 -45.34 19.19
N PHE B 1062 -20.65 -45.14 18.88
CA PHE B 1062 -21.75 -45.74 19.61
C PHE B 1062 -22.15 -47.09 19.02
N LEU B 1063 -22.22 -48.11 19.85
CA LEU B 1063 -22.64 -49.45 19.46
C LEU B 1063 -24.10 -49.68 19.83
N HIS B 1064 -25.02 -49.16 19.04
CA HIS B 1064 -26.44 -49.31 19.37
C HIS B 1064 -26.93 -50.73 19.26
N VAL B 1065 -27.57 -51.24 20.31
CA VAL B 1065 -28.19 -52.56 20.27
C VAL B 1065 -29.68 -52.43 20.04
N THR B 1066 -30.17 -52.94 18.92
CA THR B 1066 -31.55 -52.81 18.49
C THR B 1066 -32.22 -54.15 18.31
N TYR B 1067 -33.52 -54.20 18.53
CA TYR B 1067 -34.36 -55.38 18.37
C TYR B 1067 -35.15 -55.27 17.09
N VAL B 1068 -35.05 -56.28 16.21
CA VAL B 1068 -35.69 -56.24 14.92
C VAL B 1068 -36.54 -57.49 14.72
N PRO B 1069 -37.84 -57.36 14.44
CA PRO B 1069 -38.67 -58.54 14.16
C PRO B 1069 -38.35 -59.22 12.85
N ALA B 1070 -38.84 -60.45 12.72
CA ALA B 1070 -38.64 -61.24 11.51
C ALA B 1070 -39.60 -62.43 11.53
N GLN B 1071 -39.68 -63.15 10.42
CA GLN B 1071 -40.54 -64.33 10.27
C GLN B 1071 -42.02 -64.05 10.55
N GLU B 1072 -42.59 -63.12 9.80
CA GLU B 1072 -43.98 -62.76 9.98
C GLU B 1072 -44.93 -63.81 9.42
N LYS B 1073 -46.21 -63.69 9.78
CA LYS B 1073 -47.21 -64.66 9.38
C LYS B 1073 -48.56 -63.97 9.20
N ASN B 1074 -49.37 -64.46 8.26
CA ASN B 1074 -50.69 -63.89 7.99
C ASN B 1074 -51.76 -64.29 8.98
N PHE B 1075 -52.70 -63.39 9.21
CA PHE B 1075 -53.80 -63.69 10.12
C PHE B 1075 -55.03 -62.91 9.70
N THR B 1076 -56.19 -63.40 10.12
CA THR B 1076 -57.46 -62.73 9.93
C THR B 1076 -57.89 -62.09 11.23
N THR B 1077 -58.40 -60.86 11.17
CA THR B 1077 -58.69 -60.12 12.38
C THR B 1077 -60.01 -59.39 12.33
N ALA B 1078 -60.48 -58.99 13.50
CA ALA B 1078 -61.68 -58.19 13.62
C ALA B 1078 -61.51 -57.18 14.74
N PRO B 1079 -62.18 -56.02 14.65
CA PRO B 1079 -61.99 -54.99 15.65
C PRO B 1079 -62.66 -55.27 16.97
N ALA B 1080 -63.64 -56.15 17.04
CA ALA B 1080 -64.30 -56.36 18.32
C ALA B 1080 -65.00 -57.71 18.27
N ILE B 1081 -65.30 -58.24 19.44
CA ILE B 1081 -66.05 -59.48 19.55
C ILE B 1081 -67.39 -59.17 20.17
N CYS B 1082 -68.44 -59.77 19.66
CA CYS B 1082 -69.77 -59.55 20.20
C CYS B 1082 -70.20 -60.79 20.95
N HIS B 1083 -70.43 -60.66 22.23
CA HIS B 1083 -70.88 -61.77 23.05
C HIS B 1083 -71.95 -61.24 23.98
N ASP B 1084 -73.05 -61.96 24.09
CA ASP B 1084 -74.17 -61.54 24.93
C ASP B 1084 -74.70 -60.19 24.51
N GLY B 1085 -74.52 -59.81 23.26
CA GLY B 1085 -75.07 -58.57 22.77
C GLY B 1085 -74.24 -57.33 23.02
N LYS B 1086 -73.11 -57.46 23.71
CA LYS B 1086 -72.25 -56.31 24.00
C LYS B 1086 -70.91 -56.52 23.32
N ALA B 1087 -70.27 -55.43 22.95
CA ALA B 1087 -69.02 -55.50 22.21
C ALA B 1087 -67.84 -55.58 23.15
N HIS B 1088 -66.87 -56.42 22.83
CA HIS B 1088 -65.65 -56.55 23.60
C HIS B 1088 -64.44 -56.10 22.79
N PHE B 1089 -63.53 -55.40 23.43
CA PHE B 1089 -62.28 -54.91 22.88
C PHE B 1089 -61.11 -55.39 23.73
N PRO B 1090 -59.92 -55.52 23.16
CA PRO B 1090 -58.80 -56.06 23.92
C PRO B 1090 -58.11 -54.98 24.75
N ARG B 1091 -57.76 -55.32 25.99
CA ARG B 1091 -56.99 -54.37 26.79
C ARG B 1091 -55.64 -54.11 26.17
N GLU B 1092 -54.93 -55.17 25.78
CA GLU B 1092 -53.67 -55.03 25.09
C GLU B 1092 -53.58 -56.17 24.09
N GLY B 1093 -53.25 -55.84 22.86
CA GLY B 1093 -53.11 -56.82 21.83
C GLY B 1093 -54.17 -56.70 20.75
N VAL B 1094 -54.33 -57.78 19.98
CA VAL B 1094 -55.21 -57.77 18.84
C VAL B 1094 -56.00 -59.06 18.80
N PHE B 1095 -57.23 -58.99 18.34
CA PHE B 1095 -57.99 -60.21 18.11
C PHE B 1095 -57.53 -60.85 16.83
N VAL B 1096 -56.88 -62.00 16.92
CA VAL B 1096 -56.31 -62.67 15.77
C VAL B 1096 -56.97 -64.03 15.66
N SER B 1097 -57.42 -64.37 14.46
CA SER B 1097 -57.99 -65.66 14.13
C SER B 1097 -57.10 -66.45 13.22
N ASN B 1098 -56.93 -67.73 13.51
CA ASN B 1098 -56.08 -68.60 12.71
C ASN B 1098 -56.90 -69.52 11.83
N GLY B 1099 -58.08 -69.09 11.42
CA GLY B 1099 -58.88 -69.86 10.51
C GLY B 1099 -60.15 -70.39 11.14
N THR B 1100 -60.07 -70.86 12.38
CA THR B 1100 -61.24 -71.42 13.05
C THR B 1100 -61.44 -70.95 14.48
N HIS B 1101 -60.42 -70.43 15.14
CA HIS B 1101 -60.52 -70.03 16.53
C HIS B 1101 -60.01 -68.62 16.68
N TRP B 1102 -60.55 -67.90 17.65
CA TRP B 1102 -60.15 -66.53 17.88
C TRP B 1102 -59.27 -66.44 19.11
N PHE B 1103 -58.25 -65.59 19.06
CA PHE B 1103 -57.34 -65.41 20.17
C PHE B 1103 -56.94 -63.95 20.29
N VAL B 1104 -56.34 -63.63 21.43
CA VAL B 1104 -55.74 -62.34 21.70
C VAL B 1104 -54.25 -62.51 21.75
N THR B 1105 -53.51 -61.57 21.17
CA THR B 1105 -52.07 -61.70 21.16
C THR B 1105 -51.42 -60.33 21.20
N GLN B 1106 -50.32 -60.21 21.94
CA GLN B 1106 -49.61 -58.95 21.97
C GLN B 1106 -49.15 -58.60 20.57
N ARG B 1107 -48.98 -57.32 20.31
CA ARG B 1107 -48.80 -56.91 18.93
C ARG B 1107 -47.47 -57.37 18.33
N ASN B 1108 -46.38 -57.27 19.06
CA ASN B 1108 -45.05 -57.50 18.48
C ASN B 1108 -44.50 -58.90 18.58
N PHE B 1109 -45.26 -59.89 19.01
CA PHE B 1109 -44.69 -61.21 19.05
C PHE B 1109 -45.85 -62.17 19.20
N TYR B 1110 -45.91 -63.19 18.38
CA TYR B 1110 -47.06 -64.07 18.38
C TYR B 1110 -47.11 -64.91 19.65
N GLU B 1111 -48.13 -64.70 20.47
CA GLU B 1111 -48.34 -65.49 21.68
C GLU B 1111 -49.83 -65.58 21.97
N PRO B 1112 -50.54 -66.45 21.27
CA PRO B 1112 -52.00 -66.48 21.37
C PRO B 1112 -52.50 -66.95 22.72
N GLN B 1113 -53.58 -66.34 23.18
CA GLN B 1113 -54.21 -66.72 24.43
C GLN B 1113 -55.71 -66.85 24.20
N ILE B 1114 -56.35 -67.66 25.05
CA ILE B 1114 -57.80 -67.78 25.01
C ILE B 1114 -58.45 -66.48 25.45
N ILE B 1115 -59.51 -66.10 24.76
CA ILE B 1115 -60.25 -64.88 25.04
C ILE B 1115 -61.04 -65.03 26.32
N THR B 1116 -60.76 -64.21 27.31
CA THR B 1116 -61.40 -64.27 28.61
C THR B 1116 -61.79 -62.86 29.02
N THR B 1117 -62.58 -62.76 30.08
CA THR B 1117 -62.99 -61.46 30.59
C THR B 1117 -61.85 -60.64 31.19
N ASP B 1118 -60.69 -61.23 31.44
CA ASP B 1118 -59.61 -60.46 32.03
C ASP B 1118 -58.87 -59.61 31.03
N ASN B 1119 -58.72 -60.09 29.79
CA ASN B 1119 -57.96 -59.37 28.78
C ASN B 1119 -58.83 -58.64 27.78
N THR B 1120 -60.09 -58.38 28.11
CA THR B 1120 -60.95 -57.62 27.21
C THR B 1120 -61.89 -56.76 28.04
N PHE B 1121 -62.35 -55.67 27.45
CA PHE B 1121 -63.29 -54.82 28.15
C PHE B 1121 -64.46 -54.50 27.24
N VAL B 1122 -65.59 -54.21 27.86
CA VAL B 1122 -66.87 -54.08 27.19
C VAL B 1122 -67.27 -52.63 27.02
N SER B 1123 -68.00 -52.31 25.96
CA SER B 1123 -68.52 -50.96 25.78
C SER B 1123 -69.77 -50.98 24.90
N GLY B 1124 -70.94 -50.85 25.50
CA GLY B 1124 -72.16 -50.70 24.75
C GLY B 1124 -72.55 -51.92 23.94
N ASN B 1125 -73.72 -51.83 23.32
CA ASN B 1125 -74.23 -52.92 22.50
C ASN B 1125 -73.42 -53.08 21.22
N CYS B 1126 -73.60 -54.23 20.57
CA CYS B 1126 -72.72 -54.67 19.49
C CYS B 1126 -73.32 -54.45 18.10
N ASP B 1127 -74.09 -53.40 17.89
CA ASP B 1127 -74.57 -53.11 16.56
C ASP B 1127 -73.99 -51.86 15.92
N VAL B 1128 -73.23 -51.06 16.65
CA VAL B 1128 -72.66 -49.84 16.08
C VAL B 1128 -71.29 -50.06 15.42
N VAL B 1129 -70.51 -51.00 15.92
CA VAL B 1129 -69.17 -51.25 15.41
C VAL B 1129 -69.22 -51.99 14.09
N ILE B 1130 -68.34 -51.63 13.18
CA ILE B 1130 -68.23 -52.27 11.87
C ILE B 1130 -67.18 -53.35 11.96
N GLY B 1131 -67.45 -54.49 11.34
CA GLY B 1131 -66.53 -55.61 11.41
C GLY B 1131 -66.57 -56.42 12.68
N ILE B 1132 -67.64 -56.30 13.45
CA ILE B 1132 -67.73 -57.06 14.68
C ILE B 1132 -67.98 -58.53 14.36
N VAL B 1133 -67.47 -59.42 15.21
CA VAL B 1133 -67.62 -60.86 15.02
C VAL B 1133 -68.20 -61.45 16.30
N ASN B 1134 -68.53 -62.73 16.26
CA ASN B 1134 -69.16 -63.41 17.38
C ASN B 1134 -68.23 -64.48 17.93
N ASN B 1135 -68.20 -64.62 19.25
CA ASN B 1135 -67.46 -65.72 19.84
C ASN B 1135 -67.71 -65.81 21.33
N THR B 1136 -67.38 -66.96 21.88
CA THR B 1136 -67.60 -67.20 23.30
C THR B 1136 -66.48 -66.49 24.06
N VAL B 1137 -66.84 -65.68 25.04
CA VAL B 1137 -65.87 -65.02 25.89
C VAL B 1137 -65.99 -65.59 27.30
N TYR B 1138 -65.16 -66.57 27.64
CA TYR B 1138 -65.26 -67.25 28.92
C TYR B 1138 -64.97 -66.32 30.07
N ASP B 1139 -65.67 -66.51 31.18
CA ASP B 1139 -65.43 -65.77 32.42
C ASP B 1139 -64.87 -66.73 33.44
N PRO B 1140 -63.65 -66.52 33.95
CA PRO B 1140 -63.03 -67.52 34.83
C PRO B 1140 -63.74 -67.78 36.14
N LEU B 1141 -64.65 -66.91 36.59
CA LEU B 1141 -65.32 -67.20 37.86
C LEU B 1141 -66.37 -68.30 37.74
N GLN B 1142 -66.94 -68.47 36.54
CA GLN B 1142 -67.98 -69.48 36.37
C GLN B 1142 -67.43 -70.89 36.53
N PRO B 1143 -66.37 -71.32 35.82
CA PRO B 1143 -65.88 -72.69 36.03
C PRO B 1143 -65.51 -73.01 37.46
N GLU B 1144 -65.05 -72.02 38.25
CA GLU B 1144 -64.74 -72.34 39.63
C GLU B 1144 -66.02 -72.58 40.42
N LEU B 1145 -67.04 -71.76 40.20
CA LEU B 1145 -68.33 -71.91 40.86
C LEU B 1145 -68.19 -71.89 42.38
N ASP B 1146 -67.56 -70.84 42.90
CA ASP B 1146 -67.36 -70.72 44.34
C ASP B 1146 -68.65 -70.33 45.05
N ALA C 27 28.99 5.21 42.21
CA ALA C 27 28.15 4.46 43.12
C ALA C 27 26.91 3.95 42.40
N TYR C 28 25.94 3.43 43.15
CA TYR C 28 24.72 2.92 42.56
C TYR C 28 23.57 3.04 43.54
N THR C 29 22.35 3.14 43.01
CA THR C 29 21.15 3.19 43.84
C THR C 29 19.96 2.88 42.94
N ASN C 30 19.08 2.00 43.41
CA ASN C 30 17.91 1.64 42.62
C ASN C 30 16.95 2.80 42.49
N SER C 31 16.45 3.01 41.29
CA SER C 31 15.46 4.03 41.07
C SER C 31 14.10 3.40 41.29
N PHE C 32 13.30 3.98 42.18
CA PHE C 32 12.00 3.41 42.44
C PHE C 32 11.05 3.80 41.31
N THR C 33 9.76 3.81 41.58
CA THR C 33 8.79 4.13 40.56
C THR C 33 8.84 5.63 40.34
N ARG C 34 9.85 6.07 39.59
CA ARG C 34 10.08 7.48 39.40
C ARG C 34 10.38 7.68 37.92
N GLY C 35 10.48 8.94 37.48
CA GLY C 35 10.84 9.23 36.11
C GLY C 35 9.72 9.28 35.11
N VAL C 36 8.50 8.93 35.47
CA VAL C 36 7.37 9.00 34.55
C VAL C 36 6.96 10.46 34.32
N TYR C 37 6.54 10.78 33.10
CA TYR C 37 6.17 12.14 32.78
C TYR C 37 5.01 12.15 31.81
N TYR C 38 4.31 13.27 31.75
CA TYR C 38 3.19 13.45 30.83
C TYR C 38 3.68 13.52 29.40
N PRO C 39 3.36 12.58 28.55
CA PRO C 39 3.98 12.55 27.23
C PRO C 39 3.27 13.35 26.13
N ASP C 40 1.96 13.60 26.24
CA ASP C 40 1.24 14.14 25.09
C ASP C 40 0.37 15.37 25.33
N LYS C 41 0.38 15.95 26.52
CA LYS C 41 -0.43 17.13 26.83
C LYS C 41 -1.89 17.03 26.36
N VAL C 42 -2.46 15.84 26.41
CA VAL C 42 -3.87 15.64 26.08
C VAL C 42 -4.58 15.15 27.32
N PHE C 43 -5.70 15.76 27.65
CA PHE C 43 -6.41 15.44 28.87
C PHE C 43 -7.17 14.13 28.74
N ARG C 44 -7.11 13.30 29.77
CA ARG C 44 -7.86 12.06 29.84
C ARG C 44 -8.29 11.83 31.26
N SER C 45 -9.49 11.32 31.44
CA SER C 45 -10.08 11.20 32.76
C SER C 45 -10.50 9.78 33.03
N SER C 46 -10.06 9.24 34.18
CA SER C 46 -10.47 7.94 34.67
C SER C 46 -10.37 6.88 33.58
N VAL C 47 -9.17 6.74 33.01
CA VAL C 47 -8.94 5.77 31.95
C VAL C 47 -7.48 5.37 31.98
N LEU C 48 -7.18 4.20 31.43
CA LEU C 48 -5.83 3.69 31.33
C LEU C 48 -5.34 3.84 29.91
N HIS C 49 -4.07 4.20 29.76
CA HIS C 49 -3.51 4.45 28.46
C HIS C 49 -2.14 3.81 28.36
N SER C 50 -1.87 3.15 27.24
CA SER C 50 -0.58 2.51 27.00
C SER C 50 0.18 3.28 25.95
N THR C 51 1.43 3.62 26.23
CA THR C 51 2.24 4.43 25.33
C THR C 51 3.64 3.86 25.20
N GLN C 52 4.17 3.88 23.99
CA GLN C 52 5.55 3.47 23.74
C GLN C 52 6.40 4.72 23.56
N ASP C 53 7.25 5.00 24.54
CA ASP C 53 8.08 6.20 24.49
C ASP C 53 9.33 5.96 25.31
N LEU C 54 10.20 6.97 25.36
CA LEU C 54 11.47 6.86 26.08
C LEU C 54 11.23 7.15 27.55
N PHE C 55 11.21 6.09 28.36
CA PHE C 55 11.03 6.20 29.80
C PHE C 55 12.25 5.68 30.55
N LEU C 56 12.24 5.90 31.86
CA LEU C 56 13.25 5.39 32.78
C LEU C 56 12.78 4.07 33.36
N PRO C 57 13.39 2.94 33.04
CA PRO C 57 12.92 1.66 33.55
C PRO C 57 12.87 1.62 35.08
N PHE C 58 11.81 1.04 35.62
CA PHE C 58 11.68 0.97 37.06
C PHE C 58 12.71 0.05 37.70
N PHE C 59 13.05 0.37 38.95
CA PHE C 59 13.98 -0.43 39.75
C PHE C 59 15.33 -0.58 39.10
N SER C 60 15.72 0.36 38.27
CA SER C 60 17.05 0.34 37.68
C SER C 60 17.95 1.21 38.54
N ASN C 61 19.22 0.84 38.60
CA ASN C 61 20.19 1.57 39.39
C ASN C 61 20.65 2.82 38.64
N VAL C 62 20.95 3.87 39.39
CA VAL C 62 21.36 5.13 38.80
C VAL C 62 22.62 5.64 39.48
N THR C 63 23.50 6.23 38.69
CA THR C 63 24.75 6.75 39.20
C THR C 63 24.53 7.90 40.16
N TRP C 64 25.38 7.96 41.17
CA TRP C 64 25.26 8.92 42.26
C TRP C 64 26.56 9.69 42.33
N PHE C 65 26.48 11.02 42.41
CA PHE C 65 27.65 11.89 42.51
C PHE C 65 27.42 12.91 43.61
N HIS C 66 28.51 13.46 44.14
CA HIS C 66 28.42 14.41 45.23
C HIS C 66 28.89 15.80 44.84
N ALA C 67 28.32 16.79 45.53
CA ALA C 67 28.53 18.20 45.25
C ALA C 67 29.41 18.84 46.31
N ILE C 68 30.64 18.38 46.48
CA ILE C 68 31.55 19.02 47.40
C ILE C 68 32.60 19.78 46.59
N HIS C 69 33.47 19.05 45.91
CA HIS C 69 34.44 19.63 44.99
C HIS C 69 34.93 18.53 44.07
N VAL C 70 35.27 18.91 42.85
CA VAL C 70 35.86 18.07 41.81
C VAL C 70 35.72 16.57 42.03
N ASP C 80 36.65 19.61 36.58
CA ASP C 80 36.23 19.32 37.94
C ASP C 80 35.18 18.20 37.95
N ASN C 81 34.26 18.26 36.98
CA ASN C 81 33.16 17.34 36.88
C ASN C 81 33.28 16.63 35.56
N PRO C 82 33.14 15.31 35.52
CA PRO C 82 33.28 14.60 34.25
C PRO C 82 32.10 14.75 33.32
N VAL C 83 32.40 14.58 32.05
CA VAL C 83 31.40 14.69 31.02
C VAL C 83 30.70 13.35 30.97
N LEU C 84 29.40 13.37 30.75
CA LEU C 84 28.61 12.16 30.70
C LEU C 84 27.95 12.12 29.34
N PRO C 85 27.94 11.01 28.65
CA PRO C 85 27.37 11.03 27.31
C PRO C 85 25.86 11.18 27.40
N PHE C 86 25.31 11.74 26.34
CA PHE C 86 23.88 11.95 26.18
C PHE C 86 23.34 10.90 25.22
N ASN C 87 23.15 9.70 25.75
CA ASN C 87 22.80 8.60 24.86
C ASN C 87 21.48 8.91 24.18
N ASP C 88 20.42 9.04 24.97
CA ASP C 88 19.10 9.29 24.43
C ASP C 88 18.26 10.25 25.27
N GLY C 89 18.69 10.59 26.46
CA GLY C 89 17.89 11.39 27.35
C GLY C 89 18.37 11.12 28.75
N VAL C 90 18.40 12.13 29.60
CA VAL C 90 18.99 12.01 30.92
C VAL C 90 17.97 12.37 31.97
N TYR C 91 17.91 11.62 33.05
CA TYR C 91 17.02 11.92 34.14
C TYR C 91 17.88 12.40 35.29
N PHE C 92 17.82 13.69 35.58
CA PHE C 92 18.68 14.34 36.55
C PHE C 92 17.86 14.69 37.79
N ALA C 93 18.10 14.01 38.90
CA ALA C 93 17.45 14.33 40.17
C ALA C 93 18.46 14.87 41.17
N SER C 94 18.04 15.81 42.01
CA SER C 94 18.99 16.41 42.94
C SER C 94 18.35 16.75 44.27
N THR C 95 19.01 16.34 45.34
CA THR C 95 18.61 16.67 46.70
C THR C 95 19.65 17.62 47.27
N GLU C 96 19.27 18.88 47.41
CA GLU C 96 20.19 19.91 47.85
C GLU C 96 19.40 20.97 48.59
N LYS C 97 20.10 21.79 49.37
CA LYS C 97 19.44 22.85 50.11
C LYS C 97 20.27 24.14 50.07
N SER C 98 21.15 24.30 49.09
CA SER C 98 21.97 25.51 49.04
C SER C 98 22.14 26.10 47.65
N ASN C 99 21.40 25.63 46.65
CA ASN C 99 21.52 26.14 45.28
C ASN C 99 22.95 26.03 44.76
N ILE C 100 23.58 24.89 45.00
CA ILE C 100 24.97 24.73 44.58
C ILE C 100 25.07 24.37 43.10
N ILE C 101 24.08 23.65 42.58
CA ILE C 101 24.03 23.31 41.16
C ILE C 101 23.04 24.24 40.46
N ARG C 102 23.53 24.88 39.39
CA ARG C 102 22.82 26.00 38.80
C ARG C 102 22.60 25.90 37.30
N GLY C 103 23.08 24.87 36.62
CA GLY C 103 22.85 24.84 35.20
C GLY C 103 23.47 23.64 34.54
N TRP C 104 23.38 23.63 33.22
CA TRP C 104 23.89 22.54 32.40
C TRP C 104 24.49 23.11 31.14
N ILE C 105 25.23 22.28 30.42
CA ILE C 105 25.79 22.64 29.12
C ILE C 105 25.74 21.39 28.26
N PHE C 106 25.26 21.53 27.03
CA PHE C 106 25.14 20.37 26.16
C PHE C 106 25.87 20.69 24.88
N GLY C 107 26.09 19.68 24.07
CA GLY C 107 26.74 19.90 22.80
C GLY C 107 27.60 18.71 22.43
N THR C 108 28.18 18.80 21.25
CA THR C 108 29.09 17.78 20.79
C THR C 108 30.52 18.01 21.25
N THR C 109 30.84 19.20 21.75
CA THR C 109 32.18 19.50 22.23
C THR C 109 32.15 20.82 22.99
N LEU C 110 33.08 20.98 23.91
CA LEU C 110 33.16 22.20 24.70
C LEU C 110 33.85 23.34 23.96
N ASP C 111 34.50 23.05 22.83
CA ASP C 111 35.18 24.08 22.07
C ASP C 111 34.17 24.82 21.21
N SER C 112 34.61 25.93 20.63
CA SER C 112 33.73 26.72 19.79
C SER C 112 33.59 26.14 18.39
N LYS C 113 34.16 24.96 18.13
CA LYS C 113 34.07 24.35 16.81
C LYS C 113 32.66 23.89 16.46
N THR C 114 31.71 23.89 17.41
CA THR C 114 30.35 23.45 17.15
C THR C 114 29.40 24.24 18.03
N GLN C 115 28.16 24.34 17.58
CA GLN C 115 27.16 25.17 18.24
C GLN C 115 26.67 24.53 19.53
N SER C 116 27.48 24.65 20.57
CA SER C 116 27.08 24.15 21.87
C SER C 116 25.90 24.94 22.42
N LEU C 117 25.38 24.46 23.55
CA LEU C 117 24.18 24.98 24.19
C LEU C 117 24.54 25.40 25.61
N LEU C 118 23.81 26.37 26.15
CA LEU C 118 24.06 26.81 27.52
C LEU C 118 22.74 26.99 28.24
N ILE C 119 22.65 26.51 29.47
CA ILE C 119 21.48 26.76 30.32
C ILE C 119 21.97 27.16 31.69
N VAL C 120 21.63 28.36 32.13
CA VAL C 120 22.14 28.86 33.40
C VAL C 120 20.98 29.42 34.19
N ASN C 121 20.74 28.87 35.36
CA ASN C 121 19.69 29.42 36.20
C ASN C 121 20.31 30.50 37.07
N ASN C 122 19.46 31.21 37.79
CA ASN C 122 19.91 32.28 38.66
C ASN C 122 18.75 32.60 39.59
N ALA C 123 19.01 33.47 40.55
CA ALA C 123 17.95 33.83 41.49
C ALA C 123 16.82 34.60 40.83
N THR C 124 17.07 35.22 39.68
CA THR C 124 16.04 36.03 39.06
C THR C 124 15.36 35.38 37.86
N ASN C 125 16.12 34.67 37.03
CA ASN C 125 15.56 34.13 35.80
C ASN C 125 16.52 33.14 35.18
N VAL C 126 16.04 32.43 34.18
CA VAL C 126 16.86 31.51 33.39
C VAL C 126 17.34 32.20 32.13
N VAL C 127 18.55 31.87 31.72
CA VAL C 127 19.14 32.33 30.47
C VAL C 127 19.51 31.13 29.63
N ILE C 128 18.87 30.97 28.49
CA ILE C 128 19.14 29.86 27.58
C ILE C 128 19.81 30.46 26.34
N LYS C 129 20.89 29.85 25.88
CA LYS C 129 21.65 30.42 24.79
C LYS C 129 22.18 29.31 23.89
N VAL C 130 22.30 29.59 22.59
CA VAL C 130 22.93 28.66 21.67
C VAL C 130 23.92 29.42 20.79
N CYS C 131 25.20 29.46 21.20
CA CYS C 131 26.16 30.29 20.48
C CYS C 131 27.55 29.71 20.25
N GLU C 132 27.77 28.43 20.47
CA GLU C 132 29.07 27.84 20.18
C GLU C 132 30.19 28.53 20.96
N PHE C 133 29.90 28.96 22.17
CA PHE C 133 30.92 29.63 22.97
C PHE C 133 31.92 28.58 23.46
N GLN C 134 33.19 28.79 23.17
CA GLN C 134 34.20 27.83 23.60
C GLN C 134 34.34 27.91 25.11
N PHE C 135 34.40 26.76 25.75
CA PHE C 135 34.48 26.63 27.19
C PHE C 135 35.91 26.33 27.61
N CYS C 136 36.16 26.43 28.91
CA CYS C 136 37.48 26.14 29.42
C CYS C 136 37.65 24.63 29.55
N ASN C 137 38.81 24.19 30.03
CA ASN C 137 39.01 22.75 30.21
C ASN C 137 37.99 22.18 31.18
N ASP C 138 37.51 23.00 32.11
CA ASP C 138 36.48 22.62 33.06
C ASP C 138 35.49 23.77 33.14
N PRO C 139 34.23 23.48 33.41
CA PRO C 139 33.27 24.57 33.57
C PRO C 139 33.64 25.41 34.76
N PHE C 140 33.58 26.72 34.56
CA PHE C 140 33.94 27.66 35.60
C PHE C 140 33.03 27.50 36.80
N LEU C 141 33.59 27.71 37.99
CA LEU C 141 32.82 27.59 39.23
C LEU C 141 32.46 29.00 39.67
N ASP C 142 31.18 29.31 39.56
CA ASP C 142 30.67 30.63 39.92
C ASP C 142 30.87 30.92 41.40
N PHE C 157 34.18 36.79 38.11
CA PHE C 157 34.11 35.33 37.98
C PHE C 157 32.68 34.87 37.73
N ARG C 158 31.96 35.58 36.86
CA ARG C 158 30.58 35.21 36.59
C ARG C 158 30.41 34.38 35.33
N VAL C 159 31.35 34.44 34.39
CA VAL C 159 31.28 33.69 33.14
C VAL C 159 32.71 33.40 32.70
N TYR C 160 32.91 32.29 31.99
CA TYR C 160 34.23 31.94 31.47
C TYR C 160 34.01 31.09 30.21
N SER C 161 34.17 31.74 29.06
CA SER C 161 33.98 31.13 27.76
C SER C 161 34.56 32.07 26.71
N SER C 162 34.78 31.55 25.51
CA SER C 162 35.32 32.33 24.42
C SER C 162 34.18 33.08 23.72
N ALA C 163 34.48 33.69 22.58
CA ALA C 163 33.47 34.44 21.82
C ALA C 163 32.29 33.56 21.44
N ASN C 164 31.21 34.23 21.03
CA ASN C 164 29.93 33.59 20.73
C ASN C 164 29.37 34.07 19.40
N ASN C 165 28.50 33.25 18.80
CA ASN C 165 27.79 33.56 17.57
C ASN C 165 26.31 33.24 17.70
N CYS C 166 25.69 33.70 18.78
CA CYS C 166 24.36 33.22 19.17
C CYS C 166 23.42 33.18 17.99
N THR C 167 22.63 32.10 17.92
CA THR C 167 21.54 31.99 16.97
C THR C 167 20.18 31.88 17.63
N PHE C 168 20.12 31.54 18.91
CA PHE C 168 18.86 31.45 19.60
C PHE C 168 19.11 31.83 21.04
N GLU C 169 18.17 32.55 21.63
CA GLU C 169 18.31 32.95 23.02
C GLU C 169 16.92 33.09 23.61
N TYR C 170 16.81 32.86 24.91
CA TYR C 170 15.49 32.80 25.52
C TYR C 170 15.66 33.10 27.00
N VAL C 171 14.60 33.63 27.62
CA VAL C 171 14.62 34.02 29.03
C VAL C 171 13.24 33.86 29.63
N SER C 172 13.18 33.48 30.90
CA SER C 172 11.92 33.31 31.61
C SER C 172 12.22 33.17 33.10
N GLN C 173 11.16 33.00 33.89
CA GLN C 173 11.29 32.91 35.33
C GLN C 173 12.22 31.75 35.71
N PRO C 174 12.81 31.80 36.91
CA PRO C 174 13.79 30.78 37.28
C PRO C 174 13.13 29.45 37.59
N PHE C 175 13.93 28.38 37.52
CA PHE C 175 13.46 27.05 37.89
C PHE C 175 13.55 26.73 39.38
N LEU C 176 13.03 27.60 40.24
CA LEU C 176 13.16 27.40 41.69
C LEU C 176 11.84 27.66 42.42
N LYS C 187 17.08 19.31 51.01
CA LYS C 187 16.02 18.38 51.35
C LYS C 187 14.97 18.33 50.27
N ASN C 188 14.96 19.34 49.41
CA ASN C 188 13.98 19.42 48.33
C ASN C 188 14.53 18.64 47.15
N LEU C 189 13.79 17.64 46.69
CA LEU C 189 14.22 16.80 45.56
C LEU C 189 13.66 17.37 44.26
N ARG C 190 14.52 18.03 43.50
CA ARG C 190 14.18 18.57 42.20
C ARG C 190 14.52 17.54 41.12
N GLU C 191 13.58 17.28 40.21
CA GLU C 191 13.79 16.30 39.15
C GLU C 191 13.62 16.92 37.78
N PHE C 192 14.43 16.47 36.82
CA PHE C 192 14.39 17.00 35.47
C PHE C 192 14.62 15.87 34.47
N VAL C 193 13.97 15.97 33.32
CA VAL C 193 14.13 15.02 32.23
C VAL C 193 14.44 15.82 30.98
N PHE C 194 15.54 15.51 30.31
CA PHE C 194 15.95 16.25 29.13
C PHE C 194 15.84 15.36 27.91
N LYS C 195 15.15 15.82 26.89
CA LYS C 195 14.90 15.01 25.70
C LYS C 195 15.08 15.87 24.47
N ASN C 196 15.67 15.27 23.43
CA ASN C 196 15.93 15.96 22.16
C ASN C 196 15.81 14.97 21.02
N ILE C 197 14.65 14.93 20.37
CA ILE C 197 14.47 13.92 19.33
C ILE C 197 14.08 14.53 17.99
N ASP C 198 13.02 15.32 17.96
CA ASP C 198 12.39 15.75 16.72
C ASP C 198 12.84 17.15 16.30
N GLY C 199 14.11 17.47 16.50
CA GLY C 199 14.56 18.78 16.18
C GLY C 199 14.27 19.78 17.26
N TYR C 200 13.62 19.34 18.34
CA TYR C 200 13.30 20.19 19.47
C TYR C 200 13.95 19.59 20.70
N PHE C 201 14.30 20.43 21.64
CA PHE C 201 14.89 19.99 22.90
C PHE C 201 13.89 20.27 24.01
N LYS C 202 13.50 19.24 24.75
CA LYS C 202 12.38 19.37 25.69
C LYS C 202 12.82 19.09 27.12
N ILE C 203 12.21 19.82 28.04
CA ILE C 203 12.50 19.74 29.47
C ILE C 203 11.23 19.47 30.23
N TYR C 204 11.27 18.54 31.18
CA TYR C 204 10.19 18.29 32.13
C TYR C 204 10.70 18.44 33.55
N SER C 205 9.83 18.81 34.48
CA SER C 205 10.35 19.05 35.82
C SER C 205 9.26 18.95 36.87
N LYS C 206 9.71 18.81 38.11
CA LYS C 206 8.84 18.76 39.28
C LYS C 206 9.69 18.95 40.52
N HIS C 207 9.17 19.71 41.47
CA HIS C 207 9.88 20.03 42.71
C HIS C 207 9.05 19.54 43.88
N THR C 208 9.61 18.61 44.66
CA THR C 208 8.72 18.07 45.67
C THR C 208 9.35 18.04 47.06
N PRO C 209 8.51 18.21 48.09
CA PRO C 209 8.95 18.04 49.47
C PRO C 209 9.40 16.62 49.74
N ILE C 210 10.06 16.42 50.87
CA ILE C 210 10.46 15.07 51.23
C ILE C 210 10.37 14.92 52.74
N ASP C 215 17.88 9.41 50.44
CA ASP C 215 17.56 8.52 49.34
C ASP C 215 16.30 8.95 48.61
N LEU C 216 16.07 8.38 47.42
CA LEU C 216 14.89 8.71 46.65
C LEU C 216 13.67 8.07 47.31
N PRO C 217 12.59 8.80 47.49
CA PRO C 217 11.43 8.25 48.18
C PRO C 217 10.69 7.25 47.30
N GLN C 218 9.90 6.40 47.96
CA GLN C 218 9.10 5.42 47.24
C GLN C 218 7.81 6.01 46.66
N GLY C 219 7.51 7.27 46.96
CA GLY C 219 6.27 7.86 46.47
C GLY C 219 6.29 8.10 44.98
N PHE C 220 5.13 7.92 44.36
CA PHE C 220 4.95 8.13 42.93
C PHE C 220 4.60 9.57 42.59
N SER C 221 5.23 10.10 41.53
CA SER C 221 4.95 11.46 41.07
C SER C 221 5.49 11.72 39.67
N ALA C 222 4.65 12.23 38.77
CA ALA C 222 5.01 12.47 37.38
C ALA C 222 5.49 13.89 37.12
N LEU C 223 6.40 14.01 36.14
CA LEU C 223 6.93 15.29 35.66
C LEU C 223 6.05 15.92 34.60
N GLU C 224 5.97 17.26 34.58
CA GLU C 224 5.19 18.12 33.72
C GLU C 224 6.05 18.80 32.65
N PRO C 225 5.51 18.98 31.44
CA PRO C 225 6.25 19.64 30.36
C PRO C 225 6.61 21.06 30.67
N LEU C 226 7.90 21.35 30.71
CA LEU C 226 8.32 22.70 31.07
C LEU C 226 8.55 23.63 29.88
N VAL C 227 9.42 23.24 28.94
CA VAL C 227 9.75 24.05 27.77
C VAL C 227 9.99 23.16 26.57
N ASP C 228 9.61 23.64 25.40
CA ASP C 228 9.86 22.95 24.13
C ASP C 228 10.65 23.86 23.20
N LEU C 229 11.93 23.69 23.16
CA LEU C 229 12.72 24.66 22.40
C LEU C 229 12.93 24.20 20.97
N PRO C 230 13.01 25.11 20.02
CA PRO C 230 13.19 24.74 18.60
C PRO C 230 14.62 24.53 18.12
N ILE C 231 15.65 24.77 18.93
CA ILE C 231 17.03 24.61 18.47
C ILE C 231 17.29 23.19 18.01
N GLY C 232 17.92 23.04 16.83
CA GLY C 232 18.20 21.70 16.31
C GLY C 232 19.62 21.17 16.37
N ILE C 233 20.42 21.62 17.34
CA ILE C 233 21.81 21.18 17.47
C ILE C 233 21.89 19.71 17.84
N ASN C 234 22.89 19.02 17.29
CA ASN C 234 23.12 17.60 17.58
C ASN C 234 23.81 17.45 18.94
N ILE C 235 23.03 17.21 19.99
CA ILE C 235 23.56 17.06 21.34
C ILE C 235 23.99 15.61 21.58
N THR C 236 25.24 15.41 21.99
CA THR C 236 25.75 14.09 22.34
C THR C 236 26.42 13.98 23.71
N ARG C 237 26.92 15.07 24.28
CA ARG C 237 27.53 15.06 25.60
C ARG C 237 26.95 16.16 26.46
N PHE C 238 27.08 16.00 27.78
CA PHE C 238 26.48 16.99 28.65
C PHE C 238 27.29 17.07 29.93
N GLN C 239 27.21 18.22 30.59
CA GLN C 239 27.91 18.49 31.83
C GLN C 239 27.02 19.31 32.73
N THR C 240 27.43 19.50 33.97
CA THR C 240 26.67 20.29 34.90
C THR C 240 27.48 21.51 35.28
N LEU C 241 26.83 22.50 35.88
CA LEU C 241 27.51 23.72 36.32
C LEU C 241 27.31 23.92 37.80
N LEU C 242 28.39 24.17 38.52
CA LEU C 242 28.31 24.38 39.95
C LEU C 242 28.68 25.82 40.26
N ALA C 243 28.47 26.20 41.51
CA ALA C 243 28.76 27.55 41.98
C ALA C 243 29.17 27.50 43.44
N LEU C 244 29.67 28.62 43.95
CA LEU C 244 30.07 28.72 45.33
C LEU C 244 30.29 30.19 45.66
N HIS C 245 30.00 30.53 46.91
CA HIS C 245 30.12 31.91 47.38
C HIS C 245 31.56 32.21 47.74
N ARG C 246 32.08 33.32 47.21
CA ARG C 246 33.41 33.82 47.51
C ARG C 246 34.46 32.73 47.28
N SER C 247 34.35 32.11 46.11
CA SER C 247 35.24 31.06 45.67
C SER C 247 36.15 31.60 44.58
N TYR C 248 37.41 31.17 44.57
CA TYR C 248 38.30 31.63 43.51
C TYR C 248 37.95 30.93 42.21
N LEU C 249 38.35 31.55 41.10
CA LEU C 249 38.02 31.03 39.78
C LEU C 249 39.24 31.12 38.88
N THR C 250 39.55 30.01 38.22
CA THR C 250 40.65 29.95 37.28
C THR C 250 40.26 29.04 36.12
N PRO C 251 40.82 29.27 34.94
CA PRO C 251 40.53 28.37 33.81
C PRO C 251 40.88 26.91 34.07
N GLY C 252 41.93 26.63 34.83
CA GLY C 252 42.23 25.24 35.13
C GLY C 252 42.60 25.04 36.58
N ASP C 253 42.04 24.00 37.20
CA ASP C 253 42.31 23.73 38.61
C ASP C 253 42.35 22.23 38.85
N SER C 254 42.97 21.86 39.97
CA SER C 254 43.12 20.48 40.40
C SER C 254 41.84 20.00 41.10
N SER C 255 41.94 18.85 41.74
CA SER C 255 40.83 18.22 42.44
C SER C 255 40.63 18.79 43.84
N SER C 256 41.33 19.88 44.16
CA SER C 256 41.16 20.50 45.47
C SER C 256 39.79 21.13 45.60
N GLY C 257 39.35 21.87 44.57
CA GLY C 257 38.04 22.45 44.65
C GLY C 257 37.91 23.49 45.75
N TRP C 258 36.66 23.76 46.11
CA TRP C 258 36.34 24.73 47.13
C TRP C 258 35.27 24.12 48.01
N THR C 259 35.20 24.59 49.25
CA THR C 259 34.23 24.02 50.18
C THR C 259 32.83 24.30 49.66
N ALA C 260 31.90 23.41 50.00
CA ALA C 260 30.53 23.62 49.57
C ALA C 260 29.58 22.87 50.48
N GLY C 261 28.31 23.23 50.36
CA GLY C 261 27.28 22.60 51.14
C GLY C 261 27.07 21.16 50.74
N ALA C 262 26.49 20.40 51.65
CA ALA C 262 26.21 19.01 51.38
C ALA C 262 25.14 18.94 50.29
N ALA C 263 25.46 18.26 49.19
CA ALA C 263 24.53 18.14 48.08
C ALA C 263 25.00 17.00 47.20
N ALA C 264 24.09 16.55 46.33
CA ALA C 264 24.39 15.44 45.45
C ALA C 264 23.44 15.47 44.28
N TYR C 265 23.84 14.83 43.19
CA TYR C 265 22.99 14.76 42.01
C TYR C 265 23.13 13.40 41.37
N TYR C 266 22.01 12.83 40.97
CA TYR C 266 21.93 11.51 40.38
C TYR C 266 21.68 11.61 38.89
N VAL C 267 22.09 10.59 38.15
CA VAL C 267 21.90 10.55 36.70
C VAL C 267 21.36 9.21 36.25
N GLY C 268 20.35 9.21 35.38
CA GLY C 268 19.81 7.98 34.84
C GLY C 268 19.57 8.15 33.35
N TYR C 269 19.57 7.02 32.64
CA TYR C 269 19.41 6.97 31.20
C TYR C 269 18.05 6.40 30.76
N LEU C 270 17.36 7.12 29.87
CA LEU C 270 16.08 6.69 29.35
C LEU C 270 16.24 5.65 28.26
N GLN C 271 15.21 4.83 28.09
CA GLN C 271 15.17 3.76 27.10
C GLN C 271 13.79 3.65 26.49
N PRO C 272 13.68 3.16 25.26
CA PRO C 272 12.36 2.98 24.64
C PRO C 272 11.59 1.87 25.35
N ARG C 273 10.47 2.23 25.95
CA ARG C 273 9.66 1.30 26.72
C ARG C 273 8.19 1.52 26.46
N THR C 274 7.40 0.52 26.84
CA THR C 274 5.95 0.58 26.78
C THR C 274 5.43 0.74 28.20
N PHE C 275 4.72 1.83 28.47
CA PHE C 275 4.24 2.11 29.80
C PHE C 275 2.73 2.16 29.82
N LEU C 276 2.13 1.60 30.86
CA LEU C 276 0.69 1.69 31.06
C LEU C 276 0.41 2.76 32.10
N LEU C 277 -0.12 3.89 31.67
CA LEU C 277 -0.31 5.04 32.56
C LEU C 277 -1.74 5.08 33.05
N LYS C 278 -1.92 5.41 34.32
CA LYS C 278 -3.26 5.49 34.89
C LYS C 278 -3.63 6.91 35.19
N TYR C 279 -4.69 7.41 34.57
CA TYR C 279 -5.19 8.73 34.83
C TYR C 279 -6.37 8.67 35.78
N ASN C 280 -6.42 9.59 36.73
CA ASN C 280 -7.53 9.67 37.66
C ASN C 280 -8.60 10.57 37.07
N GLU C 281 -9.64 10.84 37.84
CA GLU C 281 -10.73 11.64 37.32
C GLU C 281 -10.32 13.08 37.00
N ASN C 282 -9.19 13.54 37.48
CA ASN C 282 -8.76 14.90 37.22
C ASN C 282 -7.68 14.99 36.17
N GLY C 283 -7.36 13.90 35.51
CA GLY C 283 -6.40 14.03 34.44
C GLY C 283 -4.97 13.97 34.89
N THR C 284 -4.70 13.42 36.08
CA THR C 284 -3.36 13.31 36.60
C THR C 284 -2.96 11.86 36.71
N ILE C 285 -1.71 11.58 36.42
CA ILE C 285 -1.18 10.24 36.49
C ILE C 285 -0.99 9.84 37.94
N THR C 286 -1.57 8.72 38.35
CA THR C 286 -1.42 8.27 39.72
C THR C 286 -0.60 6.99 39.85
N ASP C 287 -0.62 6.13 38.83
CA ASP C 287 0.13 4.88 38.84
C ASP C 287 0.61 4.56 37.44
N ALA C 288 1.58 3.67 37.35
CA ALA C 288 2.14 3.25 36.09
C ALA C 288 2.69 1.85 36.25
N VAL C 289 2.74 1.11 35.15
CA VAL C 289 3.23 -0.25 35.15
C VAL C 289 4.30 -0.36 34.07
N ASP C 290 5.48 -0.82 34.42
CA ASP C 290 6.50 -1.02 33.41
C ASP C 290 6.16 -2.30 32.66
N CYS C 291 5.84 -2.16 31.40
CA CYS C 291 5.32 -3.29 30.67
C CYS C 291 6.32 -4.41 30.51
N ALA C 292 7.61 -4.16 30.69
CA ALA C 292 8.62 -5.18 30.45
C ALA C 292 9.48 -5.44 31.69
N LEU C 293 8.93 -5.23 32.87
CA LEU C 293 9.70 -5.42 34.09
C LEU C 293 9.73 -6.90 34.49
N ASP C 294 8.58 -7.47 34.74
CA ASP C 294 8.51 -8.86 35.19
C ASP C 294 7.29 -9.47 34.53
N PRO C 295 7.09 -10.79 34.61
CA PRO C 295 5.93 -11.36 33.93
C PRO C 295 4.59 -10.83 34.37
N LEU C 296 4.41 -10.55 35.65
CA LEU C 296 3.11 -10.05 36.07
C LEU C 296 2.78 -8.69 35.47
N SER C 297 3.77 -7.81 35.39
CA SER C 297 3.52 -6.52 34.76
C SER C 297 3.17 -6.70 33.29
N GLU C 298 3.84 -7.63 32.63
CA GLU C 298 3.52 -7.84 31.23
C GLU C 298 2.12 -8.39 31.05
N THR C 299 1.67 -9.22 31.99
CA THR C 299 0.30 -9.71 31.92
C THR C 299 -0.68 -8.57 32.09
N LYS C 300 -0.39 -7.68 33.01
CA LYS C 300 -1.23 -6.50 33.17
C LYS C 300 -1.32 -5.70 31.89
N CYS C 301 -0.22 -5.55 31.16
CA CYS C 301 -0.32 -4.73 29.96
C CYS C 301 -1.26 -5.28 28.91
N THR C 302 -1.41 -6.60 28.82
CA THR C 302 -2.32 -7.06 27.78
C THR C 302 -3.77 -6.85 28.18
N LEU C 303 -4.10 -7.10 29.43
CA LEU C 303 -5.49 -6.92 29.81
C LEU C 303 -5.85 -5.46 30.05
N LYS C 304 -4.88 -4.56 30.04
CA LYS C 304 -5.14 -3.16 30.31
C LYS C 304 -5.87 -3.01 31.63
N SER C 305 -5.35 -3.66 32.66
CA SER C 305 -6.02 -3.62 33.95
C SER C 305 -5.05 -3.89 35.07
N PHE C 306 -5.12 -3.08 36.11
CA PHE C 306 -4.21 -3.27 37.22
C PHE C 306 -4.50 -4.52 38.03
N THR C 307 -5.70 -5.08 37.96
CA THR C 307 -6.08 -6.30 38.66
C THR C 307 -6.34 -7.44 37.69
N VAL C 308 -5.54 -8.50 37.75
CA VAL C 308 -5.72 -9.68 36.91
C VAL C 308 -6.31 -10.82 37.73
N GLU C 309 -7.31 -11.49 37.17
CA GLU C 309 -8.03 -12.57 37.84
C GLU C 309 -7.26 -13.87 37.71
N LYS C 310 -7.70 -14.86 38.49
CA LYS C 310 -7.07 -16.17 38.44
C LYS C 310 -7.21 -16.81 37.08
N GLY C 311 -6.12 -17.30 36.53
CA GLY C 311 -6.17 -17.97 35.25
C GLY C 311 -4.81 -18.02 34.59
N ILE C 312 -4.81 -18.44 33.33
CA ILE C 312 -3.62 -18.54 32.51
C ILE C 312 -3.75 -17.60 31.32
N TYR C 313 -2.72 -16.81 31.05
CA TYR C 313 -2.76 -15.81 30.00
C TYR C 313 -1.57 -15.95 29.09
N GLN C 314 -1.81 -15.90 27.79
CA GLN C 314 -0.75 -15.93 26.79
C GLN C 314 -0.24 -14.52 26.52
N THR C 315 0.85 -14.14 27.16
CA THR C 315 1.25 -12.75 27.06
C THR C 315 2.03 -12.46 25.79
N SER C 316 3.05 -13.26 25.50
CA SER C 316 3.90 -12.93 24.36
C SER C 316 4.61 -14.19 23.91
N ASN C 317 5.60 -14.03 23.03
CA ASN C 317 6.44 -15.10 22.54
C ASN C 317 7.90 -14.70 22.63
N PHE C 318 8.78 -15.71 22.71
CA PHE C 318 10.21 -15.46 22.80
C PHE C 318 10.89 -16.14 21.64
N ARG C 319 12.06 -15.63 21.25
CA ARG C 319 12.78 -16.24 20.14
C ARG C 319 14.25 -15.89 20.28
N VAL C 320 15.09 -16.91 20.39
CA VAL C 320 16.52 -16.70 20.56
C VAL C 320 17.08 -15.98 19.36
N GLN C 321 17.85 -14.94 19.61
CA GLN C 321 18.35 -14.13 18.53
C GLN C 321 19.62 -14.70 17.93
N PRO C 322 19.91 -14.39 16.68
CA PRO C 322 21.15 -14.87 16.06
C PRO C 322 22.35 -14.20 16.70
N THR C 323 23.37 -14.99 16.98
CA THR C 323 24.58 -14.50 17.60
C THR C 323 25.67 -14.11 16.62
N GLU C 324 25.55 -14.45 15.35
CA GLU C 324 26.64 -14.18 14.42
C GLU C 324 26.14 -14.12 12.99
N SER C 325 26.97 -13.56 12.11
CA SER C 325 26.67 -13.48 10.68
C SER C 325 27.85 -14.04 9.90
N ILE C 326 27.57 -14.87 8.90
CA ILE C 326 28.63 -15.52 8.12
C ILE C 326 28.33 -15.35 6.66
N VAL C 327 29.37 -15.26 5.86
CA VAL C 327 29.28 -15.19 4.41
C VAL C 327 30.11 -16.33 3.85
N ARG C 328 29.57 -17.02 2.86
CA ARG C 328 30.21 -18.21 2.33
C ARG C 328 30.19 -18.28 0.81
N PHE C 329 31.35 -18.12 0.17
CA PHE C 329 31.44 -18.18 -1.28
C PHE C 329 32.54 -19.16 -1.68
N PRO C 330 32.47 -19.69 -2.90
CA PRO C 330 33.43 -20.69 -3.33
C PRO C 330 34.89 -20.27 -3.46
N ASN C 331 35.75 -21.29 -3.41
CA ASN C 331 37.20 -21.31 -3.45
C ASN C 331 37.74 -20.33 -4.49
N ILE C 332 36.86 -19.51 -5.07
CA ILE C 332 37.15 -18.52 -6.10
C ILE C 332 38.55 -17.94 -6.16
N THR C 333 39.20 -18.33 -7.25
CA THR C 333 40.62 -18.20 -7.48
C THR C 333 40.79 -18.31 -8.99
N ASN C 334 40.98 -17.20 -9.67
CA ASN C 334 41.19 -17.19 -11.11
C ASN C 334 41.48 -15.77 -11.54
N LEU C 335 42.36 -15.12 -10.82
CA LEU C 335 42.66 -13.73 -11.10
C LEU C 335 43.19 -13.58 -12.52
N CYS C 336 42.83 -12.50 -13.16
CA CYS C 336 43.20 -12.25 -14.53
C CYS C 336 44.47 -11.43 -14.63
N PRO C 337 45.13 -11.46 -15.77
CA PRO C 337 46.49 -10.91 -15.87
C PRO C 337 46.62 -9.41 -15.85
N PHE C 338 46.64 -8.84 -14.66
CA PHE C 338 47.17 -7.51 -14.49
C PHE C 338 48.68 -7.52 -14.29
N ASP C 339 49.20 -8.61 -13.75
CA ASP C 339 50.64 -8.76 -13.60
C ASP C 339 51.32 -8.99 -14.93
N GLU C 340 50.57 -9.14 -15.99
CA GLU C 340 51.19 -9.30 -17.28
C GLU C 340 51.21 -8.01 -18.06
N VAL C 341 50.20 -7.16 -17.86
CA VAL C 341 50.19 -5.88 -18.56
C VAL C 341 51.02 -4.82 -17.82
N PHE C 342 51.18 -4.94 -16.51
CA PHE C 342 52.02 -3.99 -15.78
C PHE C 342 53.47 -4.41 -15.69
N ASN C 343 53.75 -5.69 -15.70
CA ASN C 343 55.13 -6.17 -15.63
C ASN C 343 55.54 -6.73 -16.99
N ALA C 344 55.00 -6.14 -18.03
CA ALA C 344 55.29 -6.56 -19.38
C ALA C 344 56.78 -6.46 -19.63
N THR C 345 57.25 -7.28 -20.55
CA THR C 345 58.65 -7.31 -20.86
C THR C 345 59.10 -6.05 -21.57
N ARG C 346 58.40 -5.68 -22.65
CA ARG C 346 58.76 -4.52 -23.45
C ARG C 346 57.55 -3.69 -23.84
N PHE C 347 57.39 -2.49 -23.28
CA PHE C 347 56.26 -1.67 -23.68
C PHE C 347 56.40 -1.27 -25.14
N ALA C 348 55.33 -0.71 -25.68
CA ALA C 348 55.26 -0.34 -27.09
C ALA C 348 55.42 1.15 -27.29
N SER C 349 55.76 1.54 -28.51
CA SER C 349 55.81 2.96 -28.78
C SER C 349 54.41 3.48 -29.04
N VAL C 350 54.23 4.78 -28.84
CA VAL C 350 52.87 5.29 -28.76
C VAL C 350 52.15 5.20 -30.08
N TYR C 351 52.83 5.32 -31.21
CA TYR C 351 52.11 5.28 -32.48
C TYR C 351 51.65 3.90 -32.87
N ALA C 352 52.07 2.86 -32.19
CA ALA C 352 51.64 1.50 -32.48
C ALA C 352 51.27 0.79 -31.22
N TRP C 353 50.46 1.43 -30.38
CA TRP C 353 50.12 0.89 -29.08
C TRP C 353 49.45 -0.46 -29.21
N ASN C 354 49.37 -1.15 -28.10
CA ASN C 354 49.02 -2.57 -28.05
C ASN C 354 47.81 -2.75 -27.15
N ARG C 355 46.70 -3.12 -27.75
CA ARG C 355 45.48 -3.40 -27.03
C ARG C 355 45.48 -4.80 -26.48
N LYS C 356 44.72 -5.02 -25.42
CA LYS C 356 44.57 -6.35 -24.88
C LYS C 356 43.22 -6.47 -24.21
N ARG C 357 42.64 -7.64 -24.28
CA ARG C 357 41.36 -7.89 -23.65
C ARG C 357 41.49 -8.71 -22.38
N ILE C 358 40.60 -8.42 -21.45
CA ILE C 358 40.56 -9.10 -20.18
C ILE C 358 39.10 -9.40 -19.92
N SER C 359 38.73 -10.67 -19.98
CA SER C 359 37.37 -11.01 -19.64
C SER C 359 37.36 -12.40 -19.06
N ASN C 360 36.27 -12.74 -18.38
CA ASN C 360 36.10 -14.04 -17.78
C ASN C 360 37.21 -14.26 -16.77
N CYS C 361 37.24 -13.38 -15.77
CA CYS C 361 38.16 -13.53 -14.68
C CYS C 361 37.54 -12.90 -13.45
N VAL C 362 38.18 -13.11 -12.32
CA VAL C 362 37.83 -12.41 -11.10
C VAL C 362 38.88 -11.32 -10.93
N ALA C 363 38.58 -10.14 -11.44
CA ALA C 363 39.58 -9.08 -11.47
C ALA C 363 39.85 -8.63 -10.05
N ASP C 364 41.12 -8.50 -9.70
CA ASP C 364 41.49 -8.00 -8.38
C ASP C 364 42.36 -6.77 -8.58
N TYR C 365 41.83 -5.63 -8.18
CA TYR C 365 42.49 -4.34 -8.32
C TYR C 365 43.35 -3.98 -7.13
N SER C 366 43.61 -4.90 -6.24
CA SER C 366 44.39 -4.56 -5.07
C SER C 366 45.86 -4.79 -5.33
N VAL C 367 46.20 -5.18 -6.55
CA VAL C 367 47.59 -5.32 -6.92
C VAL C 367 48.14 -4.02 -7.49
N LEU C 368 47.30 -3.14 -8.00
CA LEU C 368 47.83 -1.95 -8.66
C LEU C 368 48.57 -1.06 -7.67
N TYR C 369 47.99 -0.83 -6.49
CA TYR C 369 48.58 0.10 -5.55
C TYR C 369 50.00 -0.27 -5.15
N ASN C 370 50.28 -1.56 -5.06
CA ASN C 370 51.60 -1.99 -4.66
C ASN C 370 52.62 -1.88 -5.76
N PHE C 371 52.27 -1.29 -6.89
CA PHE C 371 53.26 -1.29 -7.95
C PHE C 371 54.27 -0.16 -7.79
N ALA C 372 53.81 1.08 -7.79
CA ALA C 372 54.72 2.22 -7.87
C ALA C 372 54.05 3.42 -7.20
N PRO C 373 54.81 4.48 -6.96
CA PRO C 373 54.18 5.71 -6.44
C PRO C 373 53.18 6.34 -7.38
N PHE C 374 53.09 5.88 -8.63
CA PHE C 374 52.00 6.23 -9.54
C PHE C 374 51.89 7.73 -9.76
N PHE C 375 52.87 8.26 -10.48
CA PHE C 375 52.93 9.68 -10.78
C PHE C 375 51.61 10.23 -11.29
N ALA C 376 50.79 9.39 -11.90
CA ALA C 376 49.48 9.81 -12.39
C ALA C 376 48.51 8.68 -12.15
N PHE C 377 47.48 8.92 -11.38
CA PHE C 377 46.47 7.89 -11.17
C PHE C 377 45.15 8.60 -11.01
N LYS C 378 44.37 8.64 -12.07
CA LYS C 378 43.13 9.36 -11.97
C LYS C 378 42.10 8.55 -12.73
N CYS C 379 40.86 8.65 -12.32
CA CYS C 379 39.83 7.81 -12.89
C CYS C 379 38.66 8.67 -13.30
N TYR C 380 38.13 8.38 -14.47
CA TYR C 380 36.98 9.07 -15.02
C TYR C 380 35.79 8.14 -14.98
N GLY C 381 34.72 8.56 -14.32
CA GLY C 381 33.53 7.75 -14.27
C GLY C 381 33.45 6.70 -13.19
N VAL C 382 34.47 6.55 -12.35
CA VAL C 382 34.49 5.52 -11.33
C VAL C 382 35.44 5.96 -10.23
N SER C 383 35.25 5.42 -9.04
CA SER C 383 36.21 5.77 -8.02
C SER C 383 37.18 4.62 -7.83
N PRO C 384 38.42 4.89 -7.42
CA PRO C 384 39.37 3.79 -7.32
C PRO C 384 39.10 2.87 -6.16
N THR C 385 38.55 3.37 -5.06
CA THR C 385 38.32 2.48 -3.94
C THR C 385 37.08 1.62 -4.15
N LYS C 386 36.06 2.17 -4.80
CA LYS C 386 34.87 1.41 -5.12
C LYS C 386 35.00 0.66 -6.43
N LEU C 387 36.22 0.40 -6.86
CA LEU C 387 36.43 -0.25 -8.14
C LEU C 387 36.35 -1.76 -8.05
N ASN C 388 36.67 -2.30 -6.89
CA ASN C 388 36.86 -3.72 -6.69
C ASN C 388 35.55 -4.47 -6.50
N ASP C 389 34.40 -3.81 -6.58
CA ASP C 389 33.17 -4.53 -6.36
C ASP C 389 32.18 -4.55 -7.51
N LEU C 390 32.41 -3.82 -8.59
CA LEU C 390 31.45 -3.83 -9.69
C LEU C 390 31.88 -4.81 -10.79
N CYS C 391 30.93 -5.24 -11.63
CA CYS C 391 31.24 -6.10 -12.77
C CYS C 391 30.86 -5.50 -14.11
N PHE C 392 31.76 -5.72 -15.06
CA PHE C 392 31.80 -5.23 -16.43
C PHE C 392 31.83 -6.38 -17.41
N THR C 393 31.52 -6.06 -18.66
CA THR C 393 31.51 -7.05 -19.72
C THR C 393 32.93 -7.36 -20.19
N ASN C 394 33.61 -6.38 -20.76
CA ASN C 394 34.95 -6.54 -21.29
C ASN C 394 35.80 -5.33 -20.94
N VAL C 395 37.02 -5.60 -20.51
CA VAL C 395 37.94 -4.61 -19.98
C VAL C 395 39.14 -4.59 -20.87
N TYR C 396 39.40 -3.47 -21.50
CA TYR C 396 40.59 -3.30 -22.31
C TYR C 396 41.69 -2.63 -21.53
N ALA C 397 42.91 -2.91 -21.91
CA ALA C 397 44.07 -2.32 -21.28
C ALA C 397 45.00 -1.87 -22.39
N ASP C 398 45.32 -0.60 -22.43
CA ASP C 398 46.10 -0.04 -23.52
C ASP C 398 47.36 0.55 -22.92
N SER C 399 48.50 0.02 -23.31
CA SER C 399 49.77 0.37 -22.71
C SER C 399 50.70 0.94 -23.76
N PHE C 400 51.45 1.95 -23.39
CA PHE C 400 52.42 2.54 -24.31
C PHE C 400 53.36 3.43 -23.51
N VAL C 401 54.23 4.16 -24.19
CA VAL C 401 55.25 4.95 -23.54
C VAL C 401 55.33 6.32 -24.20
N ILE C 402 55.31 7.37 -23.39
CA ILE C 402 55.32 8.74 -23.87
C ILE C 402 56.30 9.56 -23.04
N ARG C 403 56.36 10.85 -23.35
CA ARG C 403 57.27 11.77 -22.70
C ARG C 403 56.70 12.21 -21.37
N GLY C 404 57.40 13.11 -20.71
CA GLY C 404 56.97 13.53 -19.41
C GLY C 404 55.86 14.55 -19.42
N ASN C 405 56.05 15.63 -20.17
CA ASN C 405 55.10 16.71 -20.16
C ASN C 405 53.92 16.47 -21.05
N GLU C 406 53.68 15.25 -21.48
CA GLU C 406 52.54 14.94 -22.32
C GLU C 406 51.56 14.02 -21.63
N VAL C 407 51.87 13.57 -20.42
CA VAL C 407 50.91 12.71 -19.74
C VAL C 407 49.60 13.44 -19.57
N SER C 408 49.64 14.76 -19.52
CA SER C 408 48.42 15.54 -19.38
C SER C 408 47.50 15.42 -20.59
N GLN C 409 47.99 14.96 -21.73
CA GLN C 409 47.16 14.85 -22.92
C GLN C 409 46.27 13.63 -22.94
N ILE C 410 46.50 12.66 -22.07
CA ILE C 410 45.68 11.44 -22.07
C ILE C 410 44.47 11.76 -21.20
N ALA C 411 43.48 12.37 -21.83
CA ALA C 411 42.27 12.78 -21.16
C ALA C 411 41.24 13.15 -22.21
N PRO C 412 39.97 13.02 -21.91
CA PRO C 412 38.94 13.32 -22.91
C PRO C 412 38.97 14.76 -23.39
N GLY C 413 38.80 14.93 -24.70
CA GLY C 413 38.60 16.24 -25.26
C GLY C 413 39.79 17.16 -25.23
N GLN C 414 40.99 16.64 -25.06
CA GLN C 414 42.19 17.47 -25.07
C GLN C 414 42.90 17.39 -26.41
N THR C 415 43.09 18.53 -27.03
CA THR C 415 43.77 18.61 -28.30
C THR C 415 45.23 18.92 -28.02
N GLY C 416 46.11 18.15 -28.59
CA GLY C 416 47.54 18.32 -28.37
C GLY C 416 48.23 17.80 -29.57
N ASN C 417 49.31 17.07 -29.35
CA ASN C 417 50.02 16.47 -30.47
C ASN C 417 49.97 14.96 -30.47
N ILE C 418 50.03 14.31 -29.32
CA ILE C 418 49.83 12.87 -29.38
C ILE C 418 48.37 12.50 -29.23
N ALA C 419 47.57 13.35 -28.64
CA ALA C 419 46.13 13.14 -28.59
C ALA C 419 45.46 13.63 -29.83
N ASP C 420 46.23 13.86 -30.87
CA ASP C 420 45.70 14.47 -32.07
C ASP C 420 46.05 13.59 -33.26
N TYR C 421 47.18 12.94 -33.17
CA TYR C 421 47.72 12.23 -34.31
C TYR C 421 47.90 10.75 -34.07
N ASN C 422 48.09 10.30 -32.83
CA ASN C 422 48.34 8.88 -32.63
C ASN C 422 47.70 8.22 -31.42
N TYR C 423 46.89 8.92 -30.63
CA TYR C 423 46.07 8.21 -29.66
C TYR C 423 45.01 9.18 -29.21
N LYS C 424 43.76 8.87 -29.51
CA LYS C 424 42.64 9.73 -29.15
C LYS C 424 41.59 8.87 -28.49
N LEU C 425 41.10 9.34 -27.35
CA LEU C 425 40.06 8.65 -26.61
C LEU C 425 38.81 9.50 -26.48
N PRO C 426 37.65 8.86 -26.42
CA PRO C 426 36.39 9.58 -26.65
C PRO C 426 36.11 10.59 -25.56
N ASP C 427 35.13 11.45 -25.84
CA ASP C 427 34.66 12.39 -24.84
C ASP C 427 33.70 11.73 -23.87
N ASP C 428 33.23 10.53 -24.18
CA ASP C 428 32.37 9.76 -23.31
C ASP C 428 33.14 8.64 -22.63
N PHE C 429 34.37 8.96 -22.24
CA PHE C 429 35.27 7.93 -21.74
C PHE C 429 34.81 7.45 -20.37
N THR C 430 35.11 6.18 -20.09
CA THR C 430 34.85 5.63 -18.77
C THR C 430 35.91 4.60 -18.42
N GLY C 431 36.73 4.90 -17.44
CA GLY C 431 37.84 4.05 -17.11
C GLY C 431 38.84 4.79 -16.24
N CYS C 432 40.10 4.40 -16.36
CA CYS C 432 41.11 5.01 -15.51
C CYS C 432 42.41 5.06 -16.29
N VAL C 433 43.31 5.96 -15.92
CA VAL C 433 44.63 5.98 -16.51
C VAL C 433 45.65 5.92 -15.38
N ILE C 434 46.78 5.28 -15.64
CA ILE C 434 47.82 5.06 -14.63
C ILE C 434 49.16 5.25 -15.29
N ALA C 435 49.95 6.20 -14.84
CA ALA C 435 51.24 6.47 -15.45
C ALA C 435 52.30 6.60 -14.39
N TRP C 436 53.43 5.96 -14.57
CA TRP C 436 54.48 6.10 -13.60
C TRP C 436 55.83 6.26 -14.26
N ASN C 437 56.71 7.00 -13.60
CA ASN C 437 58.00 7.30 -14.20
C ASN C 437 58.84 6.04 -14.21
N SER C 438 59.45 5.76 -15.34
CA SER C 438 60.29 4.58 -15.56
C SER C 438 61.57 4.99 -16.23
N ASN C 439 62.16 6.09 -15.79
CA ASN C 439 63.49 6.43 -16.24
C ASN C 439 64.51 5.37 -15.88
N LYS C 440 64.17 4.46 -14.98
CA LYS C 440 65.11 3.43 -14.59
C LYS C 440 65.39 2.44 -15.70
N LEU C 441 64.41 2.17 -16.54
CA LEU C 441 64.54 1.09 -17.50
C LEU C 441 64.51 1.47 -18.96
N ASP C 442 64.18 2.70 -19.31
CA ASP C 442 64.05 3.05 -20.70
C ASP C 442 65.07 4.03 -21.24
N SER C 443 65.90 4.59 -20.41
CA SER C 443 66.81 5.64 -20.85
C SER C 443 68.20 5.09 -21.06
N LYS C 444 68.62 4.99 -22.31
CA LYS C 444 69.95 4.58 -22.68
C LYS C 444 70.88 5.77 -22.70
N VAL C 445 72.15 5.53 -22.41
CA VAL C 445 73.14 6.61 -22.49
C VAL C 445 73.40 6.93 -23.95
N GLY C 446 73.28 8.21 -24.28
CA GLY C 446 73.41 8.62 -25.65
C GLY C 446 72.10 8.79 -26.36
N GLY C 447 71.02 8.29 -25.79
CA GLY C 447 69.79 8.55 -26.52
C GLY C 447 69.18 7.22 -26.89
N ASN C 448 67.90 7.06 -26.57
CA ASN C 448 67.16 5.86 -26.91
C ASN C 448 66.30 6.20 -28.11
N TYR C 449 66.81 5.91 -29.30
CA TYR C 449 66.04 6.19 -30.50
C TYR C 449 65.27 4.96 -30.93
N ASN C 450 64.48 4.46 -29.99
CA ASN C 450 63.64 3.31 -30.24
C ASN C 450 62.19 3.58 -29.93
N TYR C 451 61.89 4.61 -29.18
CA TYR C 451 60.53 5.03 -28.92
C TYR C 451 60.25 6.20 -29.84
N ARG C 452 59.40 6.00 -30.82
CA ARG C 452 59.10 7.05 -31.78
C ARG C 452 57.64 7.39 -31.71
N TYR C 453 57.28 8.51 -32.34
CA TYR C 453 55.91 8.96 -32.32
C TYR C 453 55.58 9.65 -33.63
N ARG C 454 54.31 9.60 -34.01
CA ARG C 454 53.89 10.24 -35.25
C ARG C 454 53.91 11.74 -35.08
N LEU C 455 54.55 12.43 -35.99
CA LEU C 455 54.61 13.87 -35.94
C LEU C 455 53.78 14.56 -37.00
N PHE C 456 53.48 13.91 -38.10
CA PHE C 456 52.78 14.53 -39.21
C PHE C 456 51.63 13.64 -39.64
N ARG C 457 50.47 14.21 -39.92
CA ARG C 457 49.39 13.40 -40.44
C ARG C 457 48.48 14.27 -41.27
N LYS C 458 47.65 13.62 -42.10
CA LYS C 458 46.78 14.38 -42.98
C LYS C 458 45.60 14.97 -42.22
N SER C 459 44.87 14.15 -41.46
CA SER C 459 43.79 14.66 -40.64
C SER C 459 43.84 14.01 -39.27
N ASN C 460 43.22 14.65 -38.28
CA ASN C 460 43.16 14.02 -36.98
C ASN C 460 42.37 12.73 -37.06
N LEU C 461 42.61 11.86 -36.09
CA LEU C 461 42.09 10.51 -36.12
C LEU C 461 40.93 10.30 -35.14
N LYS C 462 40.09 9.33 -35.47
CA LYS C 462 38.91 9.00 -34.70
C LYS C 462 39.32 8.36 -33.39
N PRO C 463 38.46 8.37 -32.39
CA PRO C 463 38.82 7.79 -31.09
C PRO C 463 39.21 6.33 -31.20
N PHE C 464 40.22 5.94 -30.43
CA PHE C 464 40.67 4.56 -30.36
C PHE C 464 41.11 4.03 -31.71
N GLU C 465 41.62 4.90 -32.55
CA GLU C 465 42.07 4.49 -33.86
C GLU C 465 43.58 4.43 -33.84
N ARG C 466 44.14 3.47 -34.53
CA ARG C 466 45.56 3.26 -34.66
C ARG C 466 45.94 3.21 -36.13
N ASP C 467 47.04 3.87 -36.47
CA ASP C 467 47.57 3.78 -37.83
C ASP C 467 49.05 3.46 -37.75
N ILE C 468 49.51 2.60 -38.66
CA ILE C 468 50.89 2.18 -38.62
C ILE C 468 51.65 2.56 -39.87
N SER C 469 50.98 2.89 -40.97
CA SER C 469 51.69 3.19 -42.20
C SER C 469 52.68 4.31 -41.99
N THR C 470 53.84 4.19 -42.61
CA THR C 470 54.91 5.15 -42.46
C THR C 470 55.16 5.82 -43.80
N GLU C 471 54.08 6.17 -44.47
CA GLU C 471 54.18 6.78 -45.78
C GLU C 471 54.65 8.21 -45.66
N ILE C 472 55.36 8.68 -46.68
CA ILE C 472 55.93 10.02 -46.65
C ILE C 472 54.84 11.07 -46.73
N TYR C 473 55.02 12.16 -45.97
CA TYR C 473 53.98 13.15 -45.80
C TYR C 473 53.91 14.08 -46.99
N GLN C 474 52.73 14.64 -47.19
CA GLN C 474 52.42 15.53 -48.29
C GLN C 474 53.00 16.92 -48.10
N ALA C 475 53.32 17.54 -49.23
CA ALA C 475 53.85 18.89 -49.30
C ALA C 475 53.00 19.70 -50.26
N GLY C 476 53.23 21.01 -50.26
CA GLY C 476 52.60 21.92 -51.20
C GLY C 476 52.44 21.34 -52.60
N ASN C 477 53.54 20.79 -53.11
CA ASN C 477 53.62 20.08 -54.37
C ASN C 477 53.94 18.61 -54.09
N LYS C 478 53.74 17.75 -55.12
CA LYS C 478 54.04 16.32 -55.06
C LYS C 478 55.35 16.09 -54.31
N PRO C 479 55.31 15.31 -53.22
CA PRO C 479 56.48 15.10 -52.38
C PRO C 479 57.68 14.59 -53.15
N CYS C 480 58.83 14.72 -52.51
CA CYS C 480 60.06 14.24 -53.11
C CYS C 480 59.94 12.73 -53.21
N ASN C 481 60.55 12.01 -52.26
CA ASN C 481 60.46 10.57 -52.20
C ASN C 481 61.16 10.09 -50.94
N GLY C 482 60.46 10.06 -49.81
CA GLY C 482 61.07 9.69 -48.56
C GLY C 482 62.36 10.45 -48.32
N VAL C 483 62.45 11.67 -48.87
CA VAL C 483 63.64 12.48 -48.77
C VAL C 483 63.26 13.93 -48.49
N ALA C 484 64.29 14.72 -48.17
CA ALA C 484 64.10 16.12 -47.88
C ALA C 484 63.64 16.85 -49.14
N GLY C 485 63.23 18.10 -48.95
CA GLY C 485 62.75 18.89 -50.07
C GLY C 485 62.05 20.10 -49.50
N VAL C 486 61.21 20.72 -50.33
CA VAL C 486 60.54 21.94 -49.87
C VAL C 486 59.73 21.59 -48.63
N ASN C 487 58.85 20.59 -48.72
CA ASN C 487 58.46 19.95 -47.48
C ASN C 487 58.75 18.46 -47.50
N CYS C 488 57.97 17.66 -48.23
CA CYS C 488 58.14 16.21 -48.38
C CYS C 488 58.77 15.56 -47.14
N TYR C 489 58.22 15.79 -45.96
CA TYR C 489 58.77 15.29 -44.71
C TYR C 489 58.47 13.82 -44.50
N PHE C 490 59.00 13.28 -43.41
CA PHE C 490 58.75 11.90 -43.04
C PHE C 490 58.00 11.87 -41.71
N PRO C 491 57.05 11.01 -41.58
CA PRO C 491 56.15 11.11 -40.45
C PRO C 491 56.72 10.84 -39.08
N LEU C 492 57.37 9.72 -38.88
CA LEU C 492 57.68 9.33 -37.51
C LEU C 492 58.91 10.07 -37.05
N GLN C 493 58.98 10.29 -35.75
CA GLN C 493 60.11 10.96 -35.15
C GLN C 493 60.50 10.25 -33.89
N SER C 494 61.79 10.23 -33.60
CA SER C 494 62.23 9.48 -32.45
C SER C 494 62.06 10.35 -31.22
N TYR C 495 62.55 9.87 -30.11
CA TYR C 495 62.39 10.53 -28.82
C TYR C 495 63.72 11.02 -28.28
N GLY C 496 64.69 10.14 -28.17
CA GLY C 496 66.00 10.54 -27.72
C GLY C 496 66.17 10.56 -26.22
N PHE C 497 65.59 9.58 -25.52
CA PHE C 497 65.66 9.58 -24.08
C PHE C 497 67.09 9.42 -23.61
N ARG C 498 67.48 10.23 -22.64
CA ARG C 498 68.80 10.12 -22.04
C ARG C 498 68.64 10.24 -20.54
N PRO C 499 69.59 9.72 -19.77
CA PRO C 499 69.41 9.70 -18.32
C PRO C 499 69.48 11.07 -17.67
N THR C 500 70.00 12.07 -18.36
CA THR C 500 70.17 13.36 -17.72
C THR C 500 69.04 14.34 -17.99
N TYR C 501 68.09 13.97 -18.84
CA TYR C 501 67.02 14.92 -19.19
C TYR C 501 66.23 15.26 -17.92
N GLY C 502 65.53 16.38 -17.90
CA GLY C 502 64.71 16.74 -16.72
C GLY C 502 63.56 15.77 -16.53
N VAL C 503 62.81 15.90 -15.45
CA VAL C 503 61.62 15.02 -15.23
C VAL C 503 60.46 15.53 -16.08
N GLY C 504 60.76 16.36 -17.08
CA GLY C 504 59.71 16.84 -17.99
C GLY C 504 59.90 16.21 -19.35
N HIS C 505 61.10 15.71 -19.61
CA HIS C 505 61.38 15.02 -20.89
C HIS C 505 61.90 13.63 -20.58
N GLN C 506 61.53 13.09 -19.43
CA GLN C 506 61.96 11.72 -19.04
C GLN C 506 60.84 10.76 -19.38
N PRO C 507 61.12 9.48 -19.70
CA PRO C 507 60.09 8.56 -20.17
C PRO C 507 59.20 8.07 -19.05
N TYR C 508 57.91 8.00 -19.34
CA TYR C 508 56.90 7.55 -18.43
C TYR C 508 56.15 6.42 -19.09
N ARG C 509 55.87 5.36 -18.34
CA ARG C 509 55.07 4.27 -18.85
C ARG C 509 53.65 4.51 -18.43
N VAL C 510 52.71 4.31 -19.34
CA VAL C 510 51.33 4.68 -19.12
C VAL C 510 50.45 3.56 -19.63
N VAL C 511 49.44 3.21 -18.85
CA VAL C 511 48.50 2.18 -19.20
C VAL C 511 47.11 2.70 -18.94
N VAL C 512 46.21 2.46 -19.89
CA VAL C 512 44.86 3.01 -19.87
C VAL C 512 43.90 1.86 -19.82
N LEU C 513 42.97 1.88 -18.89
CA LEU C 513 41.99 0.83 -18.76
C LEU C 513 40.65 1.34 -19.23
N SER C 514 40.00 0.60 -20.09
CA SER C 514 38.70 0.96 -20.63
C SER C 514 37.68 -0.10 -20.26
N PHE C 515 36.54 0.31 -19.73
CA PHE C 515 35.57 -0.70 -19.34
C PHE C 515 34.37 -0.63 -20.24
N GLU C 516 33.41 -1.53 -20.02
CA GLU C 516 32.12 -1.51 -20.70
C GLU C 516 31.09 -2.08 -19.75
N LEU C 517 29.90 -1.49 -19.75
CA LEU C 517 28.89 -1.78 -18.73
C LEU C 517 27.50 -2.11 -19.21
N LEU C 518 27.18 -1.90 -20.49
CA LEU C 518 25.80 -1.98 -20.95
C LEU C 518 25.35 -3.38 -21.36
N HIS C 519 24.18 -3.77 -20.85
CA HIS C 519 23.54 -5.07 -21.10
C HIS C 519 24.60 -6.16 -21.01
N ALA C 520 25.09 -6.29 -19.79
CA ALA C 520 26.25 -7.11 -19.49
C ALA C 520 25.82 -8.47 -18.96
N PRO C 521 26.01 -9.55 -19.72
CA PRO C 521 26.02 -10.83 -19.00
C PRO C 521 27.41 -10.86 -18.37
N ALA C 522 27.47 -10.20 -17.21
CA ALA C 522 28.71 -9.81 -16.57
C ALA C 522 29.74 -10.92 -16.63
N THR C 523 30.94 -10.57 -17.01
CA THR C 523 32.00 -11.54 -17.11
C THR C 523 33.09 -11.36 -16.09
N VAL C 524 33.28 -10.15 -15.56
CA VAL C 524 34.39 -9.93 -14.65
C VAL C 524 34.11 -8.95 -13.52
N CYS C 525 34.04 -9.47 -12.29
CA CYS C 525 33.78 -8.64 -11.10
C CYS C 525 34.87 -8.88 -10.06
N GLY C 526 34.62 -8.47 -8.82
CA GLY C 526 35.59 -8.65 -7.76
C GLY C 526 35.32 -9.84 -6.88
N PRO C 527 36.17 -10.02 -5.86
CA PRO C 527 36.45 -11.37 -5.35
C PRO C 527 35.46 -11.97 -4.35
N LYS C 528 34.49 -11.22 -3.81
CA LYS C 528 33.55 -11.84 -2.89
C LYS C 528 34.19 -12.66 -1.76
N LYS C 529 34.75 -11.99 -0.75
CA LYS C 529 35.43 -12.66 0.36
C LYS C 529 34.48 -13.47 1.24
N SER C 530 34.97 -14.57 1.77
CA SER C 530 34.22 -15.51 2.59
C SER C 530 34.71 -15.51 4.02
N THR C 531 33.94 -16.18 4.89
CA THR C 531 34.25 -16.26 6.31
C THR C 531 34.09 -17.70 6.80
N ASN C 532 34.89 -18.06 7.80
CA ASN C 532 34.85 -19.39 8.40
C ASN C 532 33.47 -19.78 8.90
N LEU C 533 33.16 -21.06 8.74
CA LEU C 533 31.85 -21.59 9.08
C LEU C 533 31.68 -21.80 10.57
N VAL C 534 30.47 -21.57 11.05
CA VAL C 534 30.09 -21.77 12.45
C VAL C 534 28.97 -22.81 12.49
N LYS C 535 29.06 -23.74 13.41
CA LYS C 535 28.06 -24.79 13.50
C LYS C 535 27.42 -24.80 14.87
N ASN C 536 26.19 -25.31 14.92
CA ASN C 536 25.42 -25.48 16.15
C ASN C 536 25.01 -24.19 16.83
N LYS C 537 24.97 -23.05 16.14
CA LYS C 537 24.56 -21.82 16.80
C LYS C 537 23.59 -21.06 15.90
N CYS C 538 22.58 -20.42 16.50
CA CYS C 538 21.68 -19.61 15.68
C CYS C 538 22.49 -18.48 15.06
N VAL C 539 22.66 -18.52 13.74
CA VAL C 539 23.56 -17.64 13.02
C VAL C 539 22.89 -17.19 11.73
N ASN C 540 23.13 -15.95 11.32
CA ASN C 540 22.69 -15.50 10.02
C ASN C 540 23.68 -15.92 8.95
N PHE C 541 23.22 -16.63 7.94
CA PHE C 541 24.11 -17.20 6.94
C PHE C 541 23.78 -16.64 5.56
N ASN C 542 24.79 -16.61 4.71
CA ASN C 542 24.66 -16.22 3.31
C ASN C 542 25.44 -17.17 2.43
N PHE C 543 24.81 -18.24 1.99
CA PHE C 543 25.49 -19.26 1.21
C PHE C 543 25.29 -18.98 -0.27
N ASN C 544 26.28 -18.39 -0.91
CA ASN C 544 26.24 -18.16 -2.35
C ASN C 544 24.98 -17.44 -2.80
N GLY C 545 24.42 -16.59 -1.95
CA GLY C 545 23.23 -15.84 -2.30
C GLY C 545 22.00 -16.26 -1.51
N LEU C 546 21.96 -17.50 -1.03
CA LEU C 546 20.82 -17.94 -0.25
C LEU C 546 20.95 -17.40 1.16
N THR C 547 20.05 -16.53 1.57
CA THR C 547 20.12 -15.91 2.88
C THR C 547 19.04 -16.46 3.80
N GLY C 548 19.43 -16.74 5.04
CA GLY C 548 18.47 -17.24 6.01
C GLY C 548 19.10 -17.27 7.38
N THR C 549 18.37 -17.82 8.34
CA THR C 549 18.85 -17.93 9.71
C THR C 549 18.56 -19.32 10.26
N GLY C 550 19.43 -19.79 11.14
CA GLY C 550 19.23 -21.10 11.74
C GLY C 550 20.54 -21.66 12.21
N VAL C 551 20.45 -22.83 12.83
CA VAL C 551 21.63 -23.54 13.30
C VAL C 551 22.00 -24.58 12.26
N LEU C 552 23.29 -24.68 11.97
CA LEU C 552 23.81 -25.59 10.96
C LEU C 552 24.33 -26.86 11.60
N THR C 553 23.97 -28.00 11.03
CA THR C 553 24.34 -29.30 11.56
C THR C 553 24.80 -30.20 10.42
N GLU C 554 25.72 -31.10 10.71
CA GLU C 554 26.18 -32.03 9.68
C GLU C 554 25.04 -32.90 9.17
N SER C 555 24.89 -32.93 7.86
CA SER C 555 23.86 -33.62 7.11
C SER C 555 24.16 -35.10 6.92
N ASN C 556 23.11 -35.86 6.64
CA ASN C 556 23.25 -37.28 6.34
C ASN C 556 22.59 -37.65 5.02
N LYS C 557 22.17 -36.69 4.20
CA LYS C 557 21.52 -36.97 2.92
C LYS C 557 22.43 -36.78 1.72
N LYS C 558 22.26 -37.66 0.73
CA LYS C 558 23.12 -37.76 -0.46
C LYS C 558 22.65 -36.81 -1.56
N PHE C 559 23.25 -35.65 -1.64
CA PHE C 559 23.03 -34.72 -2.73
C PHE C 559 23.68 -35.20 -4.01
N LEU C 560 22.99 -35.09 -5.13
CA LEU C 560 23.65 -35.45 -6.37
C LEU C 560 24.67 -34.36 -6.71
N PRO C 561 25.74 -34.70 -7.40
CA PRO C 561 26.85 -33.75 -7.55
C PRO C 561 26.52 -32.44 -8.23
N PHE C 562 25.44 -32.32 -8.96
CA PHE C 562 25.14 -31.04 -9.59
C PHE C 562 24.15 -30.21 -8.79
N GLN C 563 23.69 -30.69 -7.65
CA GLN C 563 22.71 -29.99 -6.85
C GLN C 563 23.38 -29.20 -5.75
N GLN C 564 22.79 -28.07 -5.43
CA GLN C 564 23.31 -27.15 -4.44
C GLN C 564 22.35 -26.83 -3.30
N PHE C 565 21.07 -27.13 -3.43
CA PHE C 565 20.12 -26.75 -2.40
C PHE C 565 19.21 -27.91 -2.12
N GLY C 566 18.57 -27.89 -0.97
CA GLY C 566 17.60 -28.92 -0.64
C GLY C 566 16.34 -28.29 -0.11
N ARG C 567 15.21 -28.87 -0.43
CA ARG C 567 13.94 -28.29 -0.05
C ARG C 567 13.03 -29.35 0.49
N ASP C 568 12.29 -29.02 1.53
CA ASP C 568 11.23 -29.91 1.96
C ASP C 568 9.95 -29.50 1.26
N ILE C 569 8.83 -30.06 1.70
CA ILE C 569 7.55 -29.68 1.13
C ILE C 569 7.36 -28.20 1.45
N ALA C 570 6.68 -27.49 0.55
CA ALA C 570 6.35 -26.08 0.75
C ALA C 570 7.58 -25.18 0.72
N ASP C 571 8.53 -25.50 -0.14
CA ASP C 571 9.68 -24.66 -0.45
C ASP C 571 10.53 -24.22 0.74
N THR C 572 10.49 -24.90 1.89
CA THR C 572 11.35 -24.47 2.98
C THR C 572 12.76 -24.99 2.72
N THR C 573 13.74 -24.11 2.57
CA THR C 573 15.09 -24.59 2.30
C THR C 573 15.57 -25.40 3.49
N ASP C 574 15.66 -26.69 3.33
CA ASP C 574 16.03 -27.60 4.40
C ASP C 574 17.52 -27.89 4.47
N ALA C 575 18.27 -27.79 3.39
CA ALA C 575 19.68 -28.14 3.47
C ALA C 575 20.45 -27.35 2.44
N VAL C 576 21.76 -27.29 2.62
CA VAL C 576 22.62 -26.57 1.70
C VAL C 576 24.00 -27.17 1.75
N ARG C 577 24.71 -27.16 0.63
CA ARG C 577 26.08 -27.65 0.60
C ARG C 577 27.04 -26.49 0.62
N ASP C 578 28.10 -26.62 1.37
CA ASP C 578 29.05 -25.53 1.50
C ASP C 578 29.73 -25.32 0.16
N PRO C 579 29.81 -24.09 -0.33
CA PRO C 579 30.49 -23.85 -1.60
C PRO C 579 32.00 -23.97 -1.55
N GLN C 580 32.60 -24.19 -0.39
CA GLN C 580 34.05 -24.29 -0.31
C GLN C 580 34.52 -25.72 -0.16
N THR C 581 34.00 -26.43 0.83
CA THR C 581 34.41 -27.80 1.09
C THR C 581 33.40 -28.86 0.66
N LEU C 582 32.25 -28.46 0.13
CA LEU C 582 31.25 -29.36 -0.43
C LEU C 582 30.60 -30.32 0.57
N GLU C 583 30.74 -30.09 1.86
CA GLU C 583 30.02 -30.94 2.81
C GLU C 583 28.59 -30.46 2.89
N ILE C 584 27.68 -31.38 3.04
CA ILE C 584 26.26 -31.05 3.11
C ILE C 584 25.96 -30.56 4.51
N LEU C 585 25.17 -29.49 4.63
CA LEU C 585 24.84 -28.91 5.92
C LEU C 585 23.33 -28.82 6.03
N ASP C 586 22.84 -29.16 7.21
CA ASP C 586 21.41 -29.07 7.52
C ASP C 586 21.05 -27.77 8.20
N ILE C 587 19.88 -27.24 7.84
CA ILE C 587 19.36 -26.01 8.42
C ILE C 587 18.09 -26.28 9.21
N THR C 588 18.10 -25.90 10.48
CA THR C 588 16.92 -25.98 11.34
C THR C 588 16.75 -24.65 12.06
N PRO C 589 15.54 -24.08 12.06
CA PRO C 589 15.32 -22.78 12.71
C PRO C 589 15.53 -22.85 14.21
N CYS C 590 16.27 -21.88 14.75
CA CYS C 590 16.50 -21.87 16.19
C CYS C 590 15.20 -21.74 16.97
N SER C 591 15.25 -22.22 18.21
CA SER C 591 14.10 -22.38 19.08
C SER C 591 13.30 -21.10 19.29
N PHE C 592 11.98 -21.25 19.27
CA PHE C 592 11.05 -20.16 19.48
C PHE C 592 9.75 -20.75 20.00
N GLY C 593 8.91 -19.92 20.58
CA GLY C 593 7.64 -20.40 21.09
C GLY C 593 6.92 -19.35 21.89
N GLY C 594 5.71 -19.70 22.31
CA GLY C 594 4.88 -18.84 23.11
C GLY C 594 5.10 -19.05 24.60
N VAL C 595 4.83 -18.02 25.39
CA VAL C 595 5.01 -18.09 26.84
C VAL C 595 3.70 -17.72 27.51
N SER C 596 3.34 -18.46 28.54
CA SER C 596 2.12 -18.21 29.26
C SER C 596 2.41 -17.98 30.73
N VAL C 597 1.57 -17.20 31.37
CA VAL C 597 1.74 -16.82 32.77
C VAL C 597 0.64 -17.50 33.57
N ILE C 598 1.00 -18.17 34.65
CA ILE C 598 0.03 -18.77 35.54
C ILE C 598 -0.11 -17.89 36.76
N THR C 599 -1.31 -17.41 37.07
CA THR C 599 -1.47 -16.50 38.20
C THR C 599 -2.68 -16.84 39.06
N PRO C 600 -2.54 -16.86 40.38
CA PRO C 600 -3.69 -17.10 41.25
C PRO C 600 -4.53 -15.88 41.56
N GLY C 601 -4.31 -14.77 40.89
CA GLY C 601 -5.10 -13.59 41.15
C GLY C 601 -4.27 -12.51 41.83
N THR C 602 -4.41 -11.29 41.34
CA THR C 602 -3.69 -10.17 41.94
C THR C 602 -4.10 -9.99 43.38
N ASN C 603 -5.36 -10.24 43.68
CA ASN C 603 -5.88 -9.99 45.01
C ASN C 603 -5.56 -11.13 45.97
N THR C 604 -5.15 -12.28 45.48
CA THR C 604 -4.64 -13.29 46.39
C THR C 604 -3.15 -13.13 46.65
N SER C 605 -2.35 -12.99 45.61
CA SER C 605 -0.91 -12.83 45.77
C SER C 605 -0.27 -12.49 44.45
N ASN C 606 0.91 -11.91 44.53
CA ASN C 606 1.68 -11.56 43.34
C ASN C 606 2.53 -12.68 42.79
N GLN C 607 2.60 -13.83 43.45
CA GLN C 607 3.41 -14.92 42.92
C GLN C 607 2.92 -15.33 41.54
N VAL C 608 3.84 -15.85 40.71
CA VAL C 608 3.53 -16.16 39.33
C VAL C 608 4.41 -17.31 38.86
N ALA C 609 3.87 -18.17 38.01
CA ALA C 609 4.61 -19.22 37.34
C ALA C 609 4.50 -19.05 35.83
N VAL C 610 5.55 -19.41 35.11
CA VAL C 610 5.66 -19.15 33.68
C VAL C 610 5.75 -20.46 32.93
N LEU C 611 5.01 -20.57 31.83
CA LEU C 611 4.99 -21.76 30.97
C LEU C 611 5.50 -21.44 29.59
N TYR C 612 6.67 -21.96 29.24
CA TYR C 612 7.22 -21.90 27.89
C TYR C 612 6.67 -23.09 27.12
N GLN C 613 5.83 -22.85 26.12
CA GLN C 613 5.08 -23.97 25.59
C GLN C 613 5.84 -24.95 24.71
N GLY C 614 6.29 -24.54 23.55
CA GLY C 614 6.93 -25.51 22.68
C GLY C 614 8.44 -25.59 22.79
N VAL C 615 9.00 -25.82 23.98
CA VAL C 615 10.46 -25.86 24.14
C VAL C 615 10.74 -26.69 25.37
N ASN C 616 11.95 -27.21 25.46
CA ASN C 616 12.42 -27.77 26.71
C ASN C 616 13.48 -26.83 27.26
N CYS C 617 13.41 -26.58 28.58
CA CYS C 617 14.33 -25.63 29.22
C CYS C 617 15.78 -25.99 29.03
N THR C 618 16.10 -27.21 28.59
CA THR C 618 17.50 -27.52 28.38
C THR C 618 18.03 -26.67 27.25
N GLU C 619 17.13 -26.04 26.50
CA GLU C 619 17.41 -25.17 25.38
C GLU C 619 16.58 -23.91 25.50
N VAL C 620 16.36 -23.44 26.72
CA VAL C 620 15.58 -22.24 26.98
C VAL C 620 16.24 -21.02 26.40
N ASN C 641 11.70 -23.07 40.61
CA ASN C 641 11.97 -24.47 40.33
C ASN C 641 11.68 -24.72 38.86
N VAL C 642 12.16 -25.83 38.32
CA VAL C 642 11.97 -26.13 36.90
C VAL C 642 11.34 -27.51 36.75
N PHE C 643 10.43 -27.61 35.80
CA PHE C 643 9.73 -28.86 35.56
C PHE C 643 9.44 -29.02 34.07
N GLN C 644 9.49 -30.25 33.59
CA GLN C 644 9.22 -30.57 32.20
C GLN C 644 7.86 -31.24 32.06
N THR C 645 7.09 -30.84 31.06
CA THR C 645 5.78 -31.43 30.81
C THR C 645 5.61 -31.67 29.33
N ARG C 646 4.62 -32.49 28.98
CA ARG C 646 4.33 -32.69 27.57
C ARG C 646 3.83 -31.40 26.92
N ALA C 647 3.36 -30.45 27.70
CA ALA C 647 2.92 -29.17 27.14
C ALA C 647 4.04 -28.16 27.04
N GLY C 648 5.16 -28.42 27.67
CA GLY C 648 6.35 -27.60 27.68
C GLY C 648 6.95 -27.63 29.05
N CYS C 649 7.97 -26.82 29.29
CA CYS C 649 8.55 -26.79 30.61
C CYS C 649 8.02 -25.63 31.42
N LEU C 650 7.57 -25.94 32.63
CA LEU C 650 6.92 -25.04 33.56
C LEU C 650 7.89 -24.64 34.65
N ILE C 651 8.04 -23.34 34.88
CA ILE C 651 8.97 -22.81 35.85
C ILE C 651 8.24 -22.02 36.90
N GLY C 652 8.62 -22.20 38.15
CA GLY C 652 7.98 -21.49 39.23
C GLY C 652 6.95 -22.27 40.00
N ALA C 653 6.74 -23.54 39.69
CA ALA C 653 5.78 -24.38 40.39
C ALA C 653 6.37 -25.74 40.65
N GLU C 654 6.10 -26.30 41.82
CA GLU C 654 6.66 -27.59 42.19
C GLU C 654 5.64 -28.70 41.97
N TYR C 655 6.10 -29.81 41.42
CA TYR C 655 5.22 -30.92 41.13
C TYR C 655 4.95 -31.75 42.37
N VAL C 656 3.68 -31.95 42.69
CA VAL C 656 3.28 -32.75 43.84
C VAL C 656 2.50 -33.98 43.41
N ASN C 657 2.65 -35.07 44.15
CA ASN C 657 1.98 -36.31 43.78
C ASN C 657 0.50 -36.38 44.12
N SER C 658 -0.04 -35.50 44.96
CA SER C 658 -1.46 -35.61 45.26
C SER C 658 -2.26 -35.11 44.08
N SER C 659 -3.39 -35.75 43.82
CA SER C 659 -4.27 -35.37 42.73
C SER C 659 -5.52 -34.68 43.25
N TYR C 660 -5.90 -33.58 42.61
CA TYR C 660 -7.06 -32.81 43.03
C TYR C 660 -7.89 -32.45 41.81
N GLU C 661 -9.11 -31.98 42.05
CA GLU C 661 -9.91 -31.43 40.97
C GLU C 661 -9.25 -30.13 40.55
N CYS C 662 -8.78 -30.07 39.32
CA CYS C 662 -7.92 -28.95 38.96
C CYS C 662 -8.71 -27.75 38.49
N ASP C 663 -8.14 -26.58 38.75
CA ASP C 663 -8.77 -25.31 38.45
C ASP C 663 -8.01 -24.43 37.48
N ILE C 664 -6.69 -24.51 37.40
CA ILE C 664 -5.99 -23.75 36.37
C ILE C 664 -5.47 -24.78 35.38
N PRO C 665 -6.09 -24.95 34.22
CA PRO C 665 -5.67 -25.98 33.27
C PRO C 665 -4.42 -25.59 32.50
N ILE C 666 -3.39 -26.43 32.59
CA ILE C 666 -2.17 -26.21 31.83
C ILE C 666 -2.17 -27.01 30.54
N GLY C 667 -2.50 -28.28 30.59
CA GLY C 667 -2.57 -29.09 29.38
C GLY C 667 -2.00 -30.46 29.64
N ALA C 668 -2.43 -31.41 28.83
CA ALA C 668 -1.94 -32.78 28.91
C ALA C 668 -2.16 -33.34 30.29
N GLY C 669 -3.32 -33.08 30.87
CA GLY C 669 -3.65 -33.61 32.17
C GLY C 669 -3.00 -32.93 33.36
N ILE C 670 -2.24 -31.88 33.17
CA ILE C 670 -1.58 -31.18 34.27
C ILE C 670 -2.34 -29.91 34.58
N CYS C 671 -2.44 -29.56 35.86
CA CYS C 671 -3.11 -28.33 36.23
C CYS C 671 -2.27 -27.63 37.29
N ALA C 672 -2.74 -26.51 37.81
CA ALA C 672 -2.00 -25.81 38.85
C ALA C 672 -2.96 -25.10 39.78
N SER C 673 -2.53 -24.87 41.01
CA SER C 673 -3.37 -24.17 41.97
C SER C 673 -2.50 -23.64 43.09
N TYR C 674 -3.08 -22.75 43.90
CA TYR C 674 -2.36 -22.17 45.04
C TYR C 674 -2.41 -23.19 46.17
N GLN C 675 -1.24 -23.61 46.64
CA GLN C 675 -1.18 -24.66 47.66
C GLN C 675 -1.87 -24.29 48.95
N THR C 676 -1.37 -23.27 49.65
CA THR C 676 -1.94 -22.85 50.93
C THR C 676 -1.88 -23.97 51.96
N GLN C 690 0.66 -21.19 49.93
CA GLN C 690 1.86 -20.39 50.05
C GLN C 690 2.82 -20.65 48.89
N SER C 691 2.37 -21.46 47.93
CA SER C 691 3.18 -21.81 46.77
C SER C 691 2.25 -22.24 45.67
N ILE C 692 2.74 -22.24 44.43
CA ILE C 692 1.96 -22.73 43.31
C ILE C 692 2.40 -24.15 42.97
N ILE C 693 1.46 -25.10 43.03
CA ILE C 693 1.74 -26.52 42.81
C ILE C 693 1.08 -27.00 41.53
N ALA C 694 1.80 -27.79 40.75
CA ALA C 694 1.26 -28.45 39.58
C ALA C 694 1.03 -29.91 39.91
N TYR C 695 -0.06 -30.49 39.41
CA TYR C 695 -0.40 -31.85 39.80
C TYR C 695 -1.26 -32.44 38.71
N THR C 696 -1.40 -33.76 38.70
CA THR C 696 -2.28 -34.40 37.74
C THR C 696 -3.73 -34.37 38.20
N MET C 697 -4.65 -34.20 37.26
CA MET C 697 -6.06 -34.09 37.58
C MET C 697 -6.61 -35.36 38.18
N SER C 698 -7.61 -35.21 39.01
CA SER C 698 -8.37 -36.32 39.56
C SER C 698 -9.75 -36.32 38.91
N LEU C 699 -10.13 -37.43 38.32
CA LEU C 699 -11.42 -37.52 37.64
C LEU C 699 -12.55 -37.89 38.56
N GLY C 700 -12.41 -37.66 39.85
CA GLY C 700 -13.46 -37.98 40.81
C GLY C 700 -13.16 -39.23 41.61
N ALA C 701 -14.04 -39.47 42.58
CA ALA C 701 -13.91 -40.62 43.46
C ALA C 701 -14.35 -41.90 42.80
N GLU C 702 -13.81 -43.01 43.29
CA GLU C 702 -14.15 -44.33 42.76
C GLU C 702 -15.27 -44.97 43.55
N ASN C 703 -16.31 -45.38 42.85
CA ASN C 703 -17.46 -46.00 43.47
C ASN C 703 -17.62 -47.36 42.83
N SER C 704 -17.24 -48.41 43.54
CA SER C 704 -17.37 -49.76 43.03
C SER C 704 -18.71 -50.34 43.46
N VAL C 705 -19.76 -50.04 42.70
CA VAL C 705 -21.08 -50.55 43.04
C VAL C 705 -21.04 -52.05 43.09
N ALA C 706 -21.65 -52.62 44.14
CA ALA C 706 -21.64 -54.06 44.39
C ALA C 706 -22.59 -54.79 43.46
N TYR C 707 -22.08 -55.32 42.36
CA TYR C 707 -22.93 -56.10 41.49
C TYR C 707 -23.09 -57.50 42.04
N SER C 708 -24.22 -58.11 41.74
CA SER C 708 -24.48 -59.47 42.20
C SER C 708 -25.64 -60.00 41.38
N ASN C 709 -25.67 -61.31 41.17
CA ASN C 709 -26.73 -61.85 40.36
C ASN C 709 -28.09 -61.91 41.05
N ASN C 710 -28.22 -61.58 42.32
CA ASN C 710 -29.55 -61.70 42.89
C ASN C 710 -29.91 -60.55 43.81
N SER C 711 -29.18 -59.44 43.79
CA SER C 711 -29.40 -58.32 44.68
C SER C 711 -29.96 -57.10 43.97
N ILE C 712 -30.85 -56.38 44.66
CA ILE C 712 -31.48 -55.15 44.18
C ILE C 712 -31.48 -54.09 45.25
N ALA C 713 -31.19 -52.86 44.85
CA ALA C 713 -31.26 -51.69 45.70
C ALA C 713 -32.42 -50.80 45.29
N ILE C 714 -33.35 -50.54 46.19
CA ILE C 714 -34.52 -49.74 45.85
C ILE C 714 -34.57 -48.53 46.76
N PRO C 715 -34.92 -47.34 46.26
CA PRO C 715 -34.93 -46.16 47.12
C PRO C 715 -36.16 -46.10 47.99
N THR C 716 -35.96 -45.66 49.23
CA THR C 716 -37.08 -45.46 50.13
C THR C 716 -37.48 -44.00 50.35
N ASN C 717 -36.74 -43.03 49.83
CA ASN C 717 -37.16 -41.66 50.02
C ASN C 717 -36.73 -40.86 48.80
N PHE C 718 -37.13 -39.60 48.75
CA PHE C 718 -36.83 -38.77 47.59
C PHE C 718 -36.54 -37.36 48.01
N THR C 719 -36.13 -36.54 47.05
CA THR C 719 -35.90 -35.13 47.29
C THR C 719 -36.06 -34.46 45.95
N ILE C 720 -36.87 -33.41 45.87
CA ILE C 720 -37.11 -32.72 44.62
C ILE C 720 -36.29 -31.45 44.64
N SER C 721 -35.52 -31.22 43.60
CA SER C 721 -34.62 -30.09 43.54
C SER C 721 -34.95 -29.19 42.37
N VAL C 722 -34.33 -28.02 42.34
CA VAL C 722 -34.52 -27.03 41.30
C VAL C 722 -33.19 -26.64 40.70
N THR C 723 -33.08 -26.70 39.40
CA THR C 723 -31.86 -26.36 38.68
C THR C 723 -32.11 -25.20 37.73
N THR C 724 -31.21 -24.25 37.68
CA THR C 724 -31.35 -23.07 36.82
C THR C 724 -30.52 -23.24 35.57
N GLU C 725 -31.15 -23.09 34.42
CA GLU C 725 -30.46 -23.17 33.15
C GLU C 725 -30.60 -21.85 32.41
N ILE C 726 -29.49 -21.29 31.94
CA ILE C 726 -29.47 -20.00 31.26
C ILE C 726 -29.16 -20.21 29.81
N LEU C 727 -29.83 -19.45 28.94
CA LEU C 727 -29.65 -19.54 27.50
C LEU C 727 -29.79 -18.18 26.85
N PRO C 728 -28.83 -17.74 26.06
CA PRO C 728 -29.00 -16.48 25.33
C PRO C 728 -29.93 -16.62 24.16
N VAL C 729 -30.69 -15.57 23.89
CA VAL C 729 -31.70 -15.60 22.84
C VAL C 729 -31.46 -14.59 21.73
N SER C 730 -30.83 -13.46 22.00
CA SER C 730 -30.71 -12.49 20.93
C SER C 730 -29.57 -11.54 21.21
N MET C 731 -29.23 -10.73 20.23
CA MET C 731 -28.15 -9.78 20.40
C MET C 731 -28.57 -8.41 19.91
N THR C 732 -27.72 -7.42 20.12
CA THR C 732 -28.06 -6.05 19.76
C THR C 732 -28.15 -5.88 18.26
N LYS C 733 -29.22 -5.26 17.80
CA LYS C 733 -29.36 -4.97 16.38
C LYS C 733 -28.55 -3.73 16.05
N THR C 734 -27.70 -3.82 15.04
CA THR C 734 -26.81 -2.73 14.68
C THR C 734 -27.02 -2.33 13.23
N SER C 735 -26.97 -1.04 12.96
CA SER C 735 -27.00 -0.55 11.59
C SER C 735 -25.81 0.35 11.35
N VAL C 736 -25.28 0.32 10.14
CA VAL C 736 -24.05 1.04 9.83
C VAL C 736 -24.27 1.90 8.59
N ASP C 737 -23.73 3.11 8.63
CA ASP C 737 -23.71 4.03 7.50
C ASP C 737 -22.37 4.01 6.79
N CYS C 738 -22.33 3.53 5.55
CA CYS C 738 -21.06 3.35 4.86
C CYS C 738 -20.26 4.63 4.70
N THR C 739 -20.80 5.61 3.97
CA THR C 739 -20.02 6.81 3.67
C THR C 739 -19.58 7.55 4.92
N MET C 740 -20.43 7.68 5.91
CA MET C 740 -20.01 8.39 7.12
C MET C 740 -18.85 7.68 7.78
N TYR C 741 -19.00 6.39 8.06
CA TYR C 741 -17.89 5.70 8.69
C TYR C 741 -16.64 5.76 7.84
N ILE C 742 -16.76 5.71 6.53
CA ILE C 742 -15.55 5.67 5.72
C ILE C 742 -14.85 7.01 5.78
N CYS C 743 -15.52 8.07 5.34
CA CYS C 743 -14.79 9.33 5.32
C CYS C 743 -15.59 10.57 5.69
N GLY C 744 -16.36 10.49 6.76
CA GLY C 744 -16.85 11.67 7.45
C GLY C 744 -17.20 12.90 6.66
N ASP C 745 -18.04 12.76 5.64
CA ASP C 745 -18.57 13.88 4.88
C ASP C 745 -17.45 14.74 4.28
N SER C 746 -16.68 14.11 3.41
CA SER C 746 -15.65 14.76 2.61
C SER C 746 -16.04 14.53 1.16
N THR C 747 -16.16 15.60 0.38
CA THR C 747 -16.58 15.42 -1.00
C THR C 747 -15.56 14.64 -1.81
N GLU C 748 -14.28 14.99 -1.68
CA GLU C 748 -13.27 14.29 -2.46
C GLU C 748 -13.23 12.81 -2.11
N CYS C 749 -13.52 12.46 -0.86
CA CYS C 749 -13.49 11.05 -0.58
C CYS C 749 -14.72 10.32 -1.11
N SER C 750 -15.90 10.93 -1.10
CA SER C 750 -17.01 10.18 -1.68
C SER C 750 -16.82 10.02 -3.18
N ASN C 751 -16.33 11.07 -3.82
CA ASN C 751 -16.03 10.96 -5.24
C ASN C 751 -15.03 9.87 -5.52
N LEU C 752 -14.15 9.60 -4.57
CA LEU C 752 -13.18 8.55 -4.79
C LEU C 752 -13.71 7.18 -4.40
N LEU C 753 -14.63 7.13 -3.46
CA LEU C 753 -15.21 5.87 -3.04
C LEU C 753 -16.19 5.34 -4.06
N LEU C 754 -16.80 6.23 -4.85
CA LEU C 754 -17.71 5.77 -5.88
C LEU C 754 -17.09 4.79 -6.86
N GLN C 755 -15.78 4.66 -6.92
CA GLN C 755 -15.21 3.73 -7.87
C GLN C 755 -15.13 2.33 -7.33
N TYR C 756 -15.48 2.11 -6.09
CA TYR C 756 -15.24 0.77 -5.60
C TYR C 756 -16.41 -0.14 -5.85
N GLY C 757 -17.60 0.40 -6.10
CA GLY C 757 -18.73 -0.42 -6.46
C GLY C 757 -19.83 -0.34 -5.43
N SER C 758 -20.45 -1.48 -5.20
CA SER C 758 -21.62 -1.60 -4.36
C SER C 758 -21.31 -2.33 -3.06
N PHE C 759 -20.10 -2.18 -2.53
CA PHE C 759 -19.83 -2.82 -1.25
C PHE C 759 -20.79 -2.40 -0.15
N CYS C 760 -21.08 -1.10 -0.04
CA CYS C 760 -22.05 -0.72 1.00
C CYS C 760 -23.43 -1.27 0.78
N THR C 761 -23.90 -1.38 -0.44
CA THR C 761 -25.21 -2.01 -0.57
C THR C 761 -25.20 -3.39 0.05
N GLN C 762 -24.17 -4.16 -0.27
CA GLN C 762 -24.04 -5.50 0.26
C GLN C 762 -23.94 -5.51 1.78
N LEU C 763 -23.14 -4.61 2.34
CA LEU C 763 -22.96 -4.58 3.79
C LEU C 763 -24.25 -4.21 4.50
N LYS C 764 -24.93 -3.22 3.99
CA LYS C 764 -26.17 -2.79 4.60
C LYS C 764 -27.19 -3.91 4.55
N ARG C 765 -27.26 -4.63 3.43
CA ARG C 765 -28.18 -5.75 3.36
C ARG C 765 -27.86 -6.81 4.38
N ALA C 766 -26.58 -7.14 4.57
CA ALA C 766 -26.25 -8.18 5.53
C ALA C 766 -26.68 -7.79 6.94
N LEU C 767 -26.43 -6.55 7.32
CA LEU C 767 -26.79 -6.15 8.67
C LEU C 767 -28.30 -6.12 8.85
N THR C 768 -29.03 -5.66 7.85
CA THR C 768 -30.49 -5.68 7.96
C THR C 768 -31.02 -7.09 8.12
N GLY C 769 -30.43 -8.04 7.42
CA GLY C 769 -30.86 -9.42 7.62
C GLY C 769 -30.65 -9.88 9.04
N ILE C 770 -29.51 -9.54 9.63
CA ILE C 770 -29.28 -9.93 11.02
C ILE C 770 -30.32 -9.32 11.94
N ALA C 771 -30.64 -8.05 11.73
CA ALA C 771 -31.60 -7.42 12.64
C ALA C 771 -32.97 -8.09 12.59
N VAL C 772 -33.49 -8.31 11.39
CA VAL C 772 -34.80 -8.95 11.34
C VAL C 772 -34.76 -10.34 11.93
N GLU C 773 -33.62 -11.01 11.81
CA GLU C 773 -33.50 -12.32 12.39
C GLU C 773 -33.58 -12.28 13.90
N GLN C 774 -32.95 -11.29 14.52
CA GLN C 774 -33.03 -11.18 15.97
C GLN C 774 -34.46 -11.02 16.45
N ASP C 775 -35.21 -10.19 15.76
CA ASP C 775 -36.61 -10.05 16.15
C ASP C 775 -37.35 -11.36 16.03
N LYS C 776 -37.11 -12.10 14.96
CA LYS C 776 -37.81 -13.37 14.83
C LYS C 776 -37.42 -14.34 15.92
N ASN C 777 -36.18 -14.31 16.40
CA ASN C 777 -35.81 -15.22 17.49
C ASN C 777 -36.61 -14.94 18.74
N THR C 778 -36.68 -13.69 19.16
CA THR C 778 -37.51 -13.41 20.34
C THR C 778 -38.95 -13.84 20.14
N GLN C 779 -39.52 -13.57 18.96
CA GLN C 779 -40.90 -13.95 18.70
C GLN C 779 -41.08 -15.43 18.84
N GLU C 780 -40.24 -16.19 18.16
CA GLU C 780 -40.31 -17.65 18.17
C GLU C 780 -40.16 -18.23 19.56
N VAL C 781 -39.35 -17.62 20.42
CA VAL C 781 -39.16 -18.22 21.72
C VAL C 781 -40.35 -17.96 22.61
N PHE C 782 -40.75 -16.71 22.75
CA PHE C 782 -41.68 -16.37 23.81
C PHE C 782 -43.14 -16.41 23.40
N ALA C 783 -43.46 -15.98 22.19
CA ALA C 783 -44.85 -15.88 21.73
C ALA C 783 -45.43 -17.21 21.28
N GLN C 784 -45.38 -18.17 22.18
CA GLN C 784 -45.98 -19.47 21.89
C GLN C 784 -47.44 -19.56 22.28
N VAL C 785 -47.81 -18.95 23.37
CA VAL C 785 -49.20 -18.95 23.83
C VAL C 785 -49.98 -17.90 23.05
N LYS C 786 -51.25 -18.19 22.77
CA LYS C 786 -52.05 -17.27 21.99
C LYS C 786 -52.81 -16.27 22.84
N GLN C 787 -53.33 -16.67 23.99
CA GLN C 787 -54.12 -15.82 24.85
C GLN C 787 -53.41 -15.53 26.16
N ILE C 788 -53.47 -14.29 26.62
CA ILE C 788 -52.79 -13.89 27.84
C ILE C 788 -53.66 -14.33 29.02
N TYR C 789 -53.28 -15.43 29.66
CA TYR C 789 -54.01 -15.95 30.81
C TYR C 789 -53.70 -15.13 32.05
N LYS C 790 -54.72 -14.74 32.77
CA LYS C 790 -54.53 -13.94 33.96
C LYS C 790 -54.43 -14.84 35.18
N THR C 791 -53.66 -14.42 36.14
CA THR C 791 -53.50 -15.17 37.38
C THR C 791 -54.70 -14.94 38.29
N PRO C 792 -55.24 -15.97 38.92
CA PRO C 792 -56.37 -15.78 39.81
C PRO C 792 -55.96 -14.95 41.02
N PRO C 793 -56.92 -14.29 41.69
CA PRO C 793 -56.53 -13.44 42.83
C PRO C 793 -56.18 -14.20 44.10
N ILE C 794 -56.93 -15.24 44.46
CA ILE C 794 -56.62 -16.02 45.65
C ILE C 794 -55.44 -16.92 45.31
N LYS C 795 -54.24 -16.52 45.74
CA LYS C 795 -53.02 -17.22 45.40
C LYS C 795 -52.65 -18.34 46.35
N TYR C 796 -53.58 -19.27 46.55
CA TYR C 796 -53.35 -20.48 47.34
C TYR C 796 -53.45 -21.70 46.46
N PHE C 797 -52.36 -22.47 46.37
CA PHE C 797 -52.26 -23.64 45.51
C PHE C 797 -51.90 -24.89 46.27
N GLY C 798 -52.47 -25.08 47.44
CA GLY C 798 -52.20 -26.28 48.19
C GLY C 798 -50.84 -26.38 48.82
N GLY C 799 -50.40 -25.32 49.47
CA GLY C 799 -49.11 -25.30 50.12
C GLY C 799 -47.94 -24.87 49.27
N PHE C 800 -48.05 -24.96 47.96
CA PHE C 800 -46.93 -24.55 47.13
C PHE C 800 -46.85 -23.04 47.17
N ASN C 801 -45.65 -22.50 47.22
CA ASN C 801 -45.44 -21.06 47.35
C ASN C 801 -44.74 -20.51 46.12
N PHE C 802 -45.53 -19.99 45.17
CA PHE C 802 -45.01 -19.39 43.96
C PHE C 802 -44.71 -17.92 44.09
N SER C 803 -44.64 -17.39 45.30
CA SER C 803 -44.42 -15.95 45.44
C SER C 803 -43.13 -15.48 44.78
N GLN C 804 -42.12 -16.32 44.75
CA GLN C 804 -40.85 -15.89 44.19
C GLN C 804 -40.87 -15.77 42.69
N ILE C 805 -41.82 -16.37 41.99
CA ILE C 805 -41.83 -16.28 40.54
C ILE C 805 -43.03 -15.53 39.96
N LEU C 806 -44.14 -15.41 40.64
CA LEU C 806 -45.26 -14.69 40.07
C LEU C 806 -44.97 -13.20 40.09
N PRO C 807 -45.55 -12.42 39.21
CA PRO C 807 -45.24 -10.99 39.20
C PRO C 807 -45.72 -10.34 40.47
N ASP C 808 -44.93 -9.40 40.95
CA ASP C 808 -45.21 -8.65 42.17
C ASP C 808 -45.95 -7.36 41.79
N PRO C 809 -47.21 -7.20 42.16
CA PRO C 809 -47.92 -5.97 41.79
C PRO C 809 -47.37 -4.72 42.45
N SER C 810 -46.57 -4.85 43.51
CA SER C 810 -46.07 -3.66 44.20
C SER C 810 -45.18 -2.83 43.29
N LYS C 811 -44.11 -3.41 42.79
CA LYS C 811 -43.21 -2.65 41.94
C LYS C 811 -43.92 -2.31 40.64
N PRO C 812 -43.59 -1.17 40.03
CA PRO C 812 -44.28 -0.78 38.81
C PRO C 812 -43.97 -1.66 37.62
N SER C 813 -42.75 -2.20 37.53
CA SER C 813 -42.37 -3.03 36.39
C SER C 813 -43.10 -4.37 36.35
N LYS C 814 -43.70 -4.78 37.45
CA LYS C 814 -44.46 -6.03 37.49
C LYS C 814 -43.61 -7.25 37.18
N ARG C 815 -42.36 -7.24 37.61
CA ARG C 815 -41.51 -8.39 37.44
C ARG C 815 -41.45 -9.14 38.76
N SER C 816 -41.36 -10.43 38.67
CA SER C 816 -41.19 -11.19 39.89
C SER C 816 -39.88 -10.81 40.55
N PRO C 817 -39.66 -11.17 41.81
CA PRO C 817 -38.37 -10.87 42.41
C PRO C 817 -37.17 -11.51 41.75
N ILE C 818 -37.25 -12.77 41.30
CA ILE C 818 -36.10 -13.35 40.62
C ILE C 818 -35.79 -12.60 39.35
N GLU C 819 -36.83 -12.18 38.63
CA GLU C 819 -36.58 -11.42 37.42
C GLU C 819 -35.89 -10.12 37.76
N ASP C 820 -36.26 -9.51 38.88
CA ASP C 820 -35.58 -8.29 39.30
C ASP C 820 -34.12 -8.55 39.58
N LEU C 821 -33.82 -9.65 40.27
CA LEU C 821 -32.43 -9.98 40.53
C LEU C 821 -31.66 -10.17 39.25
N LEU C 822 -32.26 -10.83 38.27
CA LEU C 822 -31.60 -11.03 36.99
C LEU C 822 -31.35 -9.72 36.28
N PHE C 823 -32.32 -8.82 36.28
CA PHE C 823 -32.10 -7.57 35.57
C PHE C 823 -31.05 -6.73 36.25
N ASN C 824 -30.91 -6.84 37.56
CA ASN C 824 -29.91 -6.01 38.21
C ASN C 824 -28.53 -6.63 38.14
N LYS C 825 -28.45 -7.96 38.07
CA LYS C 825 -27.16 -8.63 38.11
C LYS C 825 -26.33 -8.40 36.86
N VAL C 826 -26.95 -8.17 35.71
CA VAL C 826 -26.20 -8.03 34.47
C VAL C 826 -26.36 -6.61 33.95
N THR C 827 -25.24 -6.00 33.57
CA THR C 827 -25.19 -4.65 33.04
C THR C 827 -24.20 -4.60 31.89
N LEU C 828 -24.19 -3.49 31.18
CA LEU C 828 -23.29 -3.29 30.05
C LEU C 828 -21.83 -3.16 30.48
N PHE C 855 -21.27 8.67 18.05
CA PHE C 855 -20.67 7.68 17.18
C PHE C 855 -20.34 8.23 15.82
N ASN C 856 -19.78 7.37 14.96
CA ASN C 856 -19.31 7.90 13.65
C ASN C 856 -20.06 7.20 12.52
N GLY C 857 -21.30 6.82 12.75
CA GLY C 857 -22.11 6.23 11.68
C GLY C 857 -22.88 5.04 12.18
N LEU C 858 -22.36 4.38 13.20
CA LEU C 858 -23.02 3.17 13.73
C LEU C 858 -24.27 3.59 14.50
N THR C 859 -25.04 2.63 14.97
CA THR C 859 -26.28 2.93 15.72
C THR C 859 -26.88 1.62 16.22
N VAL C 860 -27.65 1.66 17.29
CA VAL C 860 -28.20 0.41 17.87
C VAL C 860 -29.72 0.46 17.78
N LEU C 861 -30.28 0.18 16.61
CA LEU C 861 -31.75 0.16 16.44
C LEU C 861 -32.38 -0.48 17.67
N PRO C 862 -33.56 -0.03 18.13
CA PRO C 862 -34.14 -0.55 19.35
C PRO C 862 -34.77 -1.92 19.12
N PRO C 863 -35.04 -2.74 20.15
CA PRO C 863 -35.72 -3.99 19.97
C PRO C 863 -37.16 -3.71 19.56
N LEU C 864 -37.98 -4.75 19.39
CA LEU C 864 -39.41 -4.50 19.11
C LEU C 864 -40.16 -4.85 20.39
N LEU C 865 -40.45 -6.12 20.62
CA LEU C 865 -41.10 -6.48 21.89
C LEU C 865 -40.27 -5.85 23.03
N THR C 866 -40.74 -4.75 23.64
CA THR C 866 -40.04 -4.15 24.74
C THR C 866 -40.00 -5.14 25.90
N ASP C 867 -39.20 -4.80 26.89
CA ASP C 867 -39.06 -5.66 28.07
C ASP C 867 -40.38 -5.90 28.76
N GLU C 868 -41.23 -4.88 28.81
CA GLU C 868 -42.52 -5.05 29.47
C GLU C 868 -43.37 -6.10 28.78
N MET C 869 -43.40 -6.10 27.46
CA MET C 869 -44.23 -7.09 26.79
C MET C 869 -43.69 -8.48 26.96
N ILE C 870 -42.37 -8.64 27.01
CA ILE C 870 -41.80 -9.95 27.26
C ILE C 870 -42.16 -10.44 28.65
N ALA C 871 -42.13 -9.55 29.64
CA ALA C 871 -42.54 -9.97 30.97
C ALA C 871 -44.00 -10.36 30.99
N GLN C 872 -44.82 -9.69 30.19
CA GLN C 872 -46.22 -10.06 30.11
C GLN C 872 -46.40 -11.46 29.52
N TYR C 873 -45.65 -11.77 28.48
CA TYR C 873 -45.73 -13.13 27.93
C TYR C 873 -45.32 -14.18 28.94
N THR C 874 -44.23 -13.91 29.67
CA THR C 874 -43.79 -14.87 30.65
C THR C 874 -44.84 -15.10 31.71
N SER C 875 -45.48 -14.04 32.18
CA SER C 875 -46.52 -14.24 33.17
C SER C 875 -47.68 -15.04 32.61
N ALA C 876 -47.97 -14.86 31.33
CA ALA C 876 -49.04 -15.67 30.72
C ALA C 876 -48.69 -17.14 30.77
N LEU C 877 -47.45 -17.48 30.44
CA LEU C 877 -47.06 -18.89 30.50
C LEU C 877 -47.14 -19.42 31.92
N LEU C 878 -46.69 -18.64 32.91
CA LEU C 878 -46.79 -19.13 34.27
C LEU C 878 -48.23 -19.36 34.72
N ALA C 879 -49.12 -18.42 34.46
CA ALA C 879 -50.50 -18.63 34.87
C ALA C 879 -51.12 -19.83 34.18
N GLY C 880 -50.86 -19.99 32.88
CA GLY C 880 -51.39 -21.14 32.19
C GLY C 880 -50.92 -22.44 32.78
N THR C 881 -49.61 -22.58 32.98
CA THR C 881 -49.07 -23.82 33.50
C THR C 881 -49.46 -24.07 34.95
N ILE C 882 -49.75 -23.02 35.71
CA ILE C 882 -50.07 -23.24 37.10
C ILE C 882 -51.52 -23.69 37.24
N THR C 883 -52.40 -23.23 36.37
CA THR C 883 -53.81 -23.52 36.59
C THR C 883 -54.33 -24.65 35.71
N SER C 884 -53.66 -24.98 34.62
CA SER C 884 -54.20 -25.92 33.65
C SER C 884 -53.22 -26.99 33.20
N GLY C 885 -52.00 -26.99 33.70
CA GLY C 885 -51.01 -27.99 33.33
C GLY C 885 -50.61 -27.95 31.88
N TRP C 886 -50.50 -29.13 31.28
CA TRP C 886 -50.10 -29.17 29.88
C TRP C 886 -51.21 -28.75 28.94
N THR C 887 -52.46 -28.79 29.38
CA THR C 887 -53.56 -28.71 28.45
C THR C 887 -53.54 -27.41 27.69
N PHE C 888 -53.10 -26.34 28.30
CA PHE C 888 -53.16 -25.06 27.61
C PHE C 888 -52.27 -25.03 26.39
N GLY C 889 -51.43 -26.02 26.21
CA GLY C 889 -50.57 -26.03 25.04
C GLY C 889 -51.13 -26.85 23.90
N ALA C 890 -52.14 -27.67 24.17
CA ALA C 890 -52.76 -28.53 23.19
C ALA C 890 -54.10 -28.04 22.70
N GLY C 891 -54.66 -27.01 23.31
CA GLY C 891 -55.93 -26.48 22.91
C GLY C 891 -56.57 -25.65 24.00
N PRO C 892 -57.85 -25.87 24.27
CA PRO C 892 -58.53 -25.09 25.30
C PRO C 892 -58.01 -25.42 26.69
N ALA C 893 -57.67 -24.40 27.46
CA ALA C 893 -57.15 -24.57 28.80
C ALA C 893 -58.23 -25.09 29.74
N LEU C 894 -58.00 -26.26 30.31
CA LEU C 894 -58.92 -26.87 31.27
C LEU C 894 -58.33 -26.77 32.67
N GLN C 895 -59.02 -26.10 33.58
CA GLN C 895 -58.52 -25.94 34.93
C GLN C 895 -58.55 -27.24 35.72
N ILE C 896 -57.53 -27.44 36.54
CA ILE C 896 -57.40 -28.64 37.38
C ILE C 896 -56.71 -28.24 38.67
N PRO C 897 -57.15 -28.74 39.83
CA PRO C 897 -56.48 -28.42 41.09
C PRO C 897 -55.01 -28.75 41.03
N PHE C 898 -54.18 -27.88 41.59
CA PHE C 898 -52.74 -28.09 41.48
C PHE C 898 -52.22 -29.38 42.12
N PRO C 899 -52.69 -29.84 43.26
CA PRO C 899 -52.24 -31.16 43.70
C PRO C 899 -52.58 -32.26 42.72
N MET C 900 -53.74 -32.23 42.08
CA MET C 900 -53.98 -33.28 41.10
C MET C 900 -53.06 -33.16 39.91
N GLN C 901 -52.67 -31.96 39.54
CA GLN C 901 -51.73 -31.86 38.45
C GLN C 901 -50.41 -32.48 38.81
N MET C 902 -49.91 -32.20 40.00
CA MET C 902 -48.67 -32.86 40.34
C MET C 902 -48.83 -34.36 40.48
N ALA C 903 -50.01 -34.85 40.85
CA ALA C 903 -50.18 -36.30 40.87
C ALA C 903 -50.08 -36.88 39.48
N TYR C 904 -50.71 -36.23 38.51
CA TYR C 904 -50.52 -36.61 37.11
C TYR C 904 -49.05 -36.73 36.77
N ARG C 905 -48.25 -35.73 37.10
CA ARG C 905 -46.84 -35.80 36.72
C ARG C 905 -46.11 -36.93 37.43
N PHE C 906 -46.45 -37.19 38.69
CA PHE C 906 -45.86 -38.34 39.36
C PHE C 906 -46.14 -39.61 38.59
N ASN C 907 -47.39 -39.84 38.20
CA ASN C 907 -47.63 -40.98 37.31
C ASN C 907 -46.74 -40.92 36.09
N GLY C 908 -46.50 -39.74 35.59
CA GLY C 908 -45.64 -39.64 34.42
C GLY C 908 -44.26 -40.20 34.63
N ILE C 909 -43.70 -40.12 35.83
CA ILE C 909 -42.37 -40.71 36.06
C ILE C 909 -42.47 -42.09 36.69
N GLY C 910 -43.59 -42.76 36.60
CA GLY C 910 -43.63 -44.12 37.08
C GLY C 910 -43.81 -44.33 38.56
N VAL C 911 -44.25 -43.33 39.31
CA VAL C 911 -44.55 -43.46 40.74
C VAL C 911 -46.04 -43.29 40.92
N THR C 912 -46.68 -44.21 41.62
CA THR C 912 -48.12 -44.12 41.79
C THR C 912 -48.49 -42.90 42.61
N GLN C 913 -49.63 -42.31 42.29
CA GLN C 913 -50.07 -41.05 42.87
C GLN C 913 -50.35 -41.10 44.37
N ASN C 914 -50.62 -42.26 44.92
CA ASN C 914 -50.81 -42.30 46.35
C ASN C 914 -49.58 -41.82 47.05
N VAL C 915 -48.41 -41.97 46.43
CA VAL C 915 -47.19 -41.42 47.00
C VAL C 915 -47.26 -39.92 47.14
N LEU C 916 -47.94 -39.22 46.24
CA LEU C 916 -48.04 -37.78 46.41
C LEU C 916 -49.11 -37.39 47.42
N TYR C 917 -50.26 -38.05 47.41
CA TYR C 917 -51.29 -37.60 48.35
C TYR C 917 -50.94 -37.88 49.79
N GLU C 918 -50.05 -38.80 50.03
CA GLU C 918 -49.69 -39.12 51.40
C GLU C 918 -48.51 -38.32 51.90
N ASN C 919 -47.85 -37.58 51.04
CA ASN C 919 -46.68 -36.82 51.42
C ASN C 919 -46.78 -35.43 50.84
N GLN C 920 -47.99 -34.96 50.63
CA GLN C 920 -48.17 -33.62 50.11
C GLN C 920 -47.46 -32.56 50.95
N LYS C 921 -47.57 -32.63 52.26
CA LYS C 921 -46.96 -31.61 53.12
C LYS C 921 -45.45 -31.58 52.95
N LEU C 922 -44.80 -32.73 53.03
CA LEU C 922 -43.35 -32.77 52.91
C LEU C 922 -42.90 -32.30 51.54
N ILE C 923 -43.63 -32.67 50.51
CA ILE C 923 -43.27 -32.29 49.16
C ILE C 923 -43.38 -30.78 48.99
N ALA C 924 -44.44 -30.20 49.53
CA ALA C 924 -44.59 -28.76 49.41
C ALA C 924 -43.48 -28.05 50.14
N ASN C 925 -43.09 -28.54 51.31
CA ASN C 925 -41.99 -27.91 52.04
C ASN C 925 -40.68 -27.99 51.28
N GLN C 926 -40.37 -29.13 50.68
CA GLN C 926 -39.13 -29.21 49.93
C GLN C 926 -39.15 -28.29 48.73
N PHE C 927 -40.29 -28.22 48.04
CA PHE C 927 -40.36 -27.31 46.90
C PHE C 927 -40.19 -25.87 47.31
N ASN C 928 -40.83 -25.46 48.40
CA ASN C 928 -40.68 -24.07 48.85
C ASN C 928 -39.25 -23.76 49.24
N SER C 929 -38.62 -24.66 49.98
CA SER C 929 -37.25 -24.43 50.39
C SER C 929 -36.30 -24.34 49.20
N ALA C 930 -36.47 -25.20 48.20
CA ALA C 930 -35.59 -25.13 47.05
C ALA C 930 -35.76 -23.84 46.30
N ILE C 931 -37.01 -23.41 46.10
CA ILE C 931 -37.18 -22.15 45.40
C ILE C 931 -36.59 -21.03 46.19
N GLY C 932 -36.64 -21.10 47.51
CA GLY C 932 -36.05 -20.04 48.29
C GLY C 932 -34.53 -20.00 48.17
N LYS C 933 -33.88 -21.16 48.12
CA LYS C 933 -32.44 -21.16 48.00
C LYS C 933 -31.95 -20.76 46.61
N ILE C 934 -32.81 -20.85 45.60
CA ILE C 934 -32.38 -20.46 44.26
C ILE C 934 -31.90 -19.02 44.18
N GLN C 935 -32.63 -18.11 44.79
CA GLN C 935 -32.23 -16.71 44.69
C GLN C 935 -30.88 -16.46 45.35
N ASP C 936 -30.67 -17.05 46.52
CA ASP C 936 -29.39 -16.91 47.19
C ASP C 936 -28.27 -17.47 46.34
N SER C 937 -28.49 -18.62 45.70
CA SER C 937 -27.43 -19.19 44.87
C SER C 937 -27.11 -18.29 43.69
N LEU C 938 -28.12 -17.76 43.03
CA LEU C 938 -27.82 -16.87 41.91
C LEU C 938 -27.06 -15.65 42.37
N SER C 939 -27.36 -15.15 43.57
CA SER C 939 -26.69 -13.94 44.01
C SER C 939 -25.27 -14.19 44.49
N SER C 940 -25.01 -15.32 45.13
CA SER C 940 -23.66 -15.56 45.64
C SER C 940 -22.69 -16.04 44.57
N THR C 941 -23.18 -16.70 43.55
CA THR C 941 -22.30 -17.18 42.50
C THR C 941 -21.70 -15.99 41.77
N PRO C 942 -20.40 -15.96 41.56
CA PRO C 942 -19.78 -14.80 40.90
C PRO C 942 -20.00 -14.78 39.40
N SER C 943 -20.11 -15.96 38.78
CA SER C 943 -20.23 -16.06 37.34
C SER C 943 -21.36 -16.99 36.95
N ALA C 944 -22.51 -16.82 37.59
CA ALA C 944 -23.67 -17.62 37.23
C ALA C 944 -24.28 -17.18 35.91
N LEU C 945 -24.23 -15.87 35.63
CA LEU C 945 -24.78 -15.29 34.42
C LEU C 945 -23.72 -15.07 33.36
N GLY C 946 -22.75 -15.96 33.27
CA GLY C 946 -21.67 -15.76 32.34
C GLY C 946 -22.09 -15.60 30.90
N LYS C 947 -23.09 -16.36 30.46
CA LYS C 947 -23.45 -16.33 29.05
C LYS C 947 -24.07 -15.00 28.61
N LEU C 948 -25.07 -14.50 29.31
CA LEU C 948 -25.67 -13.24 28.91
C LEU C 948 -24.66 -12.11 28.98
N GLN C 949 -23.87 -12.09 30.04
CA GLN C 949 -22.83 -11.09 30.18
C GLN C 949 -21.86 -11.16 29.03
N ASP C 950 -21.58 -12.36 28.57
CA ASP C 950 -20.63 -12.50 27.48
C ASP C 950 -21.20 -11.94 26.20
N VAL C 951 -22.48 -12.12 25.96
CA VAL C 951 -23.09 -11.53 24.76
C VAL C 951 -22.96 -10.02 24.79
N VAL C 952 -23.32 -9.42 25.92
CA VAL C 952 -23.26 -7.95 26.01
C VAL C 952 -21.83 -7.45 25.80
N ASN C 953 -20.87 -8.07 26.47
CA ASN C 953 -19.50 -7.59 26.37
C ASN C 953 -18.92 -7.80 24.98
N HIS C 954 -19.27 -8.90 24.32
CA HIS C 954 -18.74 -9.10 22.98
C HIS C 954 -19.22 -8.01 22.06
N ASN C 955 -20.51 -7.69 22.09
CA ASN C 955 -20.97 -6.64 21.21
C ASN C 955 -20.30 -5.31 21.51
N ALA C 956 -20.22 -4.95 22.80
CA ALA C 956 -19.61 -3.65 23.14
C ALA C 956 -18.17 -3.58 22.68
N GLN C 957 -17.42 -4.64 22.89
CA GLN C 957 -16.03 -4.64 22.48
C GLN C 957 -15.88 -4.55 20.98
N ALA C 958 -16.76 -5.21 20.22
CA ALA C 958 -16.70 -5.10 18.77
C ALA C 958 -16.89 -3.66 18.33
N LEU C 959 -17.91 -3.00 18.86
CA LEU C 959 -18.12 -1.61 18.45
C LEU C 959 -16.94 -0.73 18.84
N ASN C 960 -16.37 -0.95 20.02
CA ASN C 960 -15.26 -0.13 20.44
C ASN C 960 -14.07 -0.29 19.51
N THR C 961 -13.72 -1.52 19.18
CA THR C 961 -12.57 -1.67 18.31
C THR C 961 -12.86 -1.11 16.93
N LEU C 962 -14.09 -1.22 16.45
CA LEU C 962 -14.38 -0.64 15.15
C LEU C 962 -14.23 0.87 15.16
N VAL C 963 -14.64 1.52 16.24
CA VAL C 963 -14.49 2.97 16.31
C VAL C 963 -13.04 3.34 16.49
N LYS C 964 -12.28 2.56 17.24
CA LYS C 964 -10.90 2.92 17.47
C LYS C 964 -10.09 2.79 16.21
N GLN C 965 -10.45 1.87 15.35
CA GLN C 965 -9.67 1.71 14.14
C GLN C 965 -9.71 2.89 13.22
N LEU C 966 -10.46 3.94 13.51
CA LEU C 966 -10.35 5.09 12.62
C LEU C 966 -9.05 5.83 12.80
N SER C 967 -8.42 5.72 13.96
CA SER C 967 -7.19 6.47 14.20
C SER C 967 -5.98 5.88 13.50
N SER C 968 -6.00 4.60 13.15
CA SER C 968 -4.84 4.00 12.53
C SER C 968 -4.55 4.66 11.20
N LYS C 969 -3.26 4.75 10.86
CA LYS C 969 -2.87 5.37 9.60
C LYS C 969 -2.83 4.45 8.41
N PHE C 970 -2.65 3.16 8.59
CA PHE C 970 -2.61 2.22 7.48
C PHE C 970 -1.54 2.55 6.46
N GLY C 971 -0.51 3.28 6.85
CA GLY C 971 0.55 3.66 5.95
C GLY C 971 0.46 5.07 5.40
N ALA C 972 -0.67 5.74 5.53
CA ALA C 972 -0.74 7.11 5.06
C ALA C 972 0.01 8.01 6.03
N ILE C 973 0.39 9.19 5.57
CA ILE C 973 1.14 10.10 6.43
C ILE C 973 0.33 10.63 7.60
N SER C 974 -0.99 10.51 7.58
CA SER C 974 -1.77 10.98 8.71
C SER C 974 -3.15 10.37 8.64
N SER C 975 -3.82 10.35 9.78
CA SER C 975 -5.09 9.68 9.87
C SER C 975 -6.27 10.59 9.56
N VAL C 976 -6.16 11.87 9.82
CA VAL C 976 -7.29 12.74 9.54
C VAL C 976 -7.25 13.16 8.08
N LEU C 977 -8.41 13.15 7.44
CA LEU C 977 -8.48 13.41 6.01
C LEU C 977 -8.09 14.84 5.65
N ASN C 978 -8.41 15.78 6.53
CA ASN C 978 -8.19 17.19 6.25
C ASN C 978 -6.72 17.50 6.06
N ASP C 979 -5.88 16.99 6.96
CA ASP C 979 -4.46 17.24 6.87
C ASP C 979 -3.92 16.69 5.56
N ILE C 980 -4.30 15.48 5.21
CA ILE C 980 -3.83 14.90 3.96
C ILE C 980 -4.20 15.81 2.80
N LEU C 981 -5.43 16.34 2.83
CA LEU C 981 -5.87 17.18 1.73
C LEU C 981 -5.32 18.59 1.79
N SER C 982 -4.68 18.98 2.88
CA SER C 982 -4.14 20.33 3.00
C SER C 982 -2.72 20.43 2.47
N ARG C 983 -1.83 19.61 3.01
CA ARG C 983 -0.41 19.71 2.74
C ARG C 983 0.06 18.80 1.61
N LEU C 984 -0.76 18.56 0.61
CA LEU C 984 -0.31 17.75 -0.53
C LEU C 984 -1.14 18.06 -1.76
N ASP C 985 -0.50 17.92 -2.92
CA ASP C 985 -1.15 18.16 -4.20
C ASP C 985 -2.14 17.04 -4.51
N PRO C 986 -3.11 17.29 -5.38
CA PRO C 986 -4.13 16.28 -5.66
C PRO C 986 -3.55 14.97 -6.19
N PRO C 987 -2.56 14.99 -7.10
CA PRO C 987 -2.06 13.70 -7.58
C PRO C 987 -1.53 12.82 -6.47
N GLU C 988 -0.80 13.38 -5.52
CA GLU C 988 -0.31 12.56 -4.41
C GLU C 988 -1.36 12.36 -3.34
N ALA C 989 -2.25 13.33 -3.14
CA ALA C 989 -3.32 13.12 -2.18
C ALA C 989 -4.23 11.96 -2.58
N GLU C 990 -4.36 11.68 -3.87
CA GLU C 990 -5.16 10.54 -4.29
C GLU C 990 -4.60 9.24 -3.73
N VAL C 991 -3.32 8.99 -3.96
CA VAL C 991 -2.76 7.74 -3.50
C VAL C 991 -2.59 7.75 -1.99
N GLN C 992 -2.54 8.92 -1.38
CA GLN C 992 -2.52 8.92 0.07
C GLN C 992 -3.90 8.71 0.68
N ILE C 993 -4.97 8.94 -0.07
CA ILE C 993 -6.30 8.69 0.48
C ILE C 993 -6.81 7.30 0.14
N ASP C 994 -6.32 6.71 -0.95
CA ASP C 994 -6.62 5.31 -1.23
C ASP C 994 -6.30 4.40 -0.07
N ARG C 995 -5.16 4.58 0.56
CA ARG C 995 -4.80 3.69 1.65
C ARG C 995 -5.79 3.78 2.78
N LEU C 996 -6.15 4.99 3.20
CA LEU C 996 -7.11 5.09 4.28
C LEU C 996 -8.44 4.47 3.89
N ILE C 997 -8.93 4.76 2.70
CA ILE C 997 -10.20 4.19 2.29
C ILE C 997 -10.15 2.68 2.31
N THR C 998 -9.16 2.08 1.66
CA THR C 998 -9.14 0.62 1.59
C THR C 998 -9.00 0.03 2.97
N GLY C 999 -8.20 0.64 3.85
CA GLY C 999 -8.02 0.06 5.16
C GLY C 999 -9.29 0.10 5.97
N ARG C 1000 -10.00 1.24 5.94
CA ARG C 1000 -11.21 1.32 6.71
C ARG C 1000 -12.29 0.42 6.15
N LEU C 1001 -12.30 0.24 4.83
CA LEU C 1001 -13.24 -0.69 4.23
C LEU C 1001 -12.96 -2.11 4.67
N GLN C 1002 -11.70 -2.49 4.75
CA GLN C 1002 -11.37 -3.82 5.22
C GLN C 1002 -11.79 -4.02 6.66
N SER C 1003 -11.62 -3.00 7.50
CA SER C 1003 -12.04 -3.13 8.90
C SER C 1003 -13.54 -3.34 9.01
N LEU C 1004 -14.30 -2.55 8.26
CA LEU C 1004 -15.75 -2.68 8.30
C LEU C 1004 -16.19 -4.04 7.78
N GLN C 1005 -15.49 -4.56 6.78
CA GLN C 1005 -15.81 -5.87 6.26
C GLN C 1005 -15.59 -6.95 7.30
N THR C 1006 -14.49 -6.85 8.04
CA THR C 1006 -14.25 -7.83 9.09
C THR C 1006 -15.33 -7.80 10.14
N TYR C 1007 -15.76 -6.60 10.54
CA TYR C 1007 -16.81 -6.52 11.53
C TYR C 1007 -18.07 -7.22 11.04
N VAL C 1008 -18.46 -7.00 9.79
CA VAL C 1008 -19.69 -7.62 9.33
C VAL C 1008 -19.58 -9.14 9.29
N THR C 1009 -18.41 -9.65 8.92
CA THR C 1009 -18.28 -11.11 8.91
C THR C 1009 -18.37 -11.69 10.32
N GLN C 1010 -17.70 -11.07 11.28
CA GLN C 1010 -17.81 -11.56 12.64
C GLN C 1010 -19.25 -11.54 13.11
N GLN C 1011 -20.00 -10.51 12.75
CA GLN C 1011 -21.37 -10.50 13.20
C GLN C 1011 -22.20 -11.59 12.55
N LEU C 1012 -21.93 -11.94 11.30
CA LEU C 1012 -22.70 -13.05 10.73
C LEU C 1012 -22.44 -14.36 11.44
N ILE C 1013 -21.17 -14.66 11.72
CA ILE C 1013 -20.91 -15.90 12.44
C ILE C 1013 -21.54 -15.89 13.82
N ARG C 1014 -21.39 -14.81 14.57
CA ARG C 1014 -22.01 -14.80 15.89
C ARG C 1014 -23.52 -14.89 15.81
N ALA C 1015 -24.14 -14.31 14.79
CA ALA C 1015 -25.58 -14.40 14.70
C ALA C 1015 -26.02 -15.81 14.43
N ALA C 1016 -25.26 -16.56 13.64
CA ALA C 1016 -25.59 -17.97 13.46
C ALA C 1016 -25.52 -18.70 14.79
N GLU C 1017 -24.50 -18.39 15.59
CA GLU C 1017 -24.39 -19.01 16.90
C GLU C 1017 -25.61 -18.73 17.76
N ILE C 1018 -26.06 -17.48 17.80
CA ILE C 1018 -27.20 -17.14 18.63
C ILE C 1018 -28.47 -17.76 18.11
N ARG C 1019 -28.60 -17.90 16.79
CA ARG C 1019 -29.79 -18.55 16.25
C ARG C 1019 -29.86 -20.00 16.65
N ALA C 1020 -28.73 -20.71 16.63
CA ALA C 1020 -28.76 -22.08 17.13
C ALA C 1020 -29.21 -22.11 18.57
N SER C 1021 -28.67 -21.22 19.39
CA SER C 1021 -29.08 -21.19 20.80
C SER C 1021 -30.57 -20.87 20.94
N ALA C 1022 -31.10 -19.98 20.12
CA ALA C 1022 -32.51 -19.60 20.23
C ALA C 1022 -33.42 -20.75 19.83
N ASN C 1023 -33.05 -21.51 18.81
CA ASN C 1023 -33.82 -22.69 18.50
C ASN C 1023 -33.84 -23.67 19.65
N LEU C 1024 -32.68 -23.87 20.29
CA LEU C 1024 -32.69 -24.73 21.45
C LEU C 1024 -33.60 -24.19 22.54
N ALA C 1025 -33.59 -22.88 22.75
CA ALA C 1025 -34.44 -22.32 23.79
C ALA C 1025 -35.90 -22.52 23.48
N ALA C 1026 -36.29 -22.36 22.23
CA ALA C 1026 -37.69 -22.55 21.89
C ALA C 1026 -38.10 -24.00 22.09
N THR C 1027 -37.25 -24.93 21.70
CA THR C 1027 -37.56 -26.33 21.96
C THR C 1027 -37.72 -26.59 23.43
N LYS C 1028 -36.85 -26.03 24.26
CA LYS C 1028 -36.98 -26.29 25.68
C LYS C 1028 -38.28 -25.73 26.20
N MET C 1029 -38.64 -24.52 25.78
CA MET C 1029 -39.95 -24.00 26.13
C MET C 1029 -41.05 -25.00 25.80
N SER C 1030 -41.15 -25.38 24.54
CA SER C 1030 -42.23 -26.27 24.13
C SER C 1030 -42.25 -27.54 24.94
N GLU C 1031 -41.11 -28.21 25.10
CA GLU C 1031 -41.13 -29.54 25.68
C GLU C 1031 -41.15 -29.55 27.19
N CYS C 1032 -40.44 -28.65 27.85
CA CYS C 1032 -40.42 -28.71 29.30
C CYS C 1032 -41.52 -27.87 29.92
N VAL C 1033 -41.83 -26.69 29.38
CA VAL C 1033 -42.84 -25.86 30.03
C VAL C 1033 -44.23 -26.30 29.68
N LEU C 1034 -44.54 -26.45 28.40
CA LEU C 1034 -45.87 -26.82 27.97
C LEU C 1034 -46.16 -28.30 28.10
N GLY C 1035 -45.32 -29.08 28.74
CA GLY C 1035 -45.58 -30.49 28.88
C GLY C 1035 -44.57 -31.12 29.79
N GLN C 1036 -44.43 -32.43 29.69
CA GLN C 1036 -43.47 -33.17 30.51
C GLN C 1036 -42.66 -34.05 29.58
N SER C 1037 -41.36 -34.01 29.69
CA SER C 1037 -40.52 -34.71 28.74
C SER C 1037 -39.90 -35.94 29.36
N LYS C 1038 -39.91 -37.03 28.60
CA LYS C 1038 -39.22 -38.23 29.00
C LYS C 1038 -37.80 -38.28 28.46
N ARG C 1039 -37.36 -37.27 27.71
CA ARG C 1039 -35.99 -37.31 27.23
C ARG C 1039 -35.08 -37.19 28.41
N VAL C 1040 -34.10 -38.09 28.50
CA VAL C 1040 -33.27 -38.14 29.69
C VAL C 1040 -32.29 -36.98 29.74
N ASP C 1041 -32.30 -36.27 30.85
CA ASP C 1041 -31.33 -35.23 31.14
C ASP C 1041 -31.39 -34.14 30.09
N PHE C 1042 -32.61 -33.80 29.69
CA PHE C 1042 -32.87 -32.66 28.84
C PHE C 1042 -33.37 -31.48 29.65
N CYS C 1043 -34.43 -31.68 30.41
CA CYS C 1043 -34.94 -30.65 31.31
C CYS C 1043 -34.41 -30.86 32.73
N GLY C 1044 -33.10 -30.82 32.88
CA GLY C 1044 -32.48 -30.97 34.18
C GLY C 1044 -32.11 -32.40 34.52
N LYS C 1045 -31.21 -32.55 35.50
CA LYS C 1045 -30.74 -33.86 35.90
C LYS C 1045 -31.70 -34.52 36.86
N GLY C 1046 -32.22 -35.66 36.49
CA GLY C 1046 -33.18 -36.39 37.29
C GLY C 1046 -34.49 -36.55 36.54
N TYR C 1047 -35.40 -37.25 37.17
CA TYR C 1047 -36.71 -37.46 36.59
C TYR C 1047 -37.48 -36.15 36.55
N HIS C 1048 -37.79 -35.67 35.36
CA HIS C 1048 -38.36 -34.34 35.20
C HIS C 1048 -39.82 -34.24 35.63
N LEU C 1049 -40.14 -33.21 36.42
CA LEU C 1049 -41.52 -32.88 36.78
C LEU C 1049 -42.11 -31.71 36.00
N MET C 1050 -41.50 -30.52 36.07
CA MET C 1050 -42.03 -29.38 35.33
C MET C 1050 -40.96 -28.30 35.25
N SER C 1051 -41.26 -27.22 34.56
CA SER C 1051 -40.28 -26.16 34.45
C SER C 1051 -40.97 -24.82 34.32
N PHE C 1052 -40.36 -23.76 34.88
CA PHE C 1052 -40.90 -22.41 34.88
C PHE C 1052 -39.94 -21.46 34.18
N PRO C 1053 -40.38 -20.64 33.27
CA PRO C 1053 -39.49 -19.70 32.60
C PRO C 1053 -39.38 -18.38 33.32
N GLN C 1054 -38.22 -17.75 33.20
CA GLN C 1054 -38.06 -16.42 33.76
C GLN C 1054 -37.31 -15.57 32.76
N SER C 1055 -37.77 -14.37 32.52
CA SER C 1055 -37.12 -13.53 31.53
C SER C 1055 -35.79 -13.02 32.05
N ALA C 1056 -34.89 -12.73 31.13
CA ALA C 1056 -33.59 -12.16 31.39
C ALA C 1056 -33.33 -11.14 30.31
N PRO C 1057 -32.40 -10.22 30.50
CA PRO C 1057 -32.19 -9.18 29.49
C PRO C 1057 -31.97 -9.69 28.08
N HIS C 1058 -31.31 -10.79 27.88
CA HIS C 1058 -31.10 -11.24 26.52
C HIS C 1058 -31.30 -12.72 26.39
N GLY C 1059 -32.05 -13.34 27.28
CA GLY C 1059 -32.21 -14.76 27.21
C GLY C 1059 -33.29 -15.21 28.15
N VAL C 1060 -33.34 -16.50 28.41
CA VAL C 1060 -34.32 -17.07 29.30
C VAL C 1060 -33.62 -17.83 30.40
N VAL C 1061 -34.29 -17.97 31.53
CA VAL C 1061 -33.79 -18.71 32.66
C VAL C 1061 -34.83 -19.73 33.08
N PHE C 1062 -34.58 -21.00 32.83
CA PHE C 1062 -35.51 -22.06 33.16
C PHE C 1062 -35.25 -22.62 34.55
N LEU C 1063 -36.28 -22.68 35.37
CA LEU C 1063 -36.18 -23.25 36.71
C LEU C 1063 -36.72 -24.68 36.71
N HIS C 1064 -35.93 -25.62 36.25
CA HIS C 1064 -36.39 -27.00 36.15
C HIS C 1064 -36.64 -27.66 37.49
N VAL C 1065 -37.82 -28.23 37.69
CA VAL C 1065 -38.12 -28.98 38.90
C VAL C 1065 -37.97 -30.47 38.61
N THR C 1066 -37.03 -31.12 39.27
CA THR C 1066 -36.67 -32.50 39.04
C THR C 1066 -36.85 -33.33 40.29
N TYR C 1067 -37.18 -34.60 40.13
CA TYR C 1067 -37.36 -35.55 41.21
C TYR C 1067 -36.17 -36.49 41.31
N VAL C 1068 -35.54 -36.57 42.47
CA VAL C 1068 -34.33 -37.37 42.65
C VAL C 1068 -34.47 -38.34 43.81
N PRO C 1069 -34.29 -39.63 43.59
CA PRO C 1069 -34.33 -40.61 44.68
C PRO C 1069 -33.16 -40.51 45.65
N ALA C 1070 -33.34 -41.15 46.81
CA ALA C 1070 -32.31 -41.16 47.84
C ALA C 1070 -32.63 -42.23 48.88
N GLN C 1071 -31.67 -42.48 49.77
CA GLN C 1071 -31.80 -43.47 50.85
C GLN C 1071 -32.12 -44.87 50.37
N GLU C 1072 -31.27 -45.42 49.52
CA GLU C 1072 -31.52 -46.74 48.98
C GLU C 1072 -31.22 -47.83 50.00
N LYS C 1073 -31.66 -49.05 49.70
CA LYS C 1073 -31.47 -50.15 50.63
C LYS C 1073 -31.34 -51.45 49.84
N ASN C 1074 -30.57 -52.40 50.36
CA ASN C 1074 -30.34 -53.68 49.69
C ASN C 1074 -31.48 -54.66 49.82
N PHE C 1075 -31.65 -55.48 48.79
CA PHE C 1075 -32.70 -56.49 48.80
C PHE C 1075 -32.27 -57.67 47.95
N THR C 1076 -32.86 -58.82 48.21
CA THR C 1076 -32.67 -60.02 47.40
C THR C 1076 -33.88 -60.26 46.51
N THR C 1077 -33.65 -60.61 45.24
CA THR C 1077 -34.74 -60.74 44.29
C THR C 1077 -34.58 -61.96 43.42
N ALA C 1078 -35.67 -62.32 42.75
CA ALA C 1078 -35.70 -63.42 41.80
C ALA C 1078 -36.59 -63.04 40.63
N PRO C 1079 -36.32 -63.57 39.45
CA PRO C 1079 -37.10 -63.17 38.28
C PRO C 1079 -38.50 -63.70 38.22
N ALA C 1080 -38.83 -64.76 38.94
CA ALA C 1080 -40.17 -65.27 38.81
C ALA C 1080 -40.49 -66.13 40.00
N ILE C 1081 -41.76 -66.35 40.25
CA ILE C 1081 -42.19 -67.22 41.32
C ILE C 1081 -42.84 -68.45 40.71
N CYS C 1082 -42.53 -69.61 41.27
CA CYS C 1082 -43.09 -70.87 40.82
C CYS C 1082 -44.08 -71.34 41.85
N HIS C 1083 -45.33 -71.44 41.45
CA HIS C 1083 -46.38 -71.92 42.33
C HIS C 1083 -47.27 -72.84 41.53
N ASP C 1084 -47.59 -73.98 42.10
CA ASP C 1084 -48.42 -74.97 41.45
C ASP C 1084 -47.82 -75.39 40.12
N GLY C 1085 -46.51 -75.26 39.99
CA GLY C 1085 -45.80 -75.70 38.81
C GLY C 1085 -45.79 -74.72 37.67
N LYS C 1086 -46.43 -73.57 37.79
CA LYS C 1086 -46.43 -72.59 36.73
C LYS C 1086 -45.72 -71.34 37.22
N ALA C 1087 -45.07 -70.64 36.32
CA ALA C 1087 -44.27 -69.50 36.68
C ALA C 1087 -45.12 -68.25 36.71
N HIS C 1088 -44.89 -67.40 37.71
CA HIS C 1088 -45.58 -66.13 37.83
C HIS C 1088 -44.60 -64.98 37.65
N PHE C 1089 -45.01 -63.97 36.94
CA PHE C 1089 -44.22 -62.78 36.75
C PHE C 1089 -45.02 -61.57 37.18
N PRO C 1090 -44.36 -60.50 37.59
CA PRO C 1090 -45.09 -59.34 38.10
C PRO C 1090 -45.56 -58.46 36.97
N ARG C 1091 -46.79 -57.97 37.07
CA ARG C 1091 -47.28 -57.04 36.06
C ARG C 1091 -46.46 -55.77 36.03
N GLU C 1092 -46.24 -55.19 37.19
CA GLU C 1092 -45.39 -54.02 37.32
C GLU C 1092 -44.66 -54.11 38.65
N GLY C 1093 -43.37 -53.92 38.62
CA GLY C 1093 -42.57 -53.95 39.80
C GLY C 1093 -41.62 -55.13 39.84
N VAL C 1094 -41.14 -55.44 41.04
CA VAL C 1094 -40.13 -56.45 41.21
C VAL C 1094 -40.45 -57.31 42.41
N PHE C 1095 -40.08 -58.59 42.32
CA PHE C 1095 -40.18 -59.47 43.47
C PHE C 1095 -39.02 -59.21 44.40
N VAL C 1096 -39.31 -58.70 45.58
CA VAL C 1096 -38.29 -58.31 46.54
C VAL C 1096 -38.45 -59.18 47.77
N SER C 1097 -37.36 -59.73 48.24
CA SER C 1097 -37.34 -60.51 49.46
C SER C 1097 -36.58 -59.76 50.51
N ASN C 1098 -37.10 -59.70 51.72
CA ASN C 1098 -36.44 -58.98 52.80
C ASN C 1098 -35.77 -59.93 53.77
N GLY C 1099 -35.37 -61.09 53.27
CA GLY C 1099 -34.67 -62.03 54.10
C GLY C 1099 -35.49 -63.29 54.31
N THR C 1100 -36.80 -63.13 54.54
CA THR C 1100 -37.68 -64.27 54.79
C THR C 1100 -38.98 -64.25 54.02
N HIS C 1101 -39.42 -63.11 53.51
CA HIS C 1101 -40.69 -63.00 52.82
C HIS C 1101 -40.52 -62.34 51.48
N TRP C 1102 -41.38 -62.71 50.55
CA TRP C 1102 -41.35 -62.17 49.22
C TRP C 1102 -42.48 -61.18 49.04
N PHE C 1103 -42.21 -60.09 48.34
CA PHE C 1103 -43.20 -59.06 48.10
C PHE C 1103 -43.02 -58.52 46.71
N VAL C 1104 -44.02 -57.78 46.25
CA VAL C 1104 -43.97 -57.05 45.01
C VAL C 1104 -43.92 -55.58 45.33
N THR C 1105 -43.10 -54.83 44.62
CA THR C 1105 -42.98 -53.42 44.92
C THR C 1105 -42.71 -52.67 43.65
N GLN C 1106 -43.30 -51.49 43.51
CA GLN C 1106 -42.99 -50.69 42.34
C GLN C 1106 -41.52 -50.38 42.33
N ARG C 1107 -40.97 -50.14 41.15
CA ARG C 1107 -39.54 -50.09 41.04
C ARG C 1107 -38.94 -48.87 41.72
N ASN C 1108 -39.57 -47.70 41.61
CA ASN C 1108 -38.95 -46.45 42.05
C ASN C 1108 -39.27 -46.02 43.47
N PHE C 1109 -39.92 -46.82 44.29
CA PHE C 1109 -40.14 -46.38 45.65
C PHE C 1109 -40.57 -47.59 46.44
N TYR C 1110 -39.94 -47.85 47.57
CA TYR C 1110 -40.24 -49.07 48.29
C TYR C 1110 -41.63 -49.04 48.91
N GLU C 1111 -42.51 -49.92 48.43
CA GLU C 1111 -43.86 -50.06 48.96
C GLU C 1111 -44.29 -51.51 48.81
N PRO C 1112 -43.86 -52.38 49.70
CA PRO C 1112 -44.11 -53.81 49.53
C PRO C 1112 -45.58 -54.17 49.64
N GLN C 1113 -46.00 -55.11 48.81
CA GLN C 1113 -47.37 -55.61 48.81
C GLN C 1113 -47.37 -57.12 48.80
N ILE C 1114 -48.46 -57.71 49.29
CA ILE C 1114 -48.65 -59.15 49.25
C ILE C 1114 -48.86 -59.62 47.82
N ILE C 1115 -48.21 -60.73 47.48
CA ILE C 1115 -48.31 -61.32 46.14
C ILE C 1115 -49.67 -62.01 45.95
N THR C 1116 -50.46 -61.52 45.01
CA THR C 1116 -51.77 -62.08 44.76
C THR C 1116 -51.94 -62.25 43.26
N THR C 1117 -53.00 -62.90 42.85
CA THR C 1117 -53.27 -63.06 41.43
C THR C 1117 -53.57 -61.75 40.73
N ASP C 1118 -53.81 -60.67 41.47
CA ASP C 1118 -54.15 -59.41 40.81
C ASP C 1118 -52.92 -58.71 40.26
N ASN C 1119 -51.78 -58.81 40.95
CA ASN C 1119 -50.58 -58.13 40.51
C ASN C 1119 -49.56 -59.05 39.86
N THR C 1120 -49.97 -60.23 39.39
CA THR C 1120 -49.06 -61.13 38.71
C THR C 1120 -49.79 -61.86 37.61
N PHE C 1121 -49.06 -62.30 36.58
CA PHE C 1121 -49.64 -63.07 35.51
C PHE C 1121 -48.76 -64.29 35.23
N VAL C 1122 -49.36 -65.32 34.69
CA VAL C 1122 -48.73 -66.63 34.55
C VAL C 1122 -48.28 -66.86 33.13
N SER C 1123 -47.23 -67.64 32.96
CA SER C 1123 -46.77 -68.01 31.61
C SER C 1123 -46.01 -69.34 31.65
N GLY C 1124 -46.67 -70.40 31.23
CA GLY C 1124 -46.02 -71.70 31.08
C GLY C 1124 -45.53 -72.32 32.36
N ASN C 1125 -45.03 -73.55 32.27
CA ASN C 1125 -44.52 -74.26 33.43
C ASN C 1125 -43.22 -73.64 33.93
N CYS C 1126 -42.84 -74.02 35.15
CA CYS C 1126 -41.81 -73.31 35.89
C CYS C 1126 -40.45 -74.00 35.85
N ASP C 1127 -40.12 -74.67 34.76
CA ASP C 1127 -38.79 -75.23 34.63
C ASP C 1127 -37.90 -74.55 33.60
N VAL C 1128 -38.45 -73.62 32.82
CA VAL C 1128 -37.64 -72.96 31.80
C VAL C 1128 -36.90 -71.74 32.32
N VAL C 1129 -37.46 -71.02 33.27
CA VAL C 1129 -36.82 -69.81 33.78
C VAL C 1129 -35.69 -70.20 34.71
N ILE C 1130 -34.58 -69.48 34.61
CA ILE C 1130 -33.43 -69.72 35.46
C ILE C 1130 -33.48 -68.76 36.64
N GLY C 1131 -33.16 -69.27 37.81
CA GLY C 1131 -33.25 -68.47 39.02
C GLY C 1131 -34.63 -68.32 39.60
N ILE C 1132 -35.57 -69.18 39.20
CA ILE C 1132 -36.93 -69.12 39.72
C ILE C 1132 -36.96 -69.63 41.15
N VAL C 1133 -37.86 -69.09 41.97
CA VAL C 1133 -37.96 -69.47 43.37
C VAL C 1133 -39.38 -69.90 43.69
N ASN C 1134 -39.60 -70.37 44.90
CA ASN C 1134 -40.89 -70.89 45.31
C ASN C 1134 -41.54 -70.05 46.40
N ASN C 1135 -42.84 -69.86 46.31
CA ASN C 1135 -43.58 -69.20 47.37
C ASN C 1135 -45.06 -69.27 47.11
N THR C 1136 -45.83 -69.02 48.16
CA THR C 1136 -47.28 -69.08 48.08
C THR C 1136 -47.81 -67.81 47.42
N VAL C 1137 -48.66 -67.95 46.42
CA VAL C 1137 -49.29 -66.83 45.75
C VAL C 1137 -50.78 -66.85 46.09
N TYR C 1138 -51.17 -66.07 47.09
CA TYR C 1138 -52.55 -66.13 47.55
C TYR C 1138 -53.51 -65.65 46.49
N ASP C 1139 -54.68 -66.28 46.43
CA ASP C 1139 -55.77 -65.90 45.55
C ASP C 1139 -56.93 -65.35 46.37
N PRO C 1140 -57.32 -64.10 46.18
CA PRO C 1140 -58.36 -63.52 47.05
C PRO C 1140 -59.73 -64.19 46.96
N LEU C 1141 -60.01 -64.99 45.94
CA LEU C 1141 -61.34 -65.60 45.89
C LEU C 1141 -61.50 -66.74 46.89
N GLN C 1142 -60.41 -67.41 47.23
CA GLN C 1142 -60.54 -68.55 48.15
C GLN C 1142 -60.96 -68.12 49.56
N PRO C 1143 -60.27 -67.19 50.22
CA PRO C 1143 -60.70 -66.81 51.57
C PRO C 1143 -62.12 -66.32 51.68
N GLU C 1144 -62.67 -65.66 50.66
CA GLU C 1144 -64.04 -65.21 50.81
C GLU C 1144 -65.00 -66.40 50.77
N LEU C 1145 -64.77 -67.33 49.84
CA LEU C 1145 -65.60 -68.53 49.71
C LEU C 1145 -67.08 -68.14 49.56
N ASP C 1146 -67.36 -67.30 48.58
CA ASP C 1146 -68.73 -66.86 48.36
C ASP C 1146 -69.58 -67.93 47.71
N GLN D 1 34.98 89.37 -5.22
CA GLN D 1 35.32 87.97 -5.48
C GLN D 1 34.76 87.08 -4.38
N SER D 2 35.01 87.45 -3.13
CA SER D 2 34.56 86.64 -2.00
C SER D 2 33.49 87.34 -1.17
N VAL D 3 32.92 88.42 -1.69
CA VAL D 3 31.83 89.11 -1.02
C VAL D 3 30.88 89.66 -2.07
N LEU D 4 29.59 89.44 -1.83
CA LEU D 4 28.52 89.85 -2.72
C LEU D 4 28.12 91.29 -2.40
N THR D 5 27.78 92.06 -3.44
CA THR D 5 27.49 93.48 -3.28
C THR D 5 26.07 93.73 -3.77
N GLN D 6 25.29 94.39 -2.92
CA GLN D 6 23.91 94.76 -3.20
C GLN D 6 23.75 96.26 -3.13
N SER D 7 22.80 96.78 -3.89
CA SER D 7 22.48 98.20 -3.79
C SER D 7 21.79 98.49 -2.46
N PRO D 8 22.12 99.61 -1.82
CA PRO D 8 21.59 99.86 -0.47
C PRO D 8 20.13 100.28 -0.46
N SER D 9 19.59 100.76 -1.57
CA SER D 9 18.26 101.35 -1.59
C SER D 9 17.45 100.79 -2.76
N ALA D 10 16.17 100.60 -2.52
CA ALA D 10 15.24 100.14 -3.54
C ALA D 10 14.18 101.18 -3.86
N SER D 11 13.46 101.69 -2.85
CA SER D 11 12.59 102.85 -2.98
C SER D 11 11.52 102.60 -4.05
N GLY D 12 10.64 101.67 -3.71
CA GLY D 12 9.45 101.39 -4.49
C GLY D 12 8.25 102.22 -4.04
N THR D 13 7.07 101.66 -4.28
CA THR D 13 5.82 102.32 -3.94
C THR D 13 4.71 101.28 -3.96
N PRO D 14 3.69 101.42 -3.12
CA PRO D 14 2.76 100.30 -2.89
C PRO D 14 2.17 99.74 -4.17
N GLY D 15 1.98 98.43 -4.20
CA GLY D 15 1.39 97.75 -5.35
C GLY D 15 2.26 97.69 -6.59
N GLN D 16 3.57 97.87 -6.45
CA GLN D 16 4.48 97.85 -7.59
C GLN D 16 5.45 96.69 -7.43
N ARG D 17 6.12 96.31 -8.52
CA ARG D 17 7.09 95.23 -8.48
C ARG D 17 8.49 95.83 -8.57
N VAL D 18 9.37 95.35 -7.70
CA VAL D 18 10.75 95.82 -7.64
C VAL D 18 11.63 94.59 -7.56
N THR D 19 12.89 94.76 -7.89
CA THR D 19 13.85 93.68 -7.88
C THR D 19 15.07 94.05 -7.06
N ILE D 20 15.68 93.04 -6.45
CA ILE D 20 16.87 93.20 -5.63
C ILE D 20 17.91 92.24 -6.18
N SER D 21 19.07 92.77 -6.51
CA SER D 21 20.12 92.03 -7.19
C SER D 21 21.18 91.53 -6.23
N CYS D 22 21.97 90.56 -6.72
CA CYS D 22 23.08 90.00 -5.96
C CYS D 22 24.09 89.45 -6.94
N SER D 23 25.26 90.08 -6.98
CA SER D 23 26.31 89.72 -7.91
C SER D 23 27.36 88.95 -7.13
N GLY D 24 27.76 87.79 -7.65
CA GLY D 24 28.75 87.00 -6.96
C GLY D 24 29.94 86.68 -7.81
N SER D 25 30.47 85.46 -7.69
CA SER D 25 31.64 85.06 -8.43
C SER D 25 31.51 83.59 -8.81
N ARG D 26 32.53 83.10 -9.51
CA ARG D 26 32.55 81.72 -9.99
C ARG D 26 32.47 80.73 -8.85
N SER D 27 32.78 81.14 -7.63
CA SER D 27 33.02 80.22 -6.53
C SER D 27 31.84 80.12 -5.55
N ASN D 28 31.03 81.16 -5.41
CA ASN D 28 29.94 81.18 -4.45
C ASN D 28 28.59 81.20 -5.15
N ILE D 29 28.36 82.19 -6.01
CA ILE D 29 27.05 82.36 -6.62
C ILE D 29 26.90 81.50 -7.87
N GLY D 30 28.00 81.08 -8.49
CA GLY D 30 27.88 80.34 -9.72
C GLY D 30 27.92 78.83 -9.61
N SER D 31 28.15 78.25 -8.42
CA SER D 31 28.23 76.81 -8.31
C SER D 31 27.56 76.28 -7.04
N ASN D 32 26.69 77.07 -6.41
CA ASN D 32 25.98 76.65 -5.20
C ASN D 32 24.61 77.30 -5.19
N PHE D 33 23.82 76.96 -4.18
CA PHE D 33 22.51 77.55 -4.02
C PHE D 33 22.62 78.93 -3.36
N VAL D 34 21.70 79.82 -3.72
CA VAL D 34 21.70 81.19 -3.22
C VAL D 34 20.43 81.37 -2.38
N TYR D 35 20.62 81.75 -1.12
CA TYR D 35 19.53 82.01 -0.19
C TYR D 35 19.24 83.51 -0.12
N TRP D 36 18.09 83.84 0.46
CA TRP D 36 17.68 85.24 0.56
C TRP D 36 16.91 85.42 1.85
N PHE D 37 17.44 86.20 2.78
CA PHE D 37 16.81 86.44 4.06
C PHE D 37 16.27 87.87 4.11
N HIS D 38 15.58 88.17 5.21
CA HIS D 38 14.91 89.46 5.37
C HIS D 38 14.90 89.79 6.85
N GLN D 39 15.40 90.98 7.20
CA GLN D 39 15.70 91.32 8.59
C GLN D 39 15.13 92.70 8.91
N LEU D 40 14.24 92.75 9.93
CA LEU D 40 13.51 93.93 10.39
C LEU D 40 14.21 94.51 11.60
N PRO D 41 14.12 95.82 11.81
CA PRO D 41 14.78 96.43 12.98
C PRO D 41 14.32 95.79 14.28
N GLY D 42 15.29 95.31 15.04
CA GLY D 42 15.01 94.70 16.33
C GLY D 42 14.31 93.36 16.27
N THR D 43 14.77 92.47 15.39
CA THR D 43 14.20 91.14 15.15
C THR D 43 15.17 90.31 14.32
N ALA D 44 15.22 89.01 14.63
CA ALA D 44 16.06 88.07 13.90
C ALA D 44 15.67 88.03 12.42
N PRO D 45 16.62 87.74 11.52
CA PRO D 45 16.28 87.65 10.08
C PRO D 45 15.25 86.58 9.82
N LYS D 46 14.78 86.45 8.58
CA LYS D 46 13.81 85.41 8.30
C LYS D 46 13.92 84.91 6.87
N LEU D 47 14.09 83.59 6.72
CA LEU D 47 14.26 83.00 5.41
C LEU D 47 13.14 83.41 4.48
N LEU D 48 13.48 83.60 3.21
CA LEU D 48 12.50 83.93 2.19
C LEU D 48 12.50 82.92 1.07
N ILE D 49 13.69 82.54 0.61
CA ILE D 49 13.83 81.62 -0.51
C ILE D 49 15.15 80.88 -0.36
N HIS D 50 15.07 79.56 -0.38
CA HIS D 50 16.24 78.71 -0.42
C HIS D 50 16.33 78.04 -1.79
N SER D 51 17.51 77.53 -2.10
CA SER D 51 17.75 76.75 -3.31
C SER D 51 17.42 77.55 -4.58
N ASN D 52 17.44 78.88 -4.47
CA ASN D 52 17.33 79.85 -5.56
C ASN D 52 15.92 79.94 -6.12
N ASP D 53 15.08 78.97 -5.79
CA ASP D 53 13.71 79.02 -6.33
C ASP D 53 12.68 78.40 -5.40
N GLN D 54 13.03 77.99 -4.19
CA GLN D 54 12.08 77.31 -3.32
C GLN D 54 11.80 78.17 -2.10
N ARG D 55 10.56 78.14 -1.63
CA ARG D 55 10.18 78.98 -0.52
C ARG D 55 9.88 78.12 0.68
N PRO D 56 10.46 78.42 1.85
CA PRO D 56 10.07 77.67 3.05
C PRO D 56 8.62 77.94 3.40
N SER D 57 7.99 76.94 3.98
CA SER D 57 6.58 77.01 4.33
C SER D 57 6.32 78.19 5.27
N GLY D 58 5.49 79.12 4.81
CA GLY D 58 5.13 80.30 5.58
C GLY D 58 5.49 81.63 4.94
N VAL D 59 5.86 81.58 3.67
CA VAL D 59 6.22 82.76 2.88
C VAL D 59 5.16 82.91 1.80
N PRO D 60 4.61 84.11 1.58
CA PRO D 60 3.59 84.26 0.53
C PRO D 60 4.17 83.95 -0.84
N ASP D 61 3.24 83.76 -1.78
CA ASP D 61 3.64 83.35 -3.13
C ASP D 61 4.33 84.47 -3.90
N ARG D 62 4.10 85.73 -3.52
CA ARG D 62 4.54 86.81 -4.40
C ARG D 62 6.05 86.89 -4.50
N PHE D 63 6.76 86.24 -3.58
CA PHE D 63 8.21 86.25 -3.60
C PHE D 63 8.72 85.13 -4.50
N SER D 64 9.57 85.50 -5.46
CA SER D 64 10.18 84.56 -6.38
C SER D 64 11.67 84.85 -6.46
N GLY D 65 12.46 83.79 -6.68
CA GLY D 65 13.90 83.98 -6.79
C GLY D 65 14.45 83.57 -8.13
N SER D 66 15.62 84.10 -8.50
CA SER D 66 16.26 83.73 -9.75
C SER D 66 17.76 83.93 -9.62
N ASN D 67 18.52 82.96 -10.12
CA ASN D 67 19.96 83.01 -10.26
C ASN D 67 20.26 82.84 -11.74
N SER D 68 21.22 83.58 -12.26
CA SER D 68 21.56 83.52 -13.68
C SER D 68 23.05 83.80 -13.85
N GLY D 69 23.79 82.76 -14.23
CA GLY D 69 25.22 82.88 -14.39
C GLY D 69 25.94 83.28 -13.12
N THR D 70 26.51 84.48 -13.09
CA THR D 70 27.20 84.97 -11.91
C THR D 70 26.45 86.15 -11.29
N SER D 71 25.12 86.08 -11.31
CA SER D 71 24.28 87.11 -10.73
C SER D 71 23.05 86.47 -10.11
N ALA D 72 22.45 87.17 -9.16
CA ALA D 72 21.30 86.66 -8.42
C ALA D 72 20.31 87.79 -8.19
N SER D 73 19.04 87.43 -8.11
CA SER D 73 17.97 88.41 -7.99
C SER D 73 16.84 87.87 -7.12
N LEU D 74 16.23 88.75 -6.34
CA LEU D 74 15.04 88.44 -5.56
C LEU D 74 13.94 89.38 -6.05
N ALA D 75 12.79 88.81 -6.39
CA ALA D 75 11.68 89.59 -6.95
C ALA D 75 10.49 89.60 -6.01
N ILE D 76 10.08 90.79 -5.58
CA ILE D 76 8.92 90.97 -4.70
C ILE D 76 7.81 91.64 -5.52
N SER D 77 6.69 90.95 -5.65
CA SER D 77 5.51 91.44 -6.34
C SER D 77 4.46 91.87 -5.31
N GLY D 78 3.49 92.64 -5.76
CA GLY D 78 2.45 93.10 -4.84
C GLY D 78 3.02 93.75 -3.60
N LEU D 79 4.03 94.60 -3.80
CA LEU D 79 4.76 95.32 -2.76
C LEU D 79 3.81 95.90 -1.73
N ARG D 80 4.15 95.73 -0.46
CA ARG D 80 3.24 96.11 0.61
C ARG D 80 4.01 96.94 1.63
N SER D 81 3.31 97.37 2.67
CA SER D 81 3.85 98.26 3.69
C SER D 81 4.51 97.51 4.84
N GLU D 82 4.33 96.20 4.94
CA GLU D 82 4.92 95.40 5.99
C GLU D 82 6.24 94.76 5.58
N ASP D 83 6.95 95.37 4.63
CA ASP D 83 8.17 94.79 4.10
C ASP D 83 9.38 95.72 4.19
N GLU D 84 9.26 96.92 4.76
CA GLU D 84 10.43 97.79 4.86
C GLU D 84 11.37 97.22 5.91
N ALA D 85 12.41 96.53 5.44
CA ALA D 85 13.40 95.91 6.30
C ALA D 85 14.62 95.58 5.46
N ASP D 86 15.59 94.94 6.09
CA ASP D 86 16.82 94.60 5.41
C ASP D 86 16.62 93.29 4.65
N TYR D 87 17.24 93.19 3.47
CA TYR D 87 17.17 92.01 2.64
C TYR D 87 18.59 91.55 2.37
N TYR D 88 18.86 90.27 2.62
CA TYR D 88 20.21 89.75 2.59
C TYR D 88 20.34 88.61 1.59
N CYS D 89 21.52 88.53 1.01
CA CYS D 89 21.96 87.44 0.16
C CYS D 89 22.67 86.41 1.03
N ALA D 90 22.87 85.21 0.50
CA ALA D 90 23.68 84.22 1.20
C ALA D 90 24.14 83.15 0.23
N ALA D 91 25.41 82.77 0.33
CA ALA D 91 25.95 81.74 -0.55
C ALA D 91 27.18 81.11 0.08
N TRP D 92 27.40 79.84 -0.27
CA TRP D 92 28.57 79.09 0.18
C TRP D 92 29.67 79.29 -0.84
N ASP D 93 30.85 79.71 -0.37
CA ASP D 93 31.96 80.03 -1.27
C ASP D 93 32.97 78.88 -1.23
N ASP D 94 33.06 78.16 -2.34
CA ASP D 94 33.96 77.00 -2.42
C ASP D 94 35.42 77.40 -2.30
N SER D 95 35.81 78.55 -2.88
CA SER D 95 37.21 78.95 -2.82
C SER D 95 37.62 79.30 -1.39
N LEU D 96 36.72 79.93 -0.63
CA LEU D 96 36.97 80.21 0.77
C LEU D 96 36.47 79.08 1.68
N SER D 97 35.57 78.23 1.19
CA SER D 97 34.99 77.16 1.98
C SER D 97 34.32 77.71 3.25
N SER D 98 33.39 78.63 3.02
CA SER D 98 32.64 79.24 4.12
C SER D 98 31.42 79.95 3.57
N TRP D 99 30.51 80.29 4.48
CA TRP D 99 29.33 81.07 4.12
C TRP D 99 29.68 82.54 3.97
N VAL D 100 29.13 83.16 2.93
CA VAL D 100 29.35 84.58 2.68
C VAL D 100 27.99 85.27 2.53
N PHE D 101 27.95 86.55 2.89
CA PHE D 101 26.73 87.33 2.89
C PHE D 101 26.92 88.63 2.13
N GLY D 102 25.82 89.33 1.89
CA GLY D 102 25.84 90.60 1.20
C GLY D 102 25.68 91.77 2.17
N GLY D 103 25.55 92.96 1.62
CA GLY D 103 25.42 94.15 2.44
C GLY D 103 24.02 94.34 2.98
N GLY D 104 23.02 94.32 2.10
CA GLY D 104 21.64 94.54 2.48
C GLY D 104 20.99 95.72 1.79
N THR D 105 19.67 95.66 1.56
CA THR D 105 18.92 96.69 0.87
C THR D 105 17.75 97.15 1.72
N LYS D 106 17.43 98.44 1.64
CA LYS D 106 16.44 99.03 2.54
C LYS D 106 15.01 98.75 2.10
N LEU D 107 14.64 99.12 0.87
CA LEU D 107 13.29 98.90 0.33
C LEU D 107 12.27 99.55 1.26
N THR D 108 12.31 100.88 1.25
CA THR D 108 11.36 101.73 1.97
C THR D 108 10.25 102.25 1.06
N VAL D 109 9.01 101.90 1.39
CA VAL D 109 7.88 102.34 0.59
C VAL D 109 7.66 103.84 0.78
N LEU D 110 7.05 104.46 -0.22
CA LEU D 110 6.81 105.90 -0.20
C LEU D 110 5.33 106.21 0.01
N ILE E 2 11.20 73.89 18.46
CA ILE E 2 12.65 73.94 18.59
C ILE E 2 13.13 75.24 19.24
N THR E 3 13.90 75.11 20.31
CA THR E 3 14.34 76.26 21.10
C THR E 3 15.80 76.06 21.48
N LEU E 4 16.55 77.16 21.52
CA LEU E 4 17.94 77.16 21.96
C LEU E 4 18.17 78.29 22.96
N LYS E 5 19.15 78.14 23.84
CA LYS E 5 19.44 79.18 24.81
C LYS E 5 20.90 79.15 25.24
N GLU E 6 21.52 80.32 25.19
CA GLU E 6 22.91 80.57 25.55
C GLU E 6 23.00 81.16 26.96
N SER E 7 24.19 81.06 27.55
CA SER E 7 24.39 81.60 28.89
C SER E 7 25.89 81.68 29.12
N GLY E 8 26.28 82.57 30.02
CA GLY E 8 27.68 82.79 30.30
C GLY E 8 27.91 84.20 30.80
N LEU E 9 29.18 84.62 30.72
CA LEU E 9 29.54 86.00 31.02
C LEU E 9 29.44 86.84 29.76
N THR E 10 28.74 87.96 29.86
CA THR E 10 28.48 88.87 28.76
C THR E 10 29.54 89.96 28.67
N LEU E 11 30.34 90.14 29.71
CA LEU E 11 31.34 91.19 29.79
C LEU E 11 32.65 90.52 30.13
N VAL E 12 33.71 90.86 29.38
CA VAL E 12 35.04 90.30 29.58
C VAL E 12 36.03 91.35 29.11
N ARG E 13 37.18 91.40 29.78
CA ARG E 13 38.20 92.37 29.46
C ARG E 13 38.89 91.99 28.16
N PRO E 14 39.65 92.91 27.55
CA PRO E 14 40.44 92.55 26.36
C PRO E 14 41.57 91.59 26.71
N THR E 15 42.09 90.93 25.66
CA THR E 15 43.19 89.98 25.74
C THR E 15 42.84 88.75 26.60
N GLN E 16 41.56 88.53 26.85
CA GLN E 16 41.09 87.35 27.56
C GLN E 16 40.30 86.49 26.59
N THR E 17 39.75 85.38 27.10
CA THR E 17 39.05 84.45 26.21
C THR E 17 37.57 84.40 26.53
N LEU E 18 36.79 84.26 25.46
CA LEU E 18 35.34 84.11 25.51
C LEU E 18 34.95 82.64 25.40
N THR E 19 34.02 82.21 26.25
CA THR E 19 33.44 80.87 26.20
C THR E 19 31.94 81.01 26.12
N LEU E 20 31.30 80.17 25.29
CA LEU E 20 29.85 80.23 25.16
C LEU E 20 29.27 78.84 25.07
N THR E 21 28.03 78.69 25.58
CA THR E 21 27.34 77.41 25.67
C THR E 21 25.90 77.56 25.20
N CYS E 22 25.55 76.86 24.12
CA CYS E 22 24.19 76.85 23.59
C CYS E 22 23.46 75.60 24.08
N THR E 23 22.46 75.80 24.94
CA THR E 23 21.59 74.72 25.41
C THR E 23 20.28 74.78 24.63
N PHE E 24 19.84 73.64 24.09
CA PHE E 24 18.68 73.59 23.22
C PHE E 24 17.67 72.57 23.73
N SER E 25 16.52 72.54 23.06
CA SER E 25 15.41 71.67 23.43
C SER E 25 14.50 71.47 22.22
N GLY E 26 14.19 70.21 21.93
CA GLY E 26 13.27 69.85 20.86
C GLY E 26 13.88 69.02 19.76
N PHE E 27 15.18 68.76 19.80
CA PHE E 27 15.88 67.93 18.82
C PHE E 27 17.17 67.47 19.48
N SER E 28 17.75 66.42 18.93
CA SER E 28 18.94 65.83 19.54
C SER E 28 20.03 65.72 18.49
N LEU E 29 21.25 66.05 18.89
CA LEU E 29 22.40 65.94 18.00
C LEU E 29 22.95 64.53 18.02
N ILE E 30 22.07 63.55 17.84
CA ILE E 30 22.49 62.19 17.55
C ILE E 30 21.87 61.65 16.27
N ASN E 31 20.82 62.27 15.74
CA ASN E 31 20.23 61.81 14.51
C ASN E 31 21.06 62.30 13.33
N SER E 32 20.79 61.73 12.16
CA SER E 32 21.45 62.20 10.96
C SER E 32 20.81 63.51 10.48
N GLY E 33 21.63 64.35 9.86
CA GLY E 33 21.22 65.66 9.39
C GLY E 33 21.44 66.75 10.42
N VAL E 34 20.71 66.70 11.54
CA VAL E 34 20.61 67.82 12.47
C VAL E 34 21.98 68.38 12.81
N GLY E 35 22.07 69.71 12.87
CA GLY E 35 23.30 70.37 13.28
C GLY E 35 23.04 71.75 13.85
N VAL E 36 24.06 72.29 14.52
CA VAL E 36 23.98 73.57 15.19
C VAL E 36 25.22 74.39 14.87
N GLY E 37 25.00 75.68 14.62
CA GLY E 37 26.07 76.60 14.28
C GLY E 37 25.94 77.90 15.06
N TRP E 38 26.93 78.77 14.88
CA TRP E 38 26.96 80.04 15.59
C TRP E 38 27.18 81.20 14.63
N ILE E 39 26.49 82.30 14.88
CA ILE E 39 26.54 83.49 14.05
C ILE E 39 26.50 84.73 14.93
N ARG E 40 27.48 85.62 14.76
CA ARG E 40 27.55 86.86 15.54
C ARG E 40 27.21 88.05 14.65
N GLN E 41 26.74 89.13 15.28
CA GLN E 41 26.39 90.36 14.59
C GLN E 41 26.69 91.58 15.46
N PRO E 42 27.59 92.47 15.04
CA PRO E 42 27.87 93.68 15.83
C PRO E 42 26.65 94.58 15.87
N PRO E 43 26.65 95.60 16.73
CA PRO E 43 25.50 96.52 16.77
C PRO E 43 25.50 97.47 15.59
N GLY E 44 24.60 97.24 14.63
CA GLY E 44 24.53 98.10 13.47
C GLY E 44 25.42 97.74 12.30
N LYS E 45 25.86 96.48 12.21
CA LYS E 45 26.72 96.03 11.12
C LYS E 45 26.01 94.87 10.40
N ALA E 46 26.70 94.22 9.47
CA ALA E 46 26.13 93.10 8.75
C ALA E 46 26.39 91.80 9.51
N LEU E 47 25.66 90.75 9.11
CA LEU E 47 25.79 89.49 9.82
C LEU E 47 27.16 88.87 9.56
N GLU E 48 27.52 87.90 10.39
CA GLU E 48 28.82 87.23 10.27
C GLU E 48 28.71 85.81 10.81
N TRP E 49 29.29 84.86 10.06
CA TRP E 49 29.23 83.46 10.41
C TRP E 49 30.48 83.01 11.15
N LEU E 50 30.29 82.29 12.26
CA LEU E 50 31.41 81.90 13.10
C LEU E 50 31.83 80.45 12.91
N ALA E 51 30.93 79.50 13.16
CA ALA E 51 31.30 78.09 13.15
C ALA E 51 30.07 77.21 13.09
N LEU E 52 30.31 75.92 12.85
CA LEU E 52 29.27 74.93 12.65
C LEU E 52 29.83 73.55 13.02
N ILE E 53 28.97 72.71 13.58
CA ILE E 53 29.36 71.35 13.94
C ILE E 53 28.20 70.39 13.73
N TYR E 54 28.31 69.54 12.72
CA TYR E 54 27.26 68.61 12.38
C TYR E 54 27.14 67.52 13.46
N TRP E 55 26.22 66.59 13.23
CA TRP E 55 25.98 65.52 14.18
C TRP E 55 27.10 64.49 14.19
N ASP E 56 27.80 64.31 13.07
CA ASP E 56 28.94 63.41 12.99
C ASP E 56 30.26 64.09 13.34
N ASP E 57 30.23 65.25 14.01
CA ASP E 57 31.45 65.96 14.38
C ASP E 57 32.27 66.35 13.14
N ASP E 58 31.71 67.31 12.41
CA ASP E 58 32.30 67.93 11.22
C ASP E 58 32.54 69.36 11.66
N LYS E 59 33.78 69.66 12.06
CA LYS E 59 34.11 70.93 12.68
C LYS E 59 34.40 71.99 11.62
N ARG E 60 33.34 72.54 11.04
CA ARG E 60 33.52 73.66 10.13
C ARG E 60 33.90 74.93 10.89
N TYR E 61 34.82 75.71 10.33
CA TYR E 61 35.26 76.93 10.96
C TYR E 61 35.17 78.08 9.96
N ASN E 62 35.03 79.30 10.45
CA ASN E 62 35.21 80.46 9.58
C ASN E 62 36.69 80.65 9.29
N PRO E 63 37.14 80.51 8.03
CA PRO E 63 38.59 80.56 7.76
C PRO E 63 39.26 81.81 8.30
N SER E 64 38.73 82.99 7.98
CA SER E 64 39.33 84.24 8.44
C SER E 64 39.36 84.33 9.96
N LEU E 65 38.47 83.62 10.64
CA LEU E 65 38.44 83.59 12.09
C LEU E 65 38.99 82.29 12.65
N ARG E 66 39.50 81.41 11.80
CA ARG E 66 40.19 80.22 12.27
C ARG E 66 41.47 80.61 13.00
N SER E 67 42.08 79.62 13.65
CA SER E 67 43.29 79.75 14.46
C SER E 67 43.02 80.58 15.71
N ARG E 68 41.76 80.91 15.97
CA ARG E 68 41.37 81.68 17.14
C ARG E 68 40.16 81.13 17.86
N LEU E 69 39.33 80.33 17.19
CA LEU E 69 38.02 79.92 17.68
C LEU E 69 38.05 78.42 17.97
N THR E 70 37.29 78.01 18.99
CA THR E 70 37.11 76.60 19.29
C THR E 70 35.68 76.35 19.72
N ILE E 71 35.01 75.50 18.96
CA ILE E 71 33.64 75.05 19.19
C ILE E 71 33.65 73.56 19.53
N SER E 72 32.82 73.16 20.49
CA SER E 72 32.78 71.79 20.96
C SER E 72 31.35 71.44 21.37
N LYS E 73 31.07 70.14 21.43
CA LYS E 73 29.74 69.64 21.76
C LYS E 73 29.77 68.81 23.03
N ALA E 74 28.67 68.86 23.77
CA ALA E 74 28.38 67.99 24.91
C ALA E 74 27.05 67.29 24.68
N THR E 75 27.07 66.15 23.99
CA THR E 75 25.81 65.53 23.59
C THR E 75 25.01 65.03 24.80
N SER E 76 25.67 64.55 25.85
CA SER E 76 24.96 64.09 27.04
C SER E 76 24.04 65.17 27.60
N LYS E 77 24.48 66.42 27.63
CA LYS E 77 23.71 67.52 28.15
C LYS E 77 22.91 68.25 27.07
N ASN E 78 22.99 67.79 25.82
CA ASN E 78 22.32 68.43 24.70
C ASN E 78 22.68 69.92 24.60
N GLN E 79 23.98 70.20 24.59
CA GLN E 79 24.45 71.57 24.51
C GLN E 79 25.76 71.61 23.74
N VAL E 80 26.05 72.75 23.13
CA VAL E 80 27.26 72.98 22.35
C VAL E 80 28.03 74.15 22.97
N VAL E 81 29.36 74.07 22.94
CA VAL E 81 30.21 75.11 23.52
C VAL E 81 31.10 75.70 22.43
N LEU E 82 31.15 77.03 22.40
CA LEU E 82 32.03 77.81 21.53
C LEU E 82 32.99 78.61 22.39
N THR E 83 34.23 78.76 21.91
CA THR E 83 35.26 79.52 22.63
C THR E 83 36.10 80.31 21.64
N MET E 84 36.36 81.58 21.95
CA MET E 84 37.16 82.44 21.07
C MET E 84 38.13 83.25 21.91
N THR E 85 39.42 83.08 21.64
CA THR E 85 40.51 83.72 22.38
C THR E 85 40.88 85.05 21.74
N ASN E 86 41.64 85.86 22.49
CA ASN E 86 42.20 87.12 22.01
C ASN E 86 41.10 88.08 21.56
N MET E 87 40.23 88.42 22.51
CA MET E 87 39.13 89.33 22.25
C MET E 87 39.61 90.77 22.13
N ASP E 88 38.81 91.59 21.45
CA ASP E 88 39.21 92.97 21.21
C ASP E 88 37.94 93.82 21.32
N PRO E 89 38.04 95.15 21.48
CA PRO E 89 36.81 95.96 21.60
C PRO E 89 35.96 96.00 20.35
N VAL E 90 36.50 95.63 19.18
CA VAL E 90 35.71 95.60 17.95
C VAL E 90 34.79 94.40 17.93
N ASP E 91 35.00 93.43 18.82
CA ASP E 91 34.23 92.20 18.89
C ASP E 91 33.00 92.34 19.78
N THR E 92 32.70 93.55 20.25
CA THR E 92 31.43 93.77 20.93
C THR E 92 30.28 93.53 19.97
N ALA E 93 29.45 92.54 20.29
CA ALA E 93 28.38 92.11 19.40
C ALA E 93 27.43 91.21 20.17
N THR E 94 26.43 90.69 19.45
CA THR E 94 25.54 89.65 19.92
C THR E 94 25.90 88.36 19.20
N TYR E 95 25.93 87.26 19.95
CA TYR E 95 26.34 85.96 19.44
C TYR E 95 25.14 85.02 19.48
N TYR E 96 24.74 84.53 18.30
CA TYR E 96 23.66 83.56 18.20
C TYR E 96 24.18 82.16 17.95
N CYS E 97 23.52 81.19 18.58
CA CYS E 97 23.69 79.78 18.25
C CYS E 97 22.45 79.35 17.49
N THR E 98 22.66 78.74 16.33
CA THR E 98 21.55 78.50 15.42
C THR E 98 21.49 77.02 15.06
N HIS E 99 20.36 76.60 14.50
CA HIS E 99 20.00 75.20 14.35
C HIS E 99 19.70 74.89 12.89
N ARG E 100 20.18 73.73 12.43
CA ARG E 100 20.01 73.25 11.06
C ARG E 100 19.42 71.84 11.06
N GLY E 101 18.19 71.72 10.58
CA GLY E 101 17.53 70.44 10.50
C GLY E 101 17.13 70.09 9.07
N PRO E 102 16.30 69.07 8.92
CA PRO E 102 15.92 68.62 7.58
C PRO E 102 14.70 69.33 7.01
N GLY E 103 14.60 69.27 5.68
CA GLY E 103 13.53 69.92 4.94
C GLY E 103 12.66 68.88 4.27
N HIS E 104 12.46 68.99 2.95
CA HIS E 104 11.72 67.98 2.21
C HIS E 104 12.52 67.39 1.05
N ASN E 105 13.56 68.05 0.61
CA ASN E 105 14.46 67.47 -0.38
C ASN E 105 15.88 67.97 -0.20
N THR E 106 16.15 68.78 0.81
CA THR E 106 17.45 69.41 1.02
C THR E 106 17.48 69.92 2.45
N PRO E 107 18.63 69.88 3.12
CA PRO E 107 18.69 70.33 4.51
C PRO E 107 18.36 71.81 4.65
N ILE E 108 17.66 72.12 5.73
CA ILE E 108 17.33 73.50 6.08
C ILE E 108 18.44 74.00 6.98
N TYR E 109 18.73 75.29 6.88
CA TYR E 109 19.81 75.90 7.65
C TYR E 109 19.32 77.19 8.27
N PHE E 110 19.54 77.31 9.58
CA PHE E 110 19.24 78.51 10.33
C PHE E 110 17.74 78.75 10.40
N GLU E 111 16.96 77.67 10.32
CA GLU E 111 15.51 77.81 10.42
C GLU E 111 15.12 78.37 11.77
N PHE E 112 15.79 77.93 12.84
CA PHE E 112 15.51 78.39 14.18
C PHE E 112 16.76 79.02 14.79
N TRP E 113 16.57 80.12 15.50
CA TRP E 113 17.65 80.86 16.15
C TRP E 113 17.44 80.89 17.66
N GLY E 114 18.51 81.24 18.36
CA GLY E 114 18.44 81.48 19.80
C GLY E 114 17.82 82.83 20.08
N GLN E 115 18.23 83.45 21.19
CA GLN E 115 17.80 84.81 21.47
C GLN E 115 18.95 85.77 21.69
N GLY E 116 20.19 85.37 21.44
CA GLY E 116 21.29 86.29 21.50
C GLY E 116 21.82 86.50 22.91
N ALA E 117 23.03 87.05 22.98
CA ALA E 117 23.65 87.39 24.27
C ALA E 117 24.60 88.56 24.02
N LEU E 118 24.14 89.78 24.29
CA LEU E 118 24.96 90.94 24.02
C LEU E 118 26.24 90.86 24.84
N VAL E 119 27.38 90.87 24.16
CA VAL E 119 28.67 90.69 24.81
C VAL E 119 29.47 91.96 24.59
N THR E 120 29.87 92.60 25.69
CA THR E 120 30.69 93.79 25.62
C THR E 120 32.08 93.49 26.17
N VAL E 121 33.09 93.93 25.45
CA VAL E 121 34.48 93.77 25.83
C VAL E 121 35.04 95.18 25.97
N SER E 122 35.20 95.62 27.21
CA SER E 122 35.66 96.98 27.49
C SER E 122 36.21 96.97 28.90
N SER E 123 36.40 98.15 29.46
CA SER E 123 36.84 98.25 30.85
C SER E 123 36.00 99.25 31.63
N GLN F 1 89.66 18.05 -24.67
CA GLN F 1 88.35 18.00 -25.33
C GLN F 1 87.79 16.59 -25.32
N SER F 2 88.63 15.62 -25.73
CA SER F 2 88.23 14.23 -25.82
C SER F 2 88.94 13.32 -24.83
N VAL F 3 89.63 13.87 -23.83
CA VAL F 3 90.28 13.04 -22.84
C VAL F 3 90.22 13.73 -21.48
N LEU F 4 89.88 12.96 -20.46
CA LEU F 4 89.75 13.45 -19.10
C LEU F 4 91.14 13.39 -18.48
N THR F 5 91.48 14.37 -17.67
CA THR F 5 92.83 14.44 -17.11
C THR F 5 92.77 14.40 -15.59
N GLN F 6 93.52 13.47 -15.02
CA GLN F 6 93.63 13.31 -13.59
C GLN F 6 95.08 13.43 -13.16
N SER F 7 95.28 13.91 -11.94
CA SER F 7 96.61 13.92 -11.36
C SER F 7 97.03 12.48 -11.04
N PRO F 8 98.29 12.11 -11.24
CA PRO F 8 98.66 10.71 -11.06
C PRO F 8 98.71 10.27 -9.61
N SER F 9 98.86 11.20 -8.67
CA SER F 9 99.10 10.87 -7.27
C SER F 9 98.19 11.67 -6.35
N ALA F 10 97.77 11.05 -5.26
CA ALA F 10 96.95 11.73 -4.26
C ALA F 10 97.69 11.84 -2.93
N SER F 11 98.17 10.73 -2.38
CA SER F 11 99.11 10.72 -1.25
C SER F 11 98.53 11.44 -0.03
N GLY F 12 97.52 10.82 0.56
CA GLY F 12 96.95 11.25 1.82
C GLY F 12 97.64 10.59 3.00
N THR F 13 96.89 10.46 4.10
CA THR F 13 97.38 9.87 5.34
C THR F 13 96.17 9.50 6.17
N PRO F 14 96.26 8.45 6.99
CA PRO F 14 95.06 7.85 7.58
C PRO F 14 94.19 8.85 8.34
N GLY F 15 92.88 8.64 8.26
CA GLY F 15 91.91 9.48 8.92
C GLY F 15 91.79 10.86 8.37
N GLN F 16 92.22 11.08 7.13
CA GLN F 16 92.17 12.37 6.49
C GLN F 16 91.26 12.34 5.27
N ARG F 17 90.89 13.52 4.80
CA ARG F 17 90.04 13.66 3.64
C ARG F 17 90.92 14.15 2.50
N VAL F 18 90.75 13.54 1.34
CA VAL F 18 91.53 13.88 0.16
C VAL F 18 90.55 14.01 -0.99
N THR F 19 90.98 14.71 -2.02
CA THR F 19 90.16 14.94 -3.20
C THR F 19 90.94 14.52 -4.43
N ILE F 20 90.18 14.05 -5.42
CA ILE F 20 90.71 13.60 -6.70
C ILE F 20 89.95 14.34 -7.77
N SER F 21 90.67 14.99 -8.67
CA SER F 21 90.05 15.84 -9.65
C SER F 21 89.86 15.09 -10.96
N CYS F 22 88.99 15.65 -11.80
CA CYS F 22 88.71 15.08 -13.10
C CYS F 22 88.23 16.21 -13.98
N SER F 23 89.04 16.54 -14.97
CA SER F 23 88.79 17.65 -15.86
C SER F 23 88.25 17.12 -17.18
N GLY F 24 87.16 17.69 -17.64
CA GLY F 24 86.61 17.24 -18.89
C GLY F 24 86.47 18.37 -19.87
N SER F 25 85.38 18.38 -20.64
CA SER F 25 85.19 19.41 -21.64
C SER F 25 83.70 19.73 -21.75
N ARG F 26 83.39 20.70 -22.59
CA ARG F 26 82.01 21.12 -22.77
C ARG F 26 81.11 20.02 -23.28
N SER F 27 81.67 18.97 -23.87
CA SER F 27 80.86 18.03 -24.63
C SER F 27 80.57 16.74 -23.89
N ASN F 28 81.45 16.32 -22.98
CA ASN F 28 81.30 15.04 -22.30
C ASN F 28 81.02 15.18 -20.82
N ILE F 29 81.87 15.88 -20.07
CA ILE F 29 81.70 15.89 -18.64
C ILE F 29 80.70 16.96 -18.21
N GLY F 30 80.44 17.93 -19.07
CA GLY F 30 79.55 18.99 -18.68
C GLY F 30 78.14 18.72 -19.11
N SER F 31 77.91 17.60 -19.79
CA SER F 31 76.58 17.28 -20.29
C SER F 31 76.23 15.80 -20.13
N ASN F 32 76.92 15.06 -19.29
CA ASN F 32 76.61 13.65 -19.08
C ASN F 32 76.90 13.29 -17.63
N PHE F 33 76.60 12.04 -17.28
CA PHE F 33 76.91 11.56 -15.96
C PHE F 33 78.36 11.13 -15.86
N VAL F 34 78.91 11.28 -14.66
CA VAL F 34 80.31 10.95 -14.40
C VAL F 34 80.35 9.78 -13.43
N TYR F 35 80.98 8.71 -13.84
CA TYR F 35 81.19 7.54 -13.00
C TYR F 35 82.57 7.60 -12.38
N TRP F 36 82.79 6.75 -11.39
CA TRP F 36 84.07 6.76 -10.69
C TRP F 36 84.34 5.31 -10.32
N PHE F 37 85.38 4.73 -10.88
CA PHE F 37 85.65 3.34 -10.57
C PHE F 37 86.85 3.22 -9.67
N HIS F 38 87.08 1.99 -9.20
CA HIS F 38 88.24 1.73 -8.32
C HIS F 38 88.76 0.32 -8.62
N GLN F 39 89.89 0.22 -9.32
CA GLN F 39 90.44 -1.11 -9.70
C GLN F 39 91.65 -1.43 -8.82
N LEU F 40 91.59 -2.53 -8.07
CA LEU F 40 92.75 -2.94 -7.24
C LEU F 40 93.67 -3.84 -8.09
N PRO F 41 94.98 -3.89 -7.82
CA PRO F 41 95.91 -4.74 -8.59
C PRO F 41 95.42 -6.17 -8.67
N GLY F 42 95.29 -6.65 -9.90
CA GLY F 42 94.88 -8.01 -10.21
C GLY F 42 93.43 -8.38 -9.93
N THR F 43 92.49 -7.51 -10.30
CA THR F 43 91.08 -7.73 -10.05
C THR F 43 90.27 -6.73 -10.87
N ALA F 44 89.11 -7.16 -11.34
CA ALA F 44 88.25 -6.26 -12.09
C ALA F 44 87.87 -5.05 -11.23
N PRO F 45 87.65 -3.90 -11.85
CA PRO F 45 87.25 -2.70 -11.11
C PRO F 45 85.95 -2.87 -10.36
N LYS F 46 85.55 -1.85 -9.62
CA LYS F 46 84.29 -1.94 -8.90
C LYS F 46 83.68 -0.55 -8.78
N LEU F 47 82.43 -0.43 -9.20
CA LEU F 47 81.74 0.85 -9.21
C LEU F 47 81.82 1.50 -7.84
N LEU F 48 81.91 2.83 -7.82
CA LEU F 48 81.94 3.58 -6.57
C LEU F 48 80.81 4.59 -6.50
N ILE F 49 80.58 5.32 -7.58
CA ILE F 49 79.55 6.35 -7.60
C ILE F 49 79.07 6.53 -9.04
N HIS F 50 77.77 6.40 -9.27
CA HIS F 50 77.20 6.71 -10.57
C HIS F 50 76.35 7.96 -10.43
N SER F 51 76.04 8.57 -11.56
CA SER F 51 75.12 9.71 -11.62
C SER F 51 75.62 10.86 -10.74
N ASN F 52 76.92 10.87 -10.50
CA ASN F 52 77.64 11.97 -9.87
C ASN F 52 77.38 12.07 -8.38
N ASP F 53 76.35 11.40 -7.86
CA ASP F 53 76.10 11.55 -6.43
C ASP F 53 75.50 10.31 -5.77
N GLN F 54 75.38 9.19 -6.46
CA GLN F 54 74.73 8.03 -5.88
C GLN F 54 75.71 6.89 -5.75
N ARG F 55 75.56 6.12 -4.69
CA ARG F 55 76.46 5.05 -4.37
C ARG F 55 75.73 3.73 -4.52
N PRO F 56 76.28 2.76 -5.27
CA PRO F 56 75.66 1.44 -5.32
C PRO F 56 75.69 0.78 -3.96
N SER F 57 74.67 -0.02 -3.69
CA SER F 57 74.58 -0.67 -2.39
C SER F 57 75.81 -1.51 -2.11
N GLY F 58 76.54 -1.14 -1.06
CA GLY F 58 77.72 -1.86 -0.64
C GLY F 58 79.02 -1.07 -0.62
N VAL F 59 78.94 0.25 -0.77
CA VAL F 59 80.09 1.13 -0.75
C VAL F 59 79.96 2.00 0.50
N PRO F 60 81.02 2.19 1.27
CA PRO F 60 80.90 3.02 2.48
C PRO F 60 80.55 4.46 2.15
N ASP F 61 80.13 5.17 3.21
CA ASP F 61 79.65 6.53 3.07
C ASP F 61 80.77 7.50 2.75
N ARG F 62 82.01 7.14 3.07
CA ARG F 62 83.10 8.10 3.03
C ARG F 62 83.41 8.58 1.62
N PHE F 63 82.91 7.88 0.61
CA PHE F 63 83.11 8.25 -0.78
C PHE F 63 82.04 9.24 -1.17
N SER F 64 82.45 10.38 -1.73
CA SER F 64 81.51 11.40 -2.17
C SER F 64 81.89 11.88 -3.56
N GLY F 65 80.88 12.26 -4.33
CA GLY F 65 81.12 12.75 -5.66
C GLY F 65 80.65 14.17 -5.86
N SER F 66 81.21 14.84 -6.85
CA SER F 66 80.80 16.20 -7.16
C SER F 66 81.07 16.49 -8.62
N ASN F 67 80.12 17.13 -9.27
CA ASN F 67 80.29 17.62 -10.63
C ASN F 67 80.08 19.12 -10.64
N SER F 68 80.92 19.82 -11.40
CA SER F 68 80.84 21.27 -11.46
C SER F 68 81.30 21.69 -12.85
N GLY F 69 80.35 22.15 -13.65
CA GLY F 69 80.63 22.57 -15.01
C GLY F 69 81.22 21.44 -15.84
N THR F 70 82.47 21.61 -16.23
CA THR F 70 83.20 20.60 -17.01
C THR F 70 84.35 20.01 -16.22
N SER F 71 84.15 19.80 -14.94
CA SER F 71 85.15 19.20 -14.08
C SER F 71 84.46 18.30 -13.09
N ALA F 72 85.22 17.35 -12.54
CA ALA F 72 84.65 16.36 -11.65
C ALA F 72 85.58 16.06 -10.50
N SER F 73 84.99 15.69 -9.37
CA SER F 73 85.73 15.45 -8.15
C SER F 73 85.09 14.31 -7.38
N LEU F 74 85.94 13.52 -6.75
CA LEU F 74 85.55 12.44 -5.85
C LEU F 74 86.14 12.74 -4.48
N ALA F 75 85.31 12.69 -3.43
CA ALA F 75 85.76 13.03 -2.10
C ALA F 75 85.74 11.79 -1.21
N ILE F 76 86.91 11.43 -0.70
CA ILE F 76 87.08 10.28 0.19
C ILE F 76 87.37 10.79 1.58
N SER F 77 86.51 10.47 2.53
CA SER F 77 86.72 10.85 3.93
C SER F 77 87.23 9.67 4.74
N GLY F 78 87.76 9.98 5.92
CA GLY F 78 88.30 8.92 6.78
C GLY F 78 89.29 8.02 6.10
N LEU F 79 90.21 8.60 5.33
CA LEU F 79 91.21 7.86 4.56
C LEU F 79 91.83 6.75 5.38
N ARG F 80 91.96 5.58 4.77
CA ARG F 80 92.42 4.38 5.43
C ARG F 80 93.47 3.72 4.54
N SER F 81 94.00 2.59 5.01
CA SER F 81 95.09 1.92 4.34
C SER F 81 94.62 0.90 3.29
N GLU F 82 93.33 0.59 3.27
CA GLU F 82 92.75 -0.36 2.33
C GLU F 82 92.17 0.28 1.10
N ASP F 83 92.64 1.47 0.73
CA ASP F 83 92.08 2.19 -0.40
C ASP F 83 93.09 2.57 -1.47
N GLU F 84 94.34 2.19 -1.31
CA GLU F 84 95.37 2.50 -2.30
C GLU F 84 95.16 1.65 -3.53
N ALA F 85 94.58 2.25 -4.56
CA ALA F 85 94.29 1.54 -5.81
C ALA F 85 94.03 2.57 -6.90
N ASP F 86 93.69 2.08 -8.08
CA ASP F 86 93.46 2.99 -9.19
C ASP F 86 92.04 3.51 -9.16
N TYR F 87 91.88 4.77 -9.50
CA TYR F 87 90.58 5.40 -9.57
C TYR F 87 90.43 6.01 -10.95
N TYR F 88 89.35 5.69 -11.65
CA TYR F 88 89.21 6.09 -13.04
C TYR F 88 87.93 6.88 -13.23
N CYS F 89 87.97 7.84 -14.14
CA CYS F 89 86.76 8.51 -14.54
C CYS F 89 86.16 7.80 -15.76
N ALA F 90 84.91 8.11 -16.03
CA ALA F 90 84.27 7.62 -17.24
C ALA F 90 83.05 8.48 -17.51
N ALA F 91 82.88 8.85 -18.77
CA ALA F 91 81.75 9.67 -19.18
C ALA F 91 81.55 9.47 -20.67
N TRP F 92 80.32 9.63 -21.11
CA TRP F 92 79.97 9.51 -22.51
C TRP F 92 80.12 10.84 -23.21
N ASP F 93 80.88 10.85 -24.29
CA ASP F 93 81.18 12.05 -25.04
C ASP F 93 80.36 12.01 -26.31
N ASP F 94 79.39 12.91 -26.39
CA ASP F 94 78.50 12.95 -27.53
C ASP F 94 79.27 13.28 -28.79
N SER F 95 80.29 14.13 -28.66
CA SER F 95 81.05 14.52 -29.84
C SER F 95 81.83 13.32 -30.37
N LEU F 96 82.33 12.47 -29.48
CA LEU F 96 82.98 11.26 -29.94
C LEU F 96 82.04 10.07 -30.06
N SER F 97 80.89 10.12 -29.39
CA SER F 97 79.93 9.01 -29.39
C SER F 97 80.59 7.71 -28.93
N SER F 98 81.20 7.78 -27.75
CA SER F 98 81.83 6.61 -27.14
C SER F 98 82.11 6.91 -25.68
N TRP F 99 82.42 5.86 -24.94
CA TRP F 99 82.84 6.03 -23.56
C TRP F 99 84.29 6.46 -23.56
N VAL F 100 84.63 7.41 -22.69
CA VAL F 100 85.99 7.88 -22.58
C VAL F 100 86.44 7.76 -21.14
N PHE F 101 87.74 7.60 -20.94
CA PHE F 101 88.29 7.39 -19.61
C PHE F 101 89.42 8.38 -19.32
N GLY F 102 89.83 8.38 -18.05
CA GLY F 102 90.90 9.22 -17.58
C GLY F 102 92.20 8.46 -17.41
N GLY F 103 93.18 9.15 -16.82
CA GLY F 103 94.49 8.56 -16.61
C GLY F 103 94.54 7.62 -15.42
N GLY F 104 94.05 8.06 -14.26
CA GLY F 104 94.10 7.26 -13.06
C GLY F 104 94.88 7.95 -11.96
N THR F 105 94.53 7.71 -10.70
CA THR F 105 95.19 8.37 -9.58
C THR F 105 95.72 7.33 -8.62
N LYS F 106 96.89 7.61 -8.03
CA LYS F 106 97.55 6.59 -7.22
C LYS F 106 96.94 6.46 -5.82
N LEU F 107 96.96 7.56 -5.06
CA LEU F 107 96.39 7.58 -3.70
C LEU F 107 97.06 6.51 -2.84
N THR F 108 98.33 6.74 -2.54
CA THR F 108 99.04 5.86 -1.62
C THR F 108 99.10 6.47 -0.22
N VAL F 109 98.48 5.77 0.73
CA VAL F 109 98.48 6.24 2.10
C VAL F 109 99.85 6.03 2.71
N LEU F 110 100.17 6.83 3.73
CA LEU F 110 101.49 6.73 4.34
C LEU F 110 101.37 6.11 5.73
N ILE G 2 74.26 -12.75 -9.13
CA ILE G 2 74.56 -12.39 -10.51
C ILE G 2 76.00 -12.71 -10.83
N THR G 3 76.23 -13.50 -11.86
CA THR G 3 77.59 -13.92 -12.15
C THR G 3 77.83 -13.90 -13.64
N LEU G 4 79.07 -13.57 -14.00
CA LEU G 4 79.55 -13.57 -15.38
C LEU G 4 80.87 -14.29 -15.43
N LYS G 5 81.17 -14.85 -16.60
CA LYS G 5 82.42 -15.58 -16.81
C LYS G 5 82.78 -15.53 -18.28
N GLU G 6 84.04 -15.21 -18.56
CA GLU G 6 84.52 -15.11 -19.93
C GLU G 6 85.23 -16.39 -20.33
N SER G 7 85.33 -16.61 -21.64
CA SER G 7 85.98 -17.81 -22.15
C SER G 7 86.29 -17.63 -23.62
N GLY G 8 87.29 -18.38 -24.08
CA GLY G 8 87.75 -18.34 -25.46
C GLY G 8 89.21 -18.73 -25.54
N LEU G 9 89.83 -18.37 -26.66
CA LEU G 9 91.27 -18.55 -26.84
C LEU G 9 92.00 -17.30 -26.34
N THR G 10 92.98 -17.49 -25.46
CA THR G 10 93.67 -16.34 -24.90
C THR G 10 94.92 -15.93 -25.65
N LEU G 11 95.46 -16.77 -26.51
CA LEU G 11 96.70 -16.46 -27.21
C LEU G 11 96.49 -16.68 -28.69
N VAL G 12 96.87 -15.69 -29.49
CA VAL G 12 96.73 -15.81 -30.93
C VAL G 12 97.78 -14.91 -31.59
N ARG G 13 98.24 -15.34 -32.74
CA ARG G 13 99.25 -14.61 -33.47
C ARG G 13 98.60 -13.37 -34.07
N PRO G 14 99.41 -12.43 -34.55
CA PRO G 14 98.84 -11.26 -35.24
C PRO G 14 98.20 -11.66 -36.55
N THR G 15 97.38 -10.73 -37.07
CA THR G 15 96.62 -10.89 -38.31
C THR G 15 95.57 -11.99 -38.20
N GLN G 16 95.22 -12.38 -36.98
CA GLN G 16 94.17 -13.34 -36.73
C GLN G 16 92.99 -12.64 -36.07
N THR G 17 91.96 -13.41 -35.74
CA THR G 17 90.73 -12.86 -35.18
C THR G 17 90.54 -13.37 -33.75
N LEU G 18 90.02 -12.51 -32.89
CA LEU G 18 89.72 -12.83 -31.51
C LEU G 18 88.24 -13.18 -31.35
N THR G 19 87.97 -14.26 -30.63
CA THR G 19 86.60 -14.62 -30.27
C THR G 19 86.52 -14.80 -28.77
N LEU G 20 85.43 -14.30 -28.18
CA LEU G 20 85.20 -14.42 -26.74
C LEU G 20 83.72 -14.67 -26.47
N THR G 21 83.44 -15.37 -25.38
CA THR G 21 82.07 -15.75 -25.05
C THR G 21 81.80 -15.51 -23.58
N CYS G 22 80.89 -14.58 -23.29
CA CYS G 22 80.47 -14.30 -21.93
C CYS G 22 79.17 -15.04 -21.65
N THR G 23 79.24 -16.04 -20.79
CA THR G 23 78.07 -16.77 -20.32
C THR G 23 77.74 -16.22 -18.95
N PHE G 24 76.48 -15.89 -18.74
CA PHE G 24 76.10 -15.20 -17.52
C PHE G 24 75.00 -15.94 -16.79
N SER G 25 74.70 -15.45 -15.60
CA SER G 25 73.70 -16.07 -14.75
C SER G 25 73.22 -15.04 -13.75
N GLY G 26 71.91 -14.90 -13.64
CA GLY G 26 71.28 -14.00 -12.68
C GLY G 26 70.48 -12.92 -13.34
N PHE G 27 70.53 -12.86 -14.66
CA PHE G 27 69.76 -11.89 -15.43
C PHE G 27 69.65 -12.43 -16.84
N SER G 28 68.67 -11.93 -17.56
CA SER G 28 68.35 -12.42 -18.89
C SER G 28 68.26 -11.27 -19.87
N LEU G 29 68.78 -11.47 -21.08
CA LEU G 29 68.64 -10.37 -22.01
C LEU G 29 67.29 -10.44 -22.69
N ILE G 30 66.24 -10.59 -21.91
CA ILE G 30 64.90 -10.36 -22.43
C ILE G 30 64.15 -9.36 -21.60
N ASN G 31 64.58 -9.05 -20.39
CA ASN G 31 63.88 -8.07 -19.61
C ASN G 31 64.25 -6.68 -20.09
N SER G 32 63.50 -5.69 -19.64
CA SER G 32 63.84 -4.31 -19.94
C SER G 32 64.98 -3.87 -19.04
N GLY G 33 65.79 -2.96 -19.55
CA GLY G 33 66.95 -2.51 -18.81
C GLY G 33 68.16 -3.33 -19.18
N VAL G 34 68.12 -4.63 -18.86
CA VAL G 34 69.30 -5.47 -18.88
C VAL G 34 70.12 -5.30 -20.17
N GLY G 35 71.44 -5.25 -20.03
CA GLY G 35 72.32 -5.22 -21.17
C GLY G 35 73.67 -5.75 -20.77
N VAL G 36 74.50 -6.08 -21.75
CA VAL G 36 75.81 -6.66 -21.50
C VAL G 36 76.87 -5.98 -22.36
N GLY G 37 78.03 -5.70 -21.78
CA GLY G 37 79.09 -5.03 -22.52
C GLY G 37 80.46 -5.65 -22.29
N TRP G 38 81.43 -5.14 -23.04
CA TRP G 38 82.81 -5.61 -22.99
C TRP G 38 83.77 -4.43 -22.85
N ILE G 39 84.80 -4.61 -22.04
CA ILE G 39 85.79 -3.57 -21.75
C ILE G 39 87.17 -4.21 -21.67
N ARG G 40 88.13 -3.68 -22.42
CA ARG G 40 89.48 -4.20 -22.40
C ARG G 40 90.40 -3.21 -21.70
N GLN G 41 91.49 -3.73 -21.17
CA GLN G 41 92.50 -2.95 -20.45
C GLN G 41 93.89 -3.50 -20.70
N PRO G 42 94.79 -2.71 -21.28
CA PRO G 42 96.15 -3.18 -21.49
C PRO G 42 96.82 -3.43 -20.15
N PRO G 43 97.97 -4.08 -20.12
CA PRO G 43 98.64 -4.32 -18.83
C PRO G 43 99.27 -3.06 -18.26
N GLY G 44 98.65 -2.52 -17.22
CA GLY G 44 99.12 -1.33 -16.57
C GLY G 44 98.62 -0.05 -17.18
N LYS G 45 97.52 -0.09 -17.91
CA LYS G 45 96.96 1.08 -18.55
C LYS G 45 95.53 1.29 -18.07
N ALA G 46 94.84 2.25 -18.68
CA ALA G 46 93.46 2.55 -18.32
C ALA G 46 92.50 1.69 -19.14
N LEU G 47 91.25 1.66 -18.70
CA LEU G 47 90.21 0.87 -19.33
C LEU G 47 89.84 1.47 -20.68
N GLU G 48 89.12 0.67 -21.48
CA GLU G 48 88.68 1.06 -22.81
C GLU G 48 87.39 0.32 -23.13
N TRP G 49 86.43 1.04 -23.71
CA TRP G 49 85.13 0.48 -23.99
C TRP G 49 85.07 -0.02 -25.43
N LEU G 50 84.56 -1.24 -25.58
CA LEU G 50 84.53 -1.91 -26.86
C LEU G 50 83.14 -1.86 -27.50
N ALA G 51 82.14 -2.38 -26.81
CA ALA G 51 80.82 -2.51 -27.40
C ALA G 51 79.82 -2.78 -26.30
N LEU G 52 78.55 -2.69 -26.68
CA LEU G 52 77.45 -2.78 -25.75
C LEU G 52 76.24 -3.28 -26.52
N ILE G 53 75.39 -4.05 -25.84
CA ILE G 53 74.20 -4.55 -26.52
C ILE G 53 73.03 -4.61 -25.56
N TYR G 54 72.08 -3.71 -25.76
CA TYR G 54 70.94 -3.58 -24.90
C TYR G 54 70.01 -4.77 -25.09
N TRP G 55 68.90 -4.76 -24.36
CA TRP G 55 67.96 -5.86 -24.44
C TRP G 55 67.14 -5.85 -25.74
N ASP G 56 66.94 -4.68 -26.33
CA ASP G 56 66.23 -4.60 -27.61
C ASP G 56 67.15 -4.70 -28.80
N ASP G 57 68.35 -5.23 -28.61
CA ASP G 57 69.35 -5.39 -29.67
C ASP G 57 69.72 -4.05 -30.31
N ASP G 58 70.43 -3.25 -29.53
CA ASP G 58 70.97 -1.99 -30.01
C ASP G 58 72.48 -2.18 -29.86
N LYS G 59 73.13 -2.55 -30.95
CA LYS G 59 74.55 -2.91 -30.91
C LYS G 59 75.44 -1.67 -31.05
N ARG G 60 75.61 -0.96 -29.94
CA ARG G 60 76.54 0.16 -29.96
C ARG G 60 77.99 -0.32 -29.99
N TYR G 61 78.82 0.40 -30.73
CA TYR G 61 80.23 0.09 -30.92
C TYR G 61 81.09 1.30 -30.62
N ASN G 62 82.34 1.04 -30.28
CA ASN G 62 83.34 2.09 -30.21
C ASN G 62 83.72 2.57 -31.61
N PRO G 63 83.46 3.82 -31.96
CA PRO G 63 83.68 4.27 -33.34
C PRO G 63 85.09 3.99 -33.83
N SER G 64 86.11 4.38 -33.07
CA SER G 64 87.49 4.16 -33.51
C SER G 64 87.80 2.69 -33.73
N LEU G 65 87.08 1.80 -33.08
CA LEU G 65 87.27 0.37 -33.26
C LEU G 65 86.15 -0.23 -34.08
N ARG G 66 85.25 0.61 -34.58
CA ARG G 66 84.25 0.14 -35.51
C ARG G 66 84.96 -0.34 -36.78
N SER G 67 84.21 -0.98 -37.66
CA SER G 67 84.71 -1.58 -38.90
C SER G 67 85.62 -2.75 -38.59
N ARG G 68 85.67 -3.16 -37.33
CA ARG G 68 86.47 -4.28 -36.87
C ARG G 68 85.70 -5.19 -35.95
N LEU G 69 84.63 -4.71 -35.34
CA LEU G 69 83.94 -5.40 -34.27
C LEU G 69 82.56 -5.84 -34.73
N THR G 70 82.14 -6.98 -34.20
CA THR G 70 80.79 -7.50 -34.41
C THR G 70 80.40 -8.13 -33.09
N ILE G 71 79.35 -7.64 -32.49
CA ILE G 71 78.83 -8.19 -31.25
C ILE G 71 77.46 -8.78 -31.52
N SER G 72 77.21 -9.94 -30.94
CA SER G 72 75.96 -10.63 -31.16
C SER G 72 75.62 -11.39 -29.90
N LYS G 73 74.35 -11.73 -29.75
CA LYS G 73 73.90 -12.43 -28.57
C LYS G 73 73.32 -13.77 -28.99
N ALA G 74 73.44 -14.75 -28.12
CA ALA G 74 72.75 -16.02 -28.28
C ALA G 74 71.94 -16.22 -27.01
N THR G 75 70.73 -15.67 -27.01
CA THR G 75 69.91 -15.64 -25.82
C THR G 75 69.46 -17.04 -25.40
N SER G 76 69.22 -17.94 -26.37
CA SER G 76 68.81 -19.29 -26.04
C SER G 76 69.79 -19.97 -25.10
N LYS G 77 71.12 -19.77 -25.28
CA LYS G 77 72.11 -20.36 -24.40
C LYS G 77 72.51 -19.42 -23.27
N ASN G 78 71.87 -18.26 -23.17
CA ASN G 78 72.19 -17.25 -22.17
C ASN G 78 73.65 -16.92 -22.25
N GLN G 79 74.07 -16.61 -23.47
CA GLN G 79 75.45 -16.27 -23.68
C GLN G 79 75.57 -15.25 -24.80
N VAL G 80 76.62 -14.47 -24.74
CA VAL G 80 76.92 -13.42 -25.70
C VAL G 80 78.27 -13.71 -26.31
N VAL G 81 78.43 -13.40 -27.60
CA VAL G 81 79.68 -13.63 -28.30
C VAL G 81 80.18 -12.29 -28.81
N LEU G 82 81.45 -12.04 -28.59
CA LEU G 82 82.12 -10.86 -29.10
C LEU G 82 83.19 -11.30 -30.08
N THR G 83 83.40 -10.51 -31.14
CA THR G 83 84.40 -10.87 -32.12
C THR G 83 85.12 -9.64 -32.63
N MET G 84 86.46 -9.73 -32.67
CA MET G 84 87.33 -8.64 -33.10
C MET G 84 88.42 -9.25 -33.97
N THR G 85 88.50 -8.81 -35.22
CA THR G 85 89.43 -9.34 -36.21
C THR G 85 90.75 -8.55 -36.21
N ASN G 86 91.75 -9.16 -36.85
CA ASN G 86 93.06 -8.50 -37.06
C ASN G 86 93.72 -8.12 -35.75
N MET G 87 94.01 -9.14 -34.94
CA MET G 87 94.62 -8.85 -33.65
C MET G 87 96.09 -8.47 -33.84
N ASP G 88 96.61 -7.75 -32.85
CA ASP G 88 97.97 -7.22 -32.89
C ASP G 88 98.56 -7.32 -31.49
N PRO G 89 99.89 -7.22 -31.32
CA PRO G 89 100.45 -7.33 -29.98
C PRO G 89 100.04 -6.21 -29.06
N VAL G 90 99.55 -5.08 -29.62
CA VAL G 90 99.09 -3.99 -28.78
C VAL G 90 97.73 -4.30 -28.16
N ASP G 91 97.05 -5.33 -28.66
CA ASP G 91 95.74 -5.72 -28.20
C ASP G 91 95.83 -6.69 -27.04
N THR G 92 97.03 -6.95 -26.55
CA THR G 92 97.20 -7.71 -25.33
C THR G 92 96.60 -6.97 -24.15
N ALA G 93 95.61 -7.59 -23.53
CA ALA G 93 94.87 -6.93 -22.46
C ALA G 93 94.05 -7.98 -21.72
N THR G 94 93.28 -7.51 -20.75
CA THR G 94 92.28 -8.32 -20.07
C THR G 94 90.90 -7.86 -20.51
N TYR G 95 90.01 -8.80 -20.78
CA TYR G 95 88.68 -8.49 -21.29
C TYR G 95 87.65 -8.92 -20.27
N TYR G 96 86.90 -7.95 -19.77
CA TYR G 96 85.81 -8.19 -18.83
C TYR G 96 84.48 -8.08 -19.55
N CYS G 97 83.53 -8.93 -19.19
CA CYS G 97 82.16 -8.75 -19.61
C CYS G 97 81.35 -8.27 -18.41
N THR G 98 80.63 -7.16 -18.59
CA THR G 98 79.96 -6.43 -17.52
C THR G 98 78.48 -6.24 -17.81
N HIS G 99 77.75 -5.84 -16.78
CA HIS G 99 76.30 -5.89 -16.76
C HIS G 99 75.75 -4.51 -16.44
N ARG G 100 74.68 -4.11 -17.12
CA ARG G 100 74.04 -2.80 -16.90
C ARG G 100 72.57 -3.06 -16.62
N GLY G 101 72.14 -2.82 -15.41
CA GLY G 101 70.76 -3.03 -15.09
C GLY G 101 70.17 -1.74 -14.59
N PRO G 102 68.98 -1.82 -14.04
CA PRO G 102 68.31 -0.60 -13.58
C PRO G 102 68.71 -0.25 -12.15
N GLY G 103 68.52 1.01 -11.82
CA GLY G 103 68.91 1.48 -10.51
C GLY G 103 67.72 1.92 -9.70
N HIS G 104 67.74 3.14 -9.19
CA HIS G 104 66.58 3.65 -8.49
C HIS G 104 66.05 4.94 -9.07
N ASN G 105 66.81 5.63 -9.83
CA ASN G 105 66.28 6.77 -10.55
C ASN G 105 66.99 6.96 -11.87
N THR G 106 67.94 6.09 -12.20
CA THR G 106 68.78 6.18 -13.37
C THR G 106 69.42 4.83 -13.60
N PRO G 107 69.66 4.46 -14.84
CA PRO G 107 70.25 3.15 -15.13
C PRO G 107 71.63 3.00 -14.51
N ILE G 108 71.91 1.82 -14.04
CA ILE G 108 73.24 1.52 -13.51
C ILE G 108 74.04 0.95 -14.65
N TYR G 109 75.34 1.20 -14.65
CA TYR G 109 76.21 0.74 -15.70
C TYR G 109 77.44 0.15 -15.05
N PHE G 110 77.80 -1.06 -15.43
CA PHE G 110 79.03 -1.70 -14.97
C PHE G 110 79.02 -2.01 -13.48
N GLU G 111 77.85 -2.22 -12.90
CA GLU G 111 77.79 -2.57 -11.49
C GLU G 111 78.47 -3.89 -11.19
N PHE G 112 78.31 -4.88 -12.05
CA PHE G 112 78.93 -6.18 -11.84
C PHE G 112 79.83 -6.47 -13.03
N TRP G 113 80.98 -7.04 -12.73
CA TRP G 113 81.98 -7.35 -13.72
C TRP G 113 82.22 -8.83 -13.78
N GLY G 114 82.86 -9.24 -14.87
CA GLY G 114 83.32 -10.60 -15.00
C GLY G 114 84.57 -10.77 -14.17
N GLN G 115 85.45 -11.65 -14.63
CA GLN G 115 86.74 -11.82 -14.00
C GLN G 115 87.88 -11.66 -14.98
N GLY G 116 87.60 -11.22 -16.20
CA GLY G 116 88.66 -10.93 -17.13
C GLY G 116 89.13 -12.19 -17.83
N ALA G 117 89.85 -11.98 -18.93
CA ALA G 117 90.43 -13.09 -19.67
C ALA G 117 91.66 -12.53 -20.36
N LEU G 118 92.83 -12.76 -19.75
CA LEU G 118 94.05 -12.19 -20.28
C LEU G 118 94.29 -12.73 -21.67
N VAL G 119 94.41 -11.81 -22.62
CA VAL G 119 94.53 -12.16 -24.03
C VAL G 119 95.88 -11.65 -24.47
N THR G 120 96.72 -12.56 -24.95
CA THR G 120 98.04 -12.24 -25.46
C THR G 120 98.09 -12.45 -26.96
N VAL G 121 98.65 -11.50 -27.68
CA VAL G 121 98.79 -11.61 -29.12
C VAL G 121 100.28 -11.59 -29.41
N SER G 122 100.83 -12.76 -29.71
CA SER G 122 102.26 -12.94 -29.95
C SER G 122 102.44 -14.23 -30.75
N SER G 123 103.67 -14.72 -30.80
CA SER G 123 103.93 -16.02 -31.43
C SER G 123 104.83 -16.87 -30.55
N GLN H 1 39.01 47.01 -23.23
CA GLN H 1 37.70 46.74 -22.65
C GLN H 1 36.66 46.52 -23.74
N SER H 2 36.62 47.44 -24.70
CA SER H 2 35.65 47.40 -25.79
C SER H 2 36.29 47.17 -27.15
N VAL H 3 37.54 46.76 -27.19
CA VAL H 3 38.16 46.47 -28.47
C VAL H 3 39.10 45.31 -28.23
N LEU H 4 39.04 44.34 -29.12
CA LEU H 4 39.85 43.16 -29.02
C LEU H 4 41.18 43.44 -29.68
N THR H 5 42.23 42.89 -29.12
CA THR H 5 43.59 43.15 -29.57
C THR H 5 44.23 41.85 -29.96
N GLN H 6 44.79 41.82 -31.17
CA GLN H 6 45.49 40.65 -31.67
C GLN H 6 46.91 41.06 -32.02
N SER H 7 47.82 40.12 -31.89
CA SER H 7 49.16 40.38 -32.34
C SER H 7 49.18 40.39 -33.86
N PRO H 8 49.95 41.28 -34.50
CA PRO H 8 49.85 41.39 -35.96
C PRO H 8 50.49 40.26 -36.76
N SER H 9 51.43 39.48 -36.24
CA SER H 9 52.15 38.53 -37.09
C SER H 9 52.24 37.17 -36.44
N ALA H 10 52.17 36.11 -37.24
CA ALA H 10 52.34 34.75 -36.72
C ALA H 10 53.57 34.02 -37.26
N SER H 11 53.74 33.93 -38.57
CA SER H 11 55.00 33.49 -39.19
C SER H 11 55.42 32.08 -38.74
N GLY H 12 54.67 31.10 -39.19
CA GLY H 12 55.02 29.70 -39.01
C GLY H 12 55.83 29.12 -40.17
N THR H 13 55.69 27.82 -40.38
CA THR H 13 56.41 27.10 -41.42
C THR H 13 55.70 25.77 -41.63
N PRO H 14 55.70 25.24 -42.86
CA PRO H 14 54.77 24.16 -43.19
C PRO H 14 54.79 23.00 -42.24
N GLY H 15 53.62 22.42 -42.03
CA GLY H 15 53.45 21.29 -41.16
C GLY H 15 53.61 21.57 -39.71
N GLN H 16 53.47 22.83 -39.29
CA GLN H 16 53.63 23.20 -37.89
C GLN H 16 52.33 23.74 -37.34
N ARG H 17 52.28 23.80 -36.03
CA ARG H 17 51.10 24.27 -35.32
C ARG H 17 51.38 25.67 -34.78
N VAL H 18 50.44 26.57 -34.96
CA VAL H 18 50.60 27.96 -34.50
C VAL H 18 49.33 28.38 -33.80
N THR H 19 49.47 29.42 -32.98
CA THR H 19 48.35 29.95 -32.23
C THR H 19 48.24 31.45 -32.42
N ILE H 20 47.01 31.94 -32.37
CA ILE H 20 46.70 33.36 -32.54
C ILE H 20 45.85 33.78 -31.35
N SER H 21 46.28 34.82 -30.65
CA SER H 21 45.63 35.20 -29.41
C SER H 21 44.64 36.33 -29.63
N CYS H 22 43.74 36.49 -28.66
CA CYS H 22 42.75 37.57 -28.72
C CYS H 22 42.29 37.88 -27.30
N SER H 23 42.61 39.06 -26.81
CA SER H 23 42.30 39.45 -25.44
C SER H 23 41.10 40.37 -25.45
N GLY H 24 40.12 40.06 -24.62
CA GLY H 24 38.91 40.87 -24.54
C GLY H 24 38.67 41.36 -23.15
N SER H 25 37.44 41.38 -22.68
CA SER H 25 37.20 41.91 -21.35
C SER H 25 36.10 41.13 -20.66
N ARG H 26 35.85 41.51 -19.42
CA ARG H 26 34.84 40.84 -18.60
C ARG H 26 33.48 40.93 -19.22
N SER H 27 33.28 41.88 -20.14
CA SER H 27 31.96 42.25 -20.60
C SER H 27 31.59 41.71 -21.97
N ASN H 28 32.56 41.46 -22.86
CA ASN H 28 32.19 41.02 -24.19
C ASN H 28 32.65 39.59 -24.46
N ILE H 29 33.93 39.33 -24.32
CA ILE H 29 34.46 38.03 -24.72
C ILE H 29 34.32 37.01 -23.61
N GLY H 30 34.13 37.43 -22.39
CA GLY H 30 34.06 36.53 -21.28
C GLY H 30 32.66 36.13 -20.96
N SER H 31 31.70 36.69 -21.67
CA SER H 31 30.30 36.41 -21.40
C SER H 31 29.53 36.27 -22.70
N ASN H 32 30.20 36.04 -23.82
CA ASN H 32 29.53 35.87 -25.10
C ASN H 32 30.32 34.87 -25.93
N PHE H 33 29.78 34.55 -27.10
CA PHE H 33 30.44 33.66 -28.02
C PHE H 33 31.47 34.41 -28.84
N VAL H 34 32.52 33.71 -29.24
CA VAL H 34 33.62 34.30 -29.99
C VAL H 34 33.65 33.68 -31.38
N TYR H 35 33.55 34.50 -32.39
CA TYR H 35 33.64 34.05 -33.76
C TYR H 35 35.06 34.25 -34.25
N TRP H 36 35.41 33.63 -35.37
CA TRP H 36 36.77 33.72 -35.89
C TRP H 36 36.71 33.72 -37.40
N PHE H 37 37.14 34.79 -38.05
CA PHE H 37 36.95 34.87 -39.52
C PHE H 37 38.28 34.70 -40.24
N HIS H 38 38.34 35.07 -41.52
CA HIS H 38 39.57 34.88 -42.33
C HIS H 38 39.30 35.47 -43.70
N GLN H 39 40.16 36.36 -44.20
CA GLN H 39 39.81 37.02 -45.48
C GLN H 39 41.02 37.19 -46.39
N LEU H 40 41.21 36.27 -47.32
CA LEU H 40 42.31 36.47 -48.28
C LEU H 40 42.05 37.80 -48.98
N PRO H 41 43.07 38.50 -49.50
CA PRO H 41 42.85 39.81 -50.09
C PRO H 41 41.80 39.80 -51.20
N GLY H 42 40.99 40.85 -51.30
CA GLY H 42 40.03 40.97 -52.38
C GLY H 42 38.94 39.92 -52.36
N THR H 43 38.35 39.66 -51.20
CA THR H 43 37.33 38.63 -51.09
C THR H 43 36.64 38.81 -49.75
N ALA H 44 35.35 38.56 -49.72
CA ALA H 44 34.66 38.64 -48.46
C ALA H 44 35.24 37.64 -47.48
N PRO H 45 35.23 37.96 -46.19
CA PRO H 45 35.73 37.01 -45.20
C PRO H 45 34.92 35.73 -45.21
N LYS H 46 35.30 34.73 -44.42
CA LYS H 46 34.51 33.51 -44.39
C LYS H 46 34.62 32.86 -43.04
N LEU H 47 33.49 32.57 -42.43
CA LEU H 47 33.48 32.04 -41.09
C LEU H 47 34.38 30.82 -41.01
N LEU H 48 35.06 30.65 -39.88
CA LEU H 48 35.93 29.53 -39.55
C LEU H 48 35.48 28.83 -38.29
N ILE H 49 35.08 29.57 -37.27
CA ILE H 49 34.69 28.95 -36.02
C ILE H 49 33.66 29.85 -35.38
N HIS H 50 32.50 29.29 -35.08
CA HIS H 50 31.52 30.02 -34.31
C HIS H 50 31.38 29.37 -32.96
N SER H 51 30.79 30.10 -32.02
CA SER H 51 30.48 29.51 -30.72
C SER H 51 31.71 28.97 -30.03
N ASN H 52 32.86 29.50 -30.38
CA ASN H 52 34.17 29.29 -29.77
C ASN H 52 34.78 27.95 -30.10
N ASP H 53 34.02 27.00 -30.59
CA ASP H 53 34.66 25.72 -30.86
C ASP H 53 34.07 24.92 -32.01
N GLN H 54 33.13 25.45 -32.76
CA GLN H 54 32.46 24.70 -33.80
C GLN H 54 32.79 25.29 -35.15
N ARG H 55 32.87 24.44 -36.13
CA ARG H 55 33.29 24.82 -37.45
C ARG H 55 32.12 24.70 -38.39
N PRO H 56 31.83 25.72 -39.19
CA PRO H 56 30.80 25.56 -40.19
C PRO H 56 31.25 24.51 -41.21
N SER H 57 30.27 23.80 -41.74
CA SER H 57 30.52 22.71 -42.69
C SER H 57 31.31 23.17 -43.89
N GLY H 58 32.48 22.59 -44.09
CA GLY H 58 33.31 22.93 -45.23
C GLY H 58 34.67 23.46 -44.85
N VAL H 59 35.00 23.33 -43.58
CA VAL H 59 36.28 23.76 -43.02
C VAL H 59 37.05 22.52 -42.61
N PRO H 60 38.32 22.40 -42.95
CA PRO H 60 39.07 21.22 -42.56
C PRO H 60 39.15 21.11 -41.05
N ASP H 61 39.56 19.94 -40.59
CA ASP H 61 39.60 19.67 -39.16
C ASP H 61 40.70 20.46 -38.47
N ARG H 62 41.72 20.88 -39.20
CA ARG H 62 42.88 21.41 -38.53
C ARG H 62 42.64 22.71 -37.79
N PHE H 63 41.55 23.41 -38.05
CA PHE H 63 41.27 24.65 -37.34
C PHE H 63 40.53 24.35 -36.05
N SER H 64 41.04 24.84 -34.93
CA SER H 64 40.38 24.64 -33.66
C SER H 64 40.33 25.96 -32.91
N GLY H 65 39.28 26.14 -32.14
CA GLY H 65 39.16 27.36 -31.39
C GLY H 65 39.12 27.15 -29.90
N SER H 66 39.43 28.16 -29.12
CA SER H 66 39.32 28.01 -27.69
C SER H 66 39.08 29.35 -27.04
N ASN H 67 38.14 29.35 -26.10
CA ASN H 67 37.84 30.49 -25.25
C ASN H 67 38.04 30.08 -23.82
N SER H 68 38.63 30.97 -23.05
CA SER H 68 38.91 30.68 -21.65
C SER H 68 38.86 31.97 -20.88
N GLY H 69 37.84 32.14 -20.05
CA GLY H 69 37.74 33.37 -19.30
C GLY H 69 37.66 34.57 -20.20
N THR H 70 38.70 35.38 -20.17
CA THR H 70 38.79 36.57 -21.01
C THR H 70 39.88 36.47 -22.07
N SER H 71 40.07 35.30 -22.64
CA SER H 71 41.09 35.16 -23.67
C SER H 71 40.60 34.20 -24.74
N ALA H 72 41.18 34.31 -25.93
CA ALA H 72 40.74 33.47 -27.02
C ALA H 72 41.94 33.05 -27.84
N SER H 73 41.83 31.86 -28.43
CA SER H 73 42.95 31.29 -29.17
C SER H 73 42.43 30.50 -30.36
N LEU H 74 43.16 30.58 -31.45
CA LEU H 74 42.88 29.77 -32.63
C LEU H 74 44.09 28.91 -32.89
N ALA H 75 43.87 27.62 -33.06
CA ALA H 75 44.96 26.68 -33.27
C ALA H 75 44.87 26.11 -34.67
N ILE H 76 45.91 26.32 -35.46
CA ILE H 76 46.01 25.85 -36.82
C ILE H 76 47.01 24.71 -36.86
N SER H 77 46.56 23.54 -37.26
CA SER H 77 47.45 22.40 -37.40
C SER H 77 47.76 22.22 -38.87
N GLY H 78 48.80 21.47 -39.16
CA GLY H 78 49.16 21.24 -40.54
C GLY H 78 49.30 22.49 -41.39
N LEU H 79 49.95 23.52 -40.85
CA LEU H 79 50.13 24.78 -41.56
C LEU H 79 50.53 24.55 -43.01
N ARG H 80 49.90 25.27 -43.91
CA ARG H 80 50.11 25.07 -45.33
C ARG H 80 50.33 26.41 -45.99
N SER H 81 50.51 26.39 -47.30
CA SER H 81 50.84 27.62 -48.00
C SER H 81 49.59 28.36 -48.44
N GLU H 82 48.44 27.72 -48.35
CA GLU H 82 47.17 28.31 -48.73
C GLU H 82 46.45 28.92 -47.54
N ASP H 83 47.17 29.29 -46.50
CA ASP H 83 46.55 29.79 -45.29
C ASP H 83 47.06 31.15 -44.90
N GLU H 84 47.96 31.73 -45.66
CA GLU H 84 48.48 33.05 -45.36
C GLU H 84 47.42 34.09 -45.69
N ALA H 85 46.72 34.59 -44.66
CA ALA H 85 45.67 35.56 -44.85
C ALA H 85 45.38 36.20 -43.51
N ASP H 86 44.39 37.09 -43.48
CA ASP H 86 44.06 37.81 -42.27
C ASP H 86 43.10 37.02 -41.40
N TYR H 87 43.28 37.11 -40.09
CA TYR H 87 42.44 36.43 -39.12
C TYR H 87 41.86 37.43 -38.13
N TYR H 88 40.54 37.38 -37.95
CA TYR H 88 39.84 38.39 -37.18
C TYR H 88 39.08 37.73 -36.06
N CYS H 89 38.97 38.43 -34.95
CA CYS H 89 38.14 38.05 -33.83
C CYS H 89 36.78 38.68 -34.01
N ALA H 90 35.80 38.21 -33.26
CA ALA H 90 34.53 38.92 -33.30
C ALA H 90 33.74 38.55 -32.07
N ALA H 91 33.12 39.52 -31.44
CA ALA H 91 32.35 39.20 -30.25
C ALA H 91 31.33 40.29 -30.00
N TRP H 92 30.24 39.91 -29.37
CA TRP H 92 29.20 40.84 -29.01
C TRP H 92 29.44 41.44 -27.65
N ASP H 93 29.45 42.77 -27.60
CA ASP H 93 29.77 43.54 -26.40
C ASP H 93 28.51 44.10 -25.79
N ASP H 94 28.14 43.61 -24.61
CA ASP H 94 26.92 44.07 -23.97
C ASP H 94 26.97 45.52 -23.57
N SER H 95 28.12 46.02 -23.14
CA SER H 95 28.20 47.41 -22.70
C SER H 95 28.04 48.37 -23.87
N LEU H 96 28.58 48.01 -25.02
CA LEU H 96 28.36 48.84 -26.20
C LEU H 96 27.13 48.40 -26.98
N SER H 97 26.67 47.18 -26.78
CA SER H 97 25.54 46.64 -27.51
C SER H 97 25.80 46.66 -29.01
N SER H 98 26.91 46.05 -29.43
CA SER H 98 27.21 45.97 -30.85
C SER H 98 28.30 44.93 -31.05
N TRP H 99 28.48 44.52 -32.29
CA TRP H 99 29.55 43.59 -32.62
C TRP H 99 30.83 44.39 -32.72
N VAL H 100 31.91 43.83 -32.19
CA VAL H 100 33.23 44.45 -32.23
C VAL H 100 34.21 43.48 -32.84
N PHE H 101 35.24 44.01 -33.49
CA PHE H 101 36.22 43.18 -34.19
C PHE H 101 37.62 43.55 -33.74
N GLY H 102 38.58 42.72 -34.16
CA GLY H 102 39.97 42.93 -33.83
C GLY H 102 40.74 43.54 -34.97
N GLY H 103 42.05 43.63 -34.78
CA GLY H 103 42.92 44.22 -35.78
C GLY H 103 43.25 43.32 -36.94
N GLY H 104 43.69 42.11 -36.64
CA GLY H 104 44.07 41.18 -37.67
C GLY H 104 45.51 40.76 -37.59
N THR H 105 45.79 39.54 -38.01
CA THR H 105 47.12 38.98 -37.96
C THR H 105 47.52 38.51 -39.34
N LYS H 106 48.80 38.65 -39.65
CA LYS H 106 49.24 38.39 -41.01
C LYS H 106 49.36 36.90 -41.30
N LEU H 107 50.14 36.18 -40.49
CA LEU H 107 50.33 34.74 -40.65
C LEU H 107 50.87 34.38 -42.03
N THR H 108 52.13 34.75 -42.25
CA THR H 108 52.84 34.36 -43.45
C THR H 108 53.75 33.18 -43.19
N VAL H 109 53.47 32.06 -43.87
CA VAL H 109 54.29 30.85 -43.72
C VAL H 109 55.62 31.04 -44.43
N LEU H 110 56.63 30.29 -43.97
CA LEU H 110 57.96 30.41 -44.56
C LEU H 110 58.31 29.19 -45.41
N ILE I 2 22.75 29.35 -51.41
CA ILE I 2 22.29 30.57 -50.77
C ILE I 2 23.16 31.71 -51.24
N THR I 3 22.55 32.76 -51.77
CA THR I 3 23.33 33.83 -52.37
C THR I 3 22.74 35.18 -51.99
N LEU I 4 23.61 36.15 -51.83
CA LEU I 4 23.24 37.53 -51.56
C LEU I 4 24.03 38.41 -52.50
N LYS I 5 23.47 39.57 -52.81
CA LYS I 5 24.17 40.50 -53.68
C LYS I 5 23.70 41.92 -53.41
N GLU I 6 24.64 42.86 -53.28
CA GLU I 6 24.28 44.24 -53.02
C GLU I 6 24.29 45.02 -54.33
N SER I 7 23.61 46.17 -54.31
CA SER I 7 23.49 47.02 -55.48
C SER I 7 22.99 48.38 -55.05
N GLY I 8 23.28 49.37 -55.87
CA GLY I 8 22.92 50.74 -55.58
C GLY I 8 23.87 51.69 -56.29
N LEU I 9 23.90 52.93 -55.81
CA LEU I 9 24.85 53.91 -56.32
C LEU I 9 26.17 53.85 -55.57
N THR I 10 27.27 53.76 -56.32
CA THR I 10 28.59 53.64 -55.76
C THR I 10 29.31 54.95 -55.54
N LEU I 11 28.84 56.04 -56.14
CA LEU I 11 29.53 57.32 -56.03
C LEU I 11 28.53 58.37 -55.59
N VAL I 12 28.89 59.15 -54.58
CA VAL I 12 27.98 60.19 -54.12
C VAL I 12 28.78 61.32 -53.50
N ARG I 13 28.26 62.53 -53.64
CA ARG I 13 28.95 63.67 -53.11
C ARG I 13 28.78 63.62 -51.60
N PRO I 14 29.54 64.42 -50.86
CA PRO I 14 29.32 64.48 -49.42
C PRO I 14 27.97 65.10 -49.09
N THR I 15 27.54 64.86 -47.85
CA THR I 15 26.28 65.38 -47.32
C THR I 15 25.06 64.83 -48.03
N GLN I 16 25.19 63.71 -48.74
CA GLN I 16 24.04 63.08 -49.36
C GLN I 16 23.75 61.77 -48.65
N THR I 17 22.76 61.05 -49.15
CA THR I 17 22.33 59.83 -48.51
C THR I 17 22.58 58.63 -49.42
N LEU I 18 22.99 57.52 -48.80
CA LEU I 18 23.22 56.25 -49.48
C LEU I 18 22.06 55.29 -49.35
N THR I 19 21.70 54.65 -50.46
CA THR I 19 20.71 53.59 -50.41
C THR I 19 21.34 52.36 -51.06
N LEU I 20 21.12 51.20 -50.45
CA LEU I 20 21.63 49.95 -50.95
C LEU I 20 20.58 48.89 -50.74
N THR I 21 20.58 47.89 -51.63
CA THR I 21 19.57 46.86 -51.66
C THR I 21 20.23 45.51 -51.84
N CYS I 22 20.09 44.65 -50.85
CA CYS I 22 20.62 43.30 -50.90
C CYS I 22 19.51 42.37 -51.34
N THR I 23 19.65 41.81 -52.53
CA THR I 23 18.73 40.83 -53.06
C THR I 23 19.28 39.45 -52.87
N PHE I 24 18.48 38.56 -52.30
CA PHE I 24 18.95 37.24 -51.96
C PHE I 24 18.07 36.18 -52.56
N SER I 25 18.51 34.95 -52.40
CA SER I 25 17.79 33.81 -52.95
C SER I 25 18.21 32.59 -52.17
N GLY I 26 17.24 31.82 -51.71
CA GLY I 26 17.50 30.58 -51.01
C GLY I 26 17.00 30.59 -49.60
N PHE I 27 16.46 31.72 -49.14
CA PHE I 27 15.89 31.83 -47.81
C PHE I 27 14.95 33.02 -47.82
N SER I 28 14.05 33.03 -46.87
CA SER I 28 13.00 34.03 -46.81
C SER I 28 12.96 34.67 -45.45
N LEU I 29 12.77 35.98 -45.40
CA LEU I 29 12.70 36.55 -44.07
C LEU I 29 11.30 36.38 -43.55
N ILE I 30 10.78 35.18 -43.67
CA ILE I 30 9.57 34.78 -42.97
C ILE I 30 9.78 33.54 -42.15
N ASN I 31 10.87 32.81 -42.37
CA ASN I 31 11.09 31.63 -41.56
C ASN I 31 11.61 32.07 -40.21
N SER I 32 11.63 31.14 -39.28
CA SER I 32 12.21 31.45 -37.99
C SER I 32 13.72 31.42 -38.08
N GLY I 33 14.35 32.24 -37.28
CA GLY I 33 15.78 32.34 -37.33
C GLY I 33 16.23 33.42 -38.26
N VAL I 34 15.96 33.27 -39.55
CA VAL I 34 16.63 34.09 -40.55
C VAL I 34 16.61 35.56 -40.21
N GLY I 35 17.73 36.22 -40.44
CA GLY I 35 17.84 37.65 -40.30
C GLY I 35 18.96 38.08 -41.22
N VAL I 36 19.03 39.37 -41.50
CA VAL I 36 20.01 39.90 -42.44
C VAL I 36 20.64 41.15 -41.84
N GLY I 37 21.95 41.31 -42.00
CA GLY I 37 22.64 42.46 -41.45
C GLY I 37 23.58 43.05 -42.47
N TRP I 38 24.20 44.15 -42.10
CA TRP I 38 25.12 44.87 -42.97
C TRP I 38 26.40 45.15 -42.22
N ILE I 39 27.53 45.03 -42.92
CA ILE I 39 28.84 45.19 -42.32
C ILE I 39 29.75 45.93 -43.27
N ARG I 40 30.38 47.01 -42.82
CA ARG I 40 31.27 47.77 -43.66
C ARG I 40 32.71 47.58 -43.26
N GLN I 41 33.60 47.83 -44.20
CA GLN I 41 35.04 47.72 -43.99
C GLN I 41 35.78 48.78 -44.78
N PRO I 42 36.50 49.67 -44.12
CA PRO I 42 37.27 50.68 -44.82
C PRO I 42 38.35 50.03 -45.65
N PRO I 43 39.01 50.76 -46.53
CA PRO I 43 40.08 50.15 -47.33
C PRO I 43 41.35 49.89 -46.55
N GLY I 44 41.63 48.63 -46.22
CA GLY I 44 42.82 48.29 -45.48
C GLY I 44 42.70 48.39 -43.99
N LYS I 45 41.49 48.35 -43.45
CA LYS I 45 41.24 48.44 -42.02
C LYS I 45 40.48 47.22 -41.53
N ALA I 46 40.08 47.27 -40.27
CA ALA I 46 39.32 46.18 -39.71
C ALA I 46 37.83 46.39 -39.95
N LEU I 47 37.07 45.34 -39.77
CA LEU I 47 35.64 45.37 -40.04
C LEU I 47 34.90 46.25 -39.02
N GLU I 48 33.65 46.56 -39.36
CA GLU I 48 32.79 47.39 -38.54
C GLU I 48 31.36 46.98 -38.82
N TRP I 49 30.55 46.86 -37.78
CA TRP I 49 29.18 46.38 -37.90
C TRP I 49 28.20 47.54 -37.97
N LEU I 50 27.27 47.47 -38.92
CA LEU I 50 26.32 48.55 -39.19
C LEU I 50 24.92 48.34 -38.64
N ALA I 51 24.22 47.28 -39.03
CA ALA I 51 22.82 47.16 -38.63
C ALA I 51 22.34 45.74 -38.87
N LEU I 52 21.16 45.43 -38.35
CA LEU I 52 20.66 44.07 -38.39
C LEU I 52 19.15 44.09 -38.34
N ILE I 53 18.50 43.14 -39.00
CA ILE I 53 17.04 43.09 -38.97
C ILE I 53 16.52 41.66 -38.97
N TYR I 54 16.01 41.24 -37.82
CA TYR I 54 15.54 39.88 -37.62
C TYR I 54 14.27 39.64 -38.41
N TRP I 55 13.74 38.42 -38.28
CA TRP I 55 12.55 38.08 -39.02
C TRP I 55 11.28 38.70 -38.45
N ASP I 56 11.22 38.95 -37.16
CA ASP I 56 10.04 39.62 -36.61
C ASP I 56 10.19 41.12 -36.59
N ASP I 57 11.12 41.65 -37.39
CA ASP I 57 11.41 43.07 -37.49
C ASP I 57 11.86 43.65 -36.16
N ASP I 58 13.05 43.25 -35.76
CA ASP I 58 13.69 43.78 -34.57
C ASP I 58 14.92 44.45 -35.14
N LYS I 59 14.87 45.77 -35.35
CA LYS I 59 15.93 46.49 -36.04
C LYS I 59 17.05 46.93 -35.10
N ARG I 60 17.95 46.00 -34.80
CA ARG I 60 19.11 46.40 -34.00
C ARG I 60 20.07 47.26 -34.80
N TYR I 61 20.65 48.27 -34.15
CA TYR I 61 21.58 49.22 -34.77
C TYR I 61 22.87 49.36 -34.00
N ASN I 62 23.88 49.78 -34.73
CA ASN I 62 25.13 50.20 -34.13
C ASN I 62 24.96 51.53 -33.43
N PRO I 63 25.10 51.62 -32.11
CA PRO I 63 24.80 52.88 -31.41
C PRO I 63 25.54 54.09 -31.93
N SER I 64 26.87 54.03 -32.07
CA SER I 64 27.58 55.20 -32.54
C SER I 64 27.13 55.65 -33.91
N LEU I 65 26.56 54.76 -34.72
CA LEU I 65 26.04 55.12 -36.01
C LEU I 65 24.53 55.17 -36.01
N ARG I 66 23.92 54.98 -34.85
CA ARG I 66 22.49 55.21 -34.77
C ARG I 66 22.22 56.69 -35.02
N SER I 67 20.95 57.05 -35.16
CA SER I 67 20.53 58.40 -35.48
C SER I 67 20.97 58.82 -36.86
N ARG I 68 21.49 57.89 -37.64
CA ARG I 68 21.93 58.16 -38.99
C ARG I 68 21.48 57.10 -39.98
N LEU I 69 21.12 55.91 -39.52
CA LEU I 69 20.87 54.72 -40.33
C LEU I 69 19.42 54.33 -40.29
N THR I 70 18.92 53.79 -41.39
CA THR I 70 17.58 53.23 -41.43
C THR I 70 17.63 51.99 -42.29
N ILE I 71 17.30 50.85 -41.71
CA ILE I 71 17.23 49.60 -42.44
C ILE I 71 15.78 49.14 -42.45
N SER I 72 15.33 48.63 -43.59
CA SER I 72 13.94 48.22 -43.73
C SER I 72 13.89 47.05 -44.68
N LYS I 73 12.79 46.30 -44.59
CA LYS I 73 12.65 45.12 -45.43
C LYS I 73 11.46 45.21 -46.35
N ALA I 74 11.61 44.57 -47.50
CA ALA I 74 10.54 44.31 -48.46
C ALA I 74 10.54 42.81 -48.71
N THR I 75 9.84 42.05 -47.87
CA THR I 75 9.92 40.59 -47.94
C THR I 75 9.33 40.03 -49.23
N SER I 76 8.27 40.66 -49.74
CA SER I 76 7.64 40.22 -50.98
C SER I 76 8.62 40.12 -52.12
N LYS I 77 9.52 41.08 -52.22
CA LYS I 77 10.52 41.12 -53.27
C LYS I 77 11.81 40.43 -52.86
N ASN I 78 11.84 39.87 -51.66
CA ASN I 78 13.00 39.22 -51.11
C ASN I 78 14.19 40.16 -51.15
N GLN I 79 14.00 41.35 -50.61
CA GLN I 79 15.12 42.28 -50.62
C GLN I 79 15.06 43.16 -49.39
N VAL I 80 16.22 43.64 -48.97
CA VAL I 80 16.39 44.50 -47.82
C VAL I 80 17.04 45.79 -48.29
N VAL I 81 16.68 46.90 -47.67
CA VAL I 81 17.18 48.22 -48.02
C VAL I 81 17.88 48.85 -46.83
N LEU I 82 19.06 49.42 -47.08
CA LEU I 82 19.83 50.17 -46.12
C LEU I 82 19.92 51.61 -46.56
N THR I 83 19.88 52.54 -45.61
CA THR I 83 19.97 53.96 -45.94
C THR I 83 20.78 54.71 -44.90
N MET I 84 21.71 55.54 -45.34
CA MET I 84 22.54 56.30 -44.42
C MET I 84 22.70 57.73 -44.92
N THR I 85 22.28 58.67 -44.10
CA THR I 85 22.30 60.09 -44.43
C THR I 85 23.59 60.75 -43.99
N ASN I 86 23.84 61.94 -44.53
CA ASN I 86 24.98 62.77 -44.11
C ASN I 86 26.32 62.05 -44.32
N MET I 87 26.60 61.71 -45.56
CA MET I 87 27.85 61.03 -45.87
C MET I 87 29.03 61.99 -45.79
N ASP I 88 30.21 61.43 -45.58
CA ASP I 88 31.42 62.23 -45.40
C ASP I 88 32.56 61.48 -46.09
N PRO I 89 33.71 62.10 -46.33
CA PRO I 89 34.79 61.38 -47.02
C PRO I 89 35.37 60.21 -46.24
N VAL I 90 35.15 60.13 -44.93
CA VAL I 90 35.66 58.99 -44.17
C VAL I 90 34.84 57.74 -44.37
N ASP I 91 33.65 57.84 -44.93
CA ASP I 91 32.77 56.69 -45.12
C ASP I 91 33.01 55.96 -46.43
N THR I 92 34.04 56.33 -47.17
CA THR I 92 34.40 55.52 -48.32
C THR I 92 34.83 54.16 -47.82
N ALA I 93 34.12 53.12 -48.25
CA ALA I 93 34.38 51.79 -47.72
C ALA I 93 33.68 50.77 -48.61
N THR I 94 33.79 49.50 -48.23
CA THR I 94 33.01 48.44 -48.85
C THR I 94 31.95 47.93 -47.90
N TYR I 95 30.75 47.69 -48.42
CA TYR I 95 29.60 47.29 -47.63
C TYR I 95 29.13 45.90 -48.02
N TYR I 96 29.16 44.97 -47.07
CA TYR I 96 28.68 43.60 -47.28
C TYR I 96 27.33 43.40 -46.62
N CYS I 97 26.46 42.63 -47.25
CA CYS I 97 25.24 42.16 -46.62
C CYS I 97 25.35 40.70 -46.27
N THR I 98 25.07 40.36 -45.02
CA THR I 98 25.31 39.05 -44.44
C THR I 98 24.05 38.45 -43.81
N HIS I 99 24.11 37.16 -43.53
CA HIS I 99 22.99 36.29 -43.17
C HIS I 99 23.14 35.54 -41.87
N ARG I 100 22.08 35.40 -41.07
CA ARG I 100 22.18 34.64 -39.83
C ARG I 100 21.06 33.61 -39.85
N GLY I 101 21.38 32.35 -39.95
CA GLY I 101 20.34 31.37 -39.94
C GLY I 101 20.62 30.45 -38.80
N PRO I 102 19.94 29.33 -38.72
CA PRO I 102 20.17 28.43 -37.62
C PRO I 102 21.30 27.47 -37.98
N GLY I 103 21.90 26.91 -36.94
CA GLY I 103 23.04 26.04 -37.00
C GLY I 103 22.69 24.66 -36.53
N HIS I 104 23.42 24.16 -35.54
CA HIS I 104 23.08 22.87 -34.98
C HIS I 104 22.80 22.88 -33.50
N ASN I 105 23.22 23.87 -32.81
CA ASN I 105 22.81 24.06 -31.42
C ASN I 105 22.80 25.52 -31.03
N THR I 106 23.09 26.43 -31.97
CA THR I 106 23.23 27.86 -31.77
C THR I 106 23.17 28.56 -33.11
N PRO I 107 22.63 29.76 -33.16
CA PRO I 107 22.50 30.48 -34.41
C PRO I 107 23.85 30.77 -35.04
N ILE I 108 23.93 30.68 -36.30
CA ILE I 108 25.16 31.04 -36.99
C ILE I 108 25.03 32.48 -37.40
N TYR I 109 26.12 33.23 -37.44
CA TYR I 109 26.07 34.64 -37.79
C TYR I 109 27.16 34.90 -38.80
N PHE I 110 26.80 35.56 -39.89
CA PHE I 110 27.75 35.93 -40.92
C PHE I 110 28.32 34.72 -41.63
N GLU I 111 27.53 33.66 -41.66
CA GLU I 111 27.93 32.45 -42.35
C GLU I 111 28.08 32.68 -43.85
N PHE I 112 27.18 33.44 -44.44
CA PHE I 112 27.21 33.74 -45.88
C PHE I 112 27.28 35.23 -46.09
N TRP I 113 28.08 35.63 -47.05
CA TRP I 113 28.28 37.02 -47.36
C TRP I 113 27.85 37.36 -48.77
N GLY I 114 27.67 38.63 -49.01
CA GLY I 114 27.43 39.14 -50.34
C GLY I 114 28.76 39.17 -51.05
N GLN I 115 28.91 40.10 -51.97
CA GLN I 115 30.21 40.31 -52.59
C GLN I 115 30.68 41.74 -52.48
N GLY I 116 29.99 42.56 -51.69
CA GLY I 116 30.46 43.89 -51.43
C GLY I 116 30.05 44.89 -52.50
N ALA I 117 30.16 46.17 -52.15
CA ALA I 117 29.87 47.22 -53.11
C ALA I 117 30.69 48.45 -52.74
N LEU I 118 31.82 48.62 -53.41
CA LEU I 118 32.73 49.71 -53.11
C LEU I 118 32.06 51.05 -53.31
N VAL I 119 32.04 51.86 -52.27
CA VAL I 119 31.33 53.12 -52.26
C VAL I 119 32.34 54.23 -52.09
N THR I 120 32.39 55.14 -53.04
CA THR I 120 33.28 56.29 -52.96
C THR I 120 32.45 57.55 -52.76
N VAL I 121 32.88 58.40 -51.84
CA VAL I 121 32.20 59.64 -51.55
C VAL I 121 33.16 60.78 -51.86
N SER I 122 32.93 61.46 -52.97
CA SER I 122 33.82 62.52 -53.42
C SER I 122 33.06 63.43 -54.38
N SER I 123 33.80 64.26 -55.10
CA SER I 123 33.23 65.11 -56.14
C SER I 123 34.06 65.04 -57.42
C1 NAG J . -54.05 9.26 23.79
C2 NAG J . -55.53 9.35 23.48
C3 NAG J . -56.23 10.29 24.46
C4 NAG J . -55.93 9.87 25.89
C5 NAG J . -54.42 9.77 26.09
C6 NAG J . -54.06 9.24 27.46
C7 NAG J . -56.85 9.35 21.41
C8 NAG J . -56.94 9.85 20.00
N2 NAG J . -55.77 9.74 22.10
O3 NAG J . -57.64 10.25 24.23
O4 NAG J . -56.47 10.83 26.79
O5 NAG J . -53.85 8.85 25.15
O6 NAG J . -54.80 8.06 27.77
O7 NAG J . -57.72 8.64 21.91
C1 NAG K . -56.29 -4.43 -5.43
C2 NAG K . -55.83 -3.53 -6.58
C3 NAG K . -55.91 -4.26 -7.91
C4 NAG K . -55.17 -5.58 -7.85
C5 NAG K . -55.72 -6.41 -6.69
C6 NAG K . -54.99 -7.72 -6.51
C7 NAG K . -56.19 -1.19 -7.24
C8 NAG K . -57.11 -0.01 -7.18
N2 NAG K . -56.60 -2.29 -6.62
O3 NAG K . -55.33 -3.45 -8.94
O4 NAG K . -55.34 -6.30 -9.06
O5 NAG K . -55.58 -5.68 -5.46
O6 NAG K . -55.89 -8.78 -6.24
O7 NAG K . -55.11 -1.14 -7.84
C1 NAG L . -67.37 -21.62 35.53
C2 NAG L . -67.44 -21.51 34.01
C3 NAG L . -66.70 -20.25 33.55
C4 NAG L . -67.23 -19.03 34.28
C5 NAG L . -67.17 -19.26 35.78
C6 NAG L . -67.78 -18.11 36.56
C7 NAG L . -67.30 -23.14 32.20
C8 NAG L . -66.60 -24.36 31.68
N2 NAG L . -66.87 -22.69 33.38
O3 NAG L . -66.88 -20.13 32.14
O4 NAG L . -66.45 -17.89 33.95
O5 NAG L . -67.89 -20.44 36.13
O6 NAG L . -68.30 -18.58 37.81
O7 NAG L . -68.21 -22.61 31.60
C1 NAG M . -66.55 -39.82 57.08
C2 NAG M . -67.53 -38.67 57.23
C3 NAG M . -67.87 -38.46 58.69
C4 NAG M . -68.34 -39.75 59.33
C5 NAG M . -67.33 -40.86 59.08
C6 NAG M . -67.81 -42.21 59.54
C7 NAG M . -67.30 -37.11 55.37
C8 NAG M . -66.70 -35.82 54.89
N2 NAG M . -67.02 -37.46 56.63
O3 NAG M . -68.87 -37.46 58.79
O4 NAG M . -68.50 -39.57 60.73
O5 NAG M . -67.07 -40.99 57.68
O6 NAG M . -68.31 -42.97 58.45
O7 NAG M . -68.01 -37.80 54.65
C1 NAG N . -77.63 -38.68 38.51
C2 NAG N . -77.57 -37.53 37.50
C3 NAG N . -78.67 -37.69 36.45
C4 NAG N . -78.60 -39.07 35.82
C5 NAG N . -78.69 -40.12 36.90
C6 NAG N . -78.54 -41.52 36.38
C7 NAG N . -77.50 -35.08 37.57
C8 NAG N . -77.71 -33.87 38.42
N2 NAG N . -77.72 -36.25 38.17
O3 NAG N . -78.49 -36.70 35.44
O4 NAG N . -79.68 -39.26 34.92
O5 NAG N . -77.61 -39.93 37.84
O6 NAG N . -77.58 -41.56 35.33
O7 NAG N . -77.15 -35.00 36.41
C1 NAG O . -36.88 17.17 23.41
C2 NAG O . -37.27 15.96 24.26
C3 NAG O . -37.69 16.40 25.66
C4 NAG O . -36.62 17.27 26.29
C5 NAG O . -36.30 18.44 25.37
C6 NAG O . -35.16 19.29 25.88
C7 NAG O . -39.57 15.66 23.41
C8 NAG O . -40.53 14.72 22.76
N2 NAG O . -38.34 15.19 23.64
O3 NAG O . -37.92 15.25 26.46
O4 NAG O . -37.08 17.78 27.54
O5 NAG O . -35.90 17.95 24.08
O6 NAG O . -34.23 18.51 26.61
O7 NAG O . -39.90 16.81 23.72
C1 NAG P . -63.67 -23.56 46.96
C2 NAG P . -63.10 -24.22 48.20
C3 NAG P . -62.82 -23.18 49.27
C4 NAG P . -61.94 -22.06 48.72
C5 NAG P . -62.55 -21.49 47.45
C6 NAG P . -61.62 -20.51 46.78
C7 NAG P . -63.43 -26.33 49.38
C8 NAG P . -64.42 -27.36 49.83
N2 NAG P . -63.94 -25.29 48.71
O3 NAG P . -62.22 -23.78 50.41
O4 NAG P . -61.82 -21.02 49.67
O5 NAG P . -62.78 -22.54 46.50
O6 NAG P . -60.34 -20.54 47.41
O7 NAG P . -62.24 -26.43 49.62
C1 NAG Q . -62.28 -36.74 -4.22
C2 NAG Q . -63.44 -37.69 -3.99
C3 NAG Q . -64.27 -37.81 -5.26
C4 NAG Q . -64.69 -36.43 -5.76
C5 NAG Q . -63.47 -35.55 -5.91
C6 NAG Q . -63.82 -34.14 -6.33
C7 NAG Q . -63.75 -40.00 -3.19
C8 NAG Q . -63.07 -41.28 -2.83
N2 NAG Q . -62.96 -39.00 -3.59
O3 NAG Q . -65.44 -38.57 -4.97
O4 NAG Q . -65.35 -36.53 -7.03
O5 NAG Q . -62.76 -35.47 -4.67
O6 NAG Q . -64.65 -34.15 -7.49
O7 NAG Q . -64.97 -39.87 -3.13
C1 NAG R . -20.05 36.12 -16.77
C2 NAG R . -18.65 36.61 -16.41
C3 NAG R . -18.67 37.26 -15.03
C4 NAG R . -19.73 38.35 -14.96
C5 NAG R . -21.08 37.79 -15.39
C6 NAG R . -22.15 38.85 -15.48
C7 NAG R . -17.39 34.83 -17.56
C8 NAG R . -16.38 33.74 -17.39
N2 NAG R . -17.69 35.52 -16.46
O3 NAG R . -17.38 37.81 -14.77
O4 NAG R . -19.83 38.84 -13.64
O5 NAG R . -20.97 37.21 -16.69
O6 NAG R . -22.37 39.25 -16.83
O7 NAG R . -17.90 35.09 -18.65
C1 NAG S . -16.37 43.59 -33.49
C2 NAG S . -15.99 44.76 -32.58
C3 NAG S . -15.55 45.96 -33.41
C4 NAG S . -14.46 45.57 -34.39
C5 NAG S . -14.91 44.38 -35.23
C6 NAG S . -13.84 43.88 -36.17
C7 NAG S . -16.99 45.16 -30.37
C8 NAG S . -18.21 45.61 -29.63
N2 NAG S . -17.09 45.14 -31.70
O3 NAG S . -15.08 46.98 -32.55
O4 NAG S . -14.16 46.65 -35.27
O5 NAG S . -15.28 43.29 -34.37
O6 NAG S . -12.64 43.57 -35.49
O7 NAG S . -15.96 44.84 -29.79
C1 NAG T . -45.23 0.76 -31.78
C2 NAG T . -46.57 0.20 -31.31
C3 NAG T . -46.92 -1.07 -32.08
C4 NAG T . -46.85 -0.83 -33.58
C5 NAG T . -45.50 -0.23 -33.95
C6 NAG T . -45.39 0.15 -35.41
C7 NAG T . -46.49 0.89 -28.95
C8 NAG T . -46.46 0.42 -27.53
N2 NAG T . -46.54 -0.07 -29.89
O3 NAG T . -48.23 -1.50 -31.72
O4 NAG T . -47.02 -2.05 -34.27
O5 NAG T . -45.27 0.96 -33.19
O6 NAG T . -44.08 -0.09 -35.91
O7 NAG T . -46.47 2.08 -29.25
C1 NAG U . -64.52 -53.76 1.82
C2 NAG U . -65.71 -52.87 2.18
C3 NAG U . -66.75 -52.90 1.08
C4 NAG U . -66.11 -52.54 -0.26
C5 NAG U . -64.92 -53.45 -0.52
C6 NAG U . -64.15 -53.08 -1.75
C7 NAG U . -65.93 -52.76 4.62
C8 NAG U . -66.63 -53.31 5.83
N2 NAG U . -66.28 -53.28 3.45
O3 NAG U . -67.80 -52.00 1.38
O4 NAG U . -67.06 -52.69 -1.31
O5 NAG U . -63.99 -53.36 0.58
O6 NAG U . -62.76 -53.22 -1.52
O7 NAG U . -65.10 -51.87 4.71
C1 NAG V . 16.63 -14.26 -37.01
C2 NAG V . 16.22 -12.79 -36.98
C3 NAG V . 14.97 -12.58 -37.82
C4 NAG V . 15.17 -13.11 -39.23
C5 NAG V . 15.62 -14.57 -39.17
C6 NAG V . 15.95 -15.15 -40.53
C7 NAG V . 16.94 -12.27 -34.67
C8 NAG V . 16.48 -11.77 -33.33
N2 NAG V . 15.99 -12.34 -35.61
O3 NAG V . 14.67 -11.19 -37.87
O4 NAG V . 13.95 -13.03 -39.95
O5 NAG V . 16.81 -14.69 -38.37
O6 NAG V . 15.18 -14.53 -41.55
O7 NAG V . 18.10 -12.60 -34.88
C1 NAG W . 34.58 -11.32 -40.66
C2 NAG W . 34.32 -10.67 -42.02
C3 NAG W . 35.63 -10.37 -42.73
C4 NAG W . 36.56 -9.57 -41.83
C5 NAG W . 36.73 -10.27 -40.49
C6 NAG W . 37.55 -9.47 -39.50
C7 NAG W . 32.13 -11.45 -42.84
C8 NAG W . 31.42 -12.37 -43.78
N2 NAG W . 33.46 -11.51 -42.86
O3 NAG W . 35.36 -9.67 -43.93
O4 NAG W . 37.83 -9.40 -42.44
O5 NAG W . 35.45 -10.48 -39.89
O6 NAG W . 38.90 -9.34 -39.94
O7 NAG W . 31.52 -10.68 -42.10
C1 NAG X . 17.54 -46.42 -3.83
C2 NAG X . 17.49 -47.20 -5.14
C3 NAG X . 18.68 -48.17 -5.21
C4 NAG X . 19.98 -47.43 -4.97
C5 NAG X . 19.91 -46.64 -3.67
C6 NAG X . 21.15 -45.81 -3.40
C7 NAG X . 15.88 -48.70 -6.27
C8 NAG X . 14.53 -49.37 -6.15
N2 NAG X . 16.24 -47.93 -5.23
O3 NAG X . 18.72 -48.79 -6.49
O4 NAG X . 21.05 -48.37 -4.89
O5 NAG X . 18.79 -45.74 -3.71
O6 NAG X . 20.98 -45.05 -2.22
O7 NAG X . 16.59 -48.86 -7.25
C1 NAG Y . -32.45 -47.70 -25.76
C2 NAG Y . -32.03 -48.96 -26.48
C3 NAG Y . -32.57 -48.98 -27.91
C4 NAG Y . -34.07 -48.77 -27.90
C5 NAG Y . -34.43 -47.51 -27.11
C6 NAG Y . -35.91 -47.33 -26.94
C7 NAG Y . -29.98 -50.32 -26.40
C8 NAG Y . -28.48 -50.31 -26.40
N2 NAG Y . -30.58 -49.12 -26.47
O3 NAG Y . -32.25 -50.22 -28.52
O4 NAG Y . -34.55 -48.65 -29.23
O5 NAG Y . -33.87 -47.59 -25.79
O6 NAG Y . -36.47 -48.35 -26.14
O7 NAG Y . -30.63 -51.36 -26.35
C1 NAG Z . -17.12 2.87 -48.79
C2 NAG Z . -18.50 3.24 -49.32
C3 NAG Z . -19.35 1.99 -49.47
C4 NAG Z . -18.63 0.96 -50.34
C5 NAG Z . -17.24 0.70 -49.77
C6 NAG Z . -16.41 -0.23 -50.61
C7 NAG Z . -18.66 5.37 -48.08
C8 NAG Z . -19.49 6.19 -47.15
N2 NAG Z . -19.17 4.18 -48.42
O3 NAG Z . -20.60 2.33 -50.07
O4 NAG Z . -19.36 -0.26 -50.38
O5 NAG Z . -16.51 1.93 -49.67
O6 NAG Z . -15.29 -0.72 -49.88
O7 NAG Z . -17.58 5.75 -48.50
C1 NAG AA . -5.59 -54.02 -6.60
C2 NAG AA . -4.19 -53.68 -7.13
C3 NAG AA . -3.11 -54.43 -6.37
C4 NAG AA . -3.26 -54.21 -4.88
C5 NAG AA . -4.67 -54.61 -4.44
C6 NAG AA . -4.92 -54.35 -2.98
C7 NAG AA . -3.19 -53.40 -9.36
C8 NAG AA . -3.23 -53.80 -10.80
N2 NAG AA . -4.09 -53.96 -8.56
O3 NAG AA . -1.83 -53.97 -6.79
O4 NAG AA . -2.32 -55.01 -4.17
O5 NAG AA . -5.62 -53.83 -5.17
O6 NAG AA . -4.01 -55.09 -2.17
O7 NAG AA . -2.37 -52.59 -8.94
C1 NAG BA . -49.89 -62.45 2.07
C2 NAG BA . -48.61 -63.28 2.13
C3 NAG BA . -47.91 -63.24 0.77
C4 NAG BA . -48.87 -63.65 -0.33
C5 NAG BA . -50.13 -62.80 -0.27
C6 NAG BA . -51.18 -63.26 -1.26
C7 NAG BA . -46.82 -63.56 3.78
C8 NAG BA . -45.98 -62.88 4.82
N2 NAG BA . -47.73 -62.79 3.17
O3 NAG BA . -46.80 -64.13 0.80
O4 NAG BA . -48.25 -63.48 -1.60
O5 NAG BA . -50.72 -62.92 1.03
O6 NAG BA . -51.36 -64.66 -1.17
O7 NAG BA . -46.68 -64.74 3.50
C1 NAG CA . -74.87 -61.78 15.05
C2 NAG CA . -74.70 -62.46 13.70
C3 NAG CA . -76.04 -62.74 13.07
C4 NAG CA . -76.93 -63.52 14.02
C5 NAG CA . -77.01 -62.80 15.37
C6 NAG CA . -77.76 -63.58 16.42
C7 NAG CA . -72.57 -61.50 12.97
C8 NAG CA . -71.88 -60.60 11.98
N2 NAG CA . -73.88 -61.63 12.83
O3 NAG CA . -75.83 -63.49 11.88
O4 NAG CA . -78.24 -63.63 13.49
O5 NAG CA . -75.69 -62.59 15.88
O6 NAG CA . -77.10 -63.52 17.67
O7 NAG CA . -71.95 -62.07 13.85
C1 NAG DA . -56.64 -73.72 15.93
C2 NAG DA . -56.17 -74.88 15.06
C3 NAG DA . -56.60 -76.21 15.63
C4 NAG DA . -56.18 -76.34 17.08
C5 NAG DA . -56.73 -75.16 17.86
C6 NAG DA . -56.28 -75.15 19.29
C7 NAG DA . -55.83 -74.34 12.70
C8 NAG DA . -56.48 -74.24 11.35
N2 NAG DA . -56.64 -74.74 13.69
O3 NAG DA . -56.01 -77.25 14.87
O4 NAG DA . -56.68 -77.54 17.65
O5 NAG DA . -56.25 -73.94 17.28
O6 NAG DA . -54.94 -74.69 19.39
O7 NAG DA . -54.66 -74.07 12.88
C1 NAG EA . -29.56 -30.37 -29.61
C2 NAG EA . -30.68 -31.01 -28.78
C3 NAG EA . -32.01 -30.95 -29.53
C4 NAG EA . -32.30 -29.53 -29.96
C5 NAG EA . -31.14 -28.99 -30.78
C6 NAG EA . -31.31 -27.54 -31.16
C7 NAG EA . -30.13 -33.36 -29.31
C8 NAG EA . -29.83 -34.72 -28.74
N2 NAG EA . -30.36 -32.39 -28.42
O3 NAG EA . -33.03 -31.42 -28.65
O4 NAG EA . -33.47 -29.52 -30.79
O5 NAG EA . -29.93 -29.07 -30.00
O6 NAG EA . -30.69 -26.70 -30.18
O7 NAG EA . -30.17 -33.17 -30.53
C1 NAG FA . -61.79 -58.31 1.56
C2 NAG FA . -63.05 -57.75 2.21
C3 NAG FA . -64.11 -57.47 1.16
C4 NAG FA . -63.54 -56.58 0.07
C5 NAG FA . -62.25 -57.16 -0.49
C6 NAG FA . -61.57 -56.22 -1.44
C7 NAG FA . -64.36 -58.22 4.23
C8 NAG FA . -64.79 -59.27 5.22
N2 NAG FA . -63.57 -58.65 3.24
O3 NAG FA . -65.22 -56.82 1.78
O4 NAG FA . -64.47 -56.45 -0.99
O5 NAG FA . -61.31 -57.41 0.57
O6 NAG FA . -61.63 -54.89 -0.93
O7 NAG FA . -64.74 -57.05 4.31
C1 NAG GA . -14.38 -63.87 24.20
C2 NAG GA . -14.49 -65.09 25.08
C3 NAG GA . -13.12 -65.72 25.29
C4 NAG GA . -12.47 -65.99 23.94
C5 NAG GA . -12.45 -64.72 23.11
C6 NAG GA . -11.92 -64.94 21.71
C7 NAG GA . -15.78 -65.65 27.09
C8 NAG GA . -16.30 -65.15 28.40
N2 NAG GA . -15.08 -64.77 26.37
O3 NAG GA . -13.26 -66.94 26.00
O4 NAG GA . -11.13 -66.46 24.11
O5 NAG GA . -13.78 -64.21 22.97
O6 NAG GA . -12.66 -65.94 21.03
O7 NAG GA . -15.97 -66.79 26.71
C1 NAG HA . -59.29 -24.12 50.10
C2 NAG HA . -58.41 -24.66 51.22
C3 NAG HA . -58.62 -23.86 52.50
C4 NAG HA . -58.38 -22.38 52.22
C5 NAG HA . -59.26 -21.92 51.06
C6 NAG HA . -58.98 -20.50 50.63
C7 NAG HA . -57.90 -27.05 51.03
C8 NAG HA . -58.36 -28.44 51.33
N2 NAG HA . -58.70 -26.07 51.44
O3 NAG HA . -57.71 -24.31 53.49
O4 NAG HA . -58.69 -21.62 53.38
O5 NAG HA . -59.01 -22.74 49.91
O6 NAG HA . -59.40 -20.30 49.29
O7 NAG HA . -56.85 -26.83 50.44
C1 NAG IA . -23.85 -67.08 39.85
C2 NAG IA . -24.00 -67.89 38.58
C3 NAG IA . -22.84 -68.87 38.44
C4 NAG IA . -21.52 -68.12 38.53
C5 NAG IA . -21.47 -67.30 39.80
C6 NAG IA . -20.25 -66.42 39.87
C7 NAG IA . -26.27 -68.27 37.73
C8 NAG IA . -27.51 -69.10 37.81
N2 NAG IA . -25.27 -68.60 38.55
O3 NAG IA . -22.92 -69.56 37.21
O4 NAG IA . -20.44 -69.04 38.50
O5 NAG IA . -22.61 -66.42 39.86
O6 NAG IA . -19.44 -66.59 38.72
O7 NAG IA . -26.17 -67.33 36.94
C1 NAG JA . 25.40 13.41 15.62
C2 NAG JA . 25.64 13.85 14.18
C3 NAG JA . 26.68 12.97 13.51
C4 NAG JA . 27.95 12.93 14.35
C5 NAG JA . 27.63 12.53 15.78
C6 NAG JA . 28.83 12.61 16.70
C7 NAG JA . 24.01 14.86 12.64
C8 NAG JA . 22.71 14.69 11.93
N2 NAG JA . 24.41 13.85 13.42
O3 NAG JA . 26.98 13.46 12.22
O4 NAG JA . 28.87 11.99 13.80
O5 NAG JA . 26.64 13.42 16.32
O6 NAG JA . 28.63 13.58 17.72
O7 NAG JA . 24.69 15.88 12.52
C1 NAG KA . 33.14 34.93 16.86
C2 NAG KA . 33.25 33.87 15.77
C3 NAG KA . 34.53 34.05 14.98
C4 NAG KA . 34.65 35.48 14.47
C5 NAG KA . 34.50 36.46 15.62
C6 NAG KA . 34.49 37.91 15.17
C7 NAG KA . 32.61 31.51 15.65
C8 NAG KA . 32.59 30.19 16.36
N2 NAG KA . 33.16 32.52 16.31
O3 NAG KA . 34.53 33.15 13.88
O4 NAG KA . 35.93 35.67 13.87
O5 NAG KA . 33.25 36.23 16.29
O6 NAG KA . 34.10 38.02 13.81
O7 NAG KA . 32.14 31.65 14.53
C1 NAG LA . -11.62 17.07 42.24
C2 NAG LA . -10.47 16.36 42.94
C3 NAG LA . -10.23 16.97 44.32
C4 NAG LA . -10.03 18.47 44.20
C5 NAG LA . -11.19 19.11 43.43
C6 NAG LA . -10.98 20.57 43.16
C7 NAG LA . -9.72 14.05 43.20
C8 NAG LA . -10.12 12.61 43.27
N2 NAG LA . -10.71 14.94 43.05
O3 NAG LA . -9.07 16.37 44.90
O4 NAG LA . -9.96 19.06 45.49
O5 NAG LA . -11.33 18.46 42.15
O6 NAG LA . -11.07 21.34 44.35
O7 NAG LA . -8.55 14.40 43.26
C1 NAG MA . 7.28 -37.67 42.63
C2 NAG MA . 7.66 -37.50 44.10
C3 NAG MA . 8.81 -38.44 44.46
C4 NAG MA . 8.45 -39.87 44.09
C5 NAG MA . 8.02 -39.95 42.63
C6 NAG MA . 7.53 -41.32 42.23
C7 NAG MA . 7.37 -35.40 45.34
C8 NAG MA . 7.86 -33.98 45.51
N2 NAG MA . 8.00 -36.12 44.40
O3 NAG MA . 9.06 -38.35 45.86
O4 NAG MA . 9.58 -40.72 44.28
O5 NAG MA . 6.94 -39.04 42.38
O6 NAG MA . 6.54 -41.79 43.12
O7 NAG MA . 6.46 -35.86 46.01
C1 NAG NA . -10.61 -10.21 49.77
C2 NAG NA . -9.55 -9.15 49.41
C3 NAG NA . -10.22 -7.82 49.06
C4 NAG NA . -11.28 -8.02 47.98
C5 NAG NA . -12.28 -9.07 48.44
C6 NAG NA . -13.31 -9.39 47.39
C7 NAG NA . -7.35 -8.50 50.26
C8 NAG NA . -6.48 -8.39 51.47
N2 NAG NA . -8.58 -8.97 50.47
O3 NAG NA . -9.23 -6.90 48.60
O4 NAG NA . -11.96 -6.80 47.72
O5 NAG NA . -11.58 -10.30 48.72
O6 NAG NA . -14.63 -9.34 47.95
O7 NAG NA . -6.97 -8.15 49.15
C1 NAG OA . -23.89 -53.29 49.36
C2 NAG OA . -24.12 -52.31 50.51
C3 NAG OA . -22.81 -51.62 50.87
C4 NAG OA . -21.72 -52.66 51.15
C5 NAG OA . -21.60 -53.61 49.97
C6 NAG OA . -20.61 -54.72 50.21
C7 NAG OA . -25.79 -50.58 51.04
C8 NAG OA . -26.77 -49.61 50.50
N2 NAG OA . -25.12 -51.31 50.15
O3 NAG OA . -23.01 -50.81 52.02
O4 NAG OA . -20.47 -52.01 51.37
O5 NAG OA . -22.87 -54.21 49.70
O6 NAG OA . -21.14 -55.70 51.09
O7 NAG OA . -25.60 -50.71 52.25
C1 NAG PA . -39.23 -76.73 43.35
C2 NAG PA . -38.07 -76.82 44.33
C3 NAG PA . -37.73 -78.27 44.62
C4 NAG PA . -38.97 -79.01 45.08
C5 NAG PA . -40.11 -78.83 44.08
C6 NAG PA . -41.41 -79.44 44.53
C7 NAG PA . -36.80 -74.79 43.80
C8 NAG PA . -35.53 -74.23 43.23
N2 NAG PA . -36.90 -76.12 43.81
O3 NAG PA . -36.74 -78.31 45.62
O4 NAG PA . -38.68 -80.41 45.18
O5 NAG PA . -40.35 -77.43 43.87
O6 NAG PA . -42.34 -78.46 44.93
O7 NAG PA . -37.69 -74.07 44.24
C1 NAG QA . -40.87 -59.77 56.95
C2 NAG QA . -40.14 -59.39 58.24
C3 NAG QA . -40.89 -59.90 59.47
C4 NAG QA . -42.34 -59.43 59.43
C5 NAG QA . -42.98 -59.89 58.13
C6 NAG QA . -44.39 -59.38 57.97
C7 NAG QA . -37.73 -59.15 58.55
C8 NAG QA . -36.40 -59.82 58.50
N2 NAG QA . -38.79 -59.90 58.23
O3 NAG QA . -40.25 -59.40 60.63
O4 NAG QA . -43.06 -59.97 60.53
O5 NAG QA . -42.24 -59.35 57.03
O6 NAG QA . -44.38 -58.12 57.32
O7 NAG QA . -37.86 -57.97 58.86
C1 NAG RA . 15.32 -33.43 25.84
C2 NAG RA . 14.39 -34.56 26.28
C3 NAG RA . 15.19 -35.82 26.65
C4 NAG RA . 16.14 -36.21 25.54
C5 NAG RA . 17.02 -35.02 25.18
C6 NAG RA . 17.94 -35.30 24.01
C7 NAG RA . 14.02 -33.86 28.60
C8 NAG RA . 12.99 -33.47 29.62
N2 NAG RA . 13.54 -34.15 27.39
O3 NAG RA . 14.29 -36.88 26.93
O4 NAG RA . 16.97 -37.28 25.96
O5 NAG RA . 16.21 -33.90 24.81
O6 NAG RA . 17.93 -34.21 23.10
O7 NAG RA . 15.22 -33.88 28.86
C1 NAG SA . -24.31 -64.52 44.69
C2 NAG SA . -24.70 -65.77 43.90
C3 NAG SA . -23.47 -66.62 43.62
C4 NAG SA . -22.39 -65.78 42.95
C5 NAG SA . -22.11 -64.54 43.77
C6 NAG SA . -21.14 -63.60 43.08
C7 NAG SA . -26.54 -67.39 44.02
C8 NAG SA . -27.51 -68.10 44.92
N2 NAG SA . -25.71 -66.53 44.62
O3 NAG SA . -23.82 -67.72 42.80
O4 NAG SA . -21.20 -66.54 42.82
O5 NAG SA . -23.32 -63.80 43.97
O6 NAG SA . -20.55 -64.20 41.94
O7 NAG SA . -26.52 -67.58 42.81
C1 NAG TA . -42.99 -16.04 50.56
C2 NAG TA . -43.98 -16.30 51.70
C3 NAG TA . -44.11 -15.07 52.57
C4 NAG TA . -42.75 -14.59 53.04
C5 NAG TA . -41.83 -14.39 51.84
C6 NAG TA . -40.43 -13.99 52.23
C7 NAG TA . -46.26 -17.15 51.94
C8 NAG TA . -47.54 -17.48 51.24
N2 NAG TA . -45.27 -16.69 51.17
O3 NAG TA . -44.92 -15.38 53.70
O4 NAG TA . -42.86 -13.36 53.74
O5 NAG TA . -41.75 -15.61 51.08
O6 NAG TA . -40.45 -12.88 53.11
O7 NAG TA . -46.14 -17.26 53.15
#